data_1CER
#
_entry.id   1CER
#
_cell.length_a   144.770
_cell.length_b   148.770
_cell.length_c   149.500
_cell.angle_alpha   90.00
_cell.angle_beta   90.00
_cell.angle_gamma   90.00
#
_symmetry.space_group_name_H-M   'P 21 21 21'
#
loop_
_entity.id
_entity.type
_entity.pdbx_description
1 polymer 'HOLO-D-GLYCERALDEHYDE-3-PHOSPHATE DEHYDROGENASE'
2 non-polymer NICOTINAMIDE-ADENINE-DINUCLEOTIDE
#
_entity_poly.entity_id   1
_entity_poly.type   'polypeptide(L)'
_entity_poly.pdbx_seq_one_letter_code
;MKVGINGFGRIGRQVFRILHSRGVEVALINDLTDNKTLAHLLKYDSIYHRFPGEVAYDDQYLYVDGKAIRATAVKDPKEI
PWAEAGVGVVIESTGVFTDADKAKAHLEGGAKKVIITAPAKGEDITIVMGVNHEAYDPSRHHIISNASCTTNSLAPVMKV
LEEAFGVEKALMTTVHSYTNDQRLLDLPHKDLRRARAAAINIIPTTTGAAKATALVLPSLKGRFDGMALRVPTATGSISD
ITALLKREVTAEEVNAALKAAAEGPLKGILAYTEDEIVLQDIVMDPHSSIVDAKLTKALGNMVKVFAWYDNEWGYANRVA
DLVELVLRKGV
;
_entity_poly.pdbx_strand_id   O,P,Q,R,A,B,C,D
#
loop_
_chem_comp.id
_chem_comp.type
_chem_comp.name
_chem_comp.formula
NAD non-polymer NICOTINAMIDE-ADENINE-DINUCLEOTIDE 'C21 H27 N7 O14 P2'
#
# COMPACT_ATOMS: atom_id res chain seq x y z
N MET A 1 -43.34 16.47 13.62
CA MET A 1 -42.35 16.04 12.56
C MET A 1 -41.23 15.12 13.14
N LYS A 2 -40.17 14.88 12.38
CA LYS A 2 -39.10 14.03 12.84
C LYS A 2 -37.94 14.86 13.37
N VAL A 3 -37.01 14.21 14.04
CA VAL A 3 -35.87 14.89 14.64
C VAL A 3 -34.64 14.63 13.80
N GLY A 4 -33.77 15.62 13.66
CA GLY A 4 -32.54 15.43 12.93
C GLY A 4 -31.40 15.92 13.80
N ILE A 5 -30.21 15.33 13.70
CA ILE A 5 -29.08 15.75 14.52
C ILE A 5 -27.88 16.20 13.73
N ASN A 6 -27.33 17.35 14.05
CA ASN A 6 -26.16 17.85 13.35
C ASN A 6 -25.10 17.93 14.45
N GLY A 7 -24.10 17.07 14.34
CA GLY A 7 -23.02 16.99 15.30
C GLY A 7 -23.29 15.71 16.07
N PHE A 8 -22.59 14.64 15.71
CA PHE A 8 -22.75 13.35 16.36
C PHE A 8 -21.53 13.13 17.26
N GLY A 9 -21.41 13.95 18.29
CA GLY A 9 -20.28 13.83 19.18
C GLY A 9 -20.76 13.30 20.51
N ARG A 10 -20.11 13.76 21.55
CA ARG A 10 -20.46 13.31 22.87
C ARG A 10 -21.91 13.59 23.20
N ILE A 11 -22.37 14.82 23.13
CA ILE A 11 -23.78 15.02 23.47
C ILE A 11 -24.62 14.39 22.37
N GLY A 12 -24.15 14.55 21.14
CA GLY A 12 -24.89 14.02 20.02
C GLY A 12 -25.25 12.56 20.06
N ARG A 13 -24.31 11.70 20.43
CA ARG A 13 -24.60 10.29 20.41
C ARG A 13 -25.47 9.87 21.56
N GLN A 14 -25.17 10.44 22.71
CA GLN A 14 -25.92 10.20 23.93
C GLN A 14 -27.36 10.62 23.72
N VAL A 15 -27.60 11.81 23.18
CA VAL A 15 -28.99 12.24 22.93
C VAL A 15 -29.65 11.20 22.03
N PHE A 16 -28.89 10.70 21.06
CA PHE A 16 -29.41 9.69 20.17
C PHE A 16 -29.79 8.41 20.91
N ARG A 17 -28.91 7.87 21.72
CA ARG A 17 -29.24 6.67 22.45
C ARG A 17 -30.51 6.81 23.24
N ILE A 18 -30.70 7.98 23.82
CA ILE A 18 -31.83 8.31 24.68
C ILE A 18 -33.13 8.47 23.88
N LEU A 19 -33.11 9.36 22.87
CA LEU A 19 -34.25 9.57 22.00
C LEU A 19 -34.64 8.20 21.50
N HIS A 20 -33.65 7.41 21.14
CA HIS A 20 -33.86 6.06 20.65
C HIS A 20 -34.66 5.12 21.56
N SER A 21 -34.36 5.13 22.85
CA SER A 21 -35.06 4.25 23.76
C SER A 21 -36.44 4.78 24.14
N ARG A 22 -36.59 6.09 24.12
CA ARG A 22 -37.86 6.67 24.45
C ARG A 22 -38.85 6.46 23.31
N GLY A 23 -38.31 6.09 22.14
CA GLY A 23 -39.10 5.87 20.94
C GLY A 23 -39.35 7.10 20.09
N VAL A 24 -38.45 8.09 20.17
CA VAL A 24 -38.57 9.29 19.36
C VAL A 24 -37.83 8.95 18.09
N GLU A 25 -38.27 9.53 16.96
CA GLU A 25 -37.65 9.22 15.67
C GLU A 25 -36.64 10.22 15.14
N VAL A 26 -35.40 9.74 15.00
CA VAL A 26 -34.30 10.53 14.47
C VAL A 26 -34.22 10.01 13.01
N ALA A 27 -34.36 10.92 12.04
CA ALA A 27 -34.32 10.57 10.61
C ALA A 27 -33.01 10.84 9.88
N LEU A 28 -32.25 11.82 10.32
CA LEU A 28 -31.01 12.15 9.64
C LEU A 28 -29.99 12.63 10.64
N ILE A 29 -28.74 12.32 10.38
CA ILE A 29 -27.67 12.65 11.23
C ILE A 29 -26.63 13.20 10.32
N ASN A 30 -26.02 14.31 10.68
CA ASN A 30 -25.01 14.90 9.84
C ASN A 30 -23.78 15.16 10.70
N ASP A 31 -22.60 14.75 10.28
CA ASP A 31 -21.38 15.01 11.04
C ASP A 31 -20.41 15.34 9.94
N LEU A 32 -19.12 15.10 10.13
CA LEU A 32 -18.17 15.40 9.08
C LEU A 32 -17.37 14.14 8.86
N THR A 33 -18.00 12.98 9.02
CA THR A 33 -17.25 11.74 8.92
C THR A 33 -18.06 10.67 8.22
N ASP A 34 -17.38 9.62 7.76
CA ASP A 34 -18.03 8.52 7.07
C ASP A 34 -18.92 7.76 7.99
N ASN A 35 -19.88 7.08 7.41
CA ASN A 35 -20.79 6.33 8.20
C ASN A 35 -20.16 5.21 8.99
N LYS A 36 -19.04 4.71 8.52
CA LYS A 36 -18.35 3.65 9.21
C LYS A 36 -17.85 4.14 10.57
N THR A 37 -17.32 5.37 10.61
CA THR A 37 -16.85 5.96 11.86
C THR A 37 -18.07 6.29 12.71
N LEU A 38 -19.11 6.89 12.13
CA LEU A 38 -20.31 7.18 12.88
C LEU A 38 -20.84 5.94 13.52
N ALA A 39 -20.88 4.83 12.83
CA ALA A 39 -21.41 3.64 13.49
C ALA A 39 -20.48 2.98 14.48
N HIS A 40 -19.15 3.11 14.35
CA HIS A 40 -18.26 2.44 15.31
C HIS A 40 -18.36 3.15 16.66
N LEU A 41 -18.22 4.47 16.63
CA LEU A 41 -18.33 5.27 17.82
C LEU A 41 -19.69 5.11 18.49
N LEU A 42 -20.77 4.93 17.75
CA LEU A 42 -22.06 4.74 18.41
C LEU A 42 -22.12 3.38 19.08
N LYS A 43 -21.48 2.39 18.50
CA LYS A 43 -21.52 1.06 19.06
C LYS A 43 -20.62 0.98 20.30
N TYR A 44 -19.48 1.61 20.27
CA TYR A 44 -18.58 1.56 21.39
C TYR A 44 -18.36 2.94 21.99
N ASP A 45 -18.71 3.05 23.25
CA ASP A 45 -18.49 4.29 23.93
C ASP A 45 -17.55 3.95 25.11
N SER A 46 -16.52 4.76 25.32
CA SER A 46 -15.56 4.52 26.38
C SER A 46 -16.14 4.68 27.76
N ILE A 47 -17.15 5.54 27.90
CA ILE A 47 -17.81 5.74 29.17
C ILE A 47 -19.11 4.99 29.31
N TYR A 48 -19.97 5.03 28.31
CA TYR A 48 -21.25 4.34 28.46
C TYR A 48 -21.36 2.93 27.90
N HIS A 49 -20.22 2.47 27.41
CA HIS A 49 -20.03 1.14 26.85
C HIS A 49 -20.88 0.66 25.66
N ARG A 50 -20.93 -0.62 25.40
CA ARG A 50 -21.68 -1.14 24.25
C ARG A 50 -23.10 -0.64 24.06
N PHE A 51 -23.45 -0.22 22.84
CA PHE A 51 -24.80 0.20 22.49
C PHE A 51 -25.66 -1.02 22.64
N PRO A 52 -26.83 -0.88 23.25
CA PRO A 52 -27.70 -2.03 23.44
C PRO A 52 -28.66 -2.26 22.24
N GLY A 53 -28.10 -2.76 21.15
CA GLY A 53 -28.88 -3.01 19.95
C GLY A 53 -27.92 -3.28 18.81
N GLU A 54 -28.43 -3.54 17.61
CA GLU A 54 -27.55 -3.81 16.48
C GLU A 54 -27.29 -2.60 15.64
N VAL A 55 -26.03 -2.36 15.33
CA VAL A 55 -25.62 -1.24 14.52
C VAL A 55 -24.92 -1.75 13.26
N ALA A 56 -25.30 -1.16 12.13
CA ALA A 56 -24.73 -1.48 10.84
C ALA A 56 -24.82 -0.20 10.03
N TYR A 57 -24.34 -0.25 8.81
CA TYR A 57 -24.37 0.96 8.03
C TYR A 57 -24.08 0.58 6.57
N ASP A 58 -24.22 1.57 5.70
CA ASP A 58 -23.93 1.42 4.27
C ASP A 58 -23.38 2.78 3.85
N ASP A 59 -23.26 3.10 2.56
CA ASP A 59 -22.68 4.39 2.21
C ASP A 59 -23.59 5.60 2.50
N GLN A 60 -24.88 5.34 2.68
CA GLN A 60 -25.85 6.40 2.95
C GLN A 60 -26.68 6.26 4.20
N TYR A 61 -26.58 5.16 4.91
CA TYR A 61 -27.44 5.02 6.08
C TYR A 61 -26.81 4.41 7.31
N LEU A 62 -27.46 4.64 8.43
CA LEU A 62 -27.06 4.02 9.65
C LEU A 62 -28.27 3.12 9.88
N TYR A 63 -27.96 1.90 10.27
CA TYR A 63 -28.97 0.90 10.52
C TYR A 63 -28.93 0.56 11.99
N VAL A 64 -29.98 0.93 12.70
CA VAL A 64 -30.04 0.66 14.13
C VAL A 64 -31.29 -0.16 14.48
N ASP A 65 -31.10 -1.46 14.78
CA ASP A 65 -32.18 -2.43 15.09
C ASP A 65 -33.14 -2.47 13.90
N GLY A 66 -32.61 -2.32 12.69
CA GLY A 66 -33.46 -2.35 11.51
C GLY A 66 -34.02 -1.02 10.98
N LYS A 67 -34.14 -0.01 11.83
CA LYS A 67 -34.64 1.27 11.35
C LYS A 67 -33.48 1.95 10.55
N ALA A 68 -33.78 2.80 9.58
CA ALA A 68 -32.72 3.44 8.81
C ALA A 68 -32.57 4.94 9.06
N ILE A 69 -31.34 5.40 9.22
CA ILE A 69 -31.11 6.81 9.47
C ILE A 69 -30.15 7.37 8.43
N ARG A 70 -30.57 8.43 7.75
CA ARG A 70 -29.72 9.05 6.74
C ARG A 70 -28.53 9.66 7.45
N ALA A 71 -27.33 9.32 7.07
CA ALA A 71 -26.19 9.89 7.71
C ALA A 71 -25.41 10.58 6.62
N THR A 72 -25.29 11.89 6.74
CA THR A 72 -24.61 12.67 5.73
C THR A 72 -23.24 13.15 6.20
N ALA A 73 -22.74 14.21 5.56
CA ALA A 73 -21.44 14.77 5.87
C ALA A 73 -21.24 16.15 5.22
N VAL A 74 -22.29 16.95 5.32
CA VAL A 74 -22.30 18.30 4.79
C VAL A 74 -21.71 19.25 5.83
N LYS A 75 -20.59 19.89 5.50
CA LYS A 75 -19.97 20.84 6.42
C LYS A 75 -20.79 22.14 6.63
N ASP A 76 -21.92 22.29 5.93
CA ASP A 76 -22.73 23.52 6.02
C ASP A 76 -24.25 23.30 6.25
N PRO A 77 -24.83 23.89 7.32
CA PRO A 77 -26.26 23.76 7.66
C PRO A 77 -27.27 24.10 6.54
N LYS A 78 -26.88 25.06 5.71
CA LYS A 78 -27.76 25.51 4.63
C LYS A 78 -28.10 24.34 3.72
N GLU A 79 -27.04 23.66 3.31
CA GLU A 79 -27.14 22.52 2.41
C GLU A 79 -27.51 21.17 3.05
N ILE A 80 -27.96 21.15 4.32
CA ILE A 80 -28.35 19.88 4.96
C ILE A 80 -29.85 19.66 4.62
N PRO A 81 -30.14 18.51 4.00
CA PRO A 81 -31.42 17.93 3.52
C PRO A 81 -32.51 17.77 4.56
N TRP A 82 -32.67 18.78 5.42
CA TRP A 82 -33.64 18.70 6.52
C TRP A 82 -35.04 18.37 6.08
N ALA A 83 -35.62 19.27 5.29
CA ALA A 83 -36.98 19.10 4.80
C ALA A 83 -37.20 17.77 4.05
N GLU A 84 -36.29 17.45 3.14
CA GLU A 84 -36.37 16.22 2.35
C GLU A 84 -36.35 14.91 3.16
N ALA A 85 -35.91 15.02 4.42
CA ALA A 85 -35.84 13.86 5.31
C ALA A 85 -37.08 13.74 6.21
N GLY A 86 -37.83 14.84 6.35
CA GLY A 86 -39.01 14.83 7.20
C GLY A 86 -38.71 15.33 8.61
N VAL A 87 -37.54 15.99 8.72
CA VAL A 87 -36.99 16.56 9.95
C VAL A 87 -37.52 17.97 10.32
N GLY A 88 -38.38 18.05 11.33
CA GLY A 88 -38.88 19.36 11.75
C GLY A 88 -38.01 19.93 12.87
N VAL A 89 -37.42 19.05 13.67
CA VAL A 89 -36.60 19.46 14.79
C VAL A 89 -35.16 19.02 14.63
N VAL A 90 -34.28 20.01 14.59
CA VAL A 90 -32.85 19.79 14.39
C VAL A 90 -32.05 20.01 15.68
N ILE A 91 -31.43 18.98 16.26
CA ILE A 91 -30.65 19.16 17.47
C ILE A 91 -29.35 19.62 16.91
N GLU A 92 -28.78 20.69 17.43
CA GLU A 92 -27.55 21.22 16.90
C GLU A 92 -26.41 21.15 17.89
N SER A 93 -25.72 20.03 17.80
CA SER A 93 -24.59 19.68 18.64
C SER A 93 -23.23 19.83 17.99
N THR A 94 -23.06 20.68 16.99
CA THR A 94 -21.74 20.70 16.41
C THR A 94 -20.80 21.46 17.28
N GLY A 95 -21.33 22.47 17.93
CA GLY A 95 -20.46 23.27 18.76
C GLY A 95 -19.93 24.48 18.00
N VAL A 96 -20.20 24.54 16.68
CA VAL A 96 -19.74 25.67 15.89
C VAL A 96 -20.82 26.57 15.40
N PHE A 97 -22.08 26.25 15.69
CA PHE A 97 -23.20 27.10 15.25
C PHE A 97 -24.04 27.57 16.44
N THR A 98 -23.35 28.18 17.39
CA THR A 98 -23.98 28.71 18.57
C THR A 98 -24.43 30.17 18.41
N ASP A 99 -23.89 30.92 17.41
CA ASP A 99 -24.40 32.29 17.16
C ASP A 99 -25.73 31.93 16.42
N ALA A 100 -26.86 32.47 16.84
CA ALA A 100 -28.12 32.11 16.19
C ALA A 100 -28.23 32.55 14.74
N ASP A 101 -27.25 33.30 14.29
CA ASP A 101 -27.21 33.72 12.90
C ASP A 101 -26.94 32.46 12.12
N LYS A 102 -25.87 31.76 12.52
CA LYS A 102 -25.48 30.50 11.90
C LYS A 102 -26.45 29.32 12.14
N ALA A 103 -27.09 29.27 13.30
CA ALA A 103 -28.04 28.21 13.51
C ALA A 103 -29.30 28.44 12.66
N LYS A 104 -29.60 29.71 12.31
CA LYS A 104 -30.79 30.07 11.48
C LYS A 104 -30.80 29.29 10.16
N ALA A 105 -29.59 29.00 9.68
CA ALA A 105 -29.36 28.24 8.48
C ALA A 105 -30.05 26.89 8.42
N HIS A 106 -30.44 26.30 9.52
CA HIS A 106 -31.10 25.01 9.39
C HIS A 106 -32.52 25.24 8.98
N LEU A 107 -33.01 26.43 9.30
CA LEU A 107 -34.39 26.78 8.99
C LEU A 107 -34.63 26.79 7.47
N GLU A 108 -33.73 27.44 6.73
CA GLU A 108 -33.86 27.45 5.29
C GLU A 108 -33.30 26.15 4.70
N GLY A 109 -33.15 25.16 5.56
CA GLY A 109 -32.73 23.84 5.12
C GLY A 109 -34.06 23.13 5.12
N GLY A 110 -35.06 23.76 5.74
CA GLY A 110 -36.41 23.21 5.83
C GLY A 110 -36.79 22.77 7.22
N ALA A 111 -35.87 23.03 8.15
CA ALA A 111 -36.09 22.67 9.51
C ALA A 111 -37.03 23.68 10.08
N LYS A 112 -37.86 23.23 11.01
CA LYS A 112 -38.83 24.10 11.69
C LYS A 112 -38.33 24.69 13.03
N LYS A 113 -37.56 23.91 13.81
CA LYS A 113 -37.03 24.31 15.13
C LYS A 113 -35.57 23.92 15.31
N VAL A 114 -34.72 24.85 15.73
CA VAL A 114 -33.33 24.50 16.04
C VAL A 114 -33.12 24.55 17.58
N ILE A 115 -32.44 23.57 18.14
CA ILE A 115 -32.22 23.51 19.59
C ILE A 115 -30.71 23.52 19.84
N ILE A 116 -30.12 24.68 20.03
CA ILE A 116 -28.68 24.73 20.26
C ILE A 116 -28.35 24.15 21.64
N THR A 117 -27.63 23.02 21.65
CA THR A 117 -27.26 22.31 22.89
C THR A 117 -26.06 22.94 23.60
N ALA A 118 -26.10 24.24 23.75
CA ALA A 118 -25.02 24.96 24.39
C ALA A 118 -25.54 26.37 24.52
N PRO A 119 -24.78 27.24 25.19
CA PRO A 119 -25.29 28.59 25.31
C PRO A 119 -25.17 29.26 23.96
N ALA A 120 -26.27 29.91 23.58
CA ALA A 120 -26.39 30.67 22.31
C ALA A 120 -26.21 32.19 22.43
N LYS A 121 -26.07 32.80 21.26
CA LYS A 121 -25.91 34.23 21.13
C LYS A 121 -27.09 34.67 20.25
N GLY A 122 -27.93 35.58 20.75
CA GLY A 122 -29.06 36.03 19.96
C GLY A 122 -30.11 34.99 19.66
N GLU A 123 -30.28 34.02 20.54
CA GLU A 123 -31.30 32.98 20.37
C GLU A 123 -32.68 33.55 20.72
N ASP A 124 -33.72 32.77 20.54
CA ASP A 124 -35.04 33.26 20.87
C ASP A 124 -35.29 33.16 22.38
N ILE A 125 -34.87 32.03 22.94
CA ILE A 125 -35.05 31.77 24.36
C ILE A 125 -34.05 30.73 24.90
N THR A 126 -33.66 30.89 26.16
CA THR A 126 -32.82 29.89 26.79
C THR A 126 -33.76 29.19 27.74
N ILE A 127 -33.75 27.87 27.69
CA ILE A 127 -34.60 27.09 28.52
C ILE A 127 -33.73 26.19 29.31
N VAL A 128 -34.20 25.94 30.53
CA VAL A 128 -33.58 25.03 31.47
C VAL A 128 -34.82 24.36 32.01
N MET A 129 -34.95 23.10 31.65
CA MET A 129 -36.10 22.30 32.04
C MET A 129 -36.21 22.19 33.55
N GLY A 130 -37.38 22.57 34.07
CA GLY A 130 -37.63 22.52 35.48
C GLY A 130 -37.74 23.93 36.02
N VAL A 131 -36.96 24.85 35.44
CA VAL A 131 -36.96 26.22 35.86
C VAL A 131 -37.86 27.17 35.04
N ASN A 132 -37.63 27.38 33.74
CA ASN A 132 -38.50 28.30 33.01
C ASN A 132 -38.99 27.68 31.75
N HIS A 133 -39.20 26.36 31.76
CA HIS A 133 -39.65 25.69 30.54
C HIS A 133 -41.05 26.04 30.10
N GLU A 134 -41.85 26.59 31.02
CA GLU A 134 -43.25 26.98 30.71
C GLU A 134 -43.19 28.28 29.94
N ALA A 135 -42.00 28.87 29.88
CA ALA A 135 -41.81 30.11 29.16
C ALA A 135 -41.89 29.90 27.64
N TYR A 136 -41.80 28.65 27.18
CA TYR A 136 -41.84 28.33 25.74
C TYR A 136 -43.19 28.56 25.06
N ASP A 137 -43.17 29.42 24.03
CA ASP A 137 -44.32 29.82 23.21
C ASP A 137 -43.95 29.41 21.80
N PRO A 138 -44.52 28.29 21.32
CA PRO A 138 -44.21 27.82 19.96
C PRO A 138 -44.55 28.77 18.81
N SER A 139 -45.29 29.85 19.10
CA SER A 139 -45.63 30.82 18.06
C SER A 139 -44.40 31.71 17.74
N ARG A 140 -43.65 32.13 18.76
CA ARG A 140 -42.52 33.03 18.52
C ARG A 140 -41.14 32.44 18.73
N HIS A 141 -41.07 31.31 19.46
CA HIS A 141 -39.79 30.66 19.78
C HIS A 141 -39.37 29.49 18.85
N HIS A 142 -38.31 29.70 18.07
CA HIS A 142 -37.82 28.71 17.10
C HIS A 142 -36.40 28.27 17.31
N ILE A 143 -35.52 29.21 17.56
CA ILE A 143 -34.12 28.86 17.82
C ILE A 143 -33.95 28.90 19.36
N ILE A 144 -33.94 27.73 20.00
CA ILE A 144 -33.85 27.56 21.46
C ILE A 144 -32.52 27.08 22.02
N SER A 145 -32.02 27.67 23.10
CA SER A 145 -30.78 27.17 23.69
C SER A 145 -31.18 26.42 24.93
N ASN A 146 -30.48 25.37 25.19
CA ASN A 146 -30.80 24.57 26.37
C ASN A 146 -29.75 24.82 27.43
N ALA A 147 -28.99 25.90 27.24
CA ALA A 147 -28.00 26.27 28.20
C ALA A 147 -26.87 25.26 28.27
N SER A 148 -25.91 25.52 29.17
CA SER A 148 -24.79 24.65 29.37
C SER A 148 -25.02 23.52 30.39
N CYS A 149 -24.09 22.57 30.44
CA CYS A 149 -24.21 21.47 31.40
C CYS A 149 -24.24 22.06 32.85
N THR A 150 -23.34 23.02 33.13
CA THR A 150 -23.27 23.68 34.44
C THR A 150 -24.51 24.51 34.85
N THR A 151 -24.98 25.39 33.97
CA THR A 151 -26.16 26.18 34.25
C THR A 151 -27.34 25.29 34.54
N ASN A 152 -27.36 24.08 34.02
CA ASN A 152 -28.48 23.21 34.32
C ASN A 152 -28.24 22.60 35.72
N SER A 153 -27.00 22.57 36.23
CA SER A 153 -26.90 22.03 37.58
C SER A 153 -27.17 23.14 38.59
N LEU A 154 -26.80 24.37 38.24
CA LEU A 154 -27.02 25.50 39.14
C LEU A 154 -28.47 25.89 39.23
N ALA A 155 -29.09 26.14 38.10
CA ALA A 155 -30.46 26.61 38.14
C ALA A 155 -31.46 25.94 39.03
N PRO A 156 -31.58 24.60 39.00
CA PRO A 156 -32.58 23.98 39.90
C PRO A 156 -32.28 24.19 41.37
N VAL A 157 -31.02 24.28 41.74
CA VAL A 157 -30.69 24.46 43.13
C VAL A 157 -30.91 25.90 43.47
N MET A 158 -30.47 26.80 42.61
CA MET A 158 -30.67 28.19 42.91
C MET A 158 -32.12 28.53 43.02
N LYS A 159 -32.97 27.89 42.24
CA LYS A 159 -34.37 28.21 42.34
C LYS A 159 -34.92 27.83 43.72
N VAL A 160 -34.61 26.65 44.21
CA VAL A 160 -35.09 26.28 45.54
C VAL A 160 -34.58 27.33 46.52
N LEU A 161 -33.30 27.69 46.44
CA LEU A 161 -32.76 28.65 47.40
C LEU A 161 -33.47 29.99 47.36
N GLU A 162 -33.70 30.53 46.17
CA GLU A 162 -34.37 31.81 46.04
C GLU A 162 -35.81 31.81 46.55
N GLU A 163 -36.50 30.70 46.41
CA GLU A 163 -37.88 30.67 46.85
C GLU A 163 -38.11 30.42 48.31
N ALA A 164 -37.28 29.61 48.94
CA ALA A 164 -37.43 29.30 50.35
C ALA A 164 -36.73 30.29 51.20
N PHE A 165 -35.56 30.70 50.79
CA PHE A 165 -34.80 31.57 51.62
C PHE A 165 -34.46 32.91 51.04
N GLY A 166 -34.52 33.09 49.73
CA GLY A 166 -34.13 34.37 49.15
C GLY A 166 -32.59 34.44 49.04
N VAL A 167 -32.06 34.82 47.88
CA VAL A 167 -30.62 34.84 47.72
C VAL A 167 -30.20 36.24 47.48
N GLU A 168 -29.12 36.62 48.10
CA GLU A 168 -28.69 37.95 47.92
C GLU A 168 -27.54 38.07 46.96
N LYS A 169 -26.55 37.18 47.07
CA LYS A 169 -25.38 37.19 46.18
C LYS A 169 -24.95 35.75 46.19
N ALA A 170 -24.09 35.33 45.28
CA ALA A 170 -23.62 33.94 45.31
C ALA A 170 -22.41 33.80 44.42
N LEU A 171 -21.52 32.89 44.77
CA LEU A 171 -20.33 32.61 43.96
C LEU A 171 -20.34 31.12 43.91
N MET A 172 -19.75 30.55 42.85
CA MET A 172 -19.64 29.10 42.72
C MET A 172 -18.44 28.64 41.93
N THR A 173 -18.04 27.41 42.20
CA THR A 173 -16.97 26.81 41.46
C THR A 173 -17.44 25.45 40.99
N THR A 174 -17.17 25.10 39.74
CA THR A 174 -17.48 23.75 39.35
C THR A 174 -16.19 23.00 39.11
N VAL A 175 -16.08 21.84 39.72
CA VAL A 175 -14.89 21.03 39.52
C VAL A 175 -15.48 20.05 38.49
N HIS A 176 -14.92 20.10 37.28
CA HIS A 176 -15.46 19.44 36.08
C HIS A 176 -14.50 18.46 35.38
N SER A 177 -15.04 17.35 34.85
CA SER A 177 -14.23 16.38 34.07
C SER A 177 -13.79 17.18 32.83
N TYR A 178 -12.74 16.76 32.13
CA TYR A 178 -12.32 17.48 30.92
C TYR A 178 -13.28 17.13 29.85
N THR A 179 -13.29 18.02 28.88
CA THR A 179 -14.13 17.95 27.71
C THR A 179 -13.28 18.07 26.46
N ASN A 180 -13.96 17.93 25.33
CA ASN A 180 -13.29 18.02 24.05
C ASN A 180 -12.76 19.37 23.61
N ASP A 181 -12.96 20.40 24.40
CA ASP A 181 -12.37 21.63 24.01
C ASP A 181 -10.96 21.75 24.57
N GLN A 182 -10.45 20.73 25.25
CA GLN A 182 -9.13 20.77 25.84
C GLN A 182 -8.08 19.94 25.08
N ARG A 183 -6.81 20.11 25.46
CA ARG A 183 -5.69 19.43 24.83
C ARG A 183 -5.33 18.27 25.63
N LEU A 184 -4.77 17.23 25.00
CA LEU A 184 -4.31 16.03 25.71
C LEU A 184 -2.90 16.23 26.24
N LEU A 185 -2.06 16.92 25.47
CA LEU A 185 -0.70 17.28 25.86
C LEU A 185 -0.52 18.77 25.55
N ASP A 186 0.47 19.43 26.10
CA ASP A 186 0.60 20.86 25.90
C ASP A 186 0.50 21.33 24.45
N LEU A 187 -0.49 22.15 24.14
CA LEU A 187 -0.69 22.60 22.75
C LEU A 187 -1.43 23.93 22.56
N PRO A 188 -0.98 24.77 21.60
CA PRO A 188 -1.64 26.06 21.34
C PRO A 188 -3.16 26.05 21.51
N HIS A 189 -3.71 27.04 22.20
CA HIS A 189 -5.15 27.15 22.39
C HIS A 189 -5.46 28.65 22.58
N LYS A 190 -6.71 29.04 22.35
CA LYS A 190 -7.12 30.43 22.50
C LYS A 190 -6.95 30.87 23.95
N ASP A 191 -7.04 29.91 24.86
CA ASP A 191 -6.96 30.05 26.31
C ASP A 191 -5.71 29.38 26.78
N LEU A 192 -4.76 30.13 27.31
CA LEU A 192 -3.51 29.54 27.76
C LEU A 192 -3.56 28.51 28.88
N ARG A 193 -4.76 28.32 29.40
CA ARG A 193 -4.96 27.36 30.50
C ARG A 193 -5.40 26.04 29.84
N ARG A 194 -6.43 26.11 28.98
CA ARG A 194 -6.94 24.94 28.31
C ARG A 194 -5.98 24.36 27.37
N ALA A 195 -4.94 25.12 27.10
CA ALA A 195 -3.88 24.71 26.25
C ALA A 195 -3.07 23.68 26.94
N ARG A 196 -3.41 23.29 28.15
CA ARG A 196 -2.55 22.35 28.88
C ARG A 196 -3.05 20.91 29.04
N ALA A 197 -2.08 20.02 29.19
CA ALA A 197 -2.25 18.58 29.37
C ALA A 197 -3.41 18.23 30.27
N ALA A 198 -4.56 18.08 29.65
CA ALA A 198 -5.73 17.83 30.42
C ALA A 198 -5.73 16.70 31.38
N ALA A 199 -4.85 15.74 31.25
CA ALA A 199 -5.05 14.63 32.18
C ALA A 199 -4.15 14.49 33.36
N ILE A 200 -3.16 15.38 33.41
CA ILE A 200 -2.20 15.47 34.49
C ILE A 200 -2.25 16.88 35.14
N ASN A 201 -3.39 17.57 35.05
CA ASN A 201 -3.51 18.91 35.62
C ASN A 201 -4.86 19.25 36.16
N ILE A 202 -4.87 20.32 36.95
CA ILE A 202 -6.10 20.88 37.48
C ILE A 202 -5.99 22.15 36.68
N ILE A 203 -7.05 22.53 36.00
CA ILE A 203 -6.93 23.69 35.18
C ILE A 203 -8.01 24.70 35.48
N PRO A 204 -7.65 25.84 36.03
CA PRO A 204 -8.65 26.83 36.34
C PRO A 204 -9.04 27.40 35.01
N THR A 205 -10.33 27.58 34.80
CA THR A 205 -10.80 28.17 33.56
C THR A 205 -12.05 28.98 33.85
N THR A 206 -12.36 29.90 32.98
CA THR A 206 -13.49 30.75 33.19
C THR A 206 -14.82 30.11 32.74
N THR A 207 -15.92 30.57 33.30
CA THR A 207 -17.23 30.10 32.89
C THR A 207 -18.25 31.22 33.06
N GLY A 208 -19.35 31.09 32.34
CA GLY A 208 -20.41 32.08 32.40
C GLY A 208 -21.71 31.42 32.78
N ALA A 209 -21.62 30.15 33.15
CA ALA A 209 -22.78 29.34 33.57
C ALA A 209 -23.53 30.06 34.68
N ALA A 210 -22.77 30.65 35.58
CA ALA A 210 -23.36 31.39 36.69
C ALA A 210 -24.11 32.59 36.15
N LYS A 211 -23.40 33.53 35.53
CA LYS A 211 -24.05 34.71 34.95
C LYS A 211 -25.29 34.32 34.14
N ALA A 212 -25.15 33.29 33.34
CA ALA A 212 -26.24 32.81 32.51
C ALA A 212 -27.44 32.26 33.30
N THR A 213 -27.27 31.91 34.58
CA THR A 213 -28.39 31.43 35.37
C THR A 213 -29.39 32.59 35.52
N ALA A 214 -28.88 33.81 35.42
CA ALA A 214 -29.73 34.97 35.50
C ALA A 214 -30.75 35.01 34.33
N LEU A 215 -30.52 34.26 33.25
CA LEU A 215 -31.43 34.23 32.10
C LEU A 215 -32.68 33.49 32.42
N VAL A 216 -32.58 32.54 33.33
CA VAL A 216 -33.77 31.78 33.65
C VAL A 216 -34.33 32.14 35.01
N LEU A 217 -33.51 32.84 35.78
CA LEU A 217 -33.82 33.30 37.12
C LEU A 217 -33.28 34.69 37.13
N PRO A 218 -34.09 35.63 36.66
CA PRO A 218 -33.77 37.06 36.55
C PRO A 218 -33.40 37.70 37.86
N SER A 219 -33.96 37.23 38.96
CA SER A 219 -33.64 37.80 40.26
C SER A 219 -32.14 37.74 40.58
N LEU A 220 -31.41 36.87 39.89
CA LEU A 220 -29.97 36.70 40.12
C LEU A 220 -29.14 37.60 39.25
N LYS A 221 -29.80 38.33 38.36
CA LYS A 221 -29.13 39.22 37.42
C LYS A 221 -28.17 40.18 38.16
N GLY A 222 -26.87 39.96 37.96
CA GLY A 222 -25.86 40.78 38.57
C GLY A 222 -25.37 40.31 39.93
N ARG A 223 -25.97 39.26 40.49
CA ARG A 223 -25.62 38.74 41.82
C ARG A 223 -25.08 37.33 41.91
N PHE A 224 -24.69 36.75 40.78
CA PHE A 224 -24.18 35.38 40.74
C PHE A 224 -23.06 35.38 39.74
N ASP A 225 -21.95 34.76 40.08
CA ASP A 225 -20.84 34.63 39.18
C ASP A 225 -20.04 33.44 39.66
N GLY A 226 -19.05 32.98 38.90
CA GLY A 226 -18.30 31.79 39.30
C GLY A 226 -17.01 31.48 38.55
N MET A 227 -16.48 30.28 38.74
CA MET A 227 -15.23 29.86 38.13
C MET A 227 -15.35 28.38 37.82
N ALA A 228 -14.35 27.76 37.20
CA ALA A 228 -14.41 26.31 36.95
C ALA A 228 -13.05 25.68 37.04
N LEU A 229 -12.99 24.44 37.46
CA LEU A 229 -11.70 23.81 37.54
C LEU A 229 -11.86 22.52 36.82
N ARG A 230 -10.99 22.23 35.87
CA ARG A 230 -11.13 20.99 35.11
C ARG A 230 -10.17 20.04 35.71
N VAL A 231 -10.63 18.81 35.94
CA VAL A 231 -9.79 17.80 36.55
C VAL A 231 -9.70 16.51 35.76
N PRO A 232 -8.64 15.71 35.98
CA PRO A 232 -8.44 14.46 35.27
C PRO A 232 -9.50 13.37 35.31
N THR A 233 -10.77 13.66 35.05
CA THR A 233 -11.78 12.61 35.00
C THR A 233 -12.50 12.78 33.65
N ALA A 234 -13.14 11.74 33.12
CA ALA A 234 -13.77 11.86 31.79
C ALA A 234 -15.15 12.44 31.70
N THR A 235 -16.05 12.05 32.58
CA THR A 235 -17.38 12.71 32.56
C THR A 235 -17.78 12.76 34.02
N GLY A 236 -18.62 13.70 34.40
CA GLY A 236 -19.02 13.78 35.78
C GLY A 236 -18.46 15.05 36.38
N SER A 237 -19.30 15.74 37.12
CA SER A 237 -18.85 16.97 37.73
C SER A 237 -19.53 17.26 39.04
N ILE A 238 -19.16 18.38 39.62
CA ILE A 238 -19.77 18.82 40.86
C ILE A 238 -19.72 20.33 40.97
N SER A 239 -20.89 20.88 41.24
CA SER A 239 -21.01 22.31 41.45
C SER A 239 -20.96 22.62 42.97
N ASP A 240 -20.13 23.58 43.30
CA ASP A 240 -19.89 24.03 44.67
C ASP A 240 -20.41 25.48 44.83
N ILE A 241 -21.67 25.61 45.24
CA ILE A 241 -22.29 26.91 45.38
C ILE A 241 -22.12 27.48 46.80
N THR A 242 -21.83 28.76 46.91
CA THR A 242 -21.69 29.43 48.19
C THR A 242 -22.64 30.59 48.07
N ALA A 243 -23.78 30.46 48.75
CA ALA A 243 -24.81 31.47 48.70
C ALA A 243 -24.89 32.33 49.98
N LEU A 244 -25.23 33.59 49.77
CA LEU A 244 -25.43 34.56 50.82
C LEU A 244 -26.93 34.76 50.86
N LEU A 245 -27.60 34.14 51.80
CA LEU A 245 -29.04 34.25 51.87
C LEU A 245 -29.58 35.47 52.63
N LYS A 246 -30.87 35.66 52.49
CA LYS A 246 -31.59 36.77 53.11
C LYS A 246 -32.06 36.50 54.55
N ARG A 247 -31.69 35.37 55.13
CA ARG A 247 -32.10 35.04 56.48
C ARG A 247 -31.17 33.98 57.02
N GLU A 248 -31.20 33.70 58.31
CA GLU A 248 -30.29 32.71 58.84
C GLU A 248 -30.92 31.34 58.76
N VAL A 249 -30.08 30.40 58.38
CA VAL A 249 -30.53 29.06 58.19
C VAL A 249 -29.52 28.17 58.84
N THR A 250 -29.91 26.91 58.93
CA THR A 250 -29.05 25.85 59.44
C THR A 250 -28.95 24.84 58.27
N ALA A 251 -27.91 24.00 58.21
CA ALA A 251 -27.79 23.03 57.15
C ALA A 251 -29.07 22.22 56.97
N GLU A 252 -29.68 21.79 58.07
CA GLU A 252 -30.88 21.00 58.04
C GLU A 252 -32.04 21.62 57.30
N GLU A 253 -32.25 22.94 57.41
CA GLU A 253 -33.35 23.65 56.72
C GLU A 253 -33.10 23.70 55.22
N VAL A 254 -31.84 23.98 54.88
CA VAL A 254 -31.41 24.09 53.49
C VAL A 254 -31.65 22.72 52.89
N ASN A 255 -31.07 21.69 53.48
CA ASN A 255 -31.25 20.34 52.98
C ASN A 255 -32.68 19.93 52.91
N ALA A 256 -33.46 20.30 53.89
CA ALA A 256 -34.87 19.94 53.89
C ALA A 256 -35.65 20.62 52.74
N ALA A 257 -35.25 21.82 52.35
CA ALA A 257 -35.88 22.55 51.27
C ALA A 257 -35.54 21.87 49.92
N LEU A 258 -34.27 21.47 49.79
CA LEU A 258 -33.78 20.79 48.60
C LEU A 258 -34.47 19.44 48.46
N LYS A 259 -34.56 18.69 49.53
CA LYS A 259 -35.20 17.39 49.49
C LYS A 259 -36.65 17.45 49.09
N ALA A 260 -37.34 18.50 49.47
CA ALA A 260 -38.76 18.59 49.17
C ALA A 260 -38.99 18.99 47.74
N ALA A 261 -38.08 19.80 47.20
CA ALA A 261 -38.14 20.21 45.82
C ALA A 261 -37.89 18.96 45.00
N ALA A 262 -36.94 18.15 45.44
CA ALA A 262 -36.55 16.94 44.74
C ALA A 262 -37.60 15.86 44.68
N GLU A 263 -38.53 15.87 45.61
CA GLU A 263 -39.60 14.89 45.65
C GLU A 263 -40.92 15.44 45.17
N GLY A 264 -40.95 16.75 44.85
CA GLY A 264 -42.16 17.34 44.37
C GLY A 264 -42.05 17.98 43.01
N PRO A 265 -41.98 19.31 42.96
CA PRO A 265 -41.88 20.11 41.74
C PRO A 265 -40.67 19.86 40.85
N LEU A 266 -39.49 19.66 41.44
CA LEU A 266 -38.30 19.46 40.63
C LEU A 266 -38.01 18.02 40.43
N LYS A 267 -38.99 17.17 40.66
CA LYS A 267 -38.75 15.74 40.49
C LYS A 267 -38.27 15.38 39.10
N GLY A 268 -37.38 14.40 39.04
CA GLY A 268 -36.85 13.99 37.76
C GLY A 268 -35.73 14.90 37.30
N ILE A 269 -35.73 16.15 37.76
CA ILE A 269 -34.69 17.09 37.41
C ILE A 269 -33.64 17.31 38.50
N LEU A 270 -34.10 17.61 39.71
CA LEU A 270 -33.24 17.78 40.87
C LEU A 270 -33.35 16.50 41.70
N ALA A 271 -32.24 16.01 42.20
CA ALA A 271 -32.30 14.82 43.03
C ALA A 271 -31.64 15.18 44.32
N TYR A 272 -31.74 14.30 45.30
CA TYR A 272 -31.23 14.56 46.63
C TYR A 272 -30.82 13.25 47.24
N THR A 273 -29.58 13.15 47.74
CA THR A 273 -29.13 11.90 48.40
C THR A 273 -28.40 12.11 49.72
N GLU A 274 -28.45 11.09 50.57
CA GLU A 274 -27.76 11.17 51.82
C GLU A 274 -26.62 10.14 51.91
N ASP A 275 -26.41 9.34 50.86
CA ASP A 275 -25.34 8.35 50.87
C ASP A 275 -24.01 8.99 50.64
N GLU A 276 -22.96 8.23 50.97
CA GLU A 276 -21.58 8.64 50.82
C GLU A 276 -20.99 8.17 49.49
N ILE A 277 -21.51 8.87 48.46
CA ILE A 277 -21.19 8.65 47.06
C ILE A 277 -19.96 9.42 46.59
N VAL A 278 -19.32 8.90 45.54
CA VAL A 278 -18.18 9.54 44.88
C VAL A 278 -18.58 9.75 43.38
N LEU A 279 -17.71 10.34 42.60
CA LEU A 279 -17.99 10.61 41.21
C LEU A 279 -18.54 9.42 40.45
N GLN A 280 -17.90 8.27 40.51
CA GLN A 280 -18.42 7.17 39.74
C GLN A 280 -19.86 6.79 40.03
N ASP A 281 -20.37 7.21 41.17
CA ASP A 281 -21.71 6.77 41.50
C ASP A 281 -22.75 7.57 40.78
N ILE A 282 -22.39 8.74 40.25
CA ILE A 282 -23.36 9.59 39.54
C ILE A 282 -23.26 9.57 38.00
N VAL A 283 -22.32 8.81 37.47
CA VAL A 283 -22.13 8.69 36.07
C VAL A 283 -23.30 7.92 35.51
N MET A 284 -23.97 8.52 34.54
CA MET A 284 -25.13 7.99 33.81
C MET A 284 -26.40 8.23 34.58
N ASP A 285 -26.31 9.13 35.58
CA ASP A 285 -27.50 9.47 36.34
C ASP A 285 -28.21 10.46 35.45
N PRO A 286 -29.52 10.40 35.37
CA PRO A 286 -30.26 11.31 34.51
C PRO A 286 -30.65 12.67 35.07
N HIS A 287 -30.36 12.94 36.34
CA HIS A 287 -30.74 14.21 36.90
C HIS A 287 -29.77 15.30 36.51
N SER A 288 -30.30 16.52 36.46
CA SER A 288 -29.54 17.72 36.14
C SER A 288 -28.63 18.12 37.32
N SER A 289 -29.07 17.85 38.56
CA SER A 289 -28.37 18.23 39.79
C SER A 289 -28.63 17.18 40.85
N ILE A 290 -27.60 16.70 41.50
CA ILE A 290 -27.78 15.71 42.57
C ILE A 290 -27.18 16.29 43.81
N VAL A 291 -28.04 16.75 44.69
CA VAL A 291 -27.63 17.34 45.96
C VAL A 291 -27.02 16.34 46.92
N ASP A 292 -25.74 16.50 47.22
CA ASP A 292 -25.09 15.61 48.18
C ASP A 292 -25.34 16.29 49.55
N ALA A 293 -26.44 15.86 50.19
CA ALA A 293 -26.86 16.39 51.49
C ALA A 293 -25.83 16.48 52.62
N LYS A 294 -24.99 15.48 52.79
CA LYS A 294 -24.02 15.50 53.88
C LYS A 294 -22.89 16.51 53.82
N LEU A 295 -22.84 17.31 52.76
CA LEU A 295 -21.75 18.25 52.61
C LEU A 295 -22.19 19.65 52.84
N THR A 296 -23.49 19.85 52.94
CA THR A 296 -24.02 21.19 53.13
C THR A 296 -23.47 21.80 54.39
N LYS A 297 -23.08 23.07 54.32
CA LYS A 297 -22.59 23.80 55.46
C LYS A 297 -23.32 25.13 55.54
N ALA A 298 -23.44 25.69 56.75
CA ALA A 298 -24.13 26.98 56.92
C ALA A 298 -23.45 27.75 58.02
N LEU A 299 -23.10 28.99 57.72
CA LEU A 299 -22.53 29.89 58.71
C LEU A 299 -23.57 30.94 58.80
N GLY A 300 -24.71 30.60 59.38
CA GLY A 300 -25.74 31.59 59.49
C GLY A 300 -26.44 31.81 58.20
N ASN A 301 -26.04 32.81 57.46
CA ASN A 301 -26.74 33.02 56.21
C ASN A 301 -25.85 32.81 54.99
N MET A 302 -24.63 32.41 55.24
CA MET A 302 -23.75 32.11 54.15
C MET A 302 -23.83 30.60 54.16
N VAL A 303 -24.54 30.05 53.20
CA VAL A 303 -24.66 28.62 53.13
C VAL A 303 -23.77 28.08 51.99
N LYS A 304 -23.57 26.77 51.96
CA LYS A 304 -22.75 26.18 50.91
C LYS A 304 -23.31 24.82 50.50
N VAL A 305 -23.88 24.73 49.30
CA VAL A 305 -24.49 23.49 48.77
C VAL A 305 -23.61 22.85 47.66
N PHE A 306 -23.72 21.54 47.47
CA PHE A 306 -22.94 20.82 46.48
C PHE A 306 -23.83 19.96 45.60
N ALA A 307 -23.75 20.09 44.26
CA ALA A 307 -24.56 19.26 43.39
C ALA A 307 -23.73 18.57 42.33
N TRP A 308 -23.84 17.26 42.25
CA TRP A 308 -23.09 16.52 41.24
C TRP A 308 -23.98 16.56 40.02
N TYR A 309 -23.41 16.29 38.85
CA TYR A 309 -24.13 16.19 37.57
C TYR A 309 -23.25 15.47 36.54
N ASP A 310 -23.84 14.56 35.75
CA ASP A 310 -23.05 13.88 34.66
C ASP A 310 -23.17 14.87 33.45
N ASN A 311 -22.13 15.61 33.15
CA ASN A 311 -22.22 16.57 32.09
C ASN A 311 -22.58 15.97 30.72
N GLU A 312 -22.44 14.67 30.57
CA GLU A 312 -22.82 14.13 29.32
C GLU A 312 -24.20 13.65 29.51
N TRP A 313 -24.35 12.49 30.10
CA TRP A 313 -25.64 11.92 30.25
C TRP A 313 -26.78 12.77 30.81
N GLY A 314 -26.55 13.58 31.83
CA GLY A 314 -27.64 14.36 32.40
C GLY A 314 -28.14 15.41 31.46
N TYR A 315 -27.18 16.09 30.84
CA TYR A 315 -27.46 17.12 29.86
C TYR A 315 -28.24 16.49 28.73
N ALA A 316 -27.70 15.39 28.26
CA ALA A 316 -28.27 14.65 27.20
C ALA A 316 -29.70 14.35 27.50
N ASN A 317 -30.02 13.97 28.73
CA ASN A 317 -31.43 13.68 29.03
C ASN A 317 -32.22 14.93 29.01
N ARG A 318 -31.59 16.06 29.31
CA ARG A 318 -32.33 17.32 29.28
C ARG A 318 -32.61 17.72 27.83
N VAL A 319 -31.64 17.54 26.93
CA VAL A 319 -31.89 17.87 25.54
C VAL A 319 -33.10 17.04 25.08
N ALA A 320 -33.06 15.74 25.36
CA ALA A 320 -34.12 14.82 24.98
C ALA A 320 -35.45 15.35 25.51
N ASP A 321 -35.49 15.63 26.80
CA ASP A 321 -36.70 16.17 27.41
C ASP A 321 -37.21 17.41 26.66
N LEU A 322 -36.32 18.33 26.30
CA LEU A 322 -36.77 19.53 25.62
C LEU A 322 -37.37 19.16 24.30
N VAL A 323 -36.66 18.35 23.53
CA VAL A 323 -37.16 17.94 22.23
C VAL A 323 -38.55 17.38 22.35
N GLU A 324 -38.81 16.53 23.33
CA GLU A 324 -40.17 16.03 23.47
C GLU A 324 -41.12 17.18 23.78
N LEU A 325 -40.69 18.18 24.52
CA LEU A 325 -41.57 19.30 24.80
C LEU A 325 -41.85 20.12 23.52
N VAL A 326 -40.82 20.45 22.73
CA VAL A 326 -41.02 21.21 21.48
C VAL A 326 -42.01 20.43 20.58
N LEU A 327 -41.89 19.09 20.61
CA LEU A 327 -42.76 18.23 19.85
C LEU A 327 -44.19 18.24 20.34
N ARG A 328 -44.46 17.83 21.57
CA ARG A 328 -45.85 17.81 22.12
C ARG A 328 -46.61 19.17 21.92
N LYS A 329 -45.86 20.25 21.80
CA LYS A 329 -46.43 21.58 21.62
C LYS A 329 -46.72 22.02 20.17
N GLY A 330 -46.66 21.10 19.22
CA GLY A 330 -46.89 21.49 17.82
C GLY A 330 -45.64 22.10 17.14
N VAL A 331 -44.84 21.21 16.51
CA VAL A 331 -43.58 21.58 15.83
C VAL A 331 -43.31 20.78 14.56
N MET B 1 22.00 20.77 68.42
CA MET B 1 21.53 19.35 68.49
C MET B 1 21.33 18.72 67.08
N LYS B 2 20.98 17.44 67.04
CA LYS B 2 20.79 16.76 65.76
C LYS B 2 19.33 16.37 65.56
N VAL B 3 18.90 16.34 64.29
CA VAL B 3 17.52 15.98 63.93
C VAL B 3 17.34 14.49 63.68
N GLY B 4 16.20 13.96 64.10
CA GLY B 4 15.87 12.54 63.91
C GLY B 4 14.56 12.56 63.15
N ILE B 5 14.29 11.53 62.32
CA ILE B 5 13.04 11.48 61.54
C ILE B 5 12.35 10.14 61.76
N ASN B 6 11.11 10.16 62.23
CA ASN B 6 10.38 8.93 62.41
C ASN B 6 9.31 8.85 61.32
N GLY B 7 9.41 7.87 60.43
CA GLY B 7 8.43 7.79 59.36
C GLY B 7 8.96 8.48 58.11
N PHE B 8 9.76 7.72 57.40
CA PHE B 8 10.41 8.16 56.21
C PHE B 8 9.46 8.11 54.95
N GLY B 9 8.24 8.65 55.01
CA GLY B 9 7.37 8.57 53.85
C GLY B 9 7.43 9.73 52.89
N ARG B 10 6.30 10.12 52.31
CA ARG B 10 6.32 11.25 51.40
C ARG B 10 6.82 12.50 52.10
N ILE B 11 6.22 12.85 53.24
CA ILE B 11 6.72 14.01 53.93
C ILE B 11 8.12 13.76 54.53
N GLY B 12 8.33 12.61 55.15
CA GLY B 12 9.64 12.35 55.72
C GLY B 12 10.79 12.50 54.76
N ARG B 13 10.65 11.89 53.60
CA ARG B 13 11.73 11.96 52.63
C ARG B 13 11.91 13.34 52.04
N GLN B 14 10.82 14.06 51.76
CA GLN B 14 10.97 15.41 51.21
C GLN B 14 11.65 16.27 52.27
N VAL B 15 11.23 16.10 53.53
CA VAL B 15 11.84 16.90 54.57
C VAL B 15 13.36 16.62 54.59
N PHE B 16 13.78 15.34 54.54
CA PHE B 16 15.20 14.99 54.53
C PHE B 16 15.97 15.64 53.39
N ARG B 17 15.43 15.63 52.18
CA ARG B 17 16.13 16.26 51.05
C ARG B 17 16.34 17.71 51.30
N ILE B 18 15.35 18.30 51.91
CA ILE B 18 15.43 19.70 52.14
C ILE B 18 16.43 20.04 53.23
N LEU B 19 16.26 19.41 54.38
CA LEU B 19 17.16 19.65 55.50
C LEU B 19 18.54 19.37 55.04
N HIS B 20 18.68 18.36 54.19
CA HIS B 20 19.99 18.00 53.69
C HIS B 20 20.60 19.11 52.83
N SER B 21 19.81 19.73 51.95
CA SER B 21 20.35 20.77 51.11
C SER B 21 20.62 22.02 51.92
N ARG B 22 20.08 22.10 53.13
CA ARG B 22 20.29 23.30 53.93
C ARG B 22 21.51 23.26 54.81
N GLY B 23 21.98 22.06 55.09
CA GLY B 23 23.14 21.95 55.93
C GLY B 23 22.75 21.43 57.29
N VAL B 24 21.49 21.06 57.47
CA VAL B 24 21.05 20.52 58.75
C VAL B 24 21.41 19.02 58.86
N GLU B 25 21.92 18.59 60.00
CA GLU B 25 22.32 17.19 60.15
C GLU B 25 21.26 16.32 60.73
N VAL B 26 20.93 15.29 59.98
CA VAL B 26 19.94 14.31 60.34
C VAL B 26 20.80 13.16 60.84
N ALA B 27 20.57 12.67 62.05
CA ALA B 27 21.42 11.61 62.57
C ALA B 27 20.81 10.23 62.53
N LEU B 28 19.50 10.16 62.68
CA LEU B 28 18.82 8.88 62.66
C LEU B 28 17.46 9.00 61.95
N ILE B 29 17.09 7.95 61.22
CA ILE B 29 15.84 7.86 60.49
C ILE B 29 15.27 6.54 60.90
N ASN B 30 14.00 6.49 61.19
CA ASN B 30 13.41 5.25 61.60
C ASN B 30 12.18 5.11 60.75
N ASP B 31 11.81 3.90 60.45
CA ASP B 31 10.64 3.62 59.65
C ASP B 31 10.41 2.17 60.00
N LEU B 32 9.65 1.44 59.20
CA LEU B 32 9.38 0.02 59.49
C LEU B 32 9.95 -0.95 58.45
N THR B 33 10.89 -0.50 57.65
CA THR B 33 11.39 -1.33 56.60
C THR B 33 12.88 -1.30 56.57
N ASP B 34 13.44 -2.18 55.74
CA ASP B 34 14.87 -2.33 55.61
C ASP B 34 15.53 -1.21 54.87
N ASN B 35 16.82 -1.10 55.12
CA ASN B 35 17.64 -0.05 54.57
C ASN B 35 17.66 0.04 53.05
N LYS B 36 17.71 -1.12 52.39
CA LYS B 36 17.76 -1.19 50.95
C LYS B 36 16.61 -0.38 50.40
N THR B 37 15.45 -0.65 50.97
CA THR B 37 14.25 0.03 50.57
C THR B 37 14.25 1.53 50.83
N LEU B 38 14.70 1.93 52.01
CA LEU B 38 14.71 3.33 52.29
C LEU B 38 15.61 4.08 51.28
N ALA B 39 16.74 3.46 51.01
CA ALA B 39 17.68 4.08 50.13
C ALA B 39 17.14 4.23 48.72
N HIS B 40 16.50 3.16 48.25
CA HIS B 40 15.94 3.10 46.91
C HIS B 40 14.84 4.10 46.83
N LEU B 41 14.08 4.21 47.90
CA LEU B 41 12.96 5.10 47.92
C LEU B 41 13.41 6.54 47.93
N LEU B 42 14.56 6.76 48.53
CA LEU B 42 15.15 8.10 48.61
C LEU B 42 15.79 8.51 47.28
N LYS B 43 16.51 7.55 46.69
CA LYS B 43 17.22 7.73 45.43
C LYS B 43 16.26 8.00 44.26
N TYR B 44 15.24 7.17 44.12
CA TYR B 44 14.26 7.28 43.05
C TYR B 44 12.90 7.78 43.55
N ASP B 45 12.46 8.95 43.08
CA ASP B 45 11.16 9.50 43.48
C ASP B 45 10.28 9.74 42.24
N SER B 46 9.08 9.18 42.28
CA SER B 46 8.19 9.32 41.17
C SER B 46 7.78 10.72 40.85
N ILE B 47 7.83 11.62 41.82
CA ILE B 47 7.42 13.00 41.62
C ILE B 47 8.53 14.00 41.50
N TYR B 48 9.56 13.93 42.32
CA TYR B 48 10.59 14.94 42.27
C TYR B 48 11.83 14.39 41.65
N HIS B 49 11.70 13.12 41.31
CA HIS B 49 12.75 12.43 40.64
C HIS B 49 13.99 12.11 41.37
N ARG B 50 15.09 11.96 40.68
CA ARG B 50 16.27 11.50 41.34
C ARG B 50 16.89 12.37 42.36
N PHE B 51 17.29 11.72 43.45
CA PHE B 51 17.96 12.36 44.55
C PHE B 51 19.30 12.73 43.97
N PRO B 52 19.64 14.05 43.99
CA PRO B 52 20.90 14.58 43.45
C PRO B 52 22.03 14.46 44.46
N GLY B 53 22.47 13.22 44.66
CA GLY B 53 23.55 12.91 45.57
C GLY B 53 23.77 11.43 45.46
N GLU B 54 24.82 10.92 46.09
CA GLU B 54 25.09 9.49 46.05
C GLU B 54 24.42 8.85 47.24
N VAL B 55 23.60 7.84 46.98
CA VAL B 55 22.94 7.15 48.07
C VAL B 55 23.44 5.72 48.06
N ALA B 56 23.81 5.22 49.24
CA ALA B 56 24.30 3.85 49.40
C ALA B 56 23.77 3.43 50.75
N TYR B 57 24.06 2.22 51.18
CA TYR B 57 23.56 1.79 52.46
C TYR B 57 24.16 0.44 52.82
N ASP B 58 24.01 0.08 54.08
CA ASP B 58 24.48 -1.17 54.62
C ASP B 58 23.48 -1.51 55.70
N ASP B 59 23.65 -2.67 56.33
CA ASP B 59 22.72 -3.13 57.36
C ASP B 59 22.42 -2.27 58.55
N GLN B 60 23.10 -1.13 58.67
CA GLN B 60 22.85 -0.27 59.83
C GLN B 60 22.76 1.21 59.56
N TYR B 61 23.21 1.62 58.39
CA TYR B 61 23.23 3.03 58.04
C TYR B 61 22.84 3.29 56.59
N LEU B 62 22.43 4.52 56.28
CA LEU B 62 22.17 4.95 54.91
C LEU B 62 23.42 5.75 54.64
N TYR B 63 23.72 6.08 53.40
CA TYR B 63 24.90 6.88 53.15
C TYR B 63 24.49 7.84 52.10
N VAL B 64 24.39 9.11 52.46
CA VAL B 64 23.99 10.16 51.52
C VAL B 64 25.20 11.06 51.31
N ASP B 65 25.92 10.87 50.20
CA ASP B 65 27.10 11.69 49.92
C ASP B 65 28.23 11.45 50.93
N GLY B 66 28.32 10.21 51.40
CA GLY B 66 29.36 9.86 52.37
C GLY B 66 28.94 9.85 53.82
N LYS B 67 28.02 10.73 54.20
CA LYS B 67 27.54 10.80 55.59
C LYS B 67 26.80 9.56 55.98
N ALA B 68 27.06 9.10 57.19
CA ALA B 68 26.40 7.93 57.73
C ALA B 68 25.19 8.50 58.46
N ILE B 69 24.05 7.81 58.34
CA ILE B 69 22.82 8.24 58.98
C ILE B 69 22.22 6.96 59.50
N ARG B 70 22.23 6.79 60.82
CA ARG B 70 21.67 5.59 61.41
C ARG B 70 20.22 5.38 60.90
N ALA B 71 19.87 4.14 60.60
CA ALA B 71 18.53 3.84 60.12
C ALA B 71 18.00 2.61 60.82
N THR B 72 16.72 2.68 61.20
CA THR B 72 16.10 1.60 61.95
C THR B 72 14.64 1.22 61.69
N ALA B 73 14.28 0.03 62.20
CA ALA B 73 12.95 -0.47 62.02
C ALA B 73 12.33 -0.81 63.36
N VAL B 74 12.14 0.23 64.16
CA VAL B 74 11.53 0.03 65.46
C VAL B 74 10.06 0.44 65.39
N LYS B 75 9.17 -0.50 65.67
CA LYS B 75 7.73 -0.28 65.65
C LYS B 75 7.17 0.67 66.75
N ASP B 76 7.93 0.85 67.84
CA ASP B 76 7.49 1.67 69.00
C ASP B 76 8.44 2.86 69.30
N PRO B 77 7.92 4.10 69.38
CA PRO B 77 8.73 5.29 69.67
C PRO B 77 9.59 5.19 70.94
N LYS B 78 9.00 4.59 71.99
CA LYS B 78 9.71 4.45 73.26
C LYS B 78 11.05 3.73 73.08
N GLU B 79 11.10 2.75 72.17
CA GLU B 79 12.33 1.98 71.96
C GLU B 79 13.31 2.59 70.97
N ILE B 80 13.16 3.86 70.62
CA ILE B 80 14.08 4.46 69.68
C ILE B 80 15.25 5.12 70.40
N PRO B 81 16.47 4.83 69.95
CA PRO B 81 17.74 5.35 70.48
C PRO B 81 17.94 6.80 70.07
N TRP B 82 16.89 7.61 70.15
CA TRP B 82 17.00 9.01 69.76
C TRP B 82 18.22 9.63 70.42
N ALA B 83 18.37 9.35 71.72
CA ALA B 83 19.48 9.88 72.55
C ALA B 83 20.88 9.35 72.22
N GLU B 84 20.97 8.04 72.01
CA GLU B 84 22.20 7.37 71.64
C GLU B 84 22.79 7.95 70.32
N ALA B 85 22.00 8.78 69.66
CA ALA B 85 22.40 9.42 68.42
C ALA B 85 22.62 10.92 68.61
N GLY B 86 22.28 11.40 69.80
CA GLY B 86 22.47 12.81 70.06
C GLY B 86 21.45 13.55 69.24
N VAL B 87 20.23 13.01 69.24
CA VAL B 87 19.12 13.58 68.50
C VAL B 87 18.25 14.31 69.47
N GLY B 88 18.05 15.59 69.15
CA GLY B 88 17.25 16.46 69.98
C GLY B 88 15.91 16.88 69.45
N VAL B 89 15.79 17.02 68.13
CA VAL B 89 14.52 17.40 67.55
C VAL B 89 14.09 16.22 66.74
N VAL B 90 13.00 15.58 67.12
CA VAL B 90 12.48 14.42 66.38
C VAL B 90 11.34 14.87 65.48
N ILE B 91 11.37 14.45 64.22
CA ILE B 91 10.31 14.79 63.27
C ILE B 91 9.41 13.59 63.20
N GLU B 92 8.25 13.73 63.80
CA GLU B 92 7.31 12.66 63.82
C GLU B 92 6.48 12.79 62.57
N SER B 93 6.85 11.98 61.57
CA SER B 93 6.14 12.00 60.32
C SER B 93 5.53 10.69 59.88
N THR B 94 5.33 9.74 60.79
CA THR B 94 4.74 8.44 60.45
C THR B 94 3.26 8.54 60.18
N GLY B 95 2.62 9.39 60.95
CA GLY B 95 1.20 9.56 60.76
C GLY B 95 0.32 8.77 61.70
N VAL B 96 0.90 8.12 62.72
CA VAL B 96 0.11 7.34 63.65
C VAL B 96 0.32 7.81 65.07
N PHE B 97 1.24 8.75 65.25
CA PHE B 97 1.55 9.27 66.57
C PHE B 97 1.30 10.77 66.63
N THR B 98 0.12 11.21 66.17
CA THR B 98 -0.28 12.63 66.15
C THR B 98 -0.96 13.06 67.44
N ASP B 99 -1.22 12.07 68.28
CA ASP B 99 -1.77 12.27 69.60
C ASP B 99 -0.50 12.58 70.43
N ALA B 100 -0.44 13.77 71.05
CA ALA B 100 0.76 14.17 71.80
C ALA B 100 1.09 13.16 72.90
N ASP B 101 0.03 12.59 73.46
CA ASP B 101 0.20 11.61 74.49
C ASP B 101 1.03 10.49 73.94
N LYS B 102 0.95 10.27 72.65
CA LYS B 102 1.72 9.20 72.05
C LYS B 102 3.04 9.70 71.52
N ALA B 103 3.06 10.89 70.95
CA ALA B 103 4.32 11.40 70.41
C ALA B 103 5.30 11.68 71.53
N LYS B 104 4.75 11.76 72.75
CA LYS B 104 5.50 12.01 74.01
C LYS B 104 6.60 10.97 74.29
N ALA B 105 6.45 9.77 73.76
CA ALA B 105 7.43 8.71 73.95
C ALA B 105 8.77 9.07 73.39
N HIS B 106 8.80 9.99 72.44
CA HIS B 106 10.10 10.37 71.83
C HIS B 106 10.95 11.04 72.88
N LEU B 107 10.29 11.74 73.78
CA LEU B 107 10.95 12.45 74.88
C LEU B 107 11.56 11.41 75.83
N GLU B 108 10.74 10.42 76.18
CA GLU B 108 11.21 9.35 77.04
C GLU B 108 12.45 8.71 76.41
N GLY B 109 12.50 8.62 75.08
CA GLY B 109 13.66 8.03 74.41
C GLY B 109 14.90 8.93 74.32
N GLY B 110 14.79 10.15 74.84
CA GLY B 110 15.93 11.04 74.84
C GLY B 110 15.83 12.35 74.08
N ALA B 111 14.74 12.59 73.37
CA ALA B 111 14.63 13.83 72.63
C ALA B 111 14.00 14.87 73.52
N LYS B 112 14.13 16.12 73.10
CA LYS B 112 13.61 17.27 73.82
C LYS B 112 12.44 17.97 73.13
N LYS B 113 12.39 17.88 71.79
CA LYS B 113 11.32 18.47 70.98
C LYS B 113 10.84 17.45 69.94
N VAL B 114 9.54 17.45 69.67
CA VAL B 114 8.91 16.57 68.71
C VAL B 114 8.06 17.49 67.83
N ILE B 115 8.26 17.41 66.52
CA ILE B 115 7.49 18.22 65.58
C ILE B 115 6.58 17.24 64.83
N ILE B 116 5.29 17.36 65.04
CA ILE B 116 4.28 16.51 64.40
C ILE B 116 3.89 17.27 63.13
N THR B 117 4.12 16.64 61.98
CA THR B 117 3.86 17.24 60.70
C THR B 117 2.40 17.02 60.38
N ALA B 118 1.52 17.38 61.28
CA ALA B 118 0.13 17.18 61.00
C ALA B 118 -0.64 17.74 62.16
N PRO B 119 -1.94 17.95 61.98
CA PRO B 119 -2.68 18.48 63.09
C PRO B 119 -2.60 17.45 64.17
N ALA B 120 -2.28 17.92 65.37
CA ALA B 120 -2.15 17.05 66.52
C ALA B 120 -3.35 17.13 67.44
N LYS B 121 -3.25 16.39 68.54
CA LYS B 121 -4.27 16.33 69.56
C LYS B 121 -3.47 16.42 70.86
N GLY B 122 -3.64 17.54 71.59
CA GLY B 122 -2.92 17.72 72.84
C GLY B 122 -1.52 18.30 72.71
N GLU B 123 -1.25 18.85 71.53
CA GLU B 123 0.05 19.45 71.28
C GLU B 123 0.21 20.64 72.22
N ASP B 124 1.44 20.96 72.56
CA ASP B 124 1.69 22.11 73.40
C ASP B 124 1.28 23.29 72.55
N ILE B 125 1.63 23.28 71.27
CA ILE B 125 1.28 24.39 70.36
C ILE B 125 1.18 24.02 68.87
N THR B 126 0.45 24.84 68.09
CA THR B 126 0.29 24.67 66.65
C THR B 126 0.79 25.93 65.96
N ILE B 127 1.83 25.74 65.18
CA ILE B 127 2.47 26.82 64.48
C ILE B 127 2.35 26.72 63.01
N VAL B 128 2.16 27.85 62.38
CA VAL B 128 2.08 27.91 60.98
C VAL B 128 3.01 29.05 60.65
N MET B 129 4.21 28.71 60.26
CA MET B 129 5.22 29.69 59.90
C MET B 129 4.74 30.90 59.08
N GLY B 130 5.22 32.08 59.46
CA GLY B 130 4.86 33.31 58.78
C GLY B 130 3.62 33.89 59.39
N VAL B 131 2.92 33.11 60.21
CA VAL B 131 1.71 33.60 60.82
C VAL B 131 1.81 33.74 62.30
N ASN B 132 2.32 32.74 62.99
CA ASN B 132 2.41 32.82 64.43
C ASN B 132 3.68 32.17 65.06
N HIS B 133 4.80 32.13 64.35
CA HIS B 133 6.01 31.46 64.87
C HIS B 133 6.64 32.25 66.01
N GLU B 134 6.18 33.50 66.12
CA GLU B 134 6.65 34.40 67.14
C GLU B 134 6.09 33.96 68.51
N ALA B 135 5.15 33.02 68.51
CA ALA B 135 4.57 32.51 69.73
C ALA B 135 5.30 31.27 70.26
N TYR B 136 6.20 30.71 69.48
CA TYR B 136 6.89 29.54 69.95
C TYR B 136 7.67 30.03 71.16
N ASP B 137 7.55 29.27 72.24
CA ASP B 137 8.18 29.54 73.53
C ASP B 137 8.96 28.26 73.82
N PRO B 138 10.27 28.33 73.72
CA PRO B 138 11.19 27.19 73.95
C PRO B 138 11.08 26.47 75.31
N SER B 139 10.75 27.22 76.36
CA SER B 139 10.73 26.57 77.64
C SER B 139 9.44 25.81 77.94
N ARG B 140 8.37 26.19 77.27
CA ARG B 140 7.09 25.53 77.53
C ARG B 140 6.61 24.58 76.45
N HIS B 141 6.90 24.98 75.22
CA HIS B 141 6.52 24.30 74.02
C HIS B 141 7.48 23.26 73.58
N HIS B 142 7.08 22.03 73.78
CA HIS B 142 7.96 20.94 73.42
C HIS B 142 7.41 19.99 72.34
N ILE B 143 6.08 19.84 72.28
CA ILE B 143 5.48 18.98 71.27
C ILE B 143 4.66 19.95 70.45
N ILE B 144 5.23 20.28 69.30
CA ILE B 144 4.69 21.24 68.37
C ILE B 144 4.02 20.54 67.23
N SER B 145 2.95 21.08 66.69
CA SER B 145 2.29 20.49 65.53
C SER B 145 2.44 21.58 64.48
N ASN B 146 2.81 21.24 63.24
CA ASN B 146 2.97 22.26 62.17
C ASN B 146 1.75 22.38 61.27
N ALA B 147 0.59 21.96 61.76
CA ALA B 147 -0.67 22.03 61.02
C ALA B 147 -0.72 21.20 59.74
N SER B 148 -1.79 21.38 58.98
CA SER B 148 -1.97 20.67 57.73
C SER B 148 -1.49 21.50 56.53
N CYS B 149 -1.34 20.78 55.41
CA CYS B 149 -0.93 21.37 54.18
C CYS B 149 -1.96 22.39 53.96
N THR B 150 -3.22 22.05 54.12
CA THR B 150 -4.28 23.02 53.85
C THR B 150 -4.33 24.29 54.71
N THR B 151 -4.19 24.12 56.02
CA THR B 151 -4.23 25.27 56.90
C THR B 151 -3.10 26.17 56.53
N ASN B 152 -1.91 25.61 56.35
CA ASN B 152 -0.78 26.44 55.98
C ASN B 152 -1.08 27.14 54.68
N SER B 153 -2.07 26.71 53.90
CA SER B 153 -2.28 27.43 52.67
C SER B 153 -3.28 28.50 52.84
N LEU B 154 -4.22 28.31 53.76
CA LEU B 154 -5.28 29.28 54.03
C LEU B 154 -4.81 30.45 54.89
N ALA B 155 -4.17 30.08 55.96
CA ALA B 155 -3.65 31.00 56.91
C ALA B 155 -3.03 32.28 56.35
N PRO B 156 -1.94 32.21 55.61
CA PRO B 156 -1.41 33.49 55.13
C PRO B 156 -2.39 34.32 54.35
N VAL B 157 -3.26 33.68 53.61
CA VAL B 157 -4.17 34.48 52.82
C VAL B 157 -5.18 35.15 53.73
N MET B 158 -5.67 34.38 54.71
CA MET B 158 -6.67 34.85 55.64
C MET B 158 -6.10 35.97 56.47
N LYS B 159 -4.83 35.84 56.83
CA LYS B 159 -4.16 36.87 57.61
C LYS B 159 -4.22 38.13 56.84
N VAL B 160 -3.83 38.09 55.58
CA VAL B 160 -3.91 39.30 54.78
C VAL B 160 -5.33 39.82 54.57
N LEU B 161 -6.32 38.96 54.44
CA LEU B 161 -7.68 39.46 54.24
C LEU B 161 -8.21 40.18 55.47
N GLU B 162 -7.95 39.57 56.62
CA GLU B 162 -8.39 40.05 57.92
C GLU B 162 -7.82 41.43 58.28
N GLU B 163 -6.52 41.60 58.05
CA GLU B 163 -5.81 42.83 58.35
C GLU B 163 -6.08 43.98 57.40
N ALA B 164 -6.38 43.67 56.15
CA ALA B 164 -6.61 44.73 55.20
C ALA B 164 -8.06 45.18 55.13
N PHE B 165 -8.97 44.22 55.24
CA PHE B 165 -10.38 44.51 55.10
C PHE B 165 -11.18 44.04 56.27
N GLY B 166 -10.81 42.88 56.83
CA GLY B 166 -11.53 42.29 57.96
C GLY B 166 -12.50 41.25 57.44
N VAL B 167 -12.40 40.03 57.93
CA VAL B 167 -13.21 38.91 57.50
C VAL B 167 -14.46 38.73 58.35
N GLU B 168 -15.63 38.69 57.76
CA GLU B 168 -16.82 38.48 58.56
C GLU B 168 -17.06 37.01 58.79
N LYS B 169 -17.14 36.24 57.71
CA LYS B 169 -17.34 34.78 57.71
C LYS B 169 -16.63 34.40 56.45
N ALA B 170 -16.47 33.11 56.26
CA ALA B 170 -15.83 32.66 55.05
C ALA B 170 -15.85 31.14 55.05
N LEU B 171 -16.04 30.55 53.89
CA LEU B 171 -16.01 29.09 53.76
C LEU B 171 -15.02 28.80 52.65
N MET B 172 -14.52 27.57 52.56
CA MET B 172 -13.57 27.25 51.53
C MET B 172 -13.58 25.77 51.17
N THR B 173 -13.09 25.46 49.97
CA THR B 173 -12.98 24.10 49.50
C THR B 173 -11.59 24.01 48.98
N THR B 174 -10.94 22.88 49.21
CA THR B 174 -9.59 22.65 48.71
C THR B 174 -9.70 21.50 47.73
N VAL B 175 -9.21 21.72 46.51
CA VAL B 175 -9.23 20.70 45.46
C VAL B 175 -7.82 20.13 45.65
N HIS B 176 -7.75 18.89 46.09
CA HIS B 176 -6.48 18.38 46.53
C HIS B 176 -6.03 17.14 45.85
N SER B 177 -4.73 16.94 45.68
CA SER B 177 -4.22 15.71 45.05
C SER B 177 -4.47 14.56 45.98
N TYR B 178 -4.49 13.34 45.49
CA TYR B 178 -4.72 12.24 46.38
C TYR B 178 -3.51 12.07 47.22
N THR B 179 -3.61 11.21 48.25
CA THR B 179 -2.48 10.95 49.17
C THR B 179 -2.56 9.55 49.69
N ASN B 180 -1.48 9.11 50.36
CA ASN B 180 -1.43 7.73 50.88
C ASN B 180 -2.49 7.28 51.91
N ASP B 181 -3.42 8.12 52.33
CA ASP B 181 -4.42 7.64 53.26
C ASP B 181 -5.65 7.21 52.47
N GLN B 182 -5.61 7.38 51.15
CA GLN B 182 -6.69 7.00 50.28
C GLN B 182 -6.40 5.64 49.70
N ARG B 183 -7.36 5.10 48.94
CA ARG B 183 -7.25 3.77 48.33
C ARG B 183 -6.98 3.80 46.84
N LEU B 184 -6.31 2.75 46.35
CA LEU B 184 -5.99 2.64 44.92
C LEU B 184 -7.24 2.14 44.20
N LEU B 185 -7.86 1.09 44.75
CA LEU B 185 -9.09 0.55 44.22
C LEU B 185 -10.02 0.27 45.44
N ASP B 186 -11.34 0.37 45.27
CA ASP B 186 -12.30 0.16 46.37
C ASP B 186 -11.87 -0.87 47.41
N LEU B 187 -11.64 -0.38 48.63
CA LEU B 187 -11.19 -1.22 49.73
C LEU B 187 -11.71 -0.66 51.04
N PRO B 188 -11.99 -1.52 52.01
CA PRO B 188 -12.50 -0.94 53.25
C PRO B 188 -11.63 0.18 53.82
N HIS B 189 -12.26 1.22 54.34
CA HIS B 189 -11.59 2.35 54.99
C HIS B 189 -12.61 2.92 55.96
N LYS B 190 -12.13 3.65 56.96
CA LYS B 190 -13.02 4.27 57.95
C LYS B 190 -13.96 5.22 57.25
N ASP B 191 -13.42 6.01 56.34
CA ASP B 191 -14.21 6.96 55.60
C ASP B 191 -14.66 6.24 54.33
N LEU B 192 -15.97 6.10 54.18
CA LEU B 192 -16.55 5.49 53.00
C LEU B 192 -16.38 6.34 51.69
N ARG B 193 -15.92 7.59 51.77
CA ARG B 193 -15.74 8.32 50.55
C ARG B 193 -14.32 7.99 50.17
N ARG B 194 -13.47 7.75 51.15
CA ARG B 194 -12.06 7.44 50.90
C ARG B 194 -11.75 5.96 50.68
N ALA B 195 -12.76 5.13 50.83
CA ALA B 195 -12.61 3.74 50.56
C ALA B 195 -12.58 3.56 49.02
N ARG B 196 -13.16 4.51 48.30
CA ARG B 196 -13.28 4.46 46.85
C ARG B 196 -11.96 4.63 46.14
N ALA B 197 -11.90 4.12 44.91
CA ALA B 197 -10.70 4.18 44.07
C ALA B 197 -10.27 5.60 43.80
N ALA B 198 -9.10 5.98 44.27
CA ALA B 198 -8.64 7.36 44.18
C ALA B 198 -8.32 7.95 42.86
N ALA B 199 -7.75 7.15 41.97
CA ALA B 199 -7.34 7.73 40.69
C ALA B 199 -8.34 7.91 39.59
N ILE B 200 -9.60 7.54 39.82
CA ILE B 200 -10.64 7.67 38.82
C ILE B 200 -11.89 8.23 39.43
N ASN B 201 -11.73 8.97 40.52
CA ASN B 201 -12.86 9.54 41.23
C ASN B 201 -12.53 10.91 41.77
N ILE B 202 -13.58 11.75 41.95
CA ILE B 202 -13.52 13.09 42.59
C ILE B 202 -14.16 12.70 43.90
N ILE B 203 -13.36 12.61 44.95
CA ILE B 203 -13.81 12.17 46.27
C ILE B 203 -13.99 13.32 47.27
N PRO B 204 -15.24 13.64 47.65
CA PRO B 204 -15.48 14.70 48.61
C PRO B 204 -15.00 14.17 49.96
N THR B 205 -14.42 15.03 50.76
CA THR B 205 -13.93 14.62 52.07
C THR B 205 -13.98 15.82 53.04
N THR B 206 -14.02 15.50 54.33
CA THR B 206 -14.11 16.48 55.41
C THR B 206 -12.74 16.95 55.77
N THR B 207 -12.65 18.23 56.14
CA THR B 207 -11.38 18.74 56.56
C THR B 207 -11.62 19.70 57.70
N GLY B 208 -10.65 19.73 58.63
CA GLY B 208 -10.75 20.64 59.73
C GLY B 208 -9.78 21.77 59.50
N ALA B 209 -9.15 21.81 58.34
CA ALA B 209 -8.17 22.81 58.04
C ALA B 209 -8.66 24.24 58.16
N ALA B 210 -9.95 24.47 57.95
CA ALA B 210 -10.47 25.83 58.06
C ALA B 210 -10.65 26.18 59.51
N LYS B 211 -11.09 25.21 60.29
CA LYS B 211 -11.20 25.40 61.72
C LYS B 211 -9.84 25.52 62.40
N ALA B 212 -8.79 24.85 61.95
CA ALA B 212 -7.54 25.06 62.63
C ALA B 212 -6.94 26.44 62.32
N THR B 213 -7.47 27.10 61.32
CA THR B 213 -6.94 28.42 61.00
C THR B 213 -7.22 29.34 62.15
N ALA B 214 -8.29 29.08 62.89
CA ALA B 214 -8.65 29.92 64.00
C ALA B 214 -7.63 29.79 65.10
N LEU B 215 -6.95 28.66 65.16
CA LEU B 215 -5.91 28.45 66.17
C LEU B 215 -4.73 29.32 65.99
N VAL B 216 -4.62 29.96 64.84
CA VAL B 216 -3.46 30.77 64.63
C VAL B 216 -3.93 32.16 64.39
N LEU B 217 -5.13 32.30 63.83
CA LEU B 217 -5.74 33.61 63.61
C LEU B 217 -6.93 33.45 64.49
N PRO B 218 -6.80 33.81 65.77
CA PRO B 218 -7.99 33.59 66.58
C PRO B 218 -9.23 34.36 66.25
N SER B 219 -9.13 35.47 65.52
CA SER B 219 -10.34 36.23 65.19
C SER B 219 -11.28 35.47 64.30
N LEU B 220 -10.89 34.28 63.87
CA LEU B 220 -11.73 33.52 63.00
C LEU B 220 -12.52 32.43 63.66
N LYS B 221 -12.37 32.23 64.96
CA LYS B 221 -13.10 31.15 65.60
C LYS B 221 -14.57 31.24 65.29
N GLY B 222 -15.11 30.15 64.77
CA GLY B 222 -16.52 30.12 64.40
C GLY B 222 -16.92 30.96 63.19
N ARG B 223 -15.96 31.48 62.44
CA ARG B 223 -16.26 32.26 61.26
C ARG B 223 -15.67 31.57 60.02
N PHE B 224 -15.02 30.43 60.19
CA PHE B 224 -14.38 29.76 59.07
C PHE B 224 -14.69 28.29 59.07
N ASP B 225 -14.86 27.70 57.90
CA ASP B 225 -15.13 26.26 57.76
C ASP B 225 -15.02 25.81 56.28
N GLY B 226 -15.13 24.53 55.96
CA GLY B 226 -15.01 24.14 54.56
C GLY B 226 -14.98 22.65 54.23
N MET B 227 -14.75 22.30 52.94
CA MET B 227 -14.72 20.90 52.47
C MET B 227 -13.47 20.58 51.69
N ALA B 228 -13.19 19.30 51.42
CA ALA B 228 -12.03 18.96 50.60
C ALA B 228 -12.51 18.06 49.47
N LEU B 229 -11.86 18.13 48.32
CA LEU B 229 -12.24 17.31 47.17
C LEU B 229 -10.94 16.75 46.70
N ARG B 230 -10.82 15.42 46.75
CA ARG B 230 -9.59 14.79 46.30
C ARG B 230 -9.78 14.52 44.86
N VAL B 231 -8.75 14.71 44.06
CA VAL B 231 -8.86 14.49 42.62
C VAL B 231 -7.71 13.59 42.06
N PRO B 232 -7.90 12.97 40.87
CA PRO B 232 -6.82 12.12 40.38
C PRO B 232 -5.48 12.67 40.00
N THR B 233 -4.97 13.66 40.76
CA THR B 233 -3.64 14.24 40.53
C THR B 233 -2.71 13.77 41.67
N ALA B 234 -1.42 13.65 41.42
CA ALA B 234 -0.50 13.11 42.41
C ALA B 234 0.06 14.00 43.51
N THR B 235 0.12 15.29 43.24
CA THR B 235 0.65 16.24 44.21
C THR B 235 0.29 17.65 43.69
N GLY B 236 -0.10 18.53 44.59
CA GLY B 236 -0.46 19.86 44.20
C GLY B 236 -1.91 20.00 44.54
N SER B 237 -2.27 21.15 45.09
CA SER B 237 -3.64 21.40 45.45
C SER B 237 -3.92 22.89 45.29
N ILE B 238 -5.17 23.24 45.34
CA ILE B 238 -5.52 24.62 45.21
C ILE B 238 -6.66 24.85 46.21
N SER B 239 -6.66 26.02 46.87
CA SER B 239 -7.68 26.40 47.81
C SER B 239 -8.58 27.47 47.24
N ASP B 240 -9.86 27.26 47.45
CA ASP B 240 -10.86 28.17 46.93
C ASP B 240 -11.62 28.80 48.11
N ILE B 241 -11.18 30.01 48.46
CA ILE B 241 -11.73 30.71 49.58
C ILE B 241 -12.83 31.66 49.25
N THR B 242 -14.03 31.43 49.76
CA THR B 242 -15.10 32.37 49.54
C THR B 242 -15.35 33.06 50.92
N ALA B 243 -14.84 34.29 51.02
CA ALA B 243 -14.87 35.15 52.18
C ALA B 243 -15.81 36.31 52.05
N LEU B 244 -16.49 36.60 53.15
CA LEU B 244 -17.42 37.71 53.23
C LEU B 244 -16.69 38.76 54.03
N LEU B 245 -16.32 39.84 53.37
CA LEU B 245 -15.56 40.88 54.02
C LEU B 245 -16.39 41.96 54.67
N LYS B 246 -15.68 42.78 55.42
CA LYS B 246 -16.29 43.85 56.18
C LYS B 246 -16.48 45.12 55.44
N ARG B 247 -16.21 45.11 54.14
CA ARG B 247 -16.41 46.29 53.29
C ARG B 247 -16.39 45.88 51.83
N GLU B 248 -16.94 46.75 50.97
CA GLU B 248 -16.96 46.48 49.55
C GLU B 248 -15.59 46.68 48.95
N VAL B 249 -15.10 45.63 48.26
CA VAL B 249 -13.82 45.69 47.59
C VAL B 249 -13.96 45.35 46.11
N THR B 250 -12.87 45.57 45.38
CA THR B 250 -12.80 45.24 43.96
C THR B 250 -11.69 44.20 43.88
N ALA B 251 -11.73 43.35 42.85
CA ALA B 251 -10.67 42.37 42.70
C ALA B 251 -9.26 42.98 42.82
N GLU B 252 -9.04 44.15 42.24
CA GLU B 252 -7.74 44.79 42.32
C GLU B 252 -7.25 45.15 43.71
N GLU B 253 -8.16 45.63 44.54
CA GLU B 253 -7.86 46.01 45.91
C GLU B 253 -7.26 44.79 46.59
N VAL B 254 -8.04 43.71 46.52
CA VAL B 254 -7.67 42.45 47.10
C VAL B 254 -6.35 41.92 46.64
N ASN B 255 -6.12 41.91 45.33
CA ASN B 255 -4.85 41.40 44.85
C ASN B 255 -3.76 42.36 45.24
N ALA B 256 -4.06 43.64 45.25
CA ALA B 256 -3.07 44.62 45.62
C ALA B 256 -2.57 44.32 47.02
N ALA B 257 -3.53 43.95 47.88
CA ALA B 257 -3.23 43.62 49.24
C ALA B 257 -2.33 42.42 49.28
N LEU B 258 -2.77 41.34 48.62
CA LEU B 258 -2.02 40.08 48.59
C LEU B 258 -0.61 40.22 48.00
N LYS B 259 -0.46 40.98 46.91
CA LYS B 259 0.84 41.20 46.28
C LYS B 259 1.77 41.82 47.26
N ALA B 260 1.29 42.90 47.88
CA ALA B 260 2.03 43.63 48.88
C ALA B 260 2.49 42.70 50.00
N ALA B 261 1.63 41.79 50.45
CA ALA B 261 2.07 40.88 51.51
C ALA B 261 3.18 39.96 51.02
N ALA B 262 3.02 39.41 49.84
CA ALA B 262 4.02 38.53 49.31
C ALA B 262 5.34 39.21 49.13
N GLU B 263 5.36 40.43 48.60
CA GLU B 263 6.65 41.10 48.41
C GLU B 263 7.22 41.57 49.73
N GLY B 264 6.33 41.81 50.68
CA GLY B 264 6.76 42.30 51.97
C GLY B 264 6.93 41.26 53.05
N PRO B 265 6.20 41.43 54.16
CA PRO B 265 6.19 40.57 55.35
C PRO B 265 6.04 39.06 55.19
N LEU B 266 5.26 38.60 54.20
CA LEU B 266 5.02 37.17 53.98
C LEU B 266 5.96 36.52 52.96
N LYS B 267 6.94 37.30 52.50
CA LYS B 267 7.88 36.82 51.50
C LYS B 267 8.50 35.51 51.92
N GLY B 268 8.37 34.56 50.99
CA GLY B 268 8.89 33.22 51.19
C GLY B 268 7.84 32.28 51.71
N ILE B 269 6.70 32.84 52.08
CA ILE B 269 5.60 32.09 52.61
C ILE B 269 4.45 32.23 51.65
N LEU B 270 4.10 33.46 51.31
CA LEU B 270 3.01 33.66 50.38
C LEU B 270 3.65 34.06 49.06
N ALA B 271 2.98 33.76 47.95
CA ALA B 271 3.50 34.13 46.63
C ALA B 271 2.37 34.68 45.82
N TYR B 272 2.71 35.41 44.79
CA TYR B 272 1.68 36.02 43.99
C TYR B 272 2.02 35.97 42.52
N THR B 273 1.05 35.59 41.71
CA THR B 273 1.30 35.57 40.30
C THR B 273 0.13 35.96 39.45
N GLU B 274 0.48 36.51 38.31
CA GLU B 274 -0.52 36.89 37.37
C GLU B 274 -0.39 36.00 36.13
N ASP B 275 0.55 35.04 36.10
CA ASP B 275 0.64 34.15 34.94
C ASP B 275 -0.53 33.18 34.93
N GLU B 276 -0.87 32.70 33.77
CA GLU B 276 -1.97 31.79 33.66
C GLU B 276 -1.50 30.36 33.76
N ILE B 277 -1.00 29.98 34.95
CA ILE B 277 -0.46 28.66 35.28
C ILE B 277 -1.46 27.56 35.59
N VAL B 278 -0.98 26.34 35.70
CA VAL B 278 -1.90 25.27 36.02
C VAL B 278 -1.14 24.41 36.99
N LEU B 279 -1.77 23.35 37.47
CA LEU B 279 -1.14 22.49 38.46
C LEU B 279 0.33 22.15 38.32
N GLN B 280 0.77 21.66 37.17
CA GLN B 280 2.16 21.23 37.07
C GLN B 280 3.11 22.36 37.27
N ASP B 281 2.63 23.58 37.04
CA ASP B 281 3.48 24.74 37.17
C ASP B 281 3.88 25.01 38.63
N ILE B 282 3.14 24.47 39.60
CA ILE B 282 3.47 24.73 40.99
C ILE B 282 4.11 23.55 41.67
N VAL B 283 4.25 22.43 41.00
CA VAL B 283 4.91 21.31 41.65
C VAL B 283 6.31 21.73 41.98
N MET B 284 6.75 21.34 43.16
CA MET B 284 8.05 21.67 43.72
C MET B 284 8.26 23.15 44.00
N ASP B 285 7.16 23.86 44.17
CA ASP B 285 7.30 25.24 44.56
C ASP B 285 7.30 25.22 46.12
N PRO B 286 8.27 25.91 46.72
CA PRO B 286 8.47 26.03 48.16
C PRO B 286 7.49 26.92 49.02
N HIS B 287 6.63 27.75 48.40
CA HIS B 287 5.67 28.63 49.09
C HIS B 287 4.51 27.92 49.72
N SER B 288 4.03 28.44 50.83
CA SER B 288 2.90 27.85 51.52
C SER B 288 1.65 28.08 50.71
N SER B 289 1.59 29.18 50.01
CA SER B 289 0.41 29.44 49.28
C SER B 289 0.68 30.43 48.13
N ILE B 290 0.15 30.13 46.94
CA ILE B 290 0.39 30.98 45.78
C ILE B 290 -0.88 31.60 45.19
N VAL B 291 -1.00 32.91 45.29
CA VAL B 291 -2.21 33.53 44.81
C VAL B 291 -2.31 33.62 43.31
N ASP B 292 -3.37 33.04 42.76
CA ASP B 292 -3.59 33.09 41.34
C ASP B 292 -4.36 34.37 41.10
N ALA B 293 -3.59 35.42 40.92
CA ALA B 293 -4.14 36.73 40.74
C ALA B 293 -5.30 36.83 39.83
N LYS B 294 -5.17 36.23 38.66
CA LYS B 294 -6.24 36.36 37.69
C LYS B 294 -7.54 35.59 38.03
N LEU B 295 -7.53 34.81 39.12
CA LEU B 295 -8.70 34.06 39.44
C LEU B 295 -9.60 34.79 40.43
N THR B 296 -9.12 35.88 41.02
CA THR B 296 -9.89 36.64 41.99
C THR B 296 -11.13 37.31 41.42
N LYS B 297 -12.20 37.25 42.20
CA LYS B 297 -13.46 37.88 41.82
C LYS B 297 -14.07 38.53 43.05
N ALA B 298 -14.94 39.51 42.86
CA ALA B 298 -15.56 40.14 44.00
C ALA B 298 -16.97 40.64 43.68
N LEU B 299 -17.97 40.23 44.46
CA LEU B 299 -19.31 40.75 44.27
C LEU B 299 -19.50 41.74 45.41
N GLY B 300 -18.93 42.92 45.31
CA GLY B 300 -19.14 43.83 46.41
C GLY B 300 -18.32 43.38 47.57
N ASN B 301 -18.96 43.02 48.67
CA ASN B 301 -18.14 42.60 49.81
C ASN B 301 -17.88 41.11 49.90
N MET B 302 -18.28 40.38 48.86
CA MET B 302 -18.06 38.93 48.82
C MET B 302 -16.96 38.75 47.81
N VAL B 303 -15.94 38.07 48.26
CA VAL B 303 -14.78 37.88 47.47
C VAL B 303 -14.46 36.40 47.27
N LYS B 304 -13.62 36.05 46.31
CA LYS B 304 -13.24 34.65 46.10
C LYS B 304 -11.79 34.67 45.74
N VAL B 305 -10.93 33.88 46.38
CA VAL B 305 -9.54 33.95 46.02
C VAL B 305 -9.05 32.57 45.83
N PHE B 306 -7.98 32.37 45.04
CA PHE B 306 -7.43 31.01 44.83
C PHE B 306 -5.96 30.94 45.11
N ALA B 307 -5.52 29.93 45.81
CA ALA B 307 -4.12 29.90 46.11
C ALA B 307 -3.69 28.45 45.98
N TRP B 308 -2.64 28.20 45.20
CA TRP B 308 -2.12 26.85 44.95
C TRP B 308 -1.14 26.47 46.03
N TYR B 309 -0.76 25.21 46.09
CA TYR B 309 0.23 24.80 47.05
C TYR B 309 0.73 23.37 46.73
N ASP B 310 2.04 23.11 46.75
CA ASP B 310 2.45 21.76 46.46
C ASP B 310 2.39 21.19 47.81
N ASN B 311 1.38 20.40 48.07
CA ASN B 311 1.23 19.83 49.36
C ASN B 311 2.36 18.95 49.95
N GLU B 312 3.34 18.51 49.15
CA GLU B 312 4.46 17.71 49.70
C GLU B 312 5.63 18.66 49.84
N TRP B 313 5.95 19.39 48.77
CA TRP B 313 7.07 20.29 48.81
C TRP B 313 6.86 21.58 49.55
N GLY B 314 5.71 22.23 49.40
CA GLY B 314 5.50 23.49 50.13
C GLY B 314 5.55 23.23 51.63
N TYR B 315 4.85 22.20 52.03
CA TYR B 315 4.78 21.77 53.39
C TYR B 315 6.15 21.31 53.90
N ALA B 316 6.76 20.29 53.35
CA ALA B 316 8.09 19.87 53.83
C ALA B 316 9.02 21.07 54.05
N ASN B 317 8.90 22.10 53.22
CA ASN B 317 9.70 23.30 53.40
C ASN B 317 9.28 23.98 54.69
N ARG B 318 7.98 24.16 54.92
CA ARG B 318 7.52 24.72 56.19
C ARG B 318 8.09 23.84 57.34
N VAL B 319 8.02 22.49 57.24
CA VAL B 319 8.59 21.61 58.29
C VAL B 319 10.09 21.91 58.44
N ALA B 320 10.82 22.07 57.35
CA ALA B 320 12.25 22.32 57.46
C ALA B 320 12.47 23.60 58.25
N ASP B 321 11.77 24.67 57.83
CA ASP B 321 11.81 25.99 58.47
C ASP B 321 11.60 25.94 60.01
N LEU B 322 10.56 25.26 60.48
CA LEU B 322 10.30 25.12 61.88
C LEU B 322 11.45 24.35 62.52
N VAL B 323 11.98 23.32 61.88
CA VAL B 323 13.09 22.63 62.48
C VAL B 323 14.20 23.65 62.66
N GLU B 324 14.44 24.46 61.66
CA GLU B 324 15.48 25.48 61.78
C GLU B 324 15.19 26.46 62.91
N LEU B 325 13.96 26.83 63.14
CA LEU B 325 13.67 27.76 64.24
C LEU B 325 13.87 27.09 65.62
N VAL B 326 13.36 25.88 65.80
CA VAL B 326 13.49 25.17 67.07
C VAL B 326 14.99 25.05 67.40
N LEU B 327 15.81 24.83 66.40
CA LEU B 327 17.25 24.78 66.66
C LEU B 327 17.82 26.13 67.06
N ARG B 328 17.54 27.19 66.30
CA ARG B 328 18.07 28.55 66.57
C ARG B 328 17.57 29.13 67.92
N LYS B 329 16.35 28.77 68.32
CA LYS B 329 15.79 29.22 69.58
C LYS B 329 16.47 28.52 70.75
N GLY B 330 17.20 27.43 70.46
CA GLY B 330 17.87 26.70 71.53
C GLY B 330 17.06 25.57 72.11
N VAL B 331 17.61 24.35 71.98
CA VAL B 331 17.01 23.10 72.47
C VAL B 331 17.34 22.76 73.97
N MET C 1 -25.08 -28.44 49.91
CA MET C 1 -24.26 -27.52 50.76
C MET C 1 -24.34 -26.10 50.13
N LYS C 2 -23.84 -25.10 50.86
CA LYS C 2 -23.87 -23.70 50.47
C LYS C 2 -22.47 -23.12 50.23
N VAL C 3 -22.42 -21.90 49.75
CA VAL C 3 -21.15 -21.33 49.45
C VAL C 3 -20.87 -20.27 50.47
N GLY C 4 -19.61 -20.09 50.79
CA GLY C 4 -19.27 -19.04 51.71
C GLY C 4 -18.09 -18.37 51.06
N ILE C 5 -17.94 -17.07 51.27
CA ILE C 5 -16.84 -16.37 50.69
C ILE C 5 -15.99 -15.80 51.81
N ASN C 6 -14.67 -16.00 51.75
CA ASN C 6 -13.76 -15.45 52.76
C ASN C 6 -12.86 -14.45 52.03
N GLY C 7 -13.08 -13.15 52.28
CA GLY C 7 -12.33 -12.07 51.64
C GLY C 7 -13.23 -11.39 50.64
N PHE C 8 -14.04 -10.46 51.09
CA PHE C 8 -14.99 -9.74 50.24
C PHE C 8 -14.37 -8.52 49.56
N GLY C 9 -13.32 -8.68 48.75
CA GLY C 9 -12.72 -7.51 48.14
C GLY C 9 -13.12 -7.40 46.68
N ARG C 10 -12.18 -7.01 45.82
CA ARG C 10 -12.49 -6.88 44.41
C ARG C 10 -12.98 -8.16 43.76
N ILE C 11 -12.35 -9.30 44.04
CA ILE C 11 -12.81 -10.54 43.42
C ILE C 11 -14.01 -11.08 44.18
N GLY C 12 -13.93 -11.08 45.50
CA GLY C 12 -15.03 -11.62 46.25
C GLY C 12 -16.37 -10.98 45.95
N ARG C 13 -16.43 -9.67 45.84
CA ARG C 13 -17.70 -9.00 45.57
C ARG C 13 -18.19 -9.32 44.18
N GLN C 14 -17.29 -9.32 43.20
CA GLN C 14 -17.71 -9.66 41.85
C GLN C 14 -18.18 -11.11 41.84
N VAL C 15 -17.40 -12.04 42.36
CA VAL C 15 -17.86 -13.40 42.37
C VAL C 15 -19.25 -13.47 42.99
N PHE C 16 -19.50 -12.63 43.98
CA PHE C 16 -20.79 -12.63 44.66
C PHE C 16 -21.86 -12.18 43.73
N ARG C 17 -21.65 -11.03 43.08
CA ARG C 17 -22.65 -10.51 42.16
C ARG C 17 -23.07 -11.61 41.23
N ILE C 18 -22.09 -12.35 40.75
CA ILE C 18 -22.31 -13.41 39.81
C ILE C 18 -23.01 -14.60 40.43
N LEU C 19 -22.50 -15.14 41.53
CA LEU C 19 -23.14 -16.27 42.19
C LEU C 19 -24.58 -15.91 42.47
N HIS C 20 -24.75 -14.67 42.81
CA HIS C 20 -26.05 -14.19 43.13
C HIS C 20 -26.98 -14.24 41.95
N SER C 21 -26.60 -13.64 40.84
CA SER C 21 -27.47 -13.65 39.67
C SER C 21 -27.69 -15.06 39.14
N ARG C 22 -26.78 -15.99 39.42
CA ARG C 22 -26.92 -17.35 38.95
C ARG C 22 -27.79 -18.22 39.88
N GLY C 23 -28.22 -17.63 40.99
CA GLY C 23 -29.05 -18.33 41.93
C GLY C 23 -28.33 -19.24 42.89
N VAL C 24 -27.01 -19.12 43.05
CA VAL C 24 -26.31 -19.98 44.00
C VAL C 24 -26.52 -19.34 45.36
N GLU C 25 -26.58 -20.15 46.42
CA GLU C 25 -26.80 -19.55 47.73
C GLU C 25 -25.50 -19.38 48.51
N VAL C 26 -25.15 -18.11 48.80
CA VAL C 26 -23.96 -17.69 49.59
C VAL C 26 -24.58 -17.49 50.96
N ALA C 27 -24.08 -18.24 51.96
CA ALA C 27 -24.58 -18.17 53.34
C ALA C 27 -23.76 -17.33 54.30
N LEU C 28 -22.47 -17.20 54.08
CA LEU C 28 -21.69 -16.40 54.98
C LEU C 28 -20.51 -15.75 54.27
N ILE C 29 -20.28 -14.50 54.62
CA ILE C 29 -19.22 -13.69 54.07
C ILE C 29 -18.37 -13.21 55.21
N ASN C 30 -17.07 -13.24 55.07
CA ASN C 30 -16.20 -12.83 56.12
C ASN C 30 -15.14 -11.88 55.57
N ASP C 31 -14.85 -10.85 56.32
CA ASP C 31 -13.82 -9.90 55.93
C ASP C 31 -13.31 -9.32 57.26
N LEU C 32 -12.74 -8.12 57.24
CA LEU C 32 -12.17 -7.49 58.41
C LEU C 32 -12.87 -6.19 58.72
N THR C 33 -14.15 -6.08 58.47
CA THR C 33 -14.78 -4.81 58.66
C THR C 33 -16.25 -4.99 59.00
N ASP C 34 -16.94 -3.88 59.27
CA ASP C 34 -18.36 -3.93 59.63
C ASP C 34 -19.33 -4.11 58.46
N ASN C 35 -20.56 -4.40 58.79
CA ASN C 35 -21.48 -4.64 57.73
C ASN C 35 -21.89 -3.44 56.96
N LYS C 36 -21.73 -2.29 57.59
CA LYS C 36 -22.10 -1.06 56.94
C LYS C 36 -21.19 -0.92 55.75
N THR C 37 -19.92 -1.19 55.98
CA THR C 37 -18.91 -1.11 54.95
C THR C 37 -19.07 -2.24 53.94
N LEU C 38 -19.29 -3.48 54.39
CA LEU C 38 -19.47 -4.49 53.41
C LEU C 38 -20.65 -4.11 52.54
N ALA C 39 -21.71 -3.65 53.15
CA ALA C 39 -22.90 -3.27 52.40
C ALA C 39 -22.69 -2.12 51.46
N HIS C 40 -21.89 -1.16 51.86
CA HIS C 40 -21.68 0.01 51.04
C HIS C 40 -20.80 -0.30 49.85
N LEU C 41 -19.71 -0.99 50.09
CA LEU C 41 -18.80 -1.34 49.01
C LEU C 41 -19.50 -2.19 47.97
N LEU C 42 -20.38 -3.09 48.44
CA LEU C 42 -21.20 -3.97 47.57
C LEU C 42 -22.19 -3.15 46.76
N LYS C 43 -22.84 -2.19 47.40
CA LYS C 43 -23.82 -1.38 46.73
C LYS C 43 -23.22 -0.46 45.70
N TYR C 44 -22.05 0.11 45.97
CA TYR C 44 -21.36 1.05 45.08
C TYR C 44 -19.96 0.56 44.72
N ASP C 45 -19.79 0.28 43.44
CA ASP C 45 -18.51 -0.19 42.89
C ASP C 45 -18.02 0.89 41.89
N SER C 46 -16.76 1.27 41.92
CA SER C 46 -16.29 2.28 40.99
C SER C 46 -16.23 1.85 39.52
N ILE C 47 -16.01 0.56 39.30
CA ILE C 47 -15.92 -0.04 37.97
C ILE C 47 -17.20 -0.62 37.45
N TYR C 48 -17.92 -1.40 38.22
CA TYR C 48 -19.14 -1.96 37.70
C TYR C 48 -20.43 -1.26 38.15
N HIS C 49 -20.30 -0.11 38.82
CA HIS C 49 -21.43 0.70 39.24
C HIS C 49 -22.51 0.09 40.11
N ARG C 50 -23.62 0.77 40.38
CA ARG C 50 -24.60 0.19 41.29
C ARG C 50 -25.01 -1.26 41.21
N PHE C 51 -25.09 -1.90 42.37
CA PHE C 51 -25.53 -3.26 42.46
C PHE C 51 -26.98 -3.18 42.05
N PRO C 52 -27.41 -4.03 41.13
CA PRO C 52 -28.77 -4.11 40.59
C PRO C 52 -29.73 -4.77 41.59
N GLY C 53 -29.99 -4.06 42.67
CA GLY C 53 -30.86 -4.61 43.68
C GLY C 53 -30.76 -3.95 45.03
N GLU C 54 -31.47 -4.54 45.99
CA GLU C 54 -31.54 -4.06 47.36
C GLU C 54 -30.46 -4.56 48.30
N VAL C 55 -29.74 -3.64 48.92
CA VAL C 55 -28.71 -3.98 49.87
C VAL C 55 -29.01 -3.28 51.20
N ALA C 56 -29.00 -4.05 52.29
CA ALA C 56 -29.23 -3.56 53.64
C ALA C 56 -28.39 -4.41 54.56
N TYR C 57 -28.39 -4.08 55.83
CA TYR C 57 -27.58 -4.84 56.75
C TYR C 57 -28.02 -4.52 58.16
N ASP C 58 -27.36 -5.13 59.12
CA ASP C 58 -27.62 -4.88 60.52
C ASP C 58 -26.34 -5.35 61.18
N ASP C 59 -26.26 -5.34 62.51
CA ASP C 59 -25.03 -5.75 63.23
C ASP C 59 -24.63 -7.20 62.94
N GLN C 60 -25.59 -8.00 62.48
CA GLN C 60 -25.38 -9.41 62.23
C GLN C 60 -25.45 -9.98 60.80
N TYR C 61 -26.15 -9.29 59.91
CA TYR C 61 -26.35 -9.79 58.57
C TYR C 61 -26.32 -8.75 57.48
N LEU C 62 -26.12 -9.23 56.24
CA LEU C 62 -26.18 -8.40 55.05
C LEU C 62 -27.46 -8.91 54.45
N TYR C 63 -28.34 -8.04 54.00
CA TYR C 63 -29.60 -8.46 53.40
C TYR C 63 -29.49 -8.03 51.94
N VAL C 64 -29.38 -8.97 51.01
CA VAL C 64 -29.24 -8.65 49.61
C VAL C 64 -30.51 -9.16 48.97
N ASP C 65 -31.34 -8.26 48.46
CA ASP C 65 -32.61 -8.63 47.84
C ASP C 65 -33.48 -9.42 48.78
N GLY C 66 -33.52 -9.00 50.05
CA GLY C 66 -34.34 -9.72 51.03
C GLY C 66 -33.79 -11.00 51.68
N LYS C 67 -32.69 -11.51 51.15
CA LYS C 67 -32.05 -12.68 51.67
C LYS C 67 -31.06 -12.25 52.70
N ALA C 68 -30.99 -13.02 53.76
CA ALA C 68 -30.10 -12.76 54.85
C ALA C 68 -28.81 -13.56 54.71
N ILE C 69 -27.70 -12.85 54.64
CA ILE C 69 -26.42 -13.49 54.49
C ILE C 69 -25.61 -13.19 55.75
N ARG C 70 -25.21 -14.23 56.44
CA ARG C 70 -24.45 -14.03 57.64
C ARG C 70 -23.17 -13.35 57.26
N ALA C 71 -22.80 -12.29 57.95
CA ALA C 71 -21.59 -11.65 57.61
C ALA C 71 -20.79 -11.46 58.85
N THR C 72 -19.54 -11.88 58.85
CA THR C 72 -18.67 -11.77 60.01
C THR C 72 -17.35 -11.04 59.78
N ALA C 73 -16.51 -11.11 60.81
CA ALA C 73 -15.23 -10.42 60.74
C ALA C 73 -14.15 -11.13 61.56
N VAL C 74 -13.80 -12.34 61.13
CA VAL C 74 -12.82 -13.16 61.82
C VAL C 74 -11.51 -13.22 61.07
N LYS C 75 -10.41 -12.82 61.73
CA LYS C 75 -9.09 -12.84 61.12
C LYS C 75 -8.52 -14.25 60.92
N ASP C 76 -8.93 -15.25 61.71
CA ASP C 76 -8.40 -16.61 61.61
C ASP C 76 -9.44 -17.53 61.08
N PRO C 77 -9.18 -18.21 59.97
CA PRO C 77 -10.05 -19.17 59.27
C PRO C 77 -10.57 -20.40 60.10
N LYS C 78 -9.75 -20.83 61.06
CA LYS C 78 -10.08 -21.95 61.93
C LYS C 78 -11.34 -21.56 62.69
N GLU C 79 -11.44 -20.25 62.97
CA GLU C 79 -12.57 -19.66 63.69
C GLU C 79 -13.81 -19.20 62.90
N ILE C 80 -13.89 -19.45 61.59
CA ILE C 80 -15.07 -19.02 60.87
C ILE C 80 -16.05 -20.16 60.99
N PRO C 81 -17.32 -19.85 61.30
CA PRO C 81 -18.52 -20.68 61.50
C PRO C 81 -19.08 -21.27 60.23
N TRP C 82 -18.25 -21.86 59.41
CA TRP C 82 -18.73 -22.43 58.18
C TRP C 82 -19.81 -23.42 58.47
N ALA C 83 -19.55 -24.33 59.42
CA ALA C 83 -20.47 -25.39 59.83
C ALA C 83 -21.83 -24.85 60.30
N GLU C 84 -21.78 -23.84 61.21
CA GLU C 84 -22.96 -23.15 61.77
C GLU C 84 -23.88 -22.48 60.70
N ALA C 85 -23.29 -22.19 59.55
CA ALA C 85 -23.95 -21.56 58.41
C ALA C 85 -24.34 -22.54 57.31
N GLY C 86 -23.80 -23.74 57.36
CA GLY C 86 -24.08 -24.73 56.35
C GLY C 86 -23.25 -24.58 55.09
N VAL C 87 -22.14 -23.89 55.18
CA VAL C 87 -21.29 -23.68 54.05
C VAL C 87 -20.44 -24.91 53.78
N GLY C 88 -20.60 -25.47 52.58
CA GLY C 88 -19.83 -26.60 52.15
C GLY C 88 -18.64 -26.17 51.29
N VAL C 89 -18.84 -25.15 50.45
CA VAL C 89 -17.80 -24.65 49.53
C VAL C 89 -17.33 -23.24 49.90
N VAL C 90 -16.06 -23.10 50.26
CA VAL C 90 -15.55 -21.78 50.64
C VAL C 90 -14.71 -21.15 49.54
N ILE C 91 -14.86 -19.85 49.35
CA ILE C 91 -14.08 -19.21 48.34
C ILE C 91 -13.03 -18.42 49.04
N GLU C 92 -11.79 -18.77 48.78
CA GLU C 92 -10.74 -18.11 49.48
C GLU C 92 -10.17 -17.02 48.65
N SER C 93 -10.73 -15.83 48.87
CA SER C 93 -10.30 -14.66 48.14
C SER C 93 -9.71 -13.53 48.98
N THR C 94 -8.93 -13.88 50.01
CA THR C 94 -8.34 -12.86 50.88
C THR C 94 -7.01 -12.55 50.29
N GLY C 95 -6.38 -13.55 49.70
CA GLY C 95 -5.07 -13.29 49.16
C GLY C 95 -3.99 -13.54 50.20
N VAL C 96 -4.36 -14.06 51.36
CA VAL C 96 -3.33 -14.31 52.36
C VAL C 96 -3.26 -15.74 52.74
N PHE C 97 -4.19 -16.59 52.28
CA PHE C 97 -4.10 -17.99 52.59
C PHE C 97 -3.92 -18.82 51.34
N THR C 98 -2.91 -18.47 50.55
CA THR C 98 -2.62 -19.19 49.30
C THR C 98 -1.84 -20.46 49.54
N ASP C 99 -1.00 -20.53 50.59
CA ASP C 99 -0.27 -21.77 50.91
C ASP C 99 -1.41 -22.64 51.42
N ALA C 100 -1.73 -23.70 50.72
CA ALA C 100 -2.83 -24.61 51.11
C ALA C 100 -2.87 -24.94 52.58
N ASP C 101 -1.71 -25.10 53.19
CA ASP C 101 -1.70 -25.42 54.61
C ASP C 101 -2.48 -24.45 55.49
N LYS C 102 -2.48 -23.18 55.12
CA LYS C 102 -3.21 -22.23 55.92
C LYS C 102 -4.68 -22.26 55.52
N ALA C 103 -4.92 -22.46 54.23
CA ALA C 103 -6.27 -22.51 53.73
C ALA C 103 -6.90 -23.80 54.18
N LYS C 104 -6.14 -24.70 54.77
CA LYS C 104 -6.73 -25.96 55.21
C LYS C 104 -7.67 -25.62 56.35
N ALA C 105 -7.29 -24.60 57.14
CA ALA C 105 -8.09 -24.17 58.26
C ALA C 105 -9.59 -24.13 57.95
N HIS C 106 -9.95 -23.86 56.72
CA HIS C 106 -11.35 -23.80 56.37
C HIS C 106 -12.05 -25.11 56.62
N LEU C 107 -11.40 -26.21 56.28
CA LEU C 107 -12.00 -27.54 56.46
C LEU C 107 -12.25 -27.87 57.95
N GLU C 108 -11.39 -27.34 58.81
CA GLU C 108 -11.53 -27.55 60.24
C GLU C 108 -12.59 -26.60 60.78
N GLY C 109 -13.30 -25.90 59.89
CA GLY C 109 -14.34 -24.99 60.31
C GLY C 109 -15.66 -25.61 59.94
N GLY C 110 -15.54 -26.72 59.21
CA GLY C 110 -16.68 -27.48 58.74
C GLY C 110 -16.77 -27.57 57.23
N ALA C 111 -15.99 -26.74 56.53
CA ALA C 111 -16.00 -26.67 55.08
C ALA C 111 -15.54 -27.94 54.45
N LYS C 112 -16.12 -28.28 53.30
CA LYS C 112 -15.73 -29.48 52.58
C LYS C 112 -14.77 -29.27 51.40
N LYS C 113 -14.76 -28.08 50.81
CA LYS C 113 -13.86 -27.71 49.69
C LYS C 113 -13.48 -26.25 49.84
N VAL C 114 -12.38 -25.89 49.21
CA VAL C 114 -11.91 -24.51 49.21
C VAL C 114 -11.49 -24.24 47.80
N ILE C 115 -11.67 -23.02 47.33
CA ILE C 115 -11.30 -22.73 45.97
C ILE C 115 -10.45 -21.50 46.10
N ILE C 116 -9.14 -21.66 46.00
CA ILE C 116 -8.29 -20.50 46.13
C ILE C 116 -8.41 -19.68 44.83
N THR C 117 -8.76 -18.42 44.94
CA THR C 117 -8.89 -17.64 43.76
C THR C 117 -7.57 -16.99 43.46
N ALA C 118 -6.52 -17.81 43.41
CA ALA C 118 -5.17 -17.33 43.08
C ALA C 118 -4.25 -18.52 42.94
N PRO C 119 -3.05 -18.29 42.38
CA PRO C 119 -2.13 -19.41 42.23
C PRO C 119 -1.89 -19.92 43.63
N ALA C 120 -2.00 -21.22 43.84
CA ALA C 120 -1.78 -21.75 45.18
C ALA C 120 -0.42 -22.38 45.28
N LYS C 121 -0.21 -23.05 46.41
CA LYS C 121 1.02 -23.75 46.72
C LYS C 121 0.59 -24.90 47.61
N GLY C 122 0.80 -26.13 47.18
CA GLY C 122 0.39 -27.27 47.98
C GLY C 122 -1.06 -27.69 47.76
N GLU C 123 -1.69 -27.22 46.68
CA GLU C 123 -3.10 -27.53 46.40
C GLU C 123 -3.34 -28.94 45.89
N ASP C 124 -4.57 -29.43 46.03
CA ASP C 124 -4.84 -30.77 45.53
C ASP C 124 -4.70 -30.70 44.02
N ILE C 125 -5.38 -29.73 43.41
CA ILE C 125 -5.37 -29.54 41.97
C ILE C 125 -5.54 -28.06 41.57
N THR C 126 -4.88 -27.65 40.50
CA THR C 126 -5.06 -26.31 39.99
C THR C 126 -5.86 -26.55 38.70
N ILE C 127 -7.02 -25.90 38.59
CA ILE C 127 -7.89 -26.09 37.45
C ILE C 127 -8.09 -24.84 36.68
N VAL C 128 -8.08 -24.91 35.37
CA VAL C 128 -8.32 -23.75 34.54
C VAL C 128 -9.53 -24.09 33.73
N MET C 129 -10.69 -23.56 34.09
CA MET C 129 -11.89 -23.89 33.33
C MET C 129 -11.64 -23.82 31.83
N GLY C 130 -12.16 -24.84 31.16
CA GLY C 130 -12.07 -25.01 29.72
C GLY C 130 -10.87 -25.81 29.25
N VAL C 131 -9.76 -25.74 29.98
CA VAL C 131 -8.56 -26.45 29.61
C VAL C 131 -8.56 -27.78 30.29
N ASN C 132 -8.40 -27.85 31.61
CA ASN C 132 -8.40 -29.17 32.24
C ASN C 132 -9.42 -29.37 33.33
N HIS C 133 -10.62 -28.84 33.15
CA HIS C 133 -11.64 -29.01 34.19
C HIS C 133 -12.08 -30.43 34.37
N GLU C 134 -11.93 -31.25 33.34
CA GLU C 134 -12.35 -32.63 33.52
C GLU C 134 -11.55 -33.45 34.55
N ALA C 135 -10.42 -32.92 35.03
CA ALA C 135 -9.62 -33.66 35.99
C ALA C 135 -10.02 -33.54 37.44
N TYR C 136 -10.92 -32.60 37.75
CA TYR C 136 -11.39 -32.49 39.12
C TYR C 136 -12.10 -33.78 39.49
N ASP C 137 -11.55 -34.43 40.51
CA ASP C 137 -12.02 -35.69 41.11
C ASP C 137 -12.55 -35.37 42.52
N PRO C 138 -13.85 -35.20 42.63
CA PRO C 138 -14.54 -34.88 43.89
C PRO C 138 -14.11 -35.76 45.02
N SER C 139 -13.73 -36.97 44.66
CA SER C 139 -13.30 -37.93 45.66
C SER C 139 -11.92 -37.57 46.19
N ARG C 140 -11.09 -36.92 45.37
CA ARG C 140 -9.74 -36.63 45.83
C ARG C 140 -9.31 -35.17 45.84
N HIS C 141 -10.11 -34.27 45.29
CA HIS C 141 -9.70 -32.86 45.24
C HIS C 141 -10.52 -31.98 46.15
N HIS C 142 -9.83 -31.34 47.08
CA HIS C 142 -10.47 -30.53 48.10
C HIS C 142 -10.06 -29.04 48.19
N ILE C 143 -8.76 -28.76 48.00
CA ILE C 143 -8.25 -27.38 47.94
C ILE C 143 -7.84 -27.21 46.48
N ILE C 144 -8.71 -26.56 45.74
CA ILE C 144 -8.54 -26.35 44.32
C ILE C 144 -8.11 -24.91 44.07
N SER C 145 -7.13 -24.70 43.19
CA SER C 145 -6.71 -23.33 42.83
C SER C 145 -7.33 -23.05 41.49
N ASN C 146 -7.67 -21.81 41.22
CA ASN C 146 -8.28 -21.50 39.93
C ASN C 146 -7.21 -20.71 39.16
N ALA C 147 -5.95 -20.79 39.60
CA ALA C 147 -4.83 -20.08 39.00
C ALA C 147 -5.03 -18.54 38.81
N SER C 148 -4.00 -17.79 38.37
CA SER C 148 -4.10 -16.32 38.18
C SER C 148 -5.01 -15.86 37.10
N CYS C 149 -5.32 -14.56 37.10
CA CYS C 149 -6.17 -14.01 36.04
C CYS C 149 -5.45 -14.20 34.66
N THR C 150 -4.12 -14.03 34.66
CA THR C 150 -3.28 -14.18 33.48
C THR C 150 -3.22 -15.59 32.97
N THR C 151 -2.96 -16.55 33.82
CA THR C 151 -2.95 -17.91 33.37
C THR C 151 -4.23 -18.25 32.64
N ASN C 152 -5.35 -17.80 33.16
CA ASN C 152 -6.62 -18.11 32.52
C ASN C 152 -6.72 -17.50 31.17
N SER C 153 -5.94 -16.47 30.88
CA SER C 153 -6.05 -15.93 29.54
C SER C 153 -5.04 -16.61 28.59
N LEU C 154 -3.93 -17.07 29.13
CA LEU C 154 -2.98 -17.70 28.30
C LEU C 154 -3.41 -19.09 27.95
N ALA C 155 -3.97 -19.86 28.89
CA ALA C 155 -4.25 -21.26 28.59
C ALA C 155 -5.23 -21.58 27.51
N PRO C 156 -6.34 -20.89 27.42
CA PRO C 156 -7.26 -21.24 26.34
C PRO C 156 -6.57 -20.98 24.96
N VAL C 157 -5.75 -19.95 24.85
CA VAL C 157 -5.07 -19.68 23.60
C VAL C 157 -3.97 -20.67 23.33
N MET C 158 -3.06 -20.85 24.27
CA MET C 158 -1.96 -21.77 24.07
C MET C 158 -2.47 -23.12 23.76
N LYS C 159 -3.59 -23.54 24.34
CA LYS C 159 -4.13 -24.86 24.06
C LYS C 159 -4.43 -24.94 22.58
N VAL C 160 -5.06 -23.92 22.02
CA VAL C 160 -5.35 -23.94 20.59
C VAL C 160 -4.07 -23.90 19.79
N LEU C 161 -3.11 -23.05 20.13
CA LEU C 161 -1.92 -23.03 19.31
C LEU C 161 -1.24 -24.38 19.33
N GLU C 162 -1.24 -25.10 20.45
CA GLU C 162 -0.57 -26.43 20.53
C GLU C 162 -1.23 -27.56 19.73
N GLU C 163 -2.55 -27.58 19.67
CA GLU C 163 -3.26 -28.64 18.97
C GLU C 163 -3.35 -28.43 17.48
N ALA C 164 -3.50 -27.19 17.03
CA ALA C 164 -3.57 -26.97 15.61
C ALA C 164 -2.21 -26.82 14.95
N PHE C 165 -1.30 -26.12 15.61
CA PHE C 165 0.00 -25.93 15.02
C PHE C 165 1.16 -26.59 15.75
N GLY C 166 1.07 -26.77 17.05
CA GLY C 166 2.16 -27.36 17.80
C GLY C 166 3.10 -26.25 18.24
N VAL C 167 3.29 -26.07 19.55
CA VAL C 167 4.13 -25.00 20.02
C VAL C 167 5.43 -25.56 20.45
N GLU C 168 6.50 -24.85 20.19
CA GLU C 168 7.79 -25.32 20.59
C GLU C 168 8.42 -24.49 21.72
N LYS C 169 8.22 -23.17 21.71
CA LYS C 169 8.76 -22.26 22.71
C LYS C 169 7.83 -21.08 22.66
N ALA C 170 7.65 -20.39 23.79
CA ALA C 170 6.83 -19.20 23.87
C ALA C 170 7.31 -18.33 24.98
N LEU C 171 7.09 -17.03 24.82
CA LEU C 171 7.41 -16.01 25.82
C LEU C 171 6.23 -15.08 25.74
N MET C 172 5.70 -14.60 26.86
CA MET C 172 4.57 -13.68 26.81
C MET C 172 4.83 -12.47 27.70
N THR C 173 4.00 -11.45 27.56
CA THR C 173 4.11 -10.26 28.38
C THR C 173 2.64 -9.87 28.57
N THR C 174 2.28 -9.40 29.76
CA THR C 174 0.89 -9.04 29.95
C THR C 174 0.89 -7.63 30.41
N VAL C 175 0.14 -6.80 29.70
CA VAL C 175 0.04 -5.39 30.05
C VAL C 175 -1.24 -5.39 30.88
N HIS C 176 -1.05 -5.18 32.17
CA HIS C 176 -2.10 -5.30 33.18
C HIS C 176 -2.58 -4.02 33.93
N SER C 177 -3.90 -3.85 34.10
CA SER C 177 -4.40 -2.74 34.92
C SER C 177 -3.82 -2.98 36.33
N TYR C 178 -3.72 -1.96 37.18
CA TYR C 178 -3.16 -2.19 38.54
C TYR C 178 -4.11 -2.91 39.49
N THR C 179 -3.58 -3.51 40.55
CA THR C 179 -4.38 -4.22 41.53
C THR C 179 -4.07 -3.73 42.92
N ASN C 180 -4.86 -4.18 43.90
CA ASN C 180 -4.64 -3.76 45.28
C ASN C 180 -3.35 -4.20 45.93
N ASP C 181 -2.48 -4.83 45.18
CA ASP C 181 -1.27 -5.19 45.83
C ASP C 181 -0.28 -4.14 45.50
N GLN C 182 -0.72 -3.03 44.97
CA GLN C 182 0.19 -1.97 44.65
C GLN C 182 0.05 -0.75 45.59
N ARG C 183 0.72 0.34 45.28
CA ARG C 183 0.72 1.54 46.08
C ARG C 183 0.15 2.68 45.32
N LEU C 184 -0.47 3.62 46.02
CA LEU C 184 -1.03 4.78 45.35
C LEU C 184 0.07 5.74 45.07
N LEU C 185 1.00 5.87 46.00
CA LEU C 185 2.13 6.79 45.84
C LEU C 185 3.31 6.02 46.45
N ASP C 186 4.56 6.41 46.17
CA ASP C 186 5.72 5.64 46.63
C ASP C 186 5.67 5.24 48.10
N LEU C 187 5.69 3.94 48.33
CA LEU C 187 5.62 3.40 49.66
C LEU C 187 6.38 2.10 49.71
N PRO C 188 6.83 1.66 50.89
CA PRO C 188 7.56 0.41 50.92
C PRO C 188 6.76 -0.78 50.50
N HIS C 189 7.41 -1.68 49.78
CA HIS C 189 6.77 -2.88 49.32
C HIS C 189 7.88 -3.90 49.26
N LYS C 190 7.52 -5.18 49.34
CA LYS C 190 8.48 -6.27 49.24
C LYS C 190 9.18 -6.15 47.89
N ASP C 191 8.40 -5.74 46.86
CA ASP C 191 8.82 -5.52 45.47
C ASP C 191 9.21 -4.05 45.26
N LEU C 192 10.47 -3.79 44.94
CA LEU C 192 10.89 -2.42 44.74
C LEU C 192 10.23 -1.71 43.57
N ARG C 193 9.62 -2.48 42.68
CA ARG C 193 8.94 -1.88 41.53
C ARG C 193 7.55 -1.59 42.02
N ARG C 194 6.86 -2.56 42.62
CA ARG C 194 5.51 -2.31 43.09
C ARG C 194 5.31 -1.27 44.16
N ALA C 195 6.43 -0.88 44.70
CA ALA C 195 6.52 0.14 45.69
C ALA C 195 6.22 1.52 45.12
N ARG C 196 6.13 1.64 43.81
CA ARG C 196 5.93 2.93 43.18
C ARG C 196 4.53 3.23 42.74
N ALA C 197 4.30 4.54 42.64
CA ALA C 197 3.02 5.13 42.30
C ALA C 197 2.32 4.48 41.14
N ALA C 198 1.36 3.65 41.47
CA ALA C 198 0.65 2.92 40.47
C ALA C 198 -0.01 3.69 39.32
N ALA C 199 -0.55 4.86 39.57
CA ALA C 199 -1.30 5.52 38.49
C ALA C 199 -0.51 6.45 37.64
N ILE C 200 0.80 6.52 37.83
CA ILE C 200 1.55 7.45 37.01
C ILE C 200 2.82 6.78 36.51
N ASN C 201 2.83 5.47 36.44
CA ASN C 201 4.01 4.74 35.99
C ASN C 201 3.55 3.51 35.23
N ILE C 202 4.54 2.91 34.57
CA ILE C 202 4.41 1.64 33.86
C ILE C 202 5.35 0.91 34.76
N ILE C 203 4.88 -0.17 35.33
CA ILE C 203 5.73 -0.87 36.27
C ILE C 203 6.02 -2.30 35.88
N PRO C 204 7.28 -2.59 35.58
CA PRO C 204 7.57 -3.94 35.20
C PRO C 204 7.58 -4.73 36.49
N THR C 205 6.92 -5.86 36.47
CA THR C 205 6.85 -6.73 37.62
C THR C 205 6.93 -8.17 37.11
N THR C 206 7.43 -9.11 37.90
CA THR C 206 7.51 -10.51 37.50
C THR C 206 6.19 -11.28 37.66
N THR C 207 6.09 -12.37 36.93
CA THR C 207 4.88 -13.18 36.94
C THR C 207 5.16 -14.64 36.60
N GLY C 208 4.47 -15.55 37.28
CA GLY C 208 4.64 -16.97 37.04
C GLY C 208 3.49 -17.53 36.23
N ALA C 209 2.67 -16.65 35.66
CA ALA C 209 1.51 -17.02 34.84
C ALA C 209 1.88 -17.95 33.72
N ALA C 210 3.04 -17.74 33.08
CA ALA C 210 3.50 -18.60 31.97
C ALA C 210 3.82 -19.98 32.47
N LYS C 211 4.80 -20.10 33.35
CA LYS C 211 5.12 -21.43 33.93
C LYS C 211 3.89 -22.16 34.48
N ALA C 212 2.96 -21.42 35.06
CA ALA C 212 1.73 -22.00 35.57
C ALA C 212 0.87 -22.62 34.49
N THR C 213 0.94 -22.14 33.24
CA THR C 213 0.13 -22.73 32.18
C THR C 213 0.59 -24.17 32.00
N ALA C 214 1.82 -24.43 32.44
CA ALA C 214 2.39 -25.74 32.35
C ALA C 214 1.70 -26.73 33.28
N LEU C 215 0.94 -26.26 34.24
CA LEU C 215 0.26 -27.22 35.12
C LEU C 215 -0.97 -27.71 34.43
N VAL C 216 -1.58 -26.87 33.60
CA VAL C 216 -2.76 -27.32 32.93
C VAL C 216 -2.40 -27.87 31.56
N LEU C 217 -1.27 -27.44 31.01
CA LEU C 217 -0.79 -27.92 29.70
C LEU C 217 0.66 -28.34 29.91
N PRO C 218 0.85 -29.56 30.36
CA PRO C 218 2.15 -30.15 30.66
C PRO C 218 3.17 -30.02 29.54
N SER C 219 2.70 -29.94 28.30
CA SER C 219 3.61 -29.79 27.18
C SER C 219 4.34 -28.44 27.19
N LEU C 220 3.96 -27.46 28.02
CA LEU C 220 4.68 -26.20 28.01
C LEU C 220 5.75 -26.13 29.10
N LYS C 221 5.88 -27.21 29.83
CA LYS C 221 6.85 -27.29 30.91
C LYS C 221 8.24 -27.00 30.41
N GLY C 222 8.81 -25.90 30.87
CA GLY C 222 10.16 -25.58 30.49
C GLY C 222 10.21 -24.89 29.17
N ARG C 223 9.04 -24.64 28.60
CA ARG C 223 8.96 -23.99 27.30
C ARG C 223 8.19 -22.70 27.18
N PHE C 224 7.79 -22.08 28.28
CA PHE C 224 6.96 -20.86 28.23
C PHE C 224 7.33 -20.03 29.45
N ASP C 225 7.47 -18.71 29.30
CA ASP C 225 7.80 -17.82 30.39
C ASP C 225 7.35 -16.40 30.06
N GLY C 226 7.47 -15.42 30.96
CA GLY C 226 6.96 -14.11 30.63
C GLY C 226 7.26 -13.06 31.66
N MET C 227 6.55 -11.93 31.52
CA MET C 227 6.74 -10.73 32.32
C MET C 227 5.43 -9.98 32.37
N ALA C 228 5.36 -8.91 33.15
CA ALA C 228 4.13 -8.13 33.20
C ALA C 228 4.47 -6.71 33.25
N LEU C 229 3.60 -5.88 32.73
CA LEU C 229 3.83 -4.48 32.85
C LEU C 229 2.53 -3.98 33.45
N ARG C 230 2.59 -3.32 34.60
CA ARG C 230 1.36 -2.83 35.22
C ARG C 230 1.28 -1.46 34.72
N VAL C 231 0.09 -1.01 34.34
CA VAL C 231 -0.08 0.34 33.80
C VAL C 231 -1.28 1.04 34.45
N PRO C 232 -1.39 2.39 34.29
CA PRO C 232 -2.46 3.22 34.83
C PRO C 232 -3.92 3.00 34.48
N THR C 233 -4.44 1.78 34.64
CA THR C 233 -5.86 1.56 34.32
C THR C 233 -6.37 0.69 35.46
N ALA C 234 -7.62 0.92 35.82
CA ALA C 234 -8.32 0.24 36.90
C ALA C 234 -8.63 -1.21 36.73
N THR C 235 -9.12 -1.58 35.55
CA THR C 235 -9.31 -3.00 35.36
C THR C 235 -9.26 -3.25 33.89
N GLY C 236 -8.83 -4.44 33.52
CA GLY C 236 -8.72 -4.78 32.11
C GLY C 236 -7.27 -4.96 31.73
N SER C 237 -6.98 -6.07 31.06
CA SER C 237 -5.63 -6.33 30.65
C SER C 237 -5.58 -6.90 29.26
N ILE C 238 -4.37 -7.22 28.82
CA ILE C 238 -4.15 -7.81 27.51
C ILE C 238 -2.84 -8.60 27.56
N SER C 239 -2.89 -9.80 26.97
CA SER C 239 -1.73 -10.69 26.86
C SER C 239 -1.16 -10.61 25.44
N ASP C 240 0.15 -10.45 25.34
CA ASP C 240 0.91 -10.32 24.10
C ASP C 240 1.79 -11.61 24.07
N ILE C 241 1.30 -12.68 23.43
CA ILE C 241 2.03 -13.94 23.35
C ILE C 241 2.88 -14.04 22.08
N THR C 242 4.17 -14.31 22.18
CA THR C 242 4.98 -14.47 20.99
C THR C 242 5.41 -15.93 20.99
N ALA C 243 4.88 -16.73 20.07
CA ALA C 243 5.19 -18.14 20.02
C ALA C 243 6.02 -18.57 18.80
N LEU C 244 6.80 -19.63 18.99
CA LEU C 244 7.63 -20.18 17.96
C LEU C 244 6.94 -21.46 17.72
N LEU C 245 6.23 -21.63 16.60
CA LEU C 245 5.51 -22.90 16.33
C LEU C 245 6.30 -23.96 15.55
N LYS C 246 5.65 -25.09 15.34
CA LYS C 246 6.25 -26.20 14.61
C LYS C 246 6.07 -26.22 13.06
N ARG C 247 5.11 -25.47 12.52
CA ARG C 247 4.94 -25.36 11.06
C ARG C 247 4.88 -23.88 10.68
N GLU C 248 5.13 -23.54 9.41
CA GLU C 248 5.06 -22.16 8.98
C GLU C 248 3.57 -21.86 8.89
N VAL C 249 3.12 -20.68 9.31
CA VAL C 249 1.71 -20.33 9.18
C VAL C 249 1.57 -18.89 8.76
N THR C 250 0.34 -18.53 8.43
CA THR C 250 0.01 -17.17 8.10
C THR C 250 -0.96 -16.68 9.18
N ALA C 251 -0.90 -15.40 9.48
CA ALA C 251 -1.81 -14.84 10.45
C ALA C 251 -3.22 -15.38 10.28
N GLU C 252 -3.78 -15.25 9.09
CA GLU C 252 -5.15 -15.70 8.80
C GLU C 252 -5.34 -17.14 9.23
N GLU C 253 -4.27 -17.88 9.08
CA GLU C 253 -4.34 -19.24 9.45
C GLU C 253 -4.45 -19.36 10.96
N VAL C 254 -3.58 -18.67 11.69
CA VAL C 254 -3.68 -18.72 13.13
C VAL C 254 -5.05 -18.19 13.57
N ASN C 255 -5.54 -17.08 13.02
CA ASN C 255 -6.85 -16.60 13.49
C ASN C 255 -7.95 -17.57 13.29
N ALA C 256 -7.95 -18.20 12.14
CA ALA C 256 -8.98 -19.18 11.84
C ALA C 256 -9.03 -20.30 12.89
N ALA C 257 -7.87 -20.72 13.39
CA ALA C 257 -7.80 -21.76 14.43
C ALA C 257 -8.56 -21.27 15.67
N LEU C 258 -8.14 -20.09 16.14
CA LEU C 258 -8.67 -19.40 17.32
C LEU C 258 -10.13 -19.20 17.17
N LYS C 259 -10.56 -18.63 16.06
CA LYS C 259 -11.97 -18.40 15.86
C LYS C 259 -12.84 -19.63 15.93
N ALA C 260 -12.30 -20.76 15.53
CA ALA C 260 -13.04 -21.99 15.49
C ALA C 260 -13.14 -22.54 16.87
N ALA C 261 -12.04 -22.46 17.60
CA ALA C 261 -12.04 -22.91 18.97
C ALA C 261 -13.10 -22.04 19.64
N ALA C 262 -12.97 -20.76 19.44
CA ALA C 262 -13.90 -19.80 20.00
C ALA C 262 -15.36 -20.10 19.73
N GLU C 263 -15.71 -20.74 18.61
CA GLU C 263 -17.16 -20.97 18.39
C GLU C 263 -17.56 -22.39 18.63
N GLY C 264 -16.63 -23.20 19.11
CA GLY C 264 -16.95 -24.58 19.33
C GLY C 264 -16.61 -25.08 20.69
N PRO C 265 -15.54 -25.85 20.83
CA PRO C 265 -15.15 -26.40 22.14
C PRO C 265 -14.78 -25.42 23.21
N LEU C 266 -14.46 -24.17 22.83
CA LEU C 266 -14.05 -23.18 23.83
C LEU C 266 -15.09 -22.10 24.00
N LYS C 267 -16.30 -22.37 23.54
CA LYS C 267 -17.34 -21.38 23.66
C LYS C 267 -17.58 -21.05 25.10
N GLY C 268 -17.67 -19.75 25.34
CA GLY C 268 -17.88 -19.26 26.69
C GLY C 268 -16.61 -18.93 27.45
N ILE C 269 -15.48 -19.57 27.07
CA ILE C 269 -14.18 -19.35 27.68
C ILE C 269 -13.35 -18.41 26.81
N LEU C 270 -13.25 -18.75 25.54
CA LEU C 270 -12.48 -17.98 24.58
C LEU C 270 -13.36 -17.17 23.66
N ALA C 271 -12.89 -16.03 23.26
CA ALA C 271 -13.72 -15.27 22.38
C ALA C 271 -12.80 -14.78 21.34
N TYR C 272 -13.37 -14.40 20.20
CA TYR C 272 -12.62 -13.95 19.04
C TYR C 272 -13.37 -12.80 18.44
N THR C 273 -12.63 -11.74 18.15
CA THR C 273 -13.28 -10.61 17.56
C THR C 273 -12.39 -10.03 16.49
N GLU C 274 -13.09 -9.35 15.58
CA GLU C 274 -12.50 -8.67 14.46
C GLU C 274 -12.76 -7.16 14.48
N ASP C 275 -13.53 -6.63 15.45
CA ASP C 275 -13.80 -5.16 15.53
C ASP C 275 -12.55 -4.42 16.10
N GLU C 276 -12.39 -3.11 15.86
CA GLU C 276 -11.22 -2.38 16.36
C GLU C 276 -11.50 -1.71 17.69
N ILE C 277 -11.45 -2.59 18.70
CA ILE C 277 -11.77 -2.28 20.08
C ILE C 277 -10.61 -1.84 20.94
N VAL C 278 -10.92 -1.09 22.00
CA VAL C 278 -9.90 -0.67 22.94
C VAL C 278 -10.38 -1.20 24.26
N LEU C 279 -9.56 -1.01 25.28
CA LEU C 279 -9.80 -1.50 26.65
C LEU C 279 -11.19 -1.39 27.15
N GLN C 280 -11.72 -0.19 27.24
CA GLN C 280 -13.07 0.01 27.71
C GLN C 280 -14.12 -0.88 27.12
N ASP C 281 -13.88 -1.48 25.96
CA ASP C 281 -14.85 -2.34 25.29
C ASP C 281 -14.88 -3.76 25.77
N ILE C 282 -13.84 -4.13 26.51
CA ILE C 282 -13.76 -5.44 27.07
C ILE C 282 -13.98 -5.45 28.60
N VAL C 283 -14.32 -4.32 29.20
CA VAL C 283 -14.59 -4.29 30.63
C VAL C 283 -15.93 -4.91 30.80
N MET C 284 -16.02 -5.81 31.79
CA MET C 284 -17.21 -6.55 32.14
C MET C 284 -17.59 -7.60 31.13
N ASP C 285 -16.64 -7.95 30.29
CA ASP C 285 -16.89 -9.02 29.34
C ASP C 285 -16.56 -10.31 30.15
N PRO C 286 -17.40 -11.37 30.08
CA PRO C 286 -17.18 -12.61 30.83
C PRO C 286 -16.19 -13.69 30.38
N HIS C 287 -15.52 -13.48 29.26
CA HIS C 287 -14.62 -14.50 28.80
C HIS C 287 -13.32 -14.41 29.44
N SER C 288 -12.62 -15.53 29.38
CA SER C 288 -11.31 -15.59 29.92
C SER C 288 -10.33 -14.95 28.95
N SER C 289 -10.58 -15.05 27.64
CA SER C 289 -9.70 -14.51 26.58
C SER C 289 -10.49 -14.01 25.42
N ILE C 290 -10.08 -12.88 24.89
CA ILE C 290 -10.77 -12.33 23.77
C ILE C 290 -9.72 -12.09 22.72
N VAL C 291 -9.65 -12.93 21.70
CA VAL C 291 -8.63 -12.80 20.67
C VAL C 291 -8.94 -11.58 19.77
N ASP C 292 -7.98 -10.66 19.72
CA ASP C 292 -8.14 -9.45 18.92
C ASP C 292 -7.51 -9.80 17.60
N ALA C 293 -8.33 -10.34 16.71
CA ALA C 293 -7.86 -10.85 15.44
C ALA C 293 -6.96 -9.97 14.61
N LYS C 294 -7.30 -8.69 14.46
CA LYS C 294 -6.49 -7.76 13.69
C LYS C 294 -5.10 -7.48 14.20
N LEU C 295 -4.69 -8.13 15.28
CA LEU C 295 -3.37 -7.83 15.81
C LEU C 295 -2.38 -8.88 15.53
N THR C 296 -2.83 -10.05 15.10
CA THR C 296 -1.93 -11.15 14.77
C THR C 296 -0.85 -10.83 13.70
N LYS C 297 0.37 -11.24 13.95
CA LYS C 297 1.49 -11.01 13.06
C LYS C 297 2.08 -12.38 12.91
N ALA C 298 2.80 -12.68 11.83
CA ALA C 298 3.38 -14.02 11.65
C ALA C 298 4.59 -13.93 10.77
N LEU C 299 5.76 -14.29 11.29
CA LEU C 299 6.93 -14.27 10.46
C LEU C 299 7.28 -15.72 10.28
N GLY C 300 6.48 -16.41 9.48
CA GLY C 300 6.73 -17.80 9.26
C GLY C 300 6.25 -18.67 10.42
N ASN C 301 7.16 -19.12 11.26
CA ASN C 301 6.74 -19.93 12.38
C ASN C 301 6.61 -19.13 13.67
N MET C 302 7.27 -17.99 13.74
CA MET C 302 7.19 -17.13 14.89
C MET C 302 5.90 -16.34 14.71
N VAL C 303 4.94 -16.59 15.57
CA VAL C 303 3.62 -15.97 15.52
C VAL C 303 3.44 -14.96 16.70
N LYS C 304 2.43 -14.12 16.68
CA LYS C 304 2.20 -13.19 17.80
C LYS C 304 0.72 -12.95 17.95
N VAL C 305 0.15 -13.43 19.04
CA VAL C 305 -1.29 -13.29 19.28
C VAL C 305 -1.59 -12.34 20.44
N PHE C 306 -2.71 -11.64 20.45
CA PHE C 306 -3.01 -10.72 21.56
C PHE C 306 -4.39 -11.09 22.08
N ALA C 307 -4.54 -11.35 23.39
CA ALA C 307 -5.84 -11.68 23.97
C ALA C 307 -6.11 -10.78 25.17
N TRP C 308 -7.28 -10.15 25.12
CA TRP C 308 -7.69 -9.23 26.16
C TRP C 308 -8.42 -10.06 27.19
N TYR C 309 -8.46 -9.56 28.41
CA TYR C 309 -9.25 -10.16 29.48
C TYR C 309 -9.55 -9.06 30.55
N ASP C 310 -10.73 -9.11 31.17
CA ASP C 310 -11.02 -8.19 32.31
C ASP C 310 -10.65 -9.06 33.54
N ASN C 311 -9.50 -8.76 34.16
CA ASN C 311 -9.00 -9.48 35.32
C ASN C 311 -9.96 -9.59 36.49
N GLU C 312 -10.92 -8.68 36.61
CA GLU C 312 -11.90 -8.75 37.65
C GLU C 312 -13.04 -9.58 37.13
N TRP C 313 -13.94 -9.01 36.34
CA TRP C 313 -15.11 -9.74 35.82
C TRP C 313 -14.93 -11.10 35.17
N GLY C 314 -13.94 -11.21 34.31
CA GLY C 314 -13.71 -12.44 33.62
C GLY C 314 -13.33 -13.47 34.62
N TYR C 315 -12.27 -13.20 35.37
CA TYR C 315 -11.84 -14.12 36.37
C TYR C 315 -12.96 -14.47 37.31
N ALA C 316 -13.72 -13.47 37.74
CA ALA C 316 -14.82 -13.79 38.63
C ALA C 316 -15.74 -14.79 38.02
N ASN C 317 -16.12 -14.61 36.77
CA ASN C 317 -17.01 -15.61 36.17
C ASN C 317 -16.47 -17.03 36.22
N ARG C 318 -15.16 -17.15 36.06
CA ARG C 318 -14.55 -18.46 36.09
C ARG C 318 -14.65 -19.06 37.48
N VAL C 319 -14.51 -18.22 38.49
CA VAL C 319 -14.60 -18.75 39.82
C VAL C 319 -16.03 -19.23 40.04
N ALA C 320 -16.97 -18.50 39.48
CA ALA C 320 -18.32 -18.91 39.67
C ALA C 320 -18.59 -20.19 38.92
N ASP C 321 -17.93 -20.39 37.77
CA ASP C 321 -18.12 -21.60 36.97
C ASP C 321 -17.53 -22.76 37.73
N LEU C 322 -16.35 -22.60 38.32
CA LEU C 322 -15.76 -23.70 39.06
C LEU C 322 -16.64 -24.10 40.24
N VAL C 323 -17.14 -23.11 40.99
CA VAL C 323 -18.02 -23.38 42.13
C VAL C 323 -19.21 -24.18 41.67
N GLU C 324 -19.83 -23.76 40.57
CA GLU C 324 -20.99 -24.50 40.06
C GLU C 324 -20.60 -25.90 39.66
N LEU C 325 -19.37 -26.08 39.26
CA LEU C 325 -18.94 -27.38 38.84
C LEU C 325 -18.83 -28.18 40.08
N VAL C 326 -18.01 -27.69 41.00
CA VAL C 326 -17.82 -28.39 42.26
C VAL C 326 -19.17 -28.81 42.86
N LEU C 327 -20.15 -27.91 42.85
CA LEU C 327 -21.48 -28.24 43.38
C LEU C 327 -22.21 -29.30 42.55
N ARG C 328 -22.25 -29.15 41.21
CA ARG C 328 -22.96 -30.14 40.37
C ARG C 328 -22.44 -31.57 40.59
N LYS C 329 -21.16 -31.68 40.97
CA LYS C 329 -20.55 -32.99 41.17
C LYS C 329 -20.58 -33.62 42.56
N GLY C 330 -21.38 -33.09 43.47
CA GLY C 330 -21.46 -33.67 44.81
C GLY C 330 -20.36 -33.29 45.80
N VAL C 331 -20.75 -32.57 46.86
CA VAL C 331 -19.82 -32.15 47.93
C VAL C 331 -19.95 -33.22 49.04
N MET D 1 25.74 28.13 9.23
CA MET D 1 24.46 28.92 9.24
C MET D 1 23.65 28.75 10.56
N LYS D 2 22.44 29.30 10.57
CA LYS D 2 21.58 29.23 11.76
C LYS D 2 20.35 28.31 11.59
N VAL D 3 19.92 27.72 12.71
CA VAL D 3 18.80 26.78 12.76
C VAL D 3 17.42 27.43 12.89
N GLY D 4 16.47 26.98 12.11
CA GLY D 4 15.14 27.55 12.22
C GLY D 4 14.29 26.38 12.65
N ILE D 5 13.06 26.60 13.11
CA ILE D 5 12.22 25.48 13.52
C ILE D 5 10.86 25.73 13.02
N ASN D 6 10.32 24.80 12.25
CA ASN D 6 8.97 24.98 11.74
C ASN D 6 8.20 23.90 12.48
N GLY D 7 7.24 24.35 13.30
CA GLY D 7 6.43 23.44 14.11
C GLY D 7 6.93 23.49 15.56
N PHE D 8 6.46 24.48 16.29
CA PHE D 8 6.89 24.66 17.67
C PHE D 8 6.25 23.74 18.73
N GLY D 9 5.80 22.54 18.36
CA GLY D 9 5.18 21.67 19.36
C GLY D 9 6.01 21.00 20.46
N ARG D 10 5.55 19.82 20.83
CA ARG D 10 6.21 19.02 21.85
C ARG D 10 7.67 18.77 21.46
N ILE D 11 7.94 18.08 20.36
CA ILE D 11 9.32 17.88 19.99
C ILE D 11 10.02 19.18 19.65
N GLY D 12 9.32 20.02 18.89
CA GLY D 12 9.91 21.30 18.55
C GLY D 12 10.43 22.06 19.75
N ARG D 13 9.63 22.21 20.79
CA ARG D 13 10.12 22.92 21.95
C ARG D 13 11.23 22.24 22.74
N GLN D 14 11.27 20.91 22.80
CA GLN D 14 12.39 20.31 23.54
C GLN D 14 13.67 20.40 22.76
N VAL D 15 13.57 20.27 21.46
CA VAL D 15 14.79 20.38 20.70
C VAL D 15 15.31 21.78 20.99
N PHE D 16 14.45 22.79 20.85
CA PHE D 16 14.86 24.17 21.11
C PHE D 16 15.57 24.32 22.45
N ARG D 17 14.99 23.74 23.49
CA ARG D 17 15.57 23.82 24.80
C ARG D 17 16.93 23.18 24.80
N ILE D 18 17.04 22.06 24.12
CA ILE D 18 18.31 21.39 24.10
C ILE D 18 19.35 22.13 23.29
N LEU D 19 18.95 22.60 22.08
CA LEU D 19 19.86 23.37 21.22
C LEU D 19 20.24 24.62 21.97
N HIS D 20 19.26 25.31 22.57
CA HIS D 20 19.59 26.48 23.35
C HIS D 20 20.65 26.18 24.43
N SER D 21 20.59 25.06 25.16
CA SER D 21 21.61 24.80 26.18
C SER D 21 22.96 24.35 25.64
N ARG D 22 23.00 23.93 24.38
CA ARG D 22 24.24 23.47 23.77
C ARG D 22 25.09 24.57 23.12
N GLY D 23 24.47 25.70 22.79
CA GLY D 23 25.20 26.79 22.19
C GLY D 23 24.84 27.06 20.74
N VAL D 24 24.01 26.20 20.20
CA VAL D 24 23.58 26.36 18.82
C VAL D 24 22.67 27.57 18.84
N GLU D 25 22.60 28.29 17.71
CA GLU D 25 21.73 29.47 17.64
C GLU D 25 20.49 29.29 16.75
N VAL D 26 19.29 29.24 17.35
CA VAL D 26 18.06 29.14 16.56
C VAL D 26 17.75 30.55 16.18
N ALA D 27 17.22 30.74 14.99
CA ALA D 27 16.99 32.08 14.52
C ALA D 27 15.56 32.40 14.11
N LEU D 28 14.75 31.37 13.90
CA LEU D 28 13.37 31.60 13.53
C LEU D 28 12.58 30.35 13.93
N ILE D 29 11.35 30.56 14.35
CA ILE D 29 10.50 29.45 14.71
C ILE D 29 9.24 29.80 14.02
N ASN D 30 8.57 28.85 13.45
CA ASN D 30 7.33 29.17 12.78
C ASN D 30 6.34 28.16 13.35
N ASP D 31 5.09 28.60 13.49
CA ASP D 31 4.01 27.76 13.99
C ASP D 31 2.74 28.41 13.48
N LEU D 32 1.60 28.11 14.08
CA LEU D 32 0.37 28.71 13.59
C LEU D 32 -0.23 29.67 14.64
N THR D 33 0.50 29.99 15.69
CA THR D 33 -0.10 30.81 16.73
C THR D 33 0.65 32.13 16.90
N ASP D 34 0.22 32.92 17.90
CA ASP D 34 0.86 34.20 18.21
C ASP D 34 2.05 34.04 19.12
N ASN D 35 2.83 35.09 19.24
CA ASN D 35 4.05 35.05 20.04
C ASN D 35 3.84 34.86 21.56
N LYS D 36 2.70 35.38 22.04
CA LYS D 36 2.31 35.27 23.45
C LYS D 36 2.27 33.76 23.76
N THR D 37 1.35 33.04 23.10
CA THR D 37 1.21 31.61 23.26
C THR D 37 2.56 30.90 23.15
N LEU D 38 3.33 31.23 22.12
CA LEU D 38 4.61 30.56 21.94
C LEU D 38 5.50 30.75 23.17
N ALA D 39 5.66 32.01 23.57
CA ALA D 39 6.48 32.36 24.72
C ALA D 39 5.99 31.60 25.95
N HIS D 40 4.66 31.54 26.09
CA HIS D 40 4.05 30.88 27.23
C HIS D 40 4.37 29.40 27.33
N LEU D 41 4.13 28.67 26.25
CA LEU D 41 4.35 27.22 26.21
C LEU D 41 5.80 26.88 26.39
N LEU D 42 6.66 27.77 25.96
CA LEU D 42 8.07 27.51 26.12
C LEU D 42 8.40 27.65 27.57
N LYS D 43 7.82 28.66 28.21
CA LYS D 43 8.15 28.91 29.60
C LYS D 43 7.62 27.85 30.54
N TYR D 44 6.42 27.36 30.29
CA TYR D 44 5.85 26.36 31.17
C TYR D 44 5.51 25.09 30.47
N ASP D 45 6.09 24.02 30.97
CA ASP D 45 5.88 22.69 30.43
C ASP D 45 5.37 21.70 31.49
N SER D 46 4.23 21.07 31.26
CA SER D 46 3.67 20.15 32.23
C SER D 46 4.53 19.02 32.57
N ILE D 47 5.50 18.73 31.73
CA ILE D 47 6.35 17.59 32.02
C ILE D 47 7.77 17.96 32.38
N TYR D 48 8.40 18.79 31.55
CA TYR D 48 9.79 19.16 31.81
C TYR D 48 9.92 20.39 32.65
N HIS D 49 8.74 20.87 33.00
CA HIS D 49 8.51 22.01 33.86
C HIS D 49 9.01 23.34 33.41
N ARG D 50 9.53 24.16 34.30
CA ARG D 50 9.91 25.48 33.84
C ARG D 50 11.20 25.67 33.08
N PHE D 51 11.06 26.46 32.02
CA PHE D 51 12.15 26.84 31.18
C PHE D 51 13.03 27.65 32.09
N PRO D 52 14.28 27.23 32.22
CA PRO D 52 15.32 27.84 33.06
C PRO D 52 16.00 29.04 32.37
N GLY D 53 15.33 30.20 32.42
CA GLY D 53 15.86 31.39 31.78
C GLY D 53 14.71 32.31 31.48
N GLU D 54 14.99 33.57 31.16
CA GLU D 54 13.91 34.51 30.90
C GLU D 54 13.37 34.50 29.47
N VAL D 55 12.06 34.42 29.37
CA VAL D 55 11.40 34.40 28.09
C VAL D 55 10.45 35.58 28.06
N ALA D 56 10.41 36.28 26.92
CA ALA D 56 9.55 37.44 26.71
C ALA D 56 9.26 37.51 25.24
N TYR D 57 8.63 38.59 24.79
CA TYR D 57 8.30 38.62 23.38
C TYR D 57 7.58 39.89 23.02
N ASP D 58 7.68 40.28 21.76
CA ASP D 58 6.96 41.44 21.24
C ASP D 58 6.10 40.86 20.16
N ASP D 59 5.43 41.70 19.38
CA ASP D 59 4.57 41.19 18.30
C ASP D 59 5.46 40.75 17.08
N GLN D 60 6.72 40.41 17.38
CA GLN D 60 7.69 40.06 16.34
C GLN D 60 8.68 38.93 16.65
N TYR D 61 9.37 39.04 17.77
CA TYR D 61 10.38 38.07 18.17
C TYR D 61 10.07 37.49 19.56
N LEU D 62 10.83 36.49 19.97
CA LEU D 62 10.74 35.90 21.30
C LEU D 62 12.12 36.22 21.83
N TYR D 63 12.19 36.58 23.10
CA TYR D 63 13.47 36.91 23.70
C TYR D 63 13.80 35.88 24.73
N VAL D 64 14.60 34.90 24.35
CA VAL D 64 14.98 33.91 25.32
C VAL D 64 16.36 34.39 25.75
N ASP D 65 16.54 34.61 27.04
CA ASP D 65 17.83 35.09 27.55
C ASP D 65 18.35 36.37 26.84
N GLY D 66 17.39 37.20 26.42
CA GLY D 66 17.70 38.47 25.75
C GLY D 66 17.91 38.37 24.25
N LYS D 67 18.27 37.18 23.80
CA LYS D 67 18.54 36.91 22.40
C LYS D 67 17.22 36.82 21.64
N ALA D 68 16.97 37.80 20.80
CA ALA D 68 15.75 37.80 20.02
C ALA D 68 15.77 36.61 19.08
N ILE D 69 14.59 36.05 18.81
CA ILE D 69 14.45 34.94 17.87
C ILE D 69 13.22 35.25 17.03
N ARG D 70 13.39 35.40 15.73
CA ARG D 70 12.26 35.72 14.89
C ARG D 70 11.20 34.65 15.16
N ALA D 71 9.93 34.97 14.99
CA ALA D 71 8.90 33.97 15.18
C ALA D 71 7.73 34.29 14.23
N THR D 72 7.27 33.33 13.43
CA THR D 72 6.20 33.61 12.47
C THR D 72 4.98 32.70 12.49
N ALA D 73 3.97 33.08 11.72
CA ALA D 73 2.74 32.31 11.65
C ALA D 73 2.37 32.07 10.22
N VAL D 74 3.27 31.43 9.48
CA VAL D 74 3.07 31.13 8.06
C VAL D 74 2.65 29.68 7.85
N LYS D 75 1.45 29.47 7.29
CA LYS D 75 0.90 28.11 7.02
C LYS D 75 1.56 27.32 5.84
N ASP D 76 2.18 28.04 4.90
CA ASP D 76 2.81 27.44 3.71
C ASP D 76 4.36 27.49 3.84
N PRO D 77 5.05 26.32 3.98
CA PRO D 77 6.52 26.35 4.12
C PRO D 77 7.26 27.20 3.05
N LYS D 78 6.65 27.33 1.89
CA LYS D 78 7.21 28.13 0.77
C LYS D 78 7.39 29.62 1.13
N GLU D 79 6.39 30.17 1.84
CA GLU D 79 6.39 31.55 2.26
C GLU D 79 7.18 31.87 3.53
N ILE D 80 8.04 30.93 3.97
CA ILE D 80 8.86 31.13 5.19
C ILE D 80 10.27 31.69 4.88
N PRO D 81 10.61 32.83 5.51
CA PRO D 81 11.86 33.61 5.42
C PRO D 81 13.10 32.92 5.97
N TRP D 82 13.39 31.69 5.55
CA TRP D 82 14.57 31.05 6.13
C TRP D 82 15.81 31.81 5.74
N ALA D 83 15.93 32.06 4.42
CA ALA D 83 17.08 32.78 3.83
C ALA D 83 17.24 34.16 4.41
N GLU D 84 16.14 34.90 4.39
CA GLU D 84 16.06 36.26 4.91
C GLU D 84 16.59 36.32 6.35
N ALA D 85 16.47 35.22 7.07
CA ALA D 85 16.91 35.15 8.45
C ALA D 85 18.29 34.52 8.67
N GLY D 86 18.87 33.95 7.61
CA GLY D 86 20.19 33.32 7.71
C GLY D 86 20.11 31.87 8.13
N VAL D 87 18.95 31.26 7.85
CA VAL D 87 18.62 29.87 8.20
C VAL D 87 19.07 28.87 7.15
N GLY D 88 20.06 28.07 7.54
CA GLY D 88 20.59 27.03 6.68
C GLY D 88 19.81 25.73 6.94
N VAL D 89 19.78 25.28 8.23
CA VAL D 89 19.12 24.05 8.73
C VAL D 89 17.68 24.23 9.32
N VAL D 90 16.67 23.79 8.60
CA VAL D 90 15.32 23.86 9.07
C VAL D 90 14.97 22.56 9.79
N ILE D 91 14.38 22.63 10.99
CA ILE D 91 13.94 21.41 11.73
C ILE D 91 12.43 21.28 11.57
N GLU D 92 12.03 20.30 10.78
CA GLU D 92 10.63 20.13 10.50
C GLU D 92 9.87 19.18 11.43
N SER D 93 9.26 19.78 12.44
CA SER D 93 8.55 19.01 13.42
C SER D 93 7.10 19.37 13.53
N THR D 94 6.45 19.67 12.41
CA THR D 94 5.03 20.00 12.40
C THR D 94 4.26 18.72 12.23
N GLY D 95 4.98 17.75 11.64
CA GLY D 95 4.48 16.40 11.38
C GLY D 95 3.45 16.35 10.28
N VAL D 96 3.47 17.34 9.40
CA VAL D 96 2.56 17.41 8.26
C VAL D 96 3.36 17.43 6.95
N PHE D 97 4.64 17.77 7.03
CA PHE D 97 5.49 17.82 5.86
C PHE D 97 6.48 16.68 5.97
N THR D 98 5.96 15.45 6.01
CA THR D 98 6.78 14.25 6.10
C THR D 98 7.12 13.62 4.71
N ASP D 99 6.24 13.77 3.72
CA ASP D 99 6.53 13.30 2.37
C ASP D 99 7.61 14.34 2.01
N ALA D 100 8.82 13.92 1.67
CA ALA D 100 9.91 14.88 1.35
C ALA D 100 9.60 15.80 0.17
N ASP D 101 8.45 15.53 -0.44
CA ASP D 101 7.93 16.32 -1.55
C ASP D 101 7.58 17.70 -1.01
N LYS D 102 6.61 17.77 -0.09
CA LYS D 102 6.20 19.02 0.54
C LYS D 102 7.36 19.58 1.33
N ALA D 103 8.07 18.70 2.01
CA ALA D 103 9.21 19.12 2.80
C ALA D 103 10.19 19.96 2.02
N LYS D 104 10.36 19.62 0.75
CA LYS D 104 11.30 20.32 -0.15
C LYS D 104 11.12 21.88 -0.14
N ALA D 105 9.90 22.35 0.13
CA ALA D 105 9.58 23.78 0.17
C ALA D 105 10.58 24.66 0.96
N HIS D 106 11.04 24.19 2.11
CA HIS D 106 11.97 24.99 2.92
C HIS D 106 13.26 25.29 2.18
N LEU D 107 13.46 24.60 1.06
CA LEU D 107 14.67 24.78 0.26
C LEU D 107 14.54 26.02 -0.60
N GLU D 108 13.33 26.19 -1.15
CA GLU D 108 13.04 27.36 -1.97
C GLU D 108 13.17 28.58 -1.08
N GLY D 109 12.61 28.49 0.13
CA GLY D 109 12.69 29.59 1.09
C GLY D 109 14.11 30.02 1.44
N GLY D 110 15.11 29.21 1.05
CA GLY D 110 16.52 29.52 1.31
C GLY D 110 17.32 28.54 2.16
N ALA D 111 16.69 27.44 2.56
CA ALA D 111 17.37 26.50 3.39
C ALA D 111 18.12 25.49 2.56
N LYS D 112 19.25 25.05 3.11
CA LYS D 112 20.10 24.05 2.49
C LYS D 112 19.84 22.58 2.95
N LYS D 113 19.49 22.38 4.23
CA LYS D 113 19.20 21.05 4.78
C LYS D 113 17.92 21.07 5.64
N VAL D 114 17.02 20.11 5.44
CA VAL D 114 15.78 19.98 6.20
C VAL D 114 15.92 18.69 7.00
N ILE D 115 15.51 18.69 8.28
CA ILE D 115 15.57 17.47 9.11
C ILE D 115 14.17 17.13 9.61
N ILE D 116 13.58 16.09 9.03
CA ILE D 116 12.24 15.66 9.39
C ILE D 116 12.41 14.78 10.64
N THR D 117 11.72 15.16 11.70
CA THR D 117 11.78 14.46 12.98
C THR D 117 10.64 13.49 13.05
N ALA D 118 10.59 12.62 12.08
CA ALA D 118 9.55 11.67 12.03
C ALA D 118 9.94 10.76 10.88
N PRO D 119 9.21 9.67 10.70
CA PRO D 119 9.55 8.80 9.59
C PRO D 119 9.10 9.55 8.35
N ALA D 120 10.05 9.79 7.43
CA ALA D 120 9.74 10.50 6.18
C ALA D 120 9.53 9.57 4.96
N LYS D 121 8.88 10.11 3.94
CA LYS D 121 8.62 9.42 2.67
C LYS D 121 9.41 10.11 1.57
N GLY D 122 10.34 9.43 0.92
CA GLY D 122 11.09 10.06 -0.16
C GLY D 122 12.29 10.91 0.24
N GLU D 123 12.77 10.69 1.45
CA GLU D 123 13.93 11.43 1.97
C GLU D 123 15.24 11.02 1.31
N ASP D 124 16.24 11.89 1.42
CA ASP D 124 17.54 11.57 0.88
C ASP D 124 18.09 10.46 1.78
N ILE D 125 18.20 10.67 3.08
CA ILE D 125 18.67 9.60 3.94
C ILE D 125 17.90 9.56 5.24
N THR D 126 17.93 8.38 5.90
CA THR D 126 17.31 8.14 7.20
C THR D 126 18.42 7.75 8.18
N ILE D 127 18.69 8.64 9.11
CA ILE D 127 19.71 8.40 10.07
C ILE D 127 19.21 8.15 11.46
N VAL D 128 19.87 7.24 12.13
CA VAL D 128 19.60 6.91 13.50
C VAL D 128 21.03 6.99 14.05
N MET D 129 21.30 8.03 14.84
CA MET D 129 22.64 8.24 15.43
C MET D 129 23.14 7.01 16.14
N GLY D 130 24.46 6.87 16.21
CA GLY D 130 25.04 5.71 16.87
C GLY D 130 24.98 4.45 16.01
N VAL D 131 24.06 4.41 15.05
CA VAL D 131 23.90 3.24 14.15
C VAL D 131 24.37 3.39 12.67
N ASN D 132 23.88 4.39 11.94
CA ASN D 132 24.30 4.58 10.57
C ASN D 132 24.46 6.05 10.26
N HIS D 133 25.07 6.80 11.14
CA HIS D 133 25.22 8.23 10.85
C HIS D 133 26.51 8.49 10.09
N GLU D 134 27.46 7.55 10.22
CA GLU D 134 28.76 7.67 9.54
C GLU D 134 28.49 7.70 8.04
N ALA D 135 27.26 7.32 7.63
CA ALA D 135 26.81 7.27 6.22
C ALA D 135 26.16 8.54 5.67
N TYR D 136 26.10 9.58 6.49
CA TYR D 136 25.52 10.82 6.00
C TYR D 136 26.62 11.40 5.11
N ASP D 137 26.16 11.95 3.98
CA ASP D 137 27.02 12.56 2.97
C ASP D 137 26.53 13.99 2.71
N PRO D 138 27.32 15.00 3.14
CA PRO D 138 26.95 16.40 2.95
C PRO D 138 26.51 16.82 1.55
N SER D 139 27.25 16.36 0.55
CA SER D 139 26.97 16.71 -0.85
C SER D 139 25.69 16.13 -1.46
N ARG D 140 25.30 14.95 -0.99
CA ARG D 140 24.11 14.30 -1.54
C ARG D 140 22.88 14.25 -0.61
N HIS D 141 23.07 14.34 0.70
CA HIS D 141 21.96 14.25 1.65
C HIS D 141 21.46 15.62 2.11
N HIS D 142 20.27 15.98 1.66
CA HIS D 142 19.71 17.30 2.01
C HIS D 142 18.43 17.25 2.79
N ILE D 143 17.65 16.23 2.56
CA ILE D 143 16.42 16.08 3.25
C ILE D 143 16.61 14.84 4.12
N ILE D 144 17.21 14.99 5.30
CA ILE D 144 17.45 13.88 6.22
C ILE D 144 16.16 13.52 6.96
N SER D 145 16.19 12.46 7.74
CA SER D 145 15.06 12.01 8.56
C SER D 145 15.71 11.25 9.71
N ASN D 146 15.33 11.59 10.97
CA ASN D 146 15.91 10.95 12.17
C ASN D 146 15.01 9.87 12.71
N ALA D 147 14.10 9.43 11.87
CA ALA D 147 13.21 8.35 12.19
C ALA D 147 12.29 8.68 13.32
N SER D 148 11.53 7.67 13.73
CA SER D 148 10.61 7.76 14.83
C SER D 148 11.36 7.47 16.13
N CYS D 149 10.68 7.78 17.24
CA CYS D 149 11.21 7.57 18.61
C CYS D 149 11.48 6.05 18.85
N THR D 150 10.48 5.22 18.55
CA THR D 150 10.56 3.78 18.70
C THR D 150 11.66 3.18 17.84
N THR D 151 11.80 3.67 16.61
CA THR D 151 12.85 3.15 15.74
C THR D 151 14.17 3.41 16.44
N ASN D 152 14.37 4.65 16.89
CA ASN D 152 15.62 4.95 17.59
C ASN D 152 15.87 4.07 18.81
N SER D 153 14.85 3.50 19.40
CA SER D 153 15.14 2.69 20.55
C SER D 153 15.50 1.26 20.24
N LEU D 154 15.00 0.73 19.12
CA LEU D 154 15.26 -0.66 18.70
C LEU D 154 16.60 -0.86 18.06
N ALA D 155 16.94 0.05 17.16
CA ALA D 155 18.17 0.00 16.40
C ALA D 155 19.38 -0.27 17.23
N PRO D 156 19.66 0.57 18.21
CA PRO D 156 20.85 0.33 19.05
C PRO D 156 20.87 -1.05 19.61
N VAL D 157 19.72 -1.56 20.00
CA VAL D 157 19.72 -2.90 20.59
C VAL D 157 19.90 -4.01 19.57
N MET D 158 19.19 -3.86 18.46
CA MET D 158 19.21 -4.84 17.41
C MET D 158 20.62 -4.93 16.84
N LYS D 159 21.29 -3.80 16.76
CA LYS D 159 22.64 -3.79 16.24
C LYS D 159 23.41 -4.66 17.15
N VAL D 160 23.38 -4.37 18.44
CA VAL D 160 24.11 -5.17 19.39
C VAL D 160 23.74 -6.64 19.30
N LEU D 161 22.46 -6.96 19.20
CA LEU D 161 22.10 -8.38 19.12
C LEU D 161 22.70 -9.08 17.88
N GLU D 162 22.53 -8.43 16.73
CA GLU D 162 22.97 -8.95 15.48
C GLU D 162 24.46 -9.20 15.42
N GLU D 163 25.24 -8.29 15.97
CA GLU D 163 26.68 -8.42 15.91
C GLU D 163 27.24 -9.40 16.89
N ALA D 164 26.51 -9.64 17.94
CA ALA D 164 27.08 -10.49 18.90
C ALA D 164 26.57 -11.89 18.76
N PHE D 165 25.35 -12.03 18.25
CA PHE D 165 24.77 -13.33 18.14
C PHE D 165 24.15 -13.62 16.83
N GLY D 166 23.61 -12.58 16.16
CA GLY D 166 22.97 -12.75 14.87
C GLY D 166 21.46 -13.00 15.04
N VAL D 167 20.64 -12.27 14.31
CA VAL D 167 19.21 -12.39 14.46
C VAL D 167 18.54 -13.15 13.34
N GLU D 168 17.65 -14.07 13.65
CA GLU D 168 16.98 -14.76 12.59
C GLU D 168 15.67 -14.11 12.22
N LYS D 169 14.84 -13.81 13.23
CA LYS D 169 13.52 -13.14 13.08
C LYS D 169 13.32 -12.42 14.41
N ALA D 170 12.39 -11.51 14.52
CA ALA D 170 12.22 -10.85 15.79
C ALA D 170 10.96 -10.04 15.71
N LEU D 171 10.10 -10.15 16.69
CA LEU D 171 8.88 -9.35 16.66
C LEU D 171 8.96 -8.47 17.90
N MET D 172 8.25 -7.35 17.95
CA MET D 172 8.33 -6.51 19.13
C MET D 172 7.08 -5.72 19.39
N THR D 173 6.90 -5.30 20.63
CA THR D 173 5.77 -4.48 21.00
C THR D 173 6.30 -3.33 21.81
N THR D 174 5.78 -2.14 21.55
CA THR D 174 6.21 -0.95 22.27
C THR D 174 5.00 -0.42 23.08
N VAL D 175 5.22 -0.27 24.40
CA VAL D 175 4.19 0.23 25.33
C VAL D 175 4.61 1.67 25.43
N HIS D 176 3.69 2.50 25.05
CA HIS D 176 4.06 3.86 24.83
C HIS D 176 3.10 4.84 25.37
N SER D 177 3.60 5.96 25.85
CA SER D 177 2.73 7.03 26.37
C SER D 177 1.99 7.60 25.19
N TYR D 178 0.85 8.21 25.46
CA TYR D 178 0.07 8.78 24.41
C TYR D 178 0.74 9.99 23.82
N THR D 179 0.24 10.42 22.66
CA THR D 179 0.80 11.59 21.98
C THR D 179 -0.29 12.32 21.34
N ASN D 180 0.05 13.52 20.92
CA ASN D 180 -0.88 14.45 20.34
C ASN D 180 -1.65 14.03 19.11
N ASP D 181 -1.49 12.79 18.70
CA ASP D 181 -2.27 12.35 17.57
C ASP D 181 -3.41 11.51 18.03
N GLN D 182 -3.61 11.46 19.35
CA GLN D 182 -4.68 10.70 19.90
C GLN D 182 -5.75 11.65 20.34
N ARG D 183 -6.83 11.10 20.88
CA ARG D 183 -7.95 11.90 21.33
C ARG D 183 -8.16 11.84 22.86
N LEU D 184 -8.64 12.96 23.40
CA LEU D 184 -8.93 13.08 24.83
C LEU D 184 -10.12 12.14 25.19
N LEU D 185 -11.21 12.35 24.43
CA LEU D 185 -12.45 11.61 24.54
C LEU D 185 -12.89 11.12 23.15
N ASP D 186 -13.56 9.98 23.07
CA ASP D 186 -14.05 9.42 21.81
C ASP D 186 -14.50 10.48 20.81
N LEU D 187 -13.73 10.57 19.74
CA LEU D 187 -13.92 11.53 18.67
C LEU D 187 -13.43 10.89 17.37
N PRO D 188 -14.01 11.28 16.24
CA PRO D 188 -13.60 10.71 14.96
C PRO D 188 -12.13 10.82 14.68
N HIS D 189 -11.60 9.84 14.00
CA HIS D 189 -10.19 9.83 13.61
C HIS D 189 -10.11 8.84 12.43
N LYS D 190 -8.96 8.78 11.77
CA LYS D 190 -8.84 7.83 10.67
C LYS D 190 -8.67 6.43 11.24
N ASP D 191 -7.81 6.30 12.25
CA ASP D 191 -7.55 5.03 12.94
C ASP D 191 -8.67 4.94 13.98
N LEU D 192 -9.53 3.94 13.92
CA LEU D 192 -10.60 3.80 14.90
C LEU D 192 -10.16 3.41 16.32
N ARG D 193 -8.93 2.91 16.43
CA ARG D 193 -8.45 2.52 17.72
C ARG D 193 -8.09 3.84 18.34
N ARG D 194 -7.44 4.74 17.59
CA ARG D 194 -7.07 6.05 18.13
C ARG D 194 -8.16 7.11 18.22
N ALA D 195 -9.38 6.79 17.82
CA ALA D 195 -10.47 7.74 17.94
C ALA D 195 -10.91 7.78 19.38
N ARG D 196 -10.50 6.79 20.14
CA ARG D 196 -10.92 6.62 21.52
C ARG D 196 -10.18 7.41 22.59
N ALA D 197 -10.85 7.56 23.73
CA ALA D 197 -10.32 8.28 24.87
C ALA D 197 -8.94 7.74 25.29
N ALA D 198 -7.94 8.57 25.10
CA ALA D 198 -6.57 8.19 25.34
C ALA D 198 -6.11 7.87 26.72
N ALA D 199 -6.60 8.65 27.67
CA ALA D 199 -6.21 8.53 29.05
C ALA D 199 -6.93 7.50 29.92
N ILE D 200 -7.97 6.87 29.42
CA ILE D 200 -8.63 5.87 30.21
C ILE D 200 -8.69 4.62 29.39
N ASN D 201 -7.67 4.35 28.59
CA ASN D 201 -7.68 3.16 27.72
C ASN D 201 -6.28 2.74 27.34
N ILE D 202 -6.12 1.43 27.12
CA ILE D 202 -4.88 0.79 26.56
C ILE D 202 -5.30 0.72 25.07
N ILE D 203 -4.60 1.38 24.15
CA ILE D 203 -5.05 1.38 22.77
C ILE D 203 -4.08 0.70 21.79
N PRO D 204 -4.43 -0.47 21.20
CA PRO D 204 -3.49 -1.07 20.24
C PRO D 204 -3.41 -0.19 18.97
N THR D 205 -2.21 0.00 18.45
CA THR D 205 -2.08 0.80 17.24
C THR D 205 -0.97 0.17 16.38
N THR D 206 -0.97 0.43 15.08
CA THR D 206 0.06 -0.17 14.19
C THR D 206 1.30 0.69 14.21
N THR D 207 2.45 0.10 13.95
CA THR D 207 3.66 0.88 13.93
C THR D 207 4.65 0.41 12.86
N GLY D 208 5.29 1.35 12.20
CA GLY D 208 6.25 0.97 11.20
C GLY D 208 7.65 0.92 11.79
N ALA D 209 7.77 1.33 13.04
CA ALA D 209 9.04 1.41 13.72
C ALA D 209 9.94 0.21 13.60
N ALA D 210 9.37 -0.99 13.49
CA ALA D 210 10.19 -2.21 13.42
C ALA D 210 10.74 -2.37 12.04
N LYS D 211 9.85 -2.21 11.06
CA LYS D 211 10.17 -2.30 9.66
C LYS D 211 11.20 -1.26 9.35
N ALA D 212 10.92 -0.02 9.73
CA ALA D 212 11.88 1.05 9.47
C ALA D 212 13.28 0.84 10.02
N THR D 213 13.44 -0.11 10.92
CA THR D 213 14.75 -0.40 11.52
C THR D 213 15.57 -1.08 10.43
N ALA D 214 14.87 -1.85 9.59
CA ALA D 214 15.52 -2.54 8.50
C ALA D 214 16.24 -1.53 7.58
N LEU D 215 15.85 -0.24 7.60
CA LEU D 215 16.52 0.77 6.76
C LEU D 215 17.87 1.19 7.28
N VAL D 216 18.21 0.83 8.51
CA VAL D 216 19.49 1.23 9.06
C VAL D 216 20.27 -0.03 9.34
N LEU D 217 19.55 -1.13 9.48
CA LEU D 217 20.17 -2.42 9.73
C LEU D 217 19.48 -3.25 8.71
N PRO D 218 20.03 -3.26 7.48
CA PRO D 218 19.48 -4.00 6.35
C PRO D 218 19.29 -5.50 6.51
N SER D 219 20.04 -6.13 7.41
CA SER D 219 19.93 -7.55 7.64
C SER D 219 18.57 -7.98 8.13
N LEU D 220 17.85 -7.06 8.74
CA LEU D 220 16.57 -7.39 9.31
C LEU D 220 15.45 -7.19 8.33
N LYS D 221 15.79 -6.80 7.13
CA LYS D 221 14.79 -6.56 6.09
C LYS D 221 13.87 -7.76 6.02
N GLY D 222 12.57 -7.51 6.11
CA GLY D 222 11.58 -8.58 6.06
C GLY D 222 11.69 -9.59 7.20
N ARG D 223 12.54 -9.29 8.18
CA ARG D 223 12.75 -10.20 9.31
C ARG D 223 12.39 -9.62 10.69
N PHE D 224 11.68 -8.51 10.74
CA PHE D 224 11.37 -7.85 11.99
C PHE D 224 10.12 -7.09 11.79
N ASP D 225 9.23 -7.15 12.78
CA ASP D 225 7.96 -6.40 12.73
C ASP D 225 7.45 -6.19 14.19
N GLY D 226 6.39 -5.40 14.38
CA GLY D 226 5.89 -5.15 15.71
C GLY D 226 4.54 -4.49 15.86
N MET D 227 4.17 -4.11 17.07
CA MET D 227 2.88 -3.51 17.35
C MET D 227 3.18 -2.44 18.39
N ALA D 228 2.18 -1.61 18.71
CA ALA D 228 2.32 -0.57 19.72
C ALA D 228 1.07 -0.56 20.53
N LEU D 229 1.21 -0.36 21.84
CA LEU D 229 0.06 -0.25 22.75
C LEU D 229 0.26 1.11 23.38
N ARG D 230 -0.68 2.01 23.17
CA ARG D 230 -0.61 3.34 23.75
C ARG D 230 -1.27 3.16 25.09
N VAL D 231 -0.66 3.67 26.15
CA VAL D 231 -1.24 3.56 27.51
C VAL D 231 -1.40 4.97 28.11
N PRO D 232 -2.11 5.11 29.26
CA PRO D 232 -2.31 6.41 29.85
C PRO D 232 -1.22 7.12 30.65
N THR D 233 -0.03 7.29 30.06
CA THR D 233 1.07 8.02 30.67
C THR D 233 1.41 9.09 29.64
N ALA D 234 1.93 10.23 30.08
CA ALA D 234 2.19 11.28 29.14
C ALA D 234 3.55 11.40 28.48
N THR D 235 4.49 10.58 28.91
CA THR D 235 5.81 10.54 28.27
C THR D 235 6.60 9.40 28.92
N GLY D 236 7.28 8.61 28.10
CA GLY D 236 8.04 7.52 28.61
C GLY D 236 7.41 6.36 27.88
N SER D 237 8.26 5.42 27.42
CA SER D 237 7.78 4.29 26.72
C SER D 237 8.76 3.19 26.90
N ILE D 238 8.29 1.98 26.70
CA ILE D 238 9.18 0.85 26.83
C ILE D 238 9.00 -0.11 25.62
N SER D 239 10.13 -0.66 25.17
CA SER D 239 10.15 -1.64 24.06
C SER D 239 10.40 -3.06 24.54
N ASP D 240 9.47 -3.94 24.21
CA ASP D 240 9.51 -5.34 24.58
C ASP D 240 9.88 -6.08 23.26
N ILE D 241 11.14 -6.53 23.19
CA ILE D 241 11.69 -7.21 22.03
C ILE D 241 11.93 -8.74 22.19
N THR D 242 11.33 -9.53 21.30
CA THR D 242 11.47 -10.99 21.33
C THR D 242 12.21 -11.37 20.04
N ALA D 243 13.47 -11.70 20.24
CA ALA D 243 14.28 -12.01 19.13
C ALA D 243 14.61 -13.50 19.06
N LEU D 244 14.63 -14.07 17.86
CA LEU D 244 15.01 -15.46 17.70
C LEU D 244 16.44 -15.39 17.19
N LEU D 245 17.43 -15.69 18.02
CA LEU D 245 18.85 -15.58 17.62
C LEU D 245 19.47 -16.77 16.90
N LYS D 246 20.72 -16.59 16.47
CA LYS D 246 21.41 -17.68 15.75
C LYS D 246 22.14 -18.72 16.59
N ARG D 247 22.15 -18.57 17.91
CA ARG D 247 22.79 -19.57 18.77
C ARG D 247 22.10 -19.54 20.10
N GLU D 248 22.24 -20.60 20.89
CA GLU D 248 21.64 -20.58 22.22
C GLU D 248 22.47 -19.68 23.13
N VAL D 249 21.80 -18.80 23.87
CA VAL D 249 22.48 -17.89 24.77
C VAL D 249 21.85 -17.92 26.18
N THR D 250 22.47 -17.22 27.12
CA THR D 250 21.88 -17.14 28.44
C THR D 250 21.60 -15.66 28.58
N ALA D 251 20.60 -15.30 29.38
CA ALA D 251 20.26 -13.89 29.60
C ALA D 251 21.50 -13.13 29.98
N GLU D 252 22.36 -13.79 30.75
CA GLU D 252 23.61 -13.23 31.21
C GLU D 252 24.54 -12.80 30.09
N GLU D 253 24.52 -13.57 29.00
CA GLU D 253 25.38 -13.27 27.87
C GLU D 253 24.79 -12.15 27.10
N VAL D 254 23.47 -12.18 26.96
CA VAL D 254 22.82 -11.11 26.28
C VAL D 254 23.01 -9.83 27.07
N ASN D 255 22.89 -9.90 28.38
CA ASN D 255 23.05 -8.70 29.17
C ASN D 255 24.48 -8.15 29.02
N ALA D 256 25.44 -9.06 29.10
CA ALA D 256 26.84 -8.71 28.98
C ALA D 256 27.18 -8.02 27.68
N ALA D 257 26.57 -8.44 26.57
CA ALA D 257 26.83 -7.83 25.27
C ALA D 257 26.30 -6.40 25.30
N LEU D 258 25.05 -6.27 25.75
CA LEU D 258 24.37 -4.99 25.84
C LEU D 258 25.09 -4.03 26.77
N LYS D 259 25.66 -4.55 27.85
CA LYS D 259 26.38 -3.68 28.79
C LYS D 259 27.63 -3.18 28.14
N ALA D 260 28.41 -4.12 27.57
CA ALA D 260 29.65 -3.77 26.87
C ALA D 260 29.40 -2.67 25.82
N ALA D 261 28.34 -2.79 25.04
CA ALA D 261 28.05 -1.75 24.06
C ALA D 261 27.77 -0.39 24.66
N ALA D 262 27.01 -0.39 25.74
CA ALA D 262 26.66 0.83 26.44
C ALA D 262 27.86 1.56 27.00
N GLU D 263 28.89 0.80 27.37
CA GLU D 263 30.14 1.35 27.90
C GLU D 263 31.14 1.70 26.81
N GLY D 264 30.93 1.17 25.63
CA GLY D 264 31.87 1.47 24.58
C GLY D 264 31.35 2.34 23.49
N PRO D 265 31.19 1.75 22.31
CA PRO D 265 30.71 2.37 21.09
C PRO D 265 29.41 3.07 21.18
N LEU D 266 28.42 2.43 21.82
CA LEU D 266 27.12 3.07 21.91
C LEU D 266 26.96 4.07 23.09
N LYS D 267 28.07 4.34 23.82
CA LYS D 267 28.03 5.27 24.97
C LYS D 267 27.34 6.52 24.56
N GLY D 268 26.26 6.82 25.26
CA GLY D 268 25.56 8.05 24.96
C GLY D 268 24.26 7.84 24.23
N ILE D 269 24.06 6.60 23.76
CA ILE D 269 22.86 6.23 23.03
C ILE D 269 22.23 5.05 23.71
N LEU D 270 23.01 4.03 23.97
CA LEU D 270 22.44 2.90 24.63
C LEU D 270 22.87 2.97 26.11
N ALA D 271 21.91 2.85 27.02
CA ALA D 271 22.23 2.84 28.45
C ALA D 271 21.87 1.47 28.94
N TYR D 272 22.41 1.11 30.08
CA TYR D 272 22.18 -0.23 30.65
C TYR D 272 22.04 -0.09 32.16
N THR D 273 21.08 -0.77 32.77
CA THR D 273 20.94 -0.62 34.21
C THR D 273 20.48 -1.88 34.84
N GLU D 274 20.83 -2.03 36.12
CA GLU D 274 20.45 -3.17 36.93
C GLU D 274 19.52 -2.77 38.11
N ASP D 275 19.18 -1.48 38.20
CA ASP D 275 18.30 -0.95 39.24
C ASP D 275 16.86 -1.20 38.91
N GLU D 276 16.05 -1.46 39.91
CA GLU D 276 14.64 -1.70 39.68
C GLU D 276 13.89 -0.39 39.58
N ILE D 277 13.93 0.16 38.38
CA ILE D 277 13.31 1.44 38.05
C ILE D 277 11.93 1.33 37.38
N VAL D 278 11.27 2.46 37.22
CA VAL D 278 9.95 2.47 36.59
C VAL D 278 9.83 3.72 35.75
N LEU D 279 8.75 3.81 34.99
CA LEU D 279 8.58 4.90 34.08
C LEU D 279 9.17 6.23 34.43
N GLN D 280 8.72 6.85 35.53
CA GLN D 280 9.18 8.19 35.94
C GLN D 280 10.67 8.25 36.09
N ASP D 281 11.31 7.12 36.26
CA ASP D 281 12.72 7.20 36.43
C ASP D 281 13.47 7.46 35.16
N ILE D 282 12.85 7.25 34.00
CA ILE D 282 13.55 7.54 32.76
C ILE D 282 13.08 8.85 32.10
N VAL D 283 12.10 9.49 32.73
CA VAL D 283 11.63 10.74 32.20
C VAL D 283 12.78 11.75 32.26
N MET D 284 13.06 12.27 31.11
CA MET D 284 14.10 13.24 30.90
C MET D 284 15.47 12.61 30.81
N ASP D 285 15.51 11.36 30.37
CA ASP D 285 16.78 10.71 30.16
C ASP D 285 17.08 10.96 28.66
N PRO D 286 18.28 11.50 28.34
CA PRO D 286 18.69 11.81 26.97
C PRO D 286 19.05 10.61 26.10
N HIS D 287 19.29 9.45 26.71
CA HIS D 287 19.64 8.25 25.98
C HIS D 287 18.57 7.78 25.01
N SER D 288 18.98 7.03 23.99
CA SER D 288 18.04 6.54 22.99
C SER D 288 17.30 5.30 23.44
N SER D 289 17.96 4.47 24.23
CA SER D 289 17.30 3.30 24.73
C SER D 289 18.08 2.84 25.91
N ILE D 290 17.34 2.53 26.97
CA ILE D 290 17.91 2.10 28.24
C ILE D 290 17.54 0.69 28.50
N VAL D 291 18.56 -0.11 28.67
CA VAL D 291 18.34 -1.52 28.88
C VAL D 291 18.09 -1.87 30.35
N ASP D 292 16.91 -2.42 30.61
CA ASP D 292 16.52 -2.87 31.94
C ASP D 292 17.02 -4.30 32.07
N ALA D 293 18.28 -4.41 32.44
CA ALA D 293 18.90 -5.69 32.54
C ALA D 293 18.20 -6.71 33.32
N LYS D 294 17.46 -6.35 34.35
CA LYS D 294 16.80 -7.39 35.15
C LYS D 294 15.60 -8.01 34.50
N LEU D 295 15.19 -7.49 33.36
CA LEU D 295 14.03 -8.05 32.71
C LEU D 295 14.37 -9.02 31.55
N THR D 296 15.64 -9.17 31.20
CA THR D 296 16.05 -10.05 30.11
C THR D 296 15.73 -11.50 30.35
N LYS D 297 15.02 -12.16 29.44
CA LYS D 297 14.73 -13.60 29.60
C LYS D 297 15.27 -14.33 28.37
N ALA D 298 15.54 -15.60 28.49
CA ALA D 298 16.08 -16.27 27.36
C ALA D 298 15.73 -17.73 27.40
N LEU D 299 15.01 -18.20 26.41
CA LEU D 299 14.68 -19.61 26.32
C LEU D 299 15.52 -20.22 25.22
N GLY D 300 16.76 -20.57 25.50
CA GLY D 300 17.57 -21.16 24.46
C GLY D 300 18.09 -20.11 23.53
N ASN D 301 17.56 -20.04 22.33
CA ASN D 301 17.99 -19.03 21.36
C ASN D 301 16.86 -18.04 21.19
N MET D 302 15.87 -18.11 22.05
CA MET D 302 14.79 -17.18 21.99
C MET D 302 14.96 -16.27 23.19
N VAL D 303 15.19 -15.01 22.92
CA VAL D 303 15.47 -14.07 23.96
C VAL D 303 14.43 -12.96 23.99
N LYS D 304 14.26 -12.31 25.15
CA LYS D 304 13.30 -11.19 25.33
C LYS D 304 14.07 -10.10 26.05
N VAL D 305 14.12 -8.90 25.49
CA VAL D 305 14.89 -7.79 26.07
C VAL D 305 14.01 -6.54 26.16
N PHE D 306 14.18 -5.63 27.15
CA PHE D 306 13.31 -4.42 27.26
C PHE D 306 14.11 -3.16 27.26
N ALA D 307 13.60 -2.07 26.78
CA ALA D 307 14.46 -0.91 26.82
C ALA D 307 13.54 0.25 26.91
N TRP D 308 13.73 1.03 27.94
CA TRP D 308 12.87 2.19 28.17
C TRP D 308 13.40 3.24 27.29
N TYR D 309 12.62 4.28 27.07
CA TYR D 309 13.09 5.40 26.31
C TYR D 309 12.14 6.55 26.55
N ASP D 310 12.69 7.75 26.67
CA ASP D 310 11.79 8.85 26.87
C ASP D 310 11.47 9.32 25.48
N ASN D 311 10.33 8.95 24.97
CA ASN D 311 9.99 9.41 23.65
C ASN D 311 10.00 10.90 23.29
N GLU D 312 10.20 11.82 24.24
CA GLU D 312 10.24 13.26 23.89
C GLU D 312 11.61 13.81 24.08
N TRP D 313 12.20 13.52 25.22
CA TRP D 313 13.51 14.03 25.55
C TRP D 313 14.58 13.21 24.86
N GLY D 314 14.59 11.91 25.05
CA GLY D 314 15.61 11.08 24.40
C GLY D 314 15.64 11.37 22.92
N TYR D 315 14.49 11.26 22.29
CA TYR D 315 14.42 11.51 20.89
C TYR D 315 14.89 12.90 20.59
N ALA D 316 14.34 13.94 21.22
CA ALA D 316 14.83 15.29 20.93
C ALA D 316 16.37 15.44 21.08
N ASN D 317 17.03 14.69 21.94
CA ASN D 317 18.49 14.81 21.99
C ASN D 317 19.06 14.26 20.70
N ARG D 318 18.46 13.21 20.14
CA ARG D 318 18.97 12.69 18.89
C ARG D 318 18.88 13.72 17.80
N VAL D 319 17.75 14.44 17.72
CA VAL D 319 17.56 15.48 16.71
C VAL D 319 18.62 16.52 16.88
N ALA D 320 18.88 16.94 18.10
CA ALA D 320 19.92 17.94 18.31
C ALA D 320 21.29 17.42 17.88
N ASP D 321 21.63 16.20 18.25
CA ASP D 321 22.90 15.59 17.88
C ASP D 321 23.10 15.59 16.36
N LEU D 322 22.04 15.32 15.63
CA LEU D 322 22.10 15.31 14.18
C LEU D 322 22.23 16.72 13.66
N VAL D 323 21.43 17.67 14.18
CA VAL D 323 21.50 19.07 13.72
C VAL D 323 22.93 19.52 13.92
N GLU D 324 23.45 19.27 15.09
CA GLU D 324 24.81 19.59 15.42
C GLU D 324 25.82 18.78 14.53
N LEU D 325 25.42 17.64 13.96
CA LEU D 325 26.32 16.89 13.06
C LEU D 325 26.27 17.58 11.69
N VAL D 326 25.06 17.68 11.12
CA VAL D 326 24.85 18.35 9.87
C VAL D 326 25.61 19.69 9.83
N LEU D 327 25.67 20.40 10.95
CA LEU D 327 26.43 21.66 11.02
C LEU D 327 27.94 21.42 11.09
N ARG D 328 28.39 20.47 11.91
CA ARG D 328 29.84 20.18 12.04
C ARG D 328 30.49 19.77 10.68
N LYS D 329 29.70 19.70 9.61
CA LYS D 329 30.21 19.32 8.29
C LYS D 329 29.87 20.30 7.16
N GLY D 330 29.71 21.58 7.53
CA GLY D 330 29.42 22.61 6.55
C GLY D 330 28.09 22.43 5.82
N VAL D 331 27.17 23.35 6.10
CA VAL D 331 25.85 23.37 5.46
C VAL D 331 26.05 24.12 4.12
N MET E 1 23.46 31.08 -29.85
CA MET E 1 22.84 30.74 -28.53
C MET E 1 22.77 29.19 -28.29
N LYS E 2 22.02 28.76 -27.28
CA LYS E 2 21.92 27.34 -27.00
C LYS E 2 20.62 26.77 -27.56
N VAL E 3 20.53 25.45 -27.59
CA VAL E 3 19.37 24.79 -28.14
C VAL E 3 18.51 24.25 -27.02
N GLY E 4 17.19 24.31 -27.19
CA GLY E 4 16.31 23.76 -26.17
C GLY E 4 15.32 22.84 -26.87
N ILE E 5 14.85 21.78 -26.21
CA ILE E 5 13.91 20.85 -26.84
C ILE E 5 12.60 20.73 -26.10
N ASN E 6 11.49 20.84 -26.80
CA ASN E 6 10.19 20.70 -26.18
C ASN E 6 9.59 19.49 -26.88
N GLY E 7 9.44 18.40 -26.13
CA GLY E 7 8.90 17.16 -26.63
C GLY E 7 10.10 16.24 -26.73
N PHE E 8 10.24 15.38 -25.74
CA PHE E 8 11.35 14.43 -25.69
C PHE E 8 10.79 13.05 -26.04
N GLY E 9 10.35 12.89 -27.29
CA GLY E 9 9.78 11.64 -27.70
C GLY E 9 10.74 10.99 -28.66
N ARG E 10 10.16 10.28 -29.61
CA ARG E 10 10.95 9.59 -30.59
C ARG E 10 11.85 10.52 -31.35
N ILE E 11 11.34 11.54 -32.00
CA ILE E 11 12.29 12.41 -32.71
C ILE E 11 13.11 13.16 -31.69
N GLY E 12 12.43 13.57 -30.62
CA GLY E 12 13.11 14.34 -29.60
C GLY E 12 14.36 13.75 -29.01
N ARG E 13 14.32 12.46 -28.68
CA ARG E 13 15.49 11.87 -28.03
C ARG E 13 16.61 11.64 -29.02
N GLN E 14 16.22 11.17 -30.18
CA GLN E 14 17.15 10.90 -31.26
C GLN E 14 17.86 12.18 -31.64
N VAL E 15 17.13 13.29 -31.83
CA VAL E 15 17.78 14.56 -32.16
C VAL E 15 18.78 14.88 -31.05
N PHE E 16 18.40 14.59 -29.82
CA PHE E 16 19.29 14.83 -28.70
C PHE E 16 20.56 13.99 -28.79
N ARG E 17 20.43 12.70 -29.01
CA ARG E 17 21.63 11.88 -29.10
C ARG E 17 22.59 12.38 -30.14
N ILE E 18 22.04 12.86 -31.24
CA ILE E 18 22.79 13.35 -32.40
C ILE E 18 23.46 14.70 -32.12
N LEU E 19 22.66 15.68 -31.70
CA LEU E 19 23.17 17.00 -31.35
C LEU E 19 24.28 16.75 -30.35
N HIS E 20 24.04 15.85 -29.42
CA HIS E 20 25.01 15.49 -28.40
C HIS E 20 26.38 15.03 -28.90
N SER E 21 26.39 14.18 -29.92
CA SER E 21 27.66 13.68 -30.43
C SER E 21 28.37 14.69 -31.33
N ARG E 22 27.58 15.52 -31.99
CA ARG E 22 28.16 16.53 -32.86
C ARG E 22 28.80 17.64 -32.02
N GLY E 23 28.44 17.67 -30.74
CA GLY E 23 28.93 18.67 -29.81
C GLY E 23 28.12 19.96 -29.76
N VAL E 24 26.83 19.87 -30.10
CA VAL E 24 25.96 21.04 -30.04
C VAL E 24 25.42 21.01 -28.62
N GLU E 25 25.13 22.19 -28.06
CA GLU E 25 24.65 22.27 -26.67
C GLU E 25 23.15 22.43 -26.47
N VAL E 26 22.56 21.43 -25.83
CA VAL E 26 21.15 21.42 -25.49
C VAL E 26 21.17 21.82 -24.01
N ALA E 27 20.48 22.91 -23.67
CA ALA E 27 20.42 23.42 -22.29
C ALA E 27 19.17 23.08 -21.49
N LEU E 28 18.04 22.90 -22.14
CA LEU E 28 16.80 22.62 -21.44
C LEU E 28 15.93 21.71 -22.28
N ILE E 29 15.22 20.85 -21.60
CA ILE E 29 14.38 19.88 -22.23
C ILE E 29 13.09 19.97 -21.47
N ASN E 30 11.98 20.01 -22.17
CA ASN E 30 10.70 20.10 -21.51
C ASN E 30 9.81 19.01 -22.07
N ASP E 31 9.17 18.22 -21.23
CA ASP E 31 8.26 17.18 -21.70
C ASP E 31 7.13 17.27 -20.71
N LEU E 32 6.41 16.20 -20.44
CA LEU E 32 5.34 16.27 -19.46
C LEU E 32 5.58 15.16 -18.48
N THR E 33 6.83 14.86 -18.21
CA THR E 33 7.11 13.73 -17.34
C THR E 33 8.29 14.02 -16.42
N ASP E 34 8.42 13.22 -15.37
CA ASP E 34 9.49 13.40 -14.41
C ASP E 34 10.81 13.09 -15.02
N ASN E 35 11.84 13.63 -14.43
CA ASN E 35 13.17 13.42 -14.94
C ASN E 35 13.61 11.98 -14.91
N LYS E 36 13.05 11.20 -14.00
CA LYS E 36 13.41 9.81 -13.90
C LYS E 36 12.97 9.05 -15.15
N THR E 37 11.77 9.36 -15.67
CA THR E 37 11.27 8.75 -16.89
C THR E 37 12.08 9.31 -18.06
N LEU E 38 12.31 10.61 -18.11
CA LEU E 38 13.11 11.17 -19.18
C LEU E 38 14.45 10.51 -19.23
N ALA E 39 15.09 10.27 -18.12
CA ALA E 39 16.40 9.63 -18.22
C ALA E 39 16.37 8.14 -18.51
N HIS E 40 15.32 7.41 -18.14
CA HIS E 40 15.30 5.96 -18.41
C HIS E 40 15.14 5.74 -19.91
N LEU E 41 14.15 6.39 -20.50
CA LEU E 41 13.90 6.30 -21.91
C LEU E 41 15.12 6.76 -22.73
N LEU E 42 15.87 7.74 -22.28
CA LEU E 42 17.04 8.16 -23.04
C LEU E 42 18.13 7.08 -22.96
N LYS E 43 18.23 6.42 -21.84
CA LYS E 43 19.26 5.42 -21.66
C LYS E 43 18.90 4.15 -22.45
N TYR E 44 17.64 3.77 -22.46
CA TYR E 44 17.25 2.59 -23.16
C TYR E 44 16.27 2.89 -24.28
N ASP E 45 16.69 2.54 -25.49
CA ASP E 45 15.82 2.74 -26.60
C ASP E 45 15.61 1.33 -27.20
N SER E 46 14.36 1.00 -27.53
CA SER E 46 14.03 -0.29 -28.07
C SER E 46 14.59 -0.54 -29.45
N ILE E 47 14.77 0.52 -30.21
CA ILE E 47 15.33 0.43 -31.55
C ILE E 47 16.80 0.79 -31.61
N TYR E 48 17.20 1.89 -30.99
CA TYR E 48 18.61 2.28 -31.09
C TYR E 48 19.52 1.84 -29.96
N HIS E 49 18.93 1.09 -29.05
CA HIS E 49 19.59 0.51 -27.89
C HIS E 49 20.30 1.42 -26.86
N ARG E 50 21.16 0.87 -26.02
CA ARG E 50 21.82 1.66 -25.00
C ARG E 50 22.47 2.97 -25.42
N PHE E 51 22.20 4.05 -24.68
CA PHE E 51 22.82 5.34 -24.91
C PHE E 51 24.29 5.16 -24.66
N PRO E 52 25.13 5.69 -25.52
CA PRO E 52 26.58 5.54 -25.33
C PRO E 52 27.18 6.64 -24.43
N GLY E 53 26.93 6.56 -23.13
CA GLY E 53 27.43 7.55 -22.20
C GLY E 53 26.71 7.34 -20.89
N GLU E 54 27.02 8.14 -19.86
CA GLU E 54 26.38 8.00 -18.58
C GLU E 54 25.21 8.93 -18.40
N VAL E 55 24.09 8.39 -17.96
CA VAL E 55 22.89 9.16 -17.73
C VAL E 55 22.50 9.06 -16.26
N ALA E 56 22.15 10.21 -15.68
CA ALA E 56 21.72 10.32 -14.30
C ALA E 56 20.79 11.50 -14.26
N TYR E 57 20.23 11.78 -13.11
CA TYR E 57 19.31 12.86 -13.04
C TYR E 57 19.09 13.21 -11.57
N ASP E 58 18.35 14.30 -11.34
CA ASP E 58 17.98 14.75 -10.01
C ASP E 58 16.59 15.36 -10.18
N ASP E 59 16.05 16.11 -9.23
CA ASP E 59 14.69 16.63 -9.43
C ASP E 59 14.58 17.75 -10.48
N GLN E 60 15.71 18.36 -10.81
CA GLN E 60 15.75 19.46 -11.78
C GLN E 60 16.67 19.28 -12.96
N TYR E 61 17.47 18.25 -13.00
CA TYR E 61 18.40 18.13 -14.12
C TYR E 61 18.59 16.75 -14.71
N LEU E 62 19.12 16.74 -15.92
CA LEU E 62 19.47 15.50 -16.54
C LEU E 62 20.98 15.68 -16.60
N TYR E 63 21.65 14.61 -16.26
CA TYR E 63 23.09 14.58 -16.21
C TYR E 63 23.57 13.63 -17.27
N VAL E 64 24.21 14.15 -18.30
CA VAL E 64 24.70 13.31 -19.39
C VAL E 64 26.22 13.50 -19.58
N ASP E 65 27.00 12.50 -19.15
CA ASP E 65 28.49 12.51 -19.20
C ASP E 65 28.98 13.73 -18.42
N GLY E 66 28.28 14.08 -17.34
CA GLY E 66 28.68 15.22 -16.54
C GLY E 66 28.09 16.59 -16.89
N LYS E 67 27.65 16.81 -18.12
CA LYS E 67 27.05 18.08 -18.45
C LYS E 67 25.62 18.11 -17.84
N ALA E 68 25.08 19.28 -17.51
CA ALA E 68 23.74 19.33 -16.91
C ALA E 68 22.68 19.94 -17.83
N ILE E 69 21.51 19.31 -17.88
CA ILE E 69 20.44 19.82 -18.73
C ILE E 69 19.19 20.03 -17.90
N ARG E 70 18.65 21.23 -17.93
CA ARG E 70 17.42 21.53 -17.19
C ARG E 70 16.30 20.73 -17.81
N ALA E 71 15.61 19.94 -17.02
CA ALA E 71 14.51 19.18 -17.57
C ALA E 71 13.29 19.62 -16.81
N THR E 72 12.35 20.21 -17.51
CA THR E 72 11.14 20.70 -16.89
C THR E 72 9.94 19.83 -17.17
N ALA E 73 8.75 20.42 -17.04
CA ALA E 73 7.50 19.72 -17.26
C ALA E 73 6.30 20.68 -17.34
N VAL E 74 6.53 21.77 -18.07
CA VAL E 74 5.54 22.79 -18.27
C VAL E 74 4.67 22.40 -19.47
N LYS E 75 3.37 22.18 -19.24
CA LYS E 75 2.46 21.84 -20.33
C LYS E 75 2.21 22.98 -21.33
N ASP E 76 2.78 24.16 -21.10
CA ASP E 76 2.56 25.34 -21.96
C ASP E 76 3.83 26.10 -22.41
N PRO E 77 4.04 26.27 -23.73
CA PRO E 77 5.22 26.96 -24.30
C PRO E 77 5.51 28.38 -23.77
N LYS E 78 4.43 29.08 -23.45
CA LYS E 78 4.55 30.46 -22.97
C LYS E 78 5.40 30.50 -21.72
N GLU E 79 5.04 29.64 -20.79
CA GLU E 79 5.70 29.52 -19.50
C GLU E 79 7.00 28.69 -19.47
N ILE E 80 7.56 28.34 -20.64
CA ILE E 80 8.82 27.56 -20.65
C ILE E 80 9.97 28.59 -20.61
N PRO E 81 10.85 28.46 -19.60
CA PRO E 81 12.07 29.22 -19.23
C PRO E 81 13.14 29.31 -20.29
N TRP E 82 12.74 29.54 -21.54
CA TRP E 82 13.69 29.58 -22.65
C TRP E 82 14.83 30.53 -22.46
N ALA E 83 14.49 31.81 -22.37
CA ALA E 83 15.49 32.87 -22.19
C ALA E 83 16.40 32.65 -20.98
N GLU E 84 15.80 32.34 -19.84
CA GLU E 84 16.54 32.12 -18.60
C GLU E 84 17.56 30.96 -18.64
N ALA E 85 17.40 30.09 -19.63
CA ALA E 85 18.30 28.95 -19.80
C ALA E 85 19.43 29.24 -20.81
N GLY E 86 19.25 30.27 -21.63
CA GLY E 86 20.27 30.61 -22.64
C GLY E 86 19.97 29.97 -23.99
N VAL E 87 18.72 29.51 -24.12
CA VAL E 87 18.17 28.83 -25.30
C VAL E 87 17.66 29.78 -26.41
N GLY E 88 18.42 29.88 -27.51
CA GLY E 88 17.98 30.71 -28.62
C GLY E 88 17.17 29.90 -29.63
N VAL E 89 17.50 28.61 -29.73
CA VAL E 89 16.84 27.72 -30.67
C VAL E 89 16.08 26.61 -29.98
N VAL E 90 14.77 26.60 -30.21
CA VAL E 90 13.86 25.64 -29.60
C VAL E 90 13.38 24.58 -30.60
N ILE E 91 13.73 23.31 -30.44
CA ILE E 91 13.28 22.27 -31.35
C ILE E 91 11.94 21.96 -30.79
N GLU E 92 10.91 21.91 -31.62
CA GLU E 92 9.58 21.68 -31.13
C GLU E 92 9.00 20.39 -31.65
N SER E 93 9.24 19.35 -30.86
CA SER E 93 8.82 17.99 -31.13
C SER E 93 7.63 17.52 -30.33
N THR E 94 6.75 18.39 -29.87
CA THR E 94 5.68 17.82 -29.07
C THR E 94 4.66 17.18 -29.94
N GLY E 95 4.48 17.76 -31.10
CA GLY E 95 3.47 17.21 -31.99
C GLY E 95 2.14 17.93 -31.81
N VAL E 96 2.05 18.80 -30.80
CA VAL E 96 0.80 19.53 -30.57
C VAL E 96 0.88 21.00 -30.86
N PHE E 97 2.05 21.50 -31.25
CA PHE E 97 2.19 22.93 -31.57
C PHE E 97 2.71 23.13 -33.00
N THR E 98 1.98 22.54 -33.93
CA THR E 98 2.30 22.64 -35.33
C THR E 98 1.60 23.83 -36.01
N ASP E 99 0.52 24.39 -35.41
CA ASP E 99 -0.09 25.62 -35.98
C ASP E 99 0.97 26.68 -35.51
N ALA E 100 1.49 27.51 -36.39
CA ALA E 100 2.51 28.46 -35.98
C ALA E 100 2.03 29.52 -35.00
N ASP E 101 0.73 29.52 -34.75
CA ASP E 101 0.16 30.44 -33.79
C ASP E 101 0.68 29.96 -32.45
N LYS E 102 0.46 28.66 -32.19
CA LYS E 102 0.91 28.01 -30.96
C LYS E 102 2.44 27.89 -30.82
N ALA E 103 3.15 27.69 -31.92
CA ALA E 103 4.59 27.62 -31.80
C ALA E 103 5.17 29.00 -31.51
N LYS E 104 4.47 30.08 -31.90
CA LYS E 104 4.92 31.48 -31.68
C LYS E 104 5.21 31.73 -30.19
N ALA E 105 4.45 31.02 -29.36
CA ALA E 105 4.56 31.06 -27.92
C ALA E 105 5.97 30.80 -27.37
N HIS E 106 6.84 30.16 -28.11
CA HIS E 106 8.17 29.94 -27.53
C HIS E 106 8.94 31.21 -27.63
N LEU E 107 8.55 32.03 -28.61
CA LEU E 107 9.24 33.29 -28.84
C LEU E 107 9.13 34.24 -27.64
N GLU E 108 7.90 34.38 -27.11
CA GLU E 108 7.71 35.21 -25.93
C GLU E 108 8.09 34.42 -24.67
N GLY E 109 8.81 33.33 -24.87
CA GLY E 109 9.31 32.55 -23.77
C GLY E 109 10.75 33.02 -23.74
N GLY E 110 11.15 33.72 -24.81
CA GLY E 110 12.50 34.25 -24.93
C GLY E 110 13.33 33.54 -25.99
N ALA E 111 12.67 32.62 -26.66
CA ALA E 111 13.33 31.85 -27.68
C ALA E 111 13.43 32.75 -28.88
N LYS E 112 14.49 32.57 -29.64
CA LYS E 112 14.72 33.34 -30.86
C LYS E 112 14.22 32.66 -32.17
N LYS E 113 14.35 31.32 -32.25
CA LYS E 113 13.95 30.53 -33.43
C LYS E 113 13.18 29.25 -33.03
N VAL E 114 12.04 29.00 -33.64
CA VAL E 114 11.33 27.73 -33.39
C VAL E 114 11.45 26.85 -34.66
N ILE E 115 11.72 25.56 -34.49
CA ILE E 115 11.88 24.65 -35.63
C ILE E 115 10.83 23.52 -35.48
N ILE E 116 9.66 23.69 -36.07
CA ILE E 116 8.64 22.65 -35.93
C ILE E 116 9.06 21.41 -36.72
N THR E 117 9.31 20.30 -36.02
CA THR E 117 9.75 19.03 -36.62
C THR E 117 8.60 18.23 -37.24
N ALA E 118 7.77 18.91 -38.00
CA ALA E 118 6.65 18.26 -38.63
C ALA E 118 6.09 19.34 -39.56
N PRO E 119 5.09 18.97 -40.36
CA PRO E 119 4.56 20.00 -41.24
C PRO E 119 3.77 20.98 -40.41
N ALA E 120 4.04 22.26 -40.66
CA ALA E 120 3.38 23.40 -40.00
C ALA E 120 2.26 24.06 -40.80
N LYS E 121 1.53 24.91 -40.09
CA LYS E 121 0.43 25.67 -40.64
C LYS E 121 0.82 27.14 -40.39
N GLY E 122 0.89 27.94 -41.45
CA GLY E 122 1.24 29.33 -41.28
C GLY E 122 2.64 29.60 -40.79
N GLU E 123 3.58 28.72 -41.10
CA GLU E 123 4.97 28.91 -40.67
C GLU E 123 5.64 29.94 -41.58
N ASP E 124 6.88 30.29 -41.30
CA ASP E 124 7.55 31.25 -42.15
C ASP E 124 8.09 30.59 -43.41
N ILE E 125 8.65 29.40 -43.23
CA ILE E 125 9.23 28.65 -44.33
C ILE E 125 9.31 27.14 -44.04
N THR E 126 9.15 26.32 -45.08
CA THR E 126 9.34 24.91 -44.92
C THR E 126 10.66 24.64 -45.60
N ILE E 127 11.54 23.93 -44.91
CA ILE E 127 12.83 23.63 -45.44
C ILE E 127 12.96 22.16 -45.46
N VAL E 128 13.69 21.70 -46.47
CA VAL E 128 14.04 20.31 -46.68
C VAL E 128 15.48 20.49 -47.09
N MET E 129 16.36 20.06 -46.21
CA MET E 129 17.78 20.16 -46.42
C MET E 129 18.22 19.41 -47.67
N GLY E 130 18.89 20.12 -48.56
CA GLY E 130 19.37 19.54 -49.80
C GLY E 130 18.60 20.12 -50.95
N VAL E 131 17.32 20.40 -50.73
CA VAL E 131 16.47 20.96 -51.75
C VAL E 131 16.32 22.49 -51.74
N ASN E 132 15.77 23.11 -50.70
CA ASN E 132 15.64 24.57 -50.73
C ASN E 132 16.18 25.20 -49.49
N HIS E 133 17.20 24.60 -48.90
CA HIS E 133 17.75 25.14 -47.66
C HIS E 133 18.44 26.48 -47.79
N GLU E 134 18.81 26.85 -49.03
CA GLU E 134 19.49 28.14 -49.30
C GLU E 134 18.43 29.22 -49.28
N ALA E 135 17.18 28.79 -49.23
CA ALA E 135 16.07 29.73 -49.18
C ALA E 135 15.98 30.43 -47.82
N TYR E 136 16.68 29.91 -46.80
CA TYR E 136 16.64 30.50 -45.46
C TYR E 136 17.34 31.86 -45.33
N ASP E 137 16.55 32.84 -44.87
CA ASP E 137 16.95 34.25 -44.64
C ASP E 137 16.69 34.49 -43.17
N PRO E 138 17.77 34.50 -42.37
CA PRO E 138 17.60 34.71 -40.93
C PRO E 138 16.99 36.07 -40.50
N SER E 139 16.86 37.00 -41.45
CA SER E 139 16.24 38.29 -41.13
C SER E 139 14.71 38.15 -40.99
N ARG E 140 14.08 37.37 -41.87
CA ARG E 140 12.63 37.24 -41.85
C ARG E 140 12.08 35.90 -41.40
N HIS E 141 12.92 34.85 -41.45
CA HIS E 141 12.51 33.48 -41.09
C HIS E 141 12.82 33.03 -39.63
N HIS E 142 11.76 32.85 -38.83
CA HIS E 142 11.90 32.48 -37.42
C HIS E 142 11.23 31.20 -37.04
N ILE E 143 10.02 31.01 -37.49
CA ILE E 143 9.30 29.76 -37.21
C ILE E 143 9.44 28.89 -38.48
N ILE E 144 10.34 27.91 -38.44
CA ILE E 144 10.66 27.00 -39.56
C ILE E 144 10.13 25.57 -39.47
N SER E 145 9.58 25.03 -40.54
CA SER E 145 9.15 23.62 -40.51
C SER E 145 10.16 22.85 -41.28
N ASN E 146 10.43 21.67 -40.81
CA ASN E 146 11.41 20.85 -41.49
C ASN E 146 10.69 19.75 -42.25
N ALA E 147 9.37 19.95 -42.43
CA ALA E 147 8.60 19.01 -43.18
C ALA E 147 8.48 17.67 -42.48
N SER E 148 7.80 16.73 -43.13
CA SER E 148 7.62 15.40 -42.62
C SER E 148 8.73 14.41 -42.97
N CYS E 149 8.71 13.24 -42.33
CA CYS E 149 9.73 12.22 -42.62
C CYS E 149 9.62 11.83 -44.13
N THR E 150 8.38 11.63 -44.63
CA THR E 150 8.13 11.28 -46.03
C THR E 150 8.54 12.35 -47.08
N THR E 151 8.12 13.58 -46.88
CA THR E 151 8.47 14.67 -47.77
C THR E 151 9.98 14.80 -47.87
N ASN E 152 10.71 14.40 -46.84
CA ASN E 152 12.15 14.49 -46.95
C ASN E 152 12.65 13.29 -47.77
N SER E 153 11.89 12.20 -47.89
CA SER E 153 12.42 11.15 -48.74
C SER E 153 12.06 11.42 -50.18
N LEU E 154 10.90 12.05 -50.40
CA LEU E 154 10.47 12.35 -51.76
C LEU E 154 11.26 13.47 -52.37
N ALA E 155 11.31 14.60 -51.70
CA ALA E 155 11.98 15.75 -52.29
C ALA E 155 13.32 15.57 -52.94
N PRO E 156 14.31 14.91 -52.30
CA PRO E 156 15.60 14.78 -52.99
C PRO E 156 15.52 13.94 -54.25
N VAL E 157 14.63 12.97 -54.30
CA VAL E 157 14.53 12.15 -55.48
C VAL E 157 13.78 12.92 -56.53
N MET E 158 12.69 13.57 -56.14
CA MET E 158 11.96 14.31 -57.11
C MET E 158 12.79 15.41 -57.71
N LYS E 159 13.69 16.00 -56.95
CA LYS E 159 14.49 17.05 -57.53
C LYS E 159 15.39 16.50 -58.64
N VAL E 160 16.05 15.39 -58.41
CA VAL E 160 16.90 14.82 -59.45
C VAL E 160 16.01 14.57 -60.66
N LEU E 161 14.84 13.97 -60.46
CA LEU E 161 14.00 13.65 -61.61
C LEU E 161 13.59 14.88 -62.39
N GLU E 162 13.17 15.94 -61.71
CA GLU E 162 12.74 17.16 -62.40
C GLU E 162 13.88 17.85 -63.16
N GLU E 163 15.09 17.76 -62.67
CA GLU E 163 16.18 18.42 -63.36
C GLU E 163 16.78 17.69 -64.53
N ALA E 164 16.86 16.37 -64.45
CA ALA E 164 17.43 15.57 -65.53
C ALA E 164 16.42 15.24 -66.55
N PHE E 165 15.23 14.90 -66.12
CA PHE E 165 14.26 14.47 -67.07
C PHE E 165 13.01 15.29 -67.15
N GLY E 166 12.69 16.09 -66.14
CA GLY E 166 11.43 16.84 -66.20
C GLY E 166 10.27 15.93 -65.77
N VAL E 167 9.42 16.38 -64.86
CA VAL E 167 8.35 15.52 -64.38
C VAL E 167 7.06 16.16 -64.76
N GLU E 168 6.14 15.34 -65.21
CA GLU E 168 4.90 15.89 -65.60
C GLU E 168 3.82 15.68 -64.57
N LYS E 169 3.74 14.49 -63.99
CA LYS E 169 2.74 14.17 -62.98
C LYS E 169 3.40 13.09 -62.18
N ALA E 170 2.88 12.76 -61.00
CA ALA E 170 3.49 11.66 -60.23
C ALA E 170 2.56 11.24 -59.13
N LEU E 171 2.61 9.97 -58.76
CA LEU E 171 1.79 9.44 -57.65
C LEU E 171 2.79 8.65 -56.89
N MET E 172 2.56 8.48 -55.59
CA MET E 172 3.43 7.68 -54.74
C MET E 172 2.74 7.03 -53.57
N THR E 173 3.32 5.95 -53.10
CA THR E 173 2.83 5.30 -51.93
C THR E 173 4.00 5.09 -50.98
N THR E 174 3.80 5.36 -49.70
CA THR E 174 4.86 5.01 -48.80
C THR E 174 4.41 3.87 -47.92
N VAL E 175 5.22 2.84 -47.83
CA VAL E 175 4.87 1.71 -46.98
C VAL E 175 5.75 2.08 -45.78
N HIS E 176 5.11 2.36 -44.66
CA HIS E 176 5.71 2.96 -43.46
C HIS E 176 5.56 2.14 -42.16
N SER E 177 6.60 2.14 -41.31
CA SER E 177 6.52 1.48 -39.98
C SER E 177 5.44 2.27 -39.23
N TYR E 178 4.84 1.70 -38.18
CA TYR E 178 3.83 2.44 -37.42
C TYR E 178 4.56 3.43 -36.58
N THR E 179 3.78 4.41 -36.20
CA THR E 179 4.20 5.53 -35.37
C THR E 179 3.28 5.67 -34.19
N ASN E 180 3.65 6.62 -33.34
CA ASN E 180 2.87 6.89 -32.15
C ASN E 180 1.50 7.51 -32.31
N ASP E 181 1.11 7.81 -33.52
CA ASP E 181 -0.22 8.30 -33.66
C ASP E 181 -1.21 7.16 -33.85
N GLN E 182 -0.76 5.92 -33.79
CA GLN E 182 -1.62 4.76 -33.99
C GLN E 182 -1.95 4.01 -32.70
N ARG E 183 -2.91 3.07 -32.79
CA ARG E 183 -3.35 2.28 -31.67
C ARG E 183 -2.69 1.00 -31.68
N LEU E 184 -2.51 0.37 -30.52
CA LEU E 184 -1.89 -0.97 -30.41
C LEU E 184 -2.94 -2.05 -30.62
N LEU E 185 -4.15 -1.83 -30.10
CA LEU E 185 -5.29 -2.72 -30.28
C LEU E 185 -6.49 -1.85 -30.70
N ASP E 186 -7.53 -2.41 -31.26
CA ASP E 186 -8.63 -1.60 -31.74
C ASP E 186 -9.13 -0.54 -30.78
N LEU E 187 -9.04 0.73 -31.16
CA LEU E 187 -9.46 1.82 -30.26
C LEU E 187 -9.87 3.14 -30.92
N PRO E 188 -10.92 3.81 -30.42
CA PRO E 188 -11.38 5.08 -30.99
C PRO E 188 -10.25 5.99 -31.50
N HIS E 189 -10.39 6.55 -32.68
CA HIS E 189 -9.40 7.46 -33.25
C HIS E 189 -10.15 8.40 -34.22
N LYS E 190 -9.56 9.56 -34.50
CA LYS E 190 -10.20 10.53 -35.41
C LYS E 190 -10.35 9.91 -36.81
N ASP E 191 -9.44 8.97 -37.12
CA ASP E 191 -9.34 8.26 -38.39
C ASP E 191 -9.70 6.83 -38.14
N LEU E 192 -10.78 6.35 -38.73
CA LEU E 192 -11.19 4.97 -38.52
C LEU E 192 -10.24 3.85 -38.98
N ARG E 193 -9.16 4.27 -39.61
CA ARG E 193 -8.17 3.31 -40.11
C ARG E 193 -7.08 3.20 -39.01
N ARG E 194 -6.56 4.36 -38.57
CA ARG E 194 -5.53 4.39 -37.57
C ARG E 194 -6.01 3.92 -36.26
N ALA E 195 -7.31 3.79 -36.16
CA ALA E 195 -7.96 3.29 -34.99
C ALA E 195 -7.70 1.84 -34.87
N ARG E 196 -6.97 1.24 -35.79
CA ARG E 196 -6.83 -0.23 -35.73
C ARG E 196 -5.46 -0.78 -35.29
N ALA E 197 -5.53 -1.99 -34.74
CA ALA E 197 -4.41 -2.76 -34.23
C ALA E 197 -3.17 -2.65 -35.09
N ALA E 198 -2.36 -1.67 -34.79
CA ALA E 198 -1.20 -1.44 -35.58
C ALA E 198 -0.28 -2.56 -35.84
N ALA E 199 -0.28 -3.60 -35.04
CA ALA E 199 0.78 -4.55 -35.34
C ALA E 199 0.46 -5.82 -36.05
N ILE E 200 -0.83 -6.00 -36.28
CA ILE E 200 -1.39 -7.13 -36.99
C ILE E 200 -2.19 -6.65 -38.24
N ASN E 201 -1.85 -5.48 -38.78
CA ASN E 201 -2.56 -4.95 -39.94
C ASN E 201 -1.72 -4.16 -40.88
N ILE E 202 -2.28 -3.96 -42.08
CA ILE E 202 -1.69 -3.10 -43.08
C ILE E 202 -2.78 -2.05 -43.01
N ILE E 203 -2.40 -0.82 -42.87
CA ILE E 203 -3.43 0.18 -42.72
C ILE E 203 -3.26 1.30 -43.73
N PRO E 204 -4.20 1.41 -44.66
CA PRO E 204 -4.09 2.47 -45.63
C PRO E 204 -4.44 3.71 -44.89
N THR E 205 -3.68 4.77 -45.11
CA THR E 205 -3.97 6.03 -44.48
C THR E 205 -3.57 7.15 -45.41
N THR E 206 -4.13 8.32 -45.21
CA THR E 206 -3.86 9.42 -46.08
C THR E 206 -2.57 10.16 -45.70
N THR E 207 -1.98 10.87 -46.66
CA THR E 207 -0.81 11.67 -46.40
C THR E 207 -0.80 12.87 -47.34
N GLY E 208 -0.05 13.90 -46.94
CA GLY E 208 0.04 15.10 -47.72
C GLY E 208 1.49 15.41 -48.03
N ALA E 209 2.36 14.45 -47.70
CA ALA E 209 3.80 14.55 -47.94
C ALA E 209 4.07 14.87 -49.40
N ALA E 210 3.30 14.25 -50.27
CA ALA E 210 3.42 14.46 -51.69
C ALA E 210 3.05 15.91 -52.01
N LYS E 211 1.78 16.28 -51.77
CA LYS E 211 1.35 17.66 -52.01
C LYS E 211 2.36 18.66 -51.45
N ALA E 212 2.79 18.42 -50.23
CA ALA E 212 3.75 19.28 -49.58
C ALA E 212 5.11 19.36 -50.26
N THR E 213 5.46 18.41 -51.12
CA THR E 213 6.75 18.47 -51.82
C THR E 213 6.70 19.70 -52.74
N ALA E 214 5.50 20.08 -53.13
CA ALA E 214 5.33 21.25 -53.97
C ALA E 214 5.83 22.54 -53.25
N LEU E 215 5.96 22.52 -51.92
CA LEU E 215 6.42 23.68 -51.17
C LEU E 215 7.87 23.95 -51.38
N VAL E 216 8.61 22.89 -51.65
CA VAL E 216 10.03 23.08 -51.83
C VAL E 216 10.45 22.95 -53.28
N LEU E 217 9.52 22.40 -54.07
CA LEU E 217 9.69 22.18 -55.50
C LEU E 217 8.37 22.59 -56.06
N PRO E 218 8.22 23.88 -56.31
CA PRO E 218 7.02 24.52 -56.84
C PRO E 218 6.56 23.98 -58.16
N SER E 219 7.48 23.52 -58.99
CA SER E 219 7.11 22.96 -60.28
C SER E 219 6.14 21.79 -60.16
N LEU E 220 6.08 21.16 -58.99
CA LEU E 220 5.20 20.01 -58.75
C LEU E 220 3.85 20.40 -58.25
N LYS E 221 3.66 21.70 -58.03
CA LYS E 221 2.40 22.24 -57.52
C LYS E 221 1.21 21.76 -58.36
N GLY E 222 0.39 20.89 -57.77
CA GLY E 222 -0.77 20.36 -58.45
C GLY E 222 -0.55 19.09 -59.25
N ARG E 223 0.70 18.62 -59.35
CA ARG E 223 1.04 17.42 -60.13
C ARG E 223 1.61 16.24 -59.39
N PHE E 224 1.52 16.23 -58.06
CA PHE E 224 2.07 15.16 -57.24
C PHE E 224 1.09 14.93 -56.12
N ASP E 225 0.78 13.69 -55.83
CA ASP E 225 -0.12 13.35 -54.75
C ASP E 225 0.23 11.92 -54.39
N GLY E 226 -0.32 11.40 -53.29
CA GLY E 226 0.02 10.03 -52.86
C GLY E 226 -0.83 9.40 -51.77
N MET E 227 -0.36 8.28 -51.22
CA MET E 227 -1.09 7.55 -50.21
C MET E 227 -0.06 6.96 -49.25
N ALA E 228 -0.48 6.28 -48.19
CA ALA E 228 0.49 5.64 -47.28
C ALA E 228 -0.04 4.35 -46.72
N LEU E 229 0.83 3.41 -46.46
CA LEU E 229 0.34 2.17 -45.91
C LEU E 229 1.21 1.92 -44.72
N ARG E 230 0.60 1.68 -43.57
CA ARG E 230 1.38 1.47 -42.36
C ARG E 230 1.45 0.00 -42.17
N VAL E 231 2.65 -0.49 -41.88
CA VAL E 231 2.85 -1.92 -41.69
C VAL E 231 3.51 -2.29 -40.38
N PRO E 232 3.34 -3.54 -39.92
CA PRO E 232 3.90 -3.99 -38.66
C PRO E 232 5.40 -3.94 -38.43
N THR E 233 6.06 -2.81 -38.65
CA THR E 233 7.49 -2.69 -38.35
C THR E 233 7.62 -1.44 -37.46
N ALA E 234 8.69 -1.32 -36.66
CA ALA E 234 8.81 -0.18 -35.75
C ALA E 234 9.39 1.11 -36.29
N THR E 235 10.46 1.04 -37.06
CA THR E 235 10.96 2.27 -37.69
C THR E 235 11.49 1.82 -39.03
N GLY E 236 11.53 2.71 -40.01
CA GLY E 236 12.01 2.31 -41.31
C GLY E 236 10.87 2.33 -42.29
N SER E 237 11.15 2.89 -43.45
CA SER E 237 10.10 2.98 -44.46
C SER E 237 10.65 2.91 -45.86
N ILE E 238 9.74 3.00 -46.80
CA ILE E 238 10.10 3.00 -48.20
C ILE E 238 9.06 3.75 -49.02
N SER E 239 9.58 4.69 -49.80
CA SER E 239 8.75 5.45 -50.71
C SER E 239 8.79 4.82 -52.11
N ASP E 240 7.61 4.65 -52.67
CA ASP E 240 7.39 4.04 -53.98
C ASP E 240 6.82 5.11 -54.93
N ILE E 241 7.71 5.79 -55.65
CA ILE E 241 7.30 6.85 -56.56
C ILE E 241 7.05 6.32 -57.97
N THR E 242 6.00 6.80 -58.63
CA THR E 242 5.69 6.41 -59.98
C THR E 242 5.57 7.76 -60.70
N ALA E 243 6.59 8.08 -61.46
CA ALA E 243 6.64 9.34 -62.16
C ALA E 243 6.36 9.22 -63.68
N LEU E 244 5.72 10.25 -64.20
CA LEU E 244 5.40 10.38 -65.60
C LEU E 244 6.34 11.46 -66.08
N LEU E 245 7.42 11.07 -66.73
CA LEU E 245 8.38 12.04 -67.20
C LEU E 245 8.09 12.68 -68.56
N LYS E 246 8.86 13.72 -68.85
CA LYS E 246 8.75 14.48 -70.08
C LYS E 246 9.53 13.91 -71.27
N ARG E 247 10.13 12.74 -71.10
CA ARG E 247 10.90 12.14 -72.19
C ARG E 247 11.05 10.67 -71.90
N GLU E 248 11.50 9.87 -72.86
CA GLU E 248 11.62 8.45 -72.60
C GLU E 248 12.98 8.14 -72.01
N VAL E 249 12.94 7.27 -71.03
CA VAL E 249 14.12 6.91 -70.33
C VAL E 249 14.13 5.43 -70.20
N THR E 250 15.27 4.93 -69.75
CA THR E 250 15.46 3.52 -69.46
C THR E 250 15.86 3.49 -67.96
N ALA E 251 15.66 2.38 -67.26
CA ALA E 251 16.04 2.29 -65.86
C ALA E 251 17.47 2.79 -65.62
N GLU E 252 18.39 2.39 -66.48
CA GLU E 252 19.79 2.75 -66.36
C GLU E 252 20.06 4.23 -66.32
N GLU E 253 19.35 5.05 -67.10
CA GLU E 253 19.52 6.52 -67.13
C GLU E 253 19.03 7.14 -65.84
N VAL E 254 17.86 6.65 -65.39
CA VAL E 254 17.24 7.13 -64.17
C VAL E 254 18.21 6.83 -63.05
N ASN E 255 18.60 5.58 -62.92
CA ASN E 255 19.55 5.21 -61.88
C ASN E 255 20.83 5.95 -61.96
N ALA E 256 21.32 6.17 -63.16
CA ALA E 256 22.58 6.90 -63.32
C ALA E 256 22.46 8.38 -62.87
N ALA E 257 21.29 8.97 -63.03
CA ALA E 257 21.04 10.34 -62.64
C ALA E 257 21.02 10.43 -61.09
N LEU E 258 20.35 9.45 -60.48
CA LEU E 258 20.23 9.35 -59.02
C LEU E 258 21.60 9.13 -58.42
N LYS E 259 22.38 8.22 -58.97
CA LYS E 259 23.70 7.94 -58.46
C LYS E 259 24.63 9.13 -58.50
N ALA E 260 24.49 9.97 -59.50
CA ALA E 260 25.39 11.11 -59.63
C ALA E 260 25.01 12.22 -58.68
N ALA E 261 23.72 12.34 -58.41
CA ALA E 261 23.22 13.32 -57.46
C ALA E 261 23.73 12.87 -56.10
N ALA E 262 23.68 11.57 -55.85
CA ALA E 262 24.09 11.00 -54.58
C ALA E 262 25.55 11.12 -54.24
N GLU E 263 26.38 11.27 -55.27
CA GLU E 263 27.83 11.40 -55.07
C GLU E 263 28.30 12.83 -55.26
N GLY E 264 27.39 13.72 -55.63
CA GLY E 264 27.77 15.10 -55.81
C GLY E 264 27.00 16.09 -54.95
N PRO E 265 26.04 16.79 -55.54
CA PRO E 265 25.20 17.79 -54.89
C PRO E 265 24.34 17.31 -53.73
N LEU E 266 23.74 16.13 -53.83
CA LEU E 266 22.87 15.65 -52.78
C LEU E 266 23.60 14.76 -51.84
N LYS E 267 24.93 14.81 -51.85
CA LYS E 267 25.68 13.95 -50.96
C LYS E 267 25.32 14.14 -49.50
N GLY E 268 25.32 13.04 -48.75
CA GLY E 268 24.99 13.13 -47.35
C GLY E 268 23.49 13.13 -47.15
N ILE E 269 22.73 13.58 -48.14
CA ILE E 269 21.28 13.61 -48.05
C ILE E 269 20.59 12.48 -48.82
N LEU E 270 20.96 12.33 -50.09
CA LEU E 270 20.43 11.27 -50.94
C LEU E 270 21.53 10.21 -51.04
N ALA E 271 21.17 8.95 -50.96
CA ALA E 271 22.16 7.91 -51.10
C ALA E 271 21.69 7.02 -52.20
N TYR E 272 22.54 6.10 -52.60
CA TYR E 272 22.24 5.23 -53.73
C TYR E 272 22.95 3.92 -53.50
N THR E 273 22.23 2.79 -53.58
CA THR E 273 22.87 1.47 -53.42
C THR E 273 22.45 0.43 -54.44
N GLU E 274 23.32 -0.53 -54.67
CA GLU E 274 23.01 -1.59 -55.59
C GLU E 274 22.91 -2.95 -54.90
N ASP E 275 23.11 -3.00 -53.57
CA ASP E 275 23.01 -4.25 -52.84
C ASP E 275 21.59 -4.66 -52.64
N GLU E 276 21.41 -5.94 -52.29
CA GLU E 276 20.11 -6.54 -52.05
C GLU E 276 19.76 -6.51 -50.55
N ILE E 277 19.48 -5.25 -50.16
CA ILE E 277 19.13 -4.87 -48.79
C ILE E 277 17.64 -5.00 -48.48
N VAL E 278 17.34 -5.18 -47.18
CA VAL E 278 15.98 -5.23 -46.66
C VAL E 278 15.85 -4.09 -45.60
N LEU E 279 14.67 -3.93 -45.03
CA LEU E 279 14.43 -2.90 -44.06
C LEU E 279 15.48 -2.81 -42.98
N GLN E 280 15.80 -3.89 -42.32
CA GLN E 280 16.78 -3.77 -41.26
C GLN E 280 18.12 -3.19 -41.68
N ASP E 281 18.42 -3.20 -42.95
CA ASP E 281 19.73 -2.74 -43.33
C ASP E 281 19.80 -1.24 -43.37
N ILE E 282 18.66 -0.57 -43.41
CA ILE E 282 18.64 0.91 -43.46
C ILE E 282 18.30 1.63 -42.14
N VAL E 283 18.05 0.85 -41.10
CA VAL E 283 17.73 1.39 -39.81
C VAL E 283 18.98 2.00 -39.25
N MET E 284 18.87 3.28 -38.88
CA MET E 284 19.92 4.11 -38.30
C MET E 284 20.80 4.68 -39.37
N ASP E 285 20.33 4.62 -40.63
CA ASP E 285 21.09 5.20 -41.71
C ASP E 285 20.77 6.67 -41.62
N PRO E 286 21.73 7.54 -41.83
CA PRO E 286 21.47 8.96 -41.74
C PRO E 286 20.94 9.69 -42.96
N HIS E 287 20.80 9.01 -44.09
CA HIS E 287 20.31 9.67 -45.27
C HIS E 287 18.81 9.84 -45.25
N SER E 288 18.35 10.89 -45.92
CA SER E 288 16.94 11.22 -46.06
C SER E 288 16.26 10.24 -47.02
N SER E 289 16.98 9.76 -48.03
CA SER E 289 16.44 8.87 -49.08
C SER E 289 17.54 7.92 -49.53
N ILE E 290 17.25 6.64 -49.59
CA ILE E 290 18.25 5.68 -50.05
C ILE E 290 17.66 4.96 -51.23
N VAL E 291 18.13 5.34 -52.41
CA VAL E 291 17.67 4.75 -53.65
C VAL E 291 18.09 3.29 -53.82
N ASP E 292 17.12 2.39 -53.84
CA ASP E 292 17.44 0.99 -54.07
C ASP E 292 17.42 0.82 -55.61
N ALA E 293 18.61 0.98 -56.20
CA ALA E 293 18.78 0.90 -57.65
C ALA E 293 18.21 -0.31 -58.39
N LYS E 294 18.32 -1.52 -57.86
CA LYS E 294 17.81 -2.70 -58.54
C LYS E 294 16.32 -2.85 -58.71
N LEU E 295 15.55 -1.88 -58.20
CA LEU E 295 14.10 -2.00 -58.26
C LEU E 295 13.51 -1.06 -59.25
N THR E 296 14.33 -0.15 -59.75
CA THR E 296 13.83 0.85 -60.68
C THR E 296 13.26 0.19 -61.90
N LYS E 297 12.11 0.67 -62.37
CA LYS E 297 11.48 0.17 -63.56
C LYS E 297 11.12 1.34 -64.46
N ALA E 298 11.06 1.13 -65.77
CA ALA E 298 10.72 2.20 -66.72
C ALA E 298 9.92 1.63 -67.85
N LEU E 299 8.77 2.24 -68.12
CA LEU E 299 7.95 1.85 -69.25
C LEU E 299 8.00 3.08 -70.09
N GLY E 300 9.16 3.33 -70.67
CA GLY E 300 9.25 4.50 -71.50
C GLY E 300 9.35 5.76 -70.69
N ASN E 301 8.25 6.42 -70.47
CA ASN E 301 8.38 7.63 -69.70
C ASN E 301 7.66 7.56 -68.34
N MET E 302 7.11 6.40 -68.07
CA MET E 302 6.47 6.21 -66.80
C MET E 302 7.54 5.42 -66.09
N VAL E 303 8.24 6.08 -65.18
CA VAL E 303 9.29 5.39 -64.46
C VAL E 303 8.80 5.09 -63.02
N LYS E 304 9.53 4.24 -62.31
CA LYS E 304 9.16 3.92 -60.94
C LYS E 304 10.38 3.74 -60.08
N VAL E 305 10.64 4.69 -59.16
CA VAL E 305 11.80 4.66 -58.26
C VAL E 305 11.40 4.29 -56.79
N PHE E 306 12.33 3.75 -56.03
CA PHE E 306 12.07 3.32 -54.65
C PHE E 306 13.12 3.90 -53.71
N ALA E 307 12.73 4.60 -52.64
CA ALA E 307 13.71 5.11 -51.69
C ALA E 307 13.37 4.72 -50.27
N TRP E 308 14.33 4.10 -49.59
CA TRP E 308 14.09 3.72 -48.20
C TRP E 308 14.48 4.95 -47.41
N TYR E 309 14.04 5.03 -46.17
CA TYR E 309 14.39 6.08 -45.21
C TYR E 309 14.05 5.64 -43.78
N ASP E 310 14.93 5.92 -42.82
CA ASP E 310 14.62 5.59 -41.39
C ASP E 310 13.81 6.84 -40.87
N ASN E 311 12.51 6.70 -40.74
CA ASN E 311 11.74 7.84 -40.33
C ASN E 311 12.14 8.44 -38.98
N GLU E 312 12.89 7.71 -38.19
CA GLU E 312 13.28 8.29 -36.96
C GLU E 312 14.64 8.84 -37.22
N TRP E 313 15.63 7.99 -37.19
CA TRP E 313 16.98 8.45 -37.35
C TRP E 313 17.32 9.38 -38.51
N GLY E 314 16.79 9.16 -39.71
CA GLY E 314 17.15 10.02 -40.82
C GLY E 314 16.62 11.40 -40.66
N TYR E 315 15.37 11.47 -40.24
CA TYR E 315 14.69 12.73 -39.98
C TYR E 315 15.47 13.46 -38.92
N ALA E 316 15.73 12.74 -37.86
CA ALA E 316 16.44 13.25 -36.75
C ALA E 316 17.73 13.86 -37.20
N ASN E 317 18.45 13.24 -38.13
CA ASN E 317 19.69 13.85 -38.58
C ASN E 317 19.41 15.08 -39.35
N ARG E 318 18.26 15.12 -40.01
CA ARG E 318 17.94 16.33 -40.77
C ARG E 318 17.59 17.48 -39.82
N VAL E 319 16.85 17.20 -38.74
CA VAL E 319 16.55 18.26 -37.79
C VAL E 319 17.89 18.83 -37.30
N ALA E 320 18.78 17.93 -36.89
CA ALA E 320 20.10 18.32 -36.38
C ALA E 320 20.78 19.21 -37.40
N ASP E 321 20.87 18.73 -38.63
CA ASP E 321 21.48 19.52 -39.69
C ASP E 321 20.88 20.92 -39.80
N LEU E 322 19.55 21.03 -39.73
CA LEU E 322 18.93 22.34 -39.84
C LEU E 322 19.36 23.21 -38.70
N VAL E 323 19.27 22.69 -37.48
CA VAL E 323 19.65 23.45 -36.31
C VAL E 323 21.05 23.98 -36.48
N GLU E 324 21.99 23.19 -36.95
CA GLU E 324 23.32 23.74 -37.15
C GLU E 324 23.29 24.84 -38.20
N LEU E 325 22.44 24.73 -39.20
CA LEU E 325 22.37 25.79 -40.20
C LEU E 325 21.77 27.08 -39.59
N VAL E 326 20.67 26.98 -38.84
CA VAL E 326 20.07 28.18 -38.20
C VAL E 326 21.13 28.85 -37.30
N LEU E 327 21.95 28.02 -36.66
CA LEU E 327 23.02 28.50 -35.80
C LEU E 327 24.13 29.20 -36.57
N ARG E 328 24.83 28.52 -37.46
CA ARG E 328 25.93 29.14 -38.24
C ARG E 328 25.53 30.50 -38.92
N LYS E 329 24.23 30.67 -39.18
CA LYS E 329 23.71 31.87 -39.81
C LYS E 329 23.35 33.03 -38.87
N GLY E 330 23.75 32.98 -37.61
CA GLY E 330 23.39 34.05 -36.68
C GLY E 330 21.96 33.92 -36.11
N VAL E 331 21.87 33.22 -34.96
CA VAL E 331 20.60 32.95 -34.27
C VAL E 331 20.70 32.99 -32.74
N MET F 1 -15.92 -37.41 -62.25
CA MET F 1 -14.61 -37.92 -61.73
C MET F 1 -14.32 -37.42 -60.30
N LYS F 2 -13.21 -37.88 -59.71
CA LYS F 2 -12.86 -37.48 -58.36
C LYS F 2 -11.59 -36.63 -58.35
N VAL F 3 -11.50 -35.72 -57.37
CA VAL F 3 -10.34 -34.83 -57.22
C VAL F 3 -9.25 -35.42 -56.32
N GLY F 4 -7.99 -35.17 -56.69
CA GLY F 4 -6.84 -35.65 -55.93
C GLY F 4 -6.07 -34.39 -55.61
N ILE F 5 -5.32 -34.35 -54.49
CA ILE F 5 -4.55 -33.17 -54.10
C ILE F 5 -3.11 -33.58 -53.80
N ASN F 6 -2.14 -32.98 -54.50
CA ASN F 6 -0.77 -33.28 -54.22
C ASN F 6 -0.14 -32.07 -53.54
N GLY F 7 0.28 -32.23 -52.28
CA GLY F 7 0.83 -31.08 -51.57
C GLY F 7 -0.24 -30.40 -50.74
N PHE F 8 -0.44 -30.99 -49.59
CA PHE F 8 -1.41 -30.55 -48.64
C PHE F 8 -0.94 -29.32 -47.79
N GLY F 9 -0.43 -28.25 -48.39
CA GLY F 9 0.05 -27.14 -47.58
C GLY F 9 -0.97 -26.04 -47.33
N ARG F 10 -0.52 -24.79 -47.31
CA ARG F 10 -1.48 -23.70 -47.09
C ARG F 10 -2.55 -23.70 -48.17
N ILE F 11 -2.13 -23.70 -49.44
CA ILE F 11 -3.15 -23.73 -50.47
C ILE F 11 -3.87 -25.09 -50.52
N GLY F 12 -3.12 -26.19 -50.43
CA GLY F 12 -3.78 -27.48 -50.46
C GLY F 12 -4.89 -27.66 -49.45
N ARG F 13 -4.60 -27.32 -48.21
CA ARG F 13 -5.59 -27.50 -47.17
C ARG F 13 -6.76 -26.55 -47.30
N GLN F 14 -6.53 -25.29 -47.68
CA GLN F 14 -7.64 -24.37 -47.84
C GLN F 14 -8.51 -24.86 -48.99
N VAL F 15 -7.86 -25.32 -50.06
CA VAL F 15 -8.64 -25.81 -51.18
C VAL F 15 -9.53 -26.98 -50.70
N PHE F 16 -8.98 -27.93 -49.93
CA PHE F 16 -9.77 -29.06 -49.40
C PHE F 16 -10.96 -28.62 -48.58
N ARG F 17 -10.80 -27.66 -47.70
CA ARG F 17 -11.94 -27.19 -46.89
C ARG F 17 -13.01 -26.65 -47.74
N ILE F 18 -12.59 -25.98 -48.79
CA ILE F 18 -13.55 -25.38 -49.65
C ILE F 18 -14.29 -26.40 -50.49
N LEU F 19 -13.52 -27.22 -51.19
CA LEU F 19 -14.13 -28.25 -52.03
C LEU F 19 -15.00 -29.09 -51.17
N HIS F 20 -14.58 -29.31 -49.93
CA HIS F 20 -15.37 -30.10 -49.02
C HIS F 20 -16.71 -29.44 -48.69
N SER F 21 -16.72 -28.15 -48.45
CA SER F 21 -17.98 -27.50 -48.12
C SER F 21 -18.86 -27.38 -49.34
N ARG F 22 -18.30 -27.60 -50.53
CA ARG F 22 -19.12 -27.48 -51.74
C ARG F 22 -19.79 -28.76 -52.16
N GLY F 23 -19.27 -29.88 -51.70
CA GLY F 23 -19.88 -31.12 -52.07
C GLY F 23 -18.99 -31.85 -53.05
N VAL F 24 -17.79 -31.31 -53.32
CA VAL F 24 -16.88 -31.98 -54.24
C VAL F 24 -16.11 -33.11 -53.51
N GLU F 25 -15.97 -34.27 -54.15
CA GLU F 25 -15.30 -35.38 -53.49
C GLU F 25 -13.83 -35.47 -53.81
N VAL F 26 -13.04 -35.44 -52.75
CA VAL F 26 -11.60 -35.51 -52.82
C VAL F 26 -11.35 -36.98 -52.47
N ALA F 27 -10.64 -37.71 -53.30
CA ALA F 27 -10.42 -39.13 -53.01
C ALA F 27 -9.07 -39.47 -52.46
N LEU F 28 -8.05 -38.73 -52.87
CA LEU F 28 -6.72 -38.98 -52.38
C LEU F 28 -5.96 -37.65 -52.17
N ILE F 29 -5.12 -37.62 -51.13
CA ILE F 29 -4.30 -36.47 -50.78
C ILE F 29 -2.92 -37.05 -50.62
N ASN F 30 -1.93 -36.39 -51.15
CA ASN F 30 -0.59 -36.90 -51.03
C ASN F 30 0.21 -35.73 -50.55
N ASP F 31 1.25 -36.02 -49.79
CA ASP F 31 2.12 -34.99 -49.27
C ASP F 31 3.32 -35.83 -48.90
N LEU F 32 4.21 -35.32 -48.07
CA LEU F 32 5.41 -36.08 -47.68
C LEU F 32 5.47 -36.46 -46.19
N THR F 33 4.34 -36.42 -45.51
CA THR F 33 4.35 -36.68 -44.10
C THR F 33 3.26 -37.63 -43.75
N ASP F 34 3.30 -38.06 -42.48
CA ASP F 34 2.34 -39.01 -41.95
C ASP F 34 0.99 -38.45 -41.72
N ASN F 35 0.04 -39.36 -41.67
CA ASN F 35 -1.36 -39.03 -41.53
C ASN F 35 -1.73 -38.22 -40.28
N LYS F 36 -1.10 -38.57 -39.16
CA LYS F 36 -1.36 -37.89 -37.90
C LYS F 36 -1.18 -36.41 -38.11
N THR F 37 -0.07 -36.08 -38.74
CA THR F 37 0.26 -34.72 -39.01
C THR F 37 -0.71 -34.02 -39.97
N LEU F 38 -1.07 -34.69 -41.04
CA LEU F 38 -1.98 -34.07 -41.96
C LEU F 38 -3.29 -33.73 -41.27
N ALA F 39 -3.75 -34.67 -40.46
CA ALA F 39 -5.01 -34.49 -39.80
C ALA F 39 -4.98 -33.34 -38.81
N HIS F 40 -3.89 -33.27 -38.07
CA HIS F 40 -3.70 -32.26 -37.05
C HIS F 40 -3.60 -30.94 -37.72
N LEU F 41 -2.92 -30.92 -38.86
CA LEU F 41 -2.73 -29.70 -39.57
C LEU F 41 -4.02 -29.20 -40.17
N LEU F 42 -4.88 -30.15 -40.51
CA LEU F 42 -6.19 -29.84 -41.09
C LEU F 42 -7.17 -29.35 -40.01
N LYS F 43 -7.15 -30.06 -38.89
CA LYS F 43 -8.01 -29.77 -37.74
C LYS F 43 -7.73 -28.40 -37.13
N TYR F 44 -6.46 -28.11 -36.84
CA TYR F 44 -6.04 -26.87 -36.25
C TYR F 44 -5.31 -25.95 -37.23
N ASP F 45 -5.86 -24.78 -37.51
CA ASP F 45 -5.23 -23.82 -38.43
C ASP F 45 -4.99 -22.47 -37.71
N SER F 46 -3.76 -22.01 -37.75
CA SER F 46 -3.41 -20.78 -37.12
C SER F 46 -4.12 -19.58 -37.63
N ILE F 47 -4.59 -19.61 -38.87
CA ILE F 47 -5.27 -18.47 -39.47
C ILE F 47 -6.76 -18.58 -39.58
N TYR F 48 -7.29 -19.71 -40.01
CA TYR F 48 -8.72 -19.80 -40.20
C TYR F 48 -9.35 -20.61 -39.11
N HIS F 49 -8.47 -21.05 -38.24
CA HIS F 49 -8.88 -21.78 -37.09
C HIS F 49 -9.41 -23.15 -37.25
N ARG F 50 -10.23 -23.61 -36.33
CA ARG F 50 -10.64 -24.97 -36.37
C ARG F 50 -11.48 -25.41 -37.51
N PHE F 51 -11.12 -26.60 -38.01
CA PHE F 51 -11.83 -27.25 -39.09
C PHE F 51 -13.14 -27.61 -38.46
N PRO F 52 -14.27 -27.12 -39.04
CA PRO F 52 -15.63 -27.37 -38.54
C PRO F 52 -16.16 -28.71 -39.05
N GLY F 53 -15.60 -29.78 -38.52
CA GLY F 53 -16.00 -31.12 -38.86
C GLY F 53 -15.17 -32.03 -38.00
N GLU F 54 -15.47 -33.33 -38.03
CA GLU F 54 -14.70 -34.28 -37.24
C GLU F 54 -13.58 -34.80 -38.07
N VAL F 55 -12.35 -34.69 -37.57
CA VAL F 55 -11.21 -35.20 -38.30
C VAL F 55 -10.62 -36.32 -37.48
N ALA F 56 -10.32 -37.44 -38.13
CA ALA F 56 -9.71 -38.61 -37.49
C ALA F 56 -8.81 -39.17 -38.55
N TYR F 57 -8.12 -40.25 -38.24
CA TYR F 57 -7.24 -40.83 -39.23
C TYR F 57 -6.69 -42.16 -38.73
N ASP F 58 -6.09 -42.90 -39.64
CA ASP F 58 -5.49 -44.18 -39.38
C ASP F 58 -4.34 -44.26 -40.37
N ASP F 59 -3.57 -45.34 -40.28
CA ASP F 59 -2.39 -45.50 -41.14
C ASP F 59 -2.55 -45.43 -42.64
N GLN F 60 -3.78 -45.31 -43.13
CA GLN F 60 -3.95 -45.26 -44.58
C GLN F 60 -4.95 -44.24 -45.11
N TYR F 61 -5.76 -43.70 -44.20
CA TYR F 61 -6.79 -42.77 -44.60
C TYR F 61 -6.95 -41.62 -43.59
N LEU F 62 -7.55 -40.52 -44.04
CA LEU F 62 -7.90 -39.41 -43.16
C LEU F 62 -9.40 -39.65 -43.02
N TYR F 63 -10.06 -39.03 -42.07
CA TYR F 63 -11.48 -39.22 -41.97
C TYR F 63 -12.03 -37.90 -41.65
N VAL F 64 -12.75 -37.30 -42.60
CA VAL F 64 -13.35 -35.98 -42.41
C VAL F 64 -14.86 -36.17 -42.38
N ASP F 65 -15.45 -36.17 -41.19
CA ASP F 65 -16.90 -36.34 -41.06
C ASP F 65 -17.37 -37.74 -41.52
N GLY F 66 -16.50 -38.74 -41.30
CA GLY F 66 -16.83 -40.11 -41.69
C GLY F 66 -16.25 -40.57 -43.01
N LYS F 67 -16.11 -39.68 -43.98
CA LYS F 67 -15.56 -40.03 -45.29
C LYS F 67 -14.11 -40.42 -45.18
N ALA F 68 -13.76 -41.48 -45.92
CA ALA F 68 -12.40 -41.97 -45.96
C ALA F 68 -11.80 -41.23 -47.14
N ILE F 69 -10.54 -40.81 -46.98
CA ILE F 69 -9.83 -40.09 -48.02
C ILE F 69 -8.43 -40.66 -47.98
N ARG F 70 -8.08 -41.43 -49.00
CA ARG F 70 -6.77 -42.04 -49.05
C ARG F 70 -5.69 -40.94 -48.87
N ALA F 71 -4.65 -41.24 -48.09
CA ALA F 71 -3.59 -40.29 -47.86
C ALA F 71 -2.24 -40.98 -47.98
N THR F 72 -1.31 -40.30 -48.64
CA THR F 72 0.01 -40.87 -48.89
C THR F 72 1.26 -39.99 -48.84
N ALA F 73 2.41 -40.68 -48.77
CA ALA F 73 3.67 -39.99 -48.70
C ALA F 73 4.59 -40.45 -49.81
N VAL F 74 4.18 -40.16 -51.04
CA VAL F 74 4.98 -40.54 -52.17
C VAL F 74 5.74 -39.31 -52.66
N LYS F 75 7.07 -39.39 -52.67
CA LYS F 75 7.94 -38.31 -53.10
C LYS F 75 7.91 -37.98 -54.61
N ASP F 76 7.46 -38.93 -55.43
CA ASP F 76 7.42 -38.78 -56.91
C ASP F 76 6.00 -38.90 -57.52
N PRO F 77 5.56 -37.90 -58.32
CA PRO F 77 4.22 -37.92 -58.94
C PRO F 77 3.92 -39.19 -59.76
N LYS F 78 4.93 -39.67 -60.48
CA LYS F 78 4.76 -40.86 -61.31
C LYS F 78 4.26 -42.07 -60.49
N GLU F 79 4.71 -42.17 -59.24
CA GLU F 79 4.31 -43.29 -58.39
C GLU F 79 3.01 -43.10 -57.62
N ILE F 80 2.20 -42.11 -57.98
CA ILE F 80 0.96 -41.90 -57.25
C ILE F 80 -0.18 -42.66 -57.91
N PRO F 81 -0.95 -43.40 -57.09
CA PRO F 81 -2.11 -44.22 -57.49
C PRO F 81 -3.29 -43.34 -57.81
N TRP F 82 -3.09 -42.25 -58.53
CA TRP F 82 -4.18 -41.35 -58.85
C TRP F 82 -5.34 -42.13 -59.41
N ALA F 83 -5.02 -43.05 -60.32
CA ALA F 83 -6.01 -43.90 -61.02
C ALA F 83 -6.72 -44.94 -60.14
N GLU F 84 -5.94 -45.63 -59.31
CA GLU F 84 -6.45 -46.62 -58.37
C GLU F 84 -7.48 -46.02 -57.41
N ALA F 85 -7.61 -44.69 -57.45
CA ALA F 85 -8.56 -43.97 -56.62
C ALA F 85 -9.70 -43.39 -57.46
N GLY F 86 -9.56 -43.49 -58.77
CA GLY F 86 -10.59 -42.97 -59.64
C GLY F 86 -10.52 -41.47 -59.56
N VAL F 87 -9.28 -40.97 -59.58
CA VAL F 87 -9.01 -39.55 -59.50
C VAL F 87 -8.69 -39.05 -60.89
N GLY F 88 -9.48 -38.05 -61.29
CA GLY F 88 -9.34 -37.49 -62.61
C GLY F 88 -8.76 -36.09 -62.69
N VAL F 89 -9.01 -35.26 -61.68
CA VAL F 89 -8.48 -33.93 -61.68
C VAL F 89 -7.53 -33.89 -60.52
N VAL F 90 -6.23 -33.72 -60.80
CA VAL F 90 -5.22 -33.64 -59.74
C VAL F 90 -4.88 -32.19 -59.47
N ILE F 91 -4.85 -31.79 -58.20
CA ILE F 91 -4.49 -30.42 -57.83
C ILE F 91 -3.06 -30.46 -57.39
N GLU F 92 -2.22 -29.93 -58.24
CA GLU F 92 -0.82 -29.91 -57.98
C GLU F 92 -0.54 -28.66 -57.18
N SER F 93 -0.45 -28.84 -55.86
CA SER F 93 -0.20 -27.72 -54.99
C SER F 93 1.04 -27.84 -54.12
N THR F 94 2.00 -28.69 -54.47
CA THR F 94 3.24 -28.86 -53.70
C THR F 94 4.17 -27.70 -53.89
N GLY F 95 4.21 -27.18 -55.09
CA GLY F 95 5.08 -26.06 -55.36
C GLY F 95 6.40 -26.41 -55.97
N VAL F 96 6.61 -27.66 -56.38
CA VAL F 96 7.88 -28.05 -56.96
C VAL F 96 7.68 -28.66 -58.33
N PHE F 97 6.42 -28.82 -58.72
CA PHE F 97 6.10 -29.41 -60.00
C PHE F 97 5.28 -28.45 -60.85
N THR F 98 5.73 -27.20 -60.96
CA THR F 98 5.06 -26.14 -61.73
C THR F 98 5.50 -26.12 -63.19
N ASP F 99 6.51 -26.91 -63.47
CA ASP F 99 7.02 -27.12 -64.82
C ASP F 99 6.04 -28.21 -65.36
N ALA F 100 5.32 -27.90 -66.44
CA ALA F 100 4.34 -28.85 -66.98
C ALA F 100 4.99 -30.19 -67.34
N ASP F 101 6.22 -30.09 -67.78
CA ASP F 101 6.96 -31.27 -68.13
C ASP F 101 7.03 -32.16 -66.92
N LYS F 102 6.98 -31.57 -65.74
CA LYS F 102 7.05 -32.36 -64.54
C LYS F 102 5.67 -32.68 -64.01
N ALA F 103 4.74 -31.74 -64.11
CA ALA F 103 3.40 -32.01 -63.61
C ALA F 103 2.72 -33.08 -64.44
N LYS F 104 3.29 -33.30 -65.65
CA LYS F 104 2.81 -34.28 -66.64
C LYS F 104 2.79 -35.72 -66.11
N ALA F 105 3.61 -36.03 -65.10
CA ALA F 105 3.65 -37.36 -64.52
C ALA F 105 2.34 -37.75 -63.90
N HIS F 106 1.52 -36.78 -63.53
CA HIS F 106 0.23 -37.10 -62.90
C HIS F 106 -0.64 -37.83 -63.90
N LEU F 107 -0.47 -37.46 -65.17
CA LEU F 107 -1.21 -38.06 -66.28
C LEU F 107 -0.77 -39.52 -66.42
N GLU F 108 0.54 -39.73 -66.43
CA GLU F 108 1.09 -41.06 -66.51
C GLU F 108 0.52 -41.91 -65.38
N GLY F 109 0.30 -41.31 -64.20
CA GLY F 109 -0.26 -42.06 -63.07
C GLY F 109 -1.76 -42.33 -63.14
N GLY F 110 -2.42 -41.84 -64.19
CA GLY F 110 -3.83 -42.10 -64.36
C GLY F 110 -4.78 -40.92 -64.39
N ALA F 111 -4.30 -39.71 -64.17
CA ALA F 111 -5.19 -38.57 -64.17
C ALA F 111 -5.29 -38.03 -65.57
N LYS F 112 -6.30 -37.20 -65.81
CA LYS F 112 -6.56 -36.59 -67.09
C LYS F 112 -6.32 -35.08 -67.13
N LYS F 113 -6.49 -34.42 -65.98
CA LYS F 113 -6.27 -32.97 -65.86
C LYS F 113 -5.43 -32.69 -64.59
N VAL F 114 -4.55 -31.70 -64.68
CA VAL F 114 -3.68 -31.29 -63.59
C VAL F 114 -3.86 -29.77 -63.50
N ILE F 115 -4.20 -29.28 -62.32
CA ILE F 115 -4.37 -27.85 -62.11
C ILE F 115 -3.20 -27.41 -61.22
N ILE F 116 -2.31 -26.61 -61.77
CA ILE F 116 -1.14 -26.09 -61.06
C ILE F 116 -1.61 -24.76 -60.45
N THR F 117 -1.56 -24.68 -59.13
CA THR F 117 -2.02 -23.51 -58.41
C THR F 117 -0.89 -22.53 -58.39
N ALA F 118 -0.34 -22.20 -59.52
CA ALA F 118 0.75 -21.26 -59.54
C ALA F 118 1.13 -21.03 -60.96
N PRO F 119 1.88 -19.97 -61.22
CA PRO F 119 2.27 -19.75 -62.59
C PRO F 119 3.11 -20.93 -62.98
N ALA F 120 2.77 -21.49 -64.14
CA ALA F 120 3.50 -22.64 -64.64
C ALA F 120 4.47 -22.28 -65.75
N LYS F 121 5.10 -23.32 -66.28
CA LYS F 121 6.06 -23.20 -67.35
C LYS F 121 5.67 -24.34 -68.30
N GLY F 122 5.18 -23.98 -69.50
CA GLY F 122 4.78 -24.99 -70.47
C GLY F 122 3.36 -25.51 -70.30
N GLU F 123 2.57 -24.79 -69.51
CA GLU F 123 1.19 -25.19 -69.29
C GLU F 123 0.45 -25.11 -70.62
N ASP F 124 -0.59 -25.92 -70.76
CA ASP F 124 -1.38 -25.87 -71.96
C ASP F 124 -2.03 -24.50 -71.93
N ILE F 125 -2.53 -24.08 -70.76
CA ILE F 125 -3.19 -22.78 -70.63
C ILE F 125 -3.15 -22.15 -69.21
N THR F 126 -3.32 -20.83 -69.14
CA THR F 126 -3.37 -20.08 -67.89
C THR F 126 -4.69 -19.36 -67.81
N ILE F 127 -5.46 -19.75 -66.80
CA ILE F 127 -6.78 -19.21 -66.59
C ILE F 127 -6.90 -18.44 -65.33
N VAL F 128 -7.65 -17.37 -65.40
CA VAL F 128 -7.88 -16.56 -64.26
C VAL F 128 -9.37 -16.38 -64.33
N MET F 129 -10.08 -17.15 -63.54
CA MET F 129 -11.54 -17.09 -63.47
C MET F 129 -12.16 -15.68 -63.50
N GLY F 130 -13.22 -15.53 -64.27
CA GLY F 130 -13.93 -14.27 -64.39
C GLY F 130 -13.32 -13.44 -65.49
N VAL F 131 -12.13 -13.83 -65.96
CA VAL F 131 -11.49 -13.08 -67.01
C VAL F 131 -11.38 -13.82 -68.29
N ASN F 132 -10.94 -15.07 -68.26
CA ASN F 132 -10.79 -15.83 -69.48
C ASN F 132 -11.14 -17.33 -69.39
N HIS F 133 -12.04 -17.73 -68.49
CA HIS F 133 -12.36 -19.16 -68.33
C HIS F 133 -13.13 -19.71 -69.51
N GLU F 134 -13.62 -18.77 -70.32
CA GLU F 134 -14.37 -19.10 -71.51
C GLU F 134 -13.42 -19.67 -72.57
N ALA F 135 -12.12 -19.58 -72.34
CA ALA F 135 -11.13 -20.12 -73.26
C ALA F 135 -10.72 -21.55 -72.94
N TYR F 136 -11.13 -22.06 -71.78
CA TYR F 136 -10.75 -23.39 -71.45
C TYR F 136 -11.41 -24.24 -72.51
N ASP F 137 -10.61 -25.14 -73.08
CA ASP F 137 -11.01 -26.06 -74.14
C ASP F 137 -10.64 -27.43 -73.57
N PRO F 138 -11.65 -28.22 -73.20
CA PRO F 138 -11.49 -29.56 -72.63
C PRO F 138 -10.67 -30.58 -73.45
N SER F 139 -10.75 -30.49 -74.76
CA SER F 139 -10.06 -31.49 -75.53
C SER F 139 -8.57 -31.22 -75.72
N ARG F 140 -8.18 -29.96 -75.59
CA ARG F 140 -6.78 -29.61 -75.80
C ARG F 140 -5.99 -29.28 -74.55
N HIS F 141 -6.70 -28.63 -73.64
CA HIS F 141 -6.20 -28.14 -72.38
C HIS F 141 -6.26 -29.12 -71.29
N HIS F 142 -5.11 -29.65 -70.95
CA HIS F 142 -5.07 -30.64 -69.91
C HIS F 142 -4.24 -30.26 -68.68
N ILE F 143 -3.20 -29.44 -68.86
CA ILE F 143 -2.38 -29.00 -67.74
C ILE F 143 -2.60 -27.52 -67.72
N ILE F 144 -3.45 -27.11 -66.78
CA ILE F 144 -3.88 -25.75 -66.60
C ILE F 144 -3.13 -25.12 -65.46
N SER F 145 -2.83 -23.84 -65.53
CA SER F 145 -2.19 -23.15 -64.42
C SER F 145 -3.22 -22.10 -64.03
N ASN F 146 -3.49 -21.90 -62.74
CA ASN F 146 -4.49 -20.89 -62.31
C ASN F 146 -3.87 -19.57 -61.90
N ALA F 147 -2.67 -19.29 -62.39
CA ALA F 147 -1.96 -18.04 -62.10
C ALA F 147 -1.60 -17.81 -60.63
N SER F 148 -1.10 -16.63 -60.34
CA SER F 148 -0.72 -16.27 -58.99
C SER F 148 -1.84 -15.50 -58.27
N CYS F 149 -1.68 -15.43 -56.94
CA CYS F 149 -2.60 -14.76 -56.10
C CYS F 149 -2.59 -13.39 -56.65
N THR F 150 -1.42 -12.84 -56.93
CA THR F 150 -1.37 -11.46 -57.44
C THR F 150 -2.03 -11.16 -58.79
N THR F 151 -1.77 -12.01 -59.77
CA THR F 151 -2.36 -11.80 -61.07
C THR F 151 -3.84 -11.86 -60.94
N ASN F 152 -4.36 -12.86 -60.23
CA ASN F 152 -5.78 -12.95 -60.04
C ASN F 152 -6.29 -11.70 -59.36
N SER F 153 -5.43 -10.89 -58.75
CA SER F 153 -5.99 -9.73 -58.11
C SER F 153 -5.97 -8.56 -59.02
N LEU F 154 -5.00 -8.52 -59.91
CA LEU F 154 -4.85 -7.42 -60.88
C LEU F 154 -5.82 -7.52 -62.04
N ALA F 155 -5.82 -8.70 -62.62
CA ALA F 155 -6.64 -9.01 -63.74
C ALA F 155 -8.05 -8.43 -63.75
N PRO F 156 -8.92 -8.80 -62.82
CA PRO F 156 -10.25 -8.19 -62.92
C PRO F 156 -10.25 -6.68 -62.91
N VAL F 157 -9.33 -6.09 -62.19
CA VAL F 157 -9.36 -4.65 -62.14
C VAL F 157 -8.92 -4.08 -63.46
N MET F 158 -7.87 -4.68 -64.02
CA MET F 158 -7.30 -4.24 -65.29
C MET F 158 -8.31 -4.42 -66.39
N LYS F 159 -9.07 -5.51 -66.32
CA LYS F 159 -10.09 -5.77 -67.31
C LYS F 159 -11.04 -4.63 -67.30
N VAL F 160 -11.54 -4.28 -66.13
CA VAL F 160 -12.44 -3.14 -66.06
C VAL F 160 -11.81 -1.81 -66.47
N LEU F 161 -10.55 -1.58 -66.18
CA LEU F 161 -9.95 -0.30 -66.60
C LEU F 161 -9.83 -0.18 -68.10
N GLU F 162 -9.39 -1.27 -68.71
CA GLU F 162 -9.16 -1.39 -70.13
C GLU F 162 -10.43 -1.18 -70.98
N GLU F 163 -11.51 -1.82 -70.55
CA GLU F 163 -12.80 -1.76 -71.23
C GLU F 163 -13.56 -0.46 -71.05
N ALA F 164 -13.36 0.22 -69.93
CA ALA F 164 -14.09 1.44 -69.71
C ALA F 164 -13.37 2.68 -70.22
N PHE F 165 -12.05 2.68 -70.07
CA PHE F 165 -11.27 3.83 -70.42
C PHE F 165 -10.16 3.51 -71.37
N GLY F 166 -9.54 2.33 -71.19
CA GLY F 166 -8.41 1.89 -72.01
C GLY F 166 -7.12 2.23 -71.30
N VAL F 167 -6.27 1.23 -71.09
CA VAL F 167 -5.02 1.38 -70.38
C VAL F 167 -3.85 1.65 -71.32
N GLU F 168 -3.09 2.69 -71.09
CA GLU F 168 -1.95 2.96 -71.94
C GLU F 168 -0.74 2.17 -71.47
N LYS F 169 -0.38 2.35 -70.21
CA LYS F 169 0.74 1.68 -69.54
C LYS F 169 0.27 1.64 -68.13
N ALA F 170 0.98 0.91 -67.30
CA ALA F 170 0.60 0.86 -65.91
C ALA F 170 1.64 0.02 -65.19
N LEU F 171 1.96 0.42 -63.96
CA LEU F 171 2.90 -0.34 -63.14
C LEU F 171 2.18 -0.59 -61.82
N MET F 172 2.64 -1.56 -61.03
CA MET F 172 1.97 -1.84 -59.79
C MET F 172 2.92 -2.46 -58.76
N THR F 173 2.55 -2.34 -57.49
CA THR F 173 3.30 -2.92 -56.40
C THR F 173 2.27 -3.63 -55.58
N THR F 174 2.62 -4.80 -55.07
CA THR F 174 1.72 -5.56 -54.21
C THR F 174 2.39 -5.61 -52.86
N VAL F 175 1.65 -5.21 -51.82
CA VAL F 175 2.15 -5.22 -50.45
C VAL F 175 1.58 -6.56 -49.99
N HIS F 176 2.43 -7.51 -49.74
CA HIS F 176 1.96 -8.86 -49.55
C HIS F 176 2.35 -9.50 -48.27
N SER F 177 1.52 -10.37 -47.72
CA SER F 177 1.88 -11.07 -46.47
C SER F 177 2.99 -12.02 -46.75
N TYR F 178 3.74 -12.44 -45.75
CA TYR F 178 4.81 -13.35 -46.02
C TYR F 178 4.22 -14.67 -46.34
N THR F 179 5.06 -15.60 -46.81
CA THR F 179 4.60 -16.96 -47.19
C THR F 179 5.69 -17.96 -46.96
N ASN F 180 5.35 -19.24 -47.06
CA ASN F 180 6.34 -20.30 -46.80
C ASN F 180 7.60 -20.39 -47.70
N ASP F 181 7.77 -19.53 -48.69
CA ASP F 181 8.98 -19.60 -49.47
C ASP F 181 10.01 -18.63 -48.90
N GLN F 182 9.61 -17.90 -47.85
CA GLN F 182 10.48 -16.95 -47.21
C GLN F 182 11.09 -17.61 -45.99
N ARG F 183 11.99 -16.89 -45.32
CA ARG F 183 12.69 -17.38 -44.13
C ARG F 183 12.20 -16.79 -42.84
N LEU F 184 12.33 -17.55 -41.75
CA LEU F 184 11.92 -17.10 -40.41
C LEU F 184 13.01 -16.18 -39.86
N LEU F 185 14.26 -16.63 -39.96
CA LEU F 185 15.41 -15.87 -39.56
C LEU F 185 16.49 -16.02 -40.67
N ASP F 186 17.34 -15.03 -40.89
CA ASP F 186 18.37 -15.07 -41.93
C ASP F 186 18.94 -16.46 -42.22
N LEU F 187 18.68 -16.96 -43.41
CA LEU F 187 19.14 -18.27 -43.81
C LEU F 187 19.38 -18.29 -45.32
N PRO F 188 20.33 -19.08 -45.79
CA PRO F 188 20.54 -19.06 -47.22
C PRO F 188 19.26 -19.31 -48.03
N HIS F 189 19.11 -18.58 -49.14
CA HIS F 189 17.99 -18.72 -50.07
C HIS F 189 18.52 -18.23 -51.41
N LYS F 190 17.86 -18.65 -52.48
CA LYS F 190 18.27 -18.23 -53.84
C LYS F 190 18.17 -16.73 -53.94
N ASP F 191 17.08 -16.18 -53.42
CA ASP F 191 16.88 -14.75 -53.47
C ASP F 191 17.46 -14.21 -52.16
N LEU F 192 18.44 -13.35 -52.27
CA LEU F 192 19.05 -12.71 -51.11
C LEU F 192 18.11 -11.67 -50.40
N ARG F 193 16.96 -11.32 -50.96
CA ARG F 193 16.11 -10.42 -50.25
C ARG F 193 15.25 -11.33 -49.43
N ARG F 194 14.98 -12.54 -49.94
CA ARG F 194 14.14 -13.50 -49.23
C ARG F 194 14.87 -14.41 -48.26
N ALA F 195 16.18 -14.29 -48.21
CA ALA F 195 16.97 -15.02 -47.27
C ALA F 195 16.78 -14.35 -45.89
N ARG F 196 16.41 -13.08 -45.88
CA ARG F 196 16.26 -12.29 -44.67
C ARG F 196 15.07 -12.70 -43.84
N ALA F 197 15.14 -12.40 -42.55
CA ALA F 197 14.09 -12.72 -41.59
C ALA F 197 12.78 -12.07 -41.96
N ALA F 198 11.77 -12.88 -42.24
CA ALA F 198 10.49 -12.35 -42.72
C ALA F 198 9.62 -11.57 -41.83
N ALA F 199 9.58 -11.92 -40.55
CA ALA F 199 8.65 -11.23 -39.67
C ALA F 199 9.05 -9.91 -39.07
N ILE F 200 10.24 -9.41 -39.39
CA ILE F 200 10.72 -8.14 -38.86
C ILE F 200 11.33 -7.31 -39.94
N ASN F 201 10.93 -7.56 -41.18
CA ASN F 201 11.48 -6.87 -42.33
C ASN F 201 10.43 -6.61 -43.38
N ILE F 202 10.65 -5.53 -44.19
CA ILE F 202 9.82 -5.16 -45.37
C ILE F 202 10.78 -5.62 -46.43
N ILE F 203 10.46 -6.74 -47.08
CA ILE F 203 11.33 -7.37 -48.08
C ILE F 203 10.87 -7.11 -49.52
N PRO F 204 11.62 -6.31 -50.29
CA PRO F 204 11.26 -6.05 -51.68
C PRO F 204 11.54 -7.35 -52.44
N THR F 205 10.68 -7.67 -53.38
CA THR F 205 10.85 -8.87 -54.17
C THR F 205 10.26 -8.67 -55.58
N THR F 206 10.76 -9.48 -56.51
CA THR F 206 10.35 -9.43 -57.92
C THR F 206 9.12 -10.26 -58.12
N THR F 207 8.26 -9.79 -59.03
CA THR F 207 7.09 -10.56 -59.33
C THR F 207 6.82 -10.46 -60.81
N GLY F 208 6.28 -11.53 -61.37
CA GLY F 208 5.95 -11.54 -62.76
C GLY F 208 4.45 -11.44 -62.90
N ALA F 209 3.77 -11.23 -61.78
CA ALA F 209 2.32 -11.17 -61.79
C ALA F 209 1.74 -10.11 -62.70
N ALA F 210 2.46 -9.03 -62.94
CA ALA F 210 1.94 -7.97 -63.82
C ALA F 210 2.11 -8.41 -65.24
N LYS F 211 3.22 -9.07 -65.54
CA LYS F 211 3.45 -9.61 -66.87
C LYS F 211 2.51 -10.79 -67.16
N ALA F 212 2.13 -11.61 -66.21
CA ALA F 212 1.21 -12.68 -66.58
C ALA F 212 -0.18 -12.14 -66.84
N THR F 213 -0.46 -10.92 -66.46
CA THR F 213 -1.78 -10.37 -66.71
C THR F 213 -1.98 -10.25 -68.19
N ALA F 214 -0.90 -10.08 -68.93
CA ALA F 214 -1.01 -9.94 -70.37
C ALA F 214 -1.45 -11.24 -70.98
N LEU F 215 -1.16 -12.35 -70.32
CA LEU F 215 -1.57 -13.66 -70.81
C LEU F 215 -3.03 -13.85 -70.80
N VAL F 216 -3.76 -13.00 -70.12
CA VAL F 216 -5.17 -13.20 -70.05
C VAL F 216 -5.81 -11.99 -70.65
N LEU F 217 -5.16 -10.85 -70.54
CA LEU F 217 -5.65 -9.61 -71.14
C LEU F 217 -4.52 -9.36 -72.09
N PRO F 218 -4.62 -9.90 -73.30
CA PRO F 218 -3.47 -9.65 -74.16
C PRO F 218 -3.17 -8.24 -74.57
N SER F 219 -4.13 -7.33 -74.46
CA SER F 219 -3.82 -5.94 -74.85
C SER F 219 -2.81 -5.29 -73.96
N LEU F 220 -2.38 -5.98 -72.93
CA LEU F 220 -1.42 -5.41 -72.02
C LEU F 220 0.00 -5.84 -72.23
N LYS F 221 0.27 -6.71 -73.20
CA LYS F 221 1.64 -7.15 -73.39
C LYS F 221 2.58 -5.98 -73.52
N GLY F 222 3.60 -5.96 -72.68
CA GLY F 222 4.56 -4.87 -72.69
C GLY F 222 4.05 -3.52 -72.19
N ARG F 223 2.87 -3.49 -71.58
CA ARG F 223 2.36 -2.25 -71.04
C ARG F 223 2.15 -2.38 -69.53
N PHE F 224 2.50 -3.53 -68.95
CA PHE F 224 2.28 -3.75 -67.53
C PHE F 224 3.49 -4.36 -66.89
N ASP F 225 3.79 -3.99 -65.66
CA ASP F 225 4.93 -4.53 -64.91
C ASP F 225 4.87 -4.09 -63.42
N GLY F 226 5.76 -4.57 -62.54
CA GLY F 226 5.67 -4.16 -61.15
C GLY F 226 6.59 -4.83 -60.14
N MET F 227 6.42 -4.53 -58.84
CA MET F 227 7.27 -5.08 -57.76
C MET F 227 6.44 -5.69 -56.64
N ALA F 228 7.05 -6.43 -55.71
CA ALA F 228 6.30 -6.97 -54.59
C ALA F 228 7.04 -6.58 -53.32
N LEU F 229 6.31 -6.38 -52.22
CA LEU F 229 6.92 -6.00 -50.96
C LEU F 229 6.28 -6.92 -49.97
N ARG F 230 7.09 -7.76 -49.34
CA ARG F 230 6.55 -8.70 -48.36
C ARG F 230 6.61 -7.97 -47.05
N VAL F 231 5.59 -8.14 -46.24
CA VAL F 231 5.56 -7.46 -44.95
C VAL F 231 5.23 -8.43 -43.76
N PRO F 232 5.57 -8.04 -42.51
CA PRO F 232 5.28 -8.97 -41.42
C PRO F 232 3.87 -9.35 -41.05
N THR F 233 2.99 -9.53 -42.05
CA THR F 233 1.60 -9.97 -41.82
C THR F 233 1.46 -11.41 -42.32
N ALA F 234 0.58 -12.20 -41.74
CA ALA F 234 0.46 -13.60 -42.09
C ALA F 234 -0.33 -14.04 -43.32
N THR F 235 -1.30 -13.23 -43.71
CA THR F 235 -2.13 -13.53 -44.85
C THR F 235 -2.92 -12.25 -45.18
N GLY F 236 -3.06 -11.98 -46.47
CA GLY F 236 -3.77 -10.79 -46.88
C GLY F 236 -2.77 -9.93 -47.57
N SER F 237 -3.17 -9.36 -48.69
CA SER F 237 -2.32 -8.50 -49.43
C SER F 237 -3.15 -7.40 -50.09
N ILE F 238 -2.46 -6.41 -50.62
CA ILE F 238 -3.17 -5.34 -51.25
C ILE F 238 -2.33 -4.99 -52.48
N SER F 239 -3.00 -4.67 -53.60
CA SER F 239 -2.35 -4.28 -54.84
C SER F 239 -2.53 -2.79 -55.09
N ASP F 240 -1.44 -2.17 -55.48
CA ASP F 240 -1.44 -0.75 -55.72
C ASP F 240 -1.09 -0.50 -57.20
N ILE F 241 -2.16 -0.30 -57.97
CA ILE F 241 -2.03 -0.11 -59.39
C ILE F 241 -1.95 1.30 -59.84
N THR F 242 -0.84 1.69 -60.44
CA THR F 242 -0.74 3.03 -60.97
C THR F 242 -0.77 2.88 -62.53
N ALA F 243 -1.95 3.19 -63.08
CA ALA F 243 -2.29 3.08 -64.49
C ALA F 243 -2.43 4.41 -65.18
N LEU F 244 -1.93 4.46 -66.40
CA LEU F 244 -2.00 5.64 -67.23
C LEU F 244 -3.08 5.33 -68.24
N LEU F 245 -4.19 6.02 -68.12
CA LEU F 245 -5.32 5.77 -68.99
C LEU F 245 -5.33 6.59 -70.26
N LYS F 246 -6.25 6.19 -71.12
CA LYS F 246 -6.39 6.79 -72.43
C LYS F 246 -7.25 8.01 -72.46
N ARG F 247 -7.68 8.49 -71.31
CA ARG F 247 -8.50 9.71 -71.21
C ARG F 247 -8.50 10.22 -69.79
N GLU F 248 -8.85 11.49 -69.62
CA GLU F 248 -8.92 12.09 -68.31
C GLU F 248 -10.14 11.60 -67.57
N VAL F 249 -9.92 11.05 -66.37
CA VAL F 249 -11.00 10.57 -65.53
C VAL F 249 -10.94 11.24 -64.15
N THR F 250 -12.01 11.02 -63.38
CA THR F 250 -12.10 11.52 -62.01
C THR F 250 -12.22 10.25 -61.17
N ALA F 251 -11.81 10.33 -59.89
CA ALA F 251 -11.93 9.17 -59.04
C ALA F 251 -13.33 8.51 -59.10
N GLU F 252 -14.37 9.32 -59.13
CA GLU F 252 -15.73 8.78 -59.19
C GLU F 252 -16.05 7.95 -60.42
N GLU F 253 -15.57 8.39 -61.57
CA GLU F 253 -15.80 7.70 -62.84
C GLU F 253 -15.27 6.29 -62.66
N VAL F 254 -14.00 6.23 -62.26
CA VAL F 254 -13.31 4.99 -62.05
C VAL F 254 -13.99 4.07 -61.08
N ASN F 255 -14.38 4.59 -59.93
CA ASN F 255 -15.04 3.71 -58.98
C ASN F 255 -16.39 3.32 -59.50
N ALA F 256 -17.03 4.23 -60.21
CA ALA F 256 -18.34 3.93 -60.76
C ALA F 256 -18.22 2.73 -61.67
N ALA F 257 -17.14 2.72 -62.44
CA ALA F 257 -16.87 1.63 -63.36
C ALA F 257 -16.70 0.36 -62.58
N LEU F 258 -15.77 0.39 -61.61
CA LEU F 258 -15.47 -0.79 -60.78
C LEU F 258 -16.68 -1.35 -60.02
N LYS F 259 -17.51 -0.45 -59.45
CA LYS F 259 -18.70 -0.87 -58.71
C LYS F 259 -19.60 -1.63 -59.61
N ALA F 260 -19.87 -1.04 -60.77
CA ALA F 260 -20.70 -1.62 -61.79
C ALA F 260 -20.19 -3.02 -62.17
N ALA F 261 -18.88 -3.18 -62.32
CA ALA F 261 -18.38 -4.52 -62.64
C ALA F 261 -18.65 -5.52 -61.53
N ALA F 262 -18.40 -5.11 -60.30
CA ALA F 262 -18.61 -5.98 -59.19
C ALA F 262 -20.05 -6.38 -59.05
N GLU F 263 -20.98 -5.45 -59.20
CA GLU F 263 -22.38 -5.83 -59.05
C GLU F 263 -22.86 -6.61 -60.24
N GLY F 264 -22.22 -6.38 -61.38
CA GLY F 264 -22.61 -7.05 -62.60
C GLY F 264 -21.83 -8.28 -62.97
N PRO F 265 -21.21 -8.28 -64.14
CA PRO F 265 -20.41 -9.35 -64.73
C PRO F 265 -19.31 -10.02 -63.89
N LEU F 266 -18.62 -9.26 -63.03
CA LEU F 266 -17.54 -9.78 -62.20
C LEU F 266 -17.95 -10.23 -60.80
N LYS F 267 -19.27 -10.21 -60.56
CA LYS F 267 -19.81 -10.59 -59.26
C LYS F 267 -19.29 -11.93 -58.82
N GLY F 268 -18.73 -11.91 -57.61
CA GLY F 268 -18.17 -13.09 -57.01
C GLY F 268 -16.67 -13.19 -57.23
N ILE F 269 -16.17 -12.31 -58.09
CA ILE F 269 -14.78 -12.29 -58.43
C ILE F 269 -14.23 -10.96 -57.98
N LEU F 270 -14.87 -9.88 -58.37
CA LEU F 270 -14.40 -8.56 -57.95
C LEU F 270 -15.38 -8.10 -56.88
N ALA F 271 -14.91 -7.26 -55.96
CA ALA F 271 -15.77 -6.72 -54.92
C ALA F 271 -15.48 -5.26 -54.78
N TYR F 272 -16.42 -4.54 -54.18
CA TYR F 272 -16.23 -3.13 -54.06
C TYR F 272 -16.72 -2.64 -52.71
N THR F 273 -15.93 -1.79 -52.09
CA THR F 273 -16.35 -1.24 -50.83
C THR F 273 -15.93 0.18 -50.59
N GLU F 274 -16.77 0.83 -49.82
CA GLU F 274 -16.48 2.18 -49.46
C GLU F 274 -16.21 2.24 -47.94
N ASP F 275 -16.23 1.10 -47.24
CA ASP F 275 -15.92 1.13 -45.79
C ASP F 275 -14.43 1.37 -45.59
N GLU F 276 -14.08 1.92 -44.47
CA GLU F 276 -12.70 2.19 -44.19
C GLU F 276 -12.06 1.03 -43.48
N ILE F 277 -11.93 -0.11 -44.17
CA ILE F 277 -11.38 -1.37 -43.68
C ILE F 277 -9.86 -1.47 -43.63
N VAL F 278 -9.35 -2.52 -43.02
CA VAL F 278 -7.92 -2.67 -42.98
C VAL F 278 -7.70 -4.15 -43.20
N LEU F 279 -6.45 -4.57 -43.25
CA LEU F 279 -6.14 -5.97 -43.50
C LEU F 279 -6.98 -7.05 -42.87
N GLN F 280 -7.18 -7.02 -41.56
CA GLN F 280 -7.89 -8.13 -40.93
C GLN F 280 -9.31 -8.22 -41.43
N ASP F 281 -9.83 -7.12 -41.93
CA ASP F 281 -11.20 -7.10 -42.41
C ASP F 281 -11.39 -7.95 -43.66
N ILE F 282 -10.31 -8.25 -44.39
CA ILE F 282 -10.46 -9.04 -45.60
C ILE F 282 -10.00 -10.46 -45.46
N VAL F 283 -9.48 -10.84 -44.31
CA VAL F 283 -9.06 -12.21 -44.16
C VAL F 283 -10.30 -13.07 -44.30
N MET F 284 -10.13 -14.18 -44.99
CA MET F 284 -11.17 -15.14 -45.31
C MET F 284 -12.27 -14.59 -46.21
N ASP F 285 -11.92 -13.57 -46.96
CA ASP F 285 -12.88 -13.10 -47.94
C ASP F 285 -12.57 -13.89 -49.23
N PRO F 286 -13.62 -14.46 -49.84
CA PRO F 286 -13.57 -15.25 -51.07
C PRO F 286 -13.32 -14.56 -52.45
N HIS F 287 -13.38 -13.22 -52.54
CA HIS F 287 -13.16 -12.46 -53.78
C HIS F 287 -11.73 -12.40 -54.23
N SER F 288 -11.53 -12.37 -55.55
CA SER F 288 -10.19 -12.31 -56.11
C SER F 288 -9.61 -10.95 -55.83
N SER F 289 -10.44 -9.94 -55.81
CA SER F 289 -9.90 -8.64 -55.61
C SER F 289 -10.98 -7.69 -55.05
N ILE F 290 -10.63 -6.90 -54.04
CA ILE F 290 -11.58 -6.00 -53.42
C ILE F 290 -11.21 -4.51 -53.53
N VAL F 291 -11.97 -3.75 -54.28
CA VAL F 291 -11.62 -2.37 -54.48
C VAL F 291 -11.90 -1.49 -53.27
N ASP F 292 -10.85 -0.84 -52.79
CA ASP F 292 -10.98 0.06 -51.67
C ASP F 292 -11.35 1.39 -52.28
N ALA F 293 -12.64 1.56 -52.46
CA ALA F 293 -13.16 2.75 -53.08
C ALA F 293 -12.57 4.02 -52.64
N LYS F 294 -12.47 4.20 -51.33
CA LYS F 294 -11.98 5.47 -50.84
C LYS F 294 -10.47 5.73 -51.06
N LEU F 295 -9.76 4.74 -51.60
CA LEU F 295 -8.34 4.93 -51.79
C LEU F 295 -8.01 5.41 -53.18
N THR F 296 -8.97 5.41 -54.10
CA THR F 296 -8.75 5.84 -55.45
C THR F 296 -8.43 7.31 -55.61
N LYS F 297 -7.48 7.60 -56.49
CA LYS F 297 -7.08 8.95 -56.79
C LYS F 297 -6.84 9.09 -58.28
N ALA F 298 -6.92 10.30 -58.81
CA ALA F 298 -6.68 10.47 -60.22
C ALA F 298 -6.08 11.85 -60.54
N LEU F 299 -4.94 11.88 -61.23
CA LEU F 299 -4.37 13.14 -61.64
C LEU F 299 -4.69 13.23 -63.14
N GLY F 300 -5.90 13.56 -63.49
CA GLY F 300 -6.16 13.65 -64.90
C GLY F 300 -6.23 12.27 -65.45
N ASN F 301 -5.33 11.92 -66.36
CA ASN F 301 -5.41 10.57 -66.93
C ASN F 301 -4.57 9.53 -66.21
N MET F 302 -3.99 9.91 -65.07
CA MET F 302 -3.18 8.99 -64.27
C MET F 302 -4.03 8.69 -63.08
N VAL F 303 -4.23 7.41 -62.88
CA VAL F 303 -5.08 6.94 -61.85
C VAL F 303 -4.34 6.01 -60.88
N LYS F 304 -4.89 5.76 -59.70
CA LYS F 304 -4.25 4.83 -58.75
C LYS F 304 -5.38 4.07 -58.10
N VAL F 305 -5.33 2.75 -58.06
CA VAL F 305 -6.44 2.05 -57.45
C VAL F 305 -5.90 1.05 -56.50
N PHE F 306 -6.67 0.66 -55.48
CA PHE F 306 -6.19 -0.35 -54.52
C PHE F 306 -7.14 -1.50 -54.36
N ALA F 307 -6.66 -2.71 -54.35
CA ALA F 307 -7.57 -3.80 -54.25
C ALA F 307 -6.92 -4.83 -53.33
N TRP F 308 -7.65 -5.25 -52.31
CA TRP F 308 -7.16 -6.21 -51.31
C TRP F 308 -7.40 -7.62 -51.79
N TYR F 309 -6.81 -8.60 -51.13
CA TYR F 309 -7.07 -9.97 -51.50
C TYR F 309 -6.51 -10.93 -50.43
N ASP F 310 -7.28 -11.94 -49.99
CA ASP F 310 -6.73 -12.81 -48.99
C ASP F 310 -6.04 -13.78 -49.87
N ASN F 311 -4.74 -13.67 -49.94
CA ASN F 311 -4.00 -14.57 -50.79
C ASN F 311 -4.11 -16.09 -50.58
N GLU F 312 -4.66 -16.58 -49.46
CA GLU F 312 -4.83 -18.03 -49.26
C GLU F 312 -6.27 -18.35 -49.56
N TRP F 313 -7.19 -17.61 -48.94
CA TRP F 313 -8.59 -17.86 -49.14
C TRP F 313 -9.16 -17.38 -50.45
N GLY F 314 -8.81 -16.20 -50.92
CA GLY F 314 -9.36 -15.73 -52.18
C GLY F 314 -8.96 -16.66 -53.32
N TYR F 315 -7.68 -16.99 -53.30
CA TYR F 315 -7.10 -17.87 -54.27
C TYR F 315 -7.67 -19.29 -54.14
N ALA F 316 -7.52 -19.98 -53.03
CA ALA F 316 -8.10 -21.33 -52.91
C ALA F 316 -9.53 -21.38 -53.46
N ASN F 317 -10.29 -20.31 -53.29
CA ASN F 317 -11.64 -20.25 -53.84
C ASN F 317 -11.57 -20.26 -55.35
N ARG F 318 -10.71 -19.43 -55.95
CA ARG F 318 -10.52 -19.46 -57.38
C ARG F 318 -10.12 -20.92 -57.79
N VAL F 319 -9.19 -21.57 -57.07
CA VAL F 319 -8.80 -22.96 -57.38
C VAL F 319 -10.03 -23.86 -57.30
N ALA F 320 -10.87 -23.69 -56.28
CA ALA F 320 -12.05 -24.55 -56.15
C ALA F 320 -12.92 -24.39 -57.38
N ASP F 321 -13.21 -23.13 -57.71
CA ASP F 321 -14.01 -22.74 -58.89
C ASP F 321 -13.54 -23.41 -60.21
N LEU F 322 -12.26 -23.34 -60.52
CA LEU F 322 -11.71 -23.96 -61.70
C LEU F 322 -11.90 -25.47 -61.58
N VAL F 323 -11.70 -26.07 -60.41
CA VAL F 323 -11.92 -27.49 -60.31
C VAL F 323 -13.37 -27.74 -60.71
N GLU F 324 -14.28 -26.94 -60.19
CA GLU F 324 -15.68 -27.12 -60.54
C GLU F 324 -15.92 -26.97 -62.03
N LEU F 325 -15.26 -26.06 -62.70
CA LEU F 325 -15.47 -25.93 -64.15
C LEU F 325 -14.90 -27.12 -64.93
N VAL F 326 -13.68 -27.56 -64.62
CA VAL F 326 -13.06 -28.69 -65.31
C VAL F 326 -13.99 -29.90 -65.18
N LEU F 327 -14.62 -30.06 -64.02
CA LEU F 327 -15.55 -31.16 -63.87
C LEU F 327 -16.79 -31.00 -64.72
N ARG F 328 -17.46 -29.83 -64.67
CA ARG F 328 -18.70 -29.56 -65.44
C ARG F 328 -18.49 -29.59 -66.98
N LYS F 329 -17.29 -29.20 -67.42
CA LYS F 329 -16.96 -29.22 -68.83
C LYS F 329 -16.75 -30.67 -69.31
N GLY F 330 -16.61 -31.60 -68.37
CA GLY F 330 -16.40 -32.99 -68.74
C GLY F 330 -14.94 -33.39 -68.88
N VAL F 331 -14.54 -34.35 -68.04
CA VAL F 331 -13.16 -34.91 -67.98
C VAL F 331 -12.90 -36.07 -69.00
N MET G 1 47.44 -24.37 -34.05
CA MET G 1 46.39 -24.82 -35.00
C MET G 1 45.37 -23.67 -35.18
N LYS G 2 44.48 -23.81 -36.18
CA LYS G 2 43.49 -22.81 -36.54
C LYS G 2 42.05 -23.29 -36.28
N VAL G 3 41.10 -22.40 -36.45
CA VAL G 3 39.75 -22.76 -36.18
C VAL G 3 39.03 -22.88 -37.49
N GLY G 4 38.06 -23.76 -37.54
CA GLY G 4 37.28 -23.87 -38.74
C GLY G 4 35.87 -23.95 -38.24
N ILE G 5 34.93 -23.43 -39.01
CA ILE G 5 33.55 -23.47 -38.61
C ILE G 5 32.77 -24.29 -39.62
N ASN G 6 31.96 -25.25 -39.15
CA ASN G 6 31.12 -26.04 -40.04
C ASN G 6 29.68 -25.71 -39.71
N GLY G 7 29.00 -24.96 -40.60
CA GLY G 7 27.61 -24.54 -40.41
C GLY G 7 27.61 -23.06 -40.11
N PHE G 8 27.65 -22.23 -41.14
CA PHE G 8 27.69 -20.78 -41.02
C PHE G 8 26.30 -20.16 -40.88
N GLY G 9 25.50 -20.52 -39.88
CA GLY G 9 24.17 -19.95 -39.79
C GLY G 9 24.11 -18.89 -38.71
N ARG G 10 23.01 -18.85 -37.96
CA ARG G 10 22.89 -17.86 -36.91
C ARG G 10 23.98 -17.92 -35.86
N ILE G 11 24.35 -19.10 -35.39
CA ILE G 11 25.40 -19.17 -34.38
C ILE G 11 26.76 -19.07 -35.03
N GLY G 12 26.95 -19.79 -36.13
CA GLY G 12 28.24 -19.76 -36.76
C GLY G 12 28.72 -18.37 -37.14
N ARG G 13 27.85 -17.54 -37.70
CA ARG G 13 28.24 -16.21 -38.10
C ARG G 13 28.56 -15.35 -36.90
N GLN G 14 27.74 -15.43 -35.86
CA GLN G 14 28.01 -14.66 -34.65
C GLN G 14 29.32 -15.15 -34.06
N VAL G 15 29.48 -16.45 -33.86
CA VAL G 15 30.74 -16.90 -33.31
C VAL G 15 31.89 -16.34 -34.13
N PHE G 16 31.70 -16.23 -35.44
CA PHE G 16 32.74 -15.73 -36.31
C PHE G 16 33.02 -14.29 -36.01
N ARG G 17 31.98 -13.47 -35.97
CA ARG G 17 32.18 -12.05 -35.70
C ARG G 17 33.04 -11.90 -34.48
N ILE G 18 32.74 -12.72 -33.48
CA ILE G 18 33.45 -12.69 -32.22
C ILE G 18 34.87 -13.20 -32.33
N LEU G 19 35.06 -14.40 -32.86
CA LEU G 19 36.41 -14.94 -33.02
C LEU G 19 37.25 -13.94 -33.78
N HIS G 20 36.60 -13.30 -34.72
CA HIS G 20 37.27 -12.34 -35.52
C HIS G 20 37.74 -11.17 -34.75
N SER G 21 36.86 -10.52 -34.00
CA SER G 21 37.27 -9.36 -33.23
C SER G 21 38.27 -9.73 -32.15
N ARG G 22 38.31 -10.98 -31.71
CA ARG G 22 39.24 -11.40 -30.70
C ARG G 22 40.61 -11.78 -31.26
N GLY G 23 40.73 -11.75 -32.58
CA GLY G 23 41.98 -12.07 -33.23
C GLY G 23 42.25 -13.54 -33.42
N VAL G 24 41.25 -14.42 -33.29
CA VAL G 24 41.52 -15.84 -33.51
C VAL G 24 41.48 -16.05 -35.01
N GLU G 25 42.27 -16.99 -35.51
CA GLU G 25 42.27 -17.20 -36.97
C GLU G 25 41.36 -18.34 -37.39
N VAL G 26 40.32 -18.02 -38.17
CA VAL G 26 39.34 -18.96 -38.75
C VAL G 26 39.89 -19.15 -40.15
N ALA G 27 40.23 -20.41 -40.49
CA ALA G 27 40.80 -20.74 -41.81
C ALA G 27 39.83 -21.30 -42.83
N LEU G 28 38.78 -21.96 -42.40
CA LEU G 28 37.85 -22.49 -43.35
C LEU G 28 36.44 -22.54 -42.79
N ILE G 29 35.49 -22.17 -43.64
CA ILE G 29 34.09 -22.15 -43.31
C ILE G 29 33.37 -23.02 -44.31
N ASN G 30 32.44 -23.82 -43.85
CA ASN G 30 31.73 -24.70 -44.74
C ASN G 30 30.24 -24.59 -44.48
N ASP G 31 29.46 -24.59 -45.55
CA ASP G 31 28.02 -24.54 -45.43
C ASP G 31 27.51 -25.23 -46.70
N LEU G 32 26.30 -24.93 -47.13
CA LEU G 32 25.68 -25.55 -48.28
C LEU G 32 25.36 -24.52 -49.34
N THR G 33 26.15 -23.49 -49.50
CA THR G 33 25.78 -22.47 -50.43
C THR G 33 27.01 -21.78 -50.98
N ASP G 34 26.81 -20.84 -51.91
CA ASP G 34 27.93 -20.13 -52.54
C ASP G 34 28.53 -19.00 -51.70
N ASN G 35 29.67 -18.51 -52.12
CA ASN G 35 30.28 -17.51 -51.34
C ASN G 35 29.62 -16.17 -51.39
N LYS G 36 28.86 -15.97 -52.43
CA LYS G 36 28.17 -14.72 -52.57
C LYS G 36 27.21 -14.62 -51.42
N THR G 37 26.52 -15.72 -51.18
CA THR G 37 25.55 -15.82 -50.12
C THR G 37 26.24 -15.83 -48.76
N LEU G 38 27.31 -16.59 -48.58
CA LEU G 38 27.94 -16.54 -47.31
C LEU G 38 28.36 -15.10 -47.04
N ALA G 39 28.93 -14.47 -48.04
CA ALA G 39 29.38 -13.10 -47.88
C ALA G 39 28.28 -12.11 -47.60
N HIS G 40 27.14 -12.31 -48.21
CA HIS G 40 26.05 -11.38 -48.04
C HIS G 40 25.41 -11.53 -46.68
N LEU G 41 25.13 -12.74 -46.27
CA LEU G 41 24.51 -12.99 -44.99
C LEU G 41 25.40 -12.46 -43.87
N LEU G 42 26.72 -12.62 -44.04
CA LEU G 42 27.74 -12.14 -43.07
C LEU G 42 27.75 -10.61 -43.03
N LYS G 43 27.68 -9.97 -44.19
CA LYS G 43 27.71 -8.55 -44.27
C LYS G 43 26.47 -7.90 -43.69
N TYR G 44 25.29 -8.49 -43.92
CA TYR G 44 24.00 -7.97 -43.47
C TYR G 44 23.26 -8.97 -42.60
N ASP G 45 23.09 -8.60 -41.33
CA ASP G 45 22.39 -9.41 -40.34
C ASP G 45 21.14 -8.63 -39.91
N SER G 46 19.99 -9.26 -39.81
CA SER G 46 18.78 -8.53 -39.42
C SER G 46 18.76 -8.05 -37.96
N ILE G 47 19.44 -8.81 -37.08
CA ILE G 47 19.52 -8.52 -35.67
C ILE G 47 20.73 -7.74 -35.25
N TYR G 48 21.91 -8.08 -35.69
CA TYR G 48 23.06 -7.33 -35.26
C TYR G 48 23.60 -6.32 -36.30
N HIS G 49 22.87 -6.10 -37.39
CA HIS G 49 23.20 -5.13 -38.42
C HIS G 49 24.55 -5.21 -39.10
N ARG G 50 24.92 -4.24 -39.92
CA ARG G 50 26.19 -4.39 -40.65
C ARG G 50 27.45 -4.88 -39.98
N PHE G 51 28.15 -5.77 -40.65
CA PHE G 51 29.40 -6.29 -40.17
C PHE G 51 30.31 -5.08 -40.21
N PRO G 52 31.02 -4.80 -39.13
CA PRO G 52 31.94 -3.68 -38.96
C PRO G 52 33.26 -3.92 -39.71
N GLY G 53 33.17 -3.91 -41.03
CA GLY G 53 34.36 -4.15 -41.82
C GLY G 53 34.08 -4.55 -43.25
N GLU G 54 35.17 -4.90 -43.94
CA GLU G 54 35.15 -5.28 -45.34
C GLU G 54 34.90 -6.75 -45.62
N VAL G 55 33.88 -7.02 -46.43
CA VAL G 55 33.54 -8.38 -46.81
C VAL G 55 33.54 -8.47 -48.33
N ALA G 56 34.24 -9.47 -48.87
CA ALA G 56 34.34 -9.72 -50.30
C ALA G 56 34.48 -11.22 -50.46
N TYR G 57 34.50 -11.69 -51.68
CA TYR G 57 34.60 -13.12 -51.89
C TYR G 57 34.97 -13.36 -53.33
N ASP G 58 35.07 -14.63 -53.68
CA ASP G 58 35.36 -15.03 -55.04
C ASP G 58 34.88 -16.47 -55.05
N ASP G 59 35.06 -17.20 -56.17
CA ASP G 59 34.60 -18.59 -56.28
C ASP G 59 35.23 -19.52 -55.22
N GLN G 60 36.37 -19.09 -54.69
CA GLN G 60 37.13 -19.89 -53.73
C GLN G 60 37.29 -19.43 -52.27
N TYR G 61 37.17 -18.14 -52.03
CA TYR G 61 37.40 -17.59 -50.70
C TYR G 61 36.47 -16.48 -50.29
N LEU G 62 36.42 -16.24 -48.97
CA LEU G 62 35.68 -15.14 -48.39
C LEU G 62 36.83 -14.27 -47.94
N TYR G 63 36.78 -12.98 -48.21
CA TYR G 63 37.86 -12.08 -47.79
C TYR G 63 37.21 -11.18 -46.76
N VAL G 64 37.61 -11.29 -45.49
CA VAL G 64 37.02 -10.49 -44.44
C VAL G 64 38.14 -9.62 -43.95
N ASP G 65 38.04 -8.31 -44.17
CA ASP G 65 39.08 -7.36 -43.77
C ASP G 65 40.42 -7.71 -44.38
N GLY G 66 40.40 -8.11 -45.67
CA GLY G 66 41.65 -8.46 -46.34
C GLY G 66 42.24 -9.86 -46.12
N LYS G 67 41.70 -10.60 -45.17
CA LYS G 67 42.13 -11.93 -44.88
C LYS G 67 41.32 -12.87 -45.71
N ALA G 68 41.99 -13.89 -46.22
CA ALA G 68 41.38 -14.89 -47.03
C ALA G 68 40.97 -16.10 -46.22
N ILE G 69 39.69 -16.40 -46.24
CA ILE G 69 39.18 -17.53 -45.50
C ILE G 69 38.63 -18.52 -46.51
N ARG G 70 39.18 -19.72 -46.49
CA ARG G 70 38.72 -20.72 -47.41
C ARG G 70 37.27 -20.99 -47.12
N ALA G 71 36.43 -20.99 -48.13
CA ALA G 71 35.06 -21.27 -47.85
C ALA G 71 34.60 -22.31 -48.80
N THR G 72 33.99 -23.37 -48.28
CA THR G 72 33.51 -24.47 -49.11
C THR G 72 32.04 -24.82 -48.95
N ALA G 73 31.66 -25.93 -49.57
CA ALA G 73 30.28 -26.36 -49.56
C ALA G 73 30.14 -27.88 -49.63
N VAL G 74 30.62 -28.57 -48.60
CA VAL G 74 30.60 -30.01 -48.54
C VAL G 74 29.56 -30.52 -47.56
N LYS G 75 28.64 -31.36 -48.06
CA LYS G 75 27.59 -31.93 -47.22
C LYS G 75 28.09 -32.99 -46.22
N ASP G 76 29.21 -33.66 -46.50
CA ASP G 76 29.73 -34.72 -45.62
C ASP G 76 31.00 -34.27 -44.97
N PRO G 77 31.05 -34.26 -43.65
CA PRO G 77 32.20 -33.86 -42.80
C PRO G 77 33.55 -34.63 -43.04
N LYS G 78 33.43 -35.89 -43.43
CA LYS G 78 34.60 -36.75 -43.69
C LYS G 78 35.37 -36.09 -44.83
N GLU G 79 34.61 -35.44 -45.72
CA GLU G 79 35.14 -34.74 -46.89
C GLU G 79 35.59 -33.27 -46.74
N ILE G 80 35.56 -32.68 -45.54
CA ILE G 80 35.98 -31.29 -45.43
C ILE G 80 37.46 -31.35 -45.20
N PRO G 81 38.23 -30.51 -45.93
CA PRO G 81 39.69 -30.28 -45.98
C PRO G 81 40.25 -29.59 -44.76
N TRP G 82 39.89 -30.05 -43.59
CA TRP G 82 40.39 -29.41 -42.39
C TRP G 82 41.89 -29.40 -42.41
N ALA G 83 42.50 -30.56 -42.70
CA ALA G 83 43.94 -30.77 -42.76
C ALA G 83 44.63 -29.81 -43.74
N GLU G 84 44.10 -29.75 -44.97
CA GLU G 84 44.57 -28.88 -46.08
C GLU G 84 44.59 -27.35 -45.71
N ALA G 85 43.75 -26.99 -44.75
CA ALA G 85 43.58 -25.62 -44.26
C ALA G 85 44.32 -25.35 -42.96
N GLY G 86 44.74 -26.40 -42.28
CA GLY G 86 45.43 -26.23 -41.02
C GLY G 86 44.50 -26.06 -39.83
N VAL G 87 43.25 -26.46 -39.99
CA VAL G 87 42.30 -26.33 -38.92
C VAL G 87 42.46 -27.43 -37.90
N GLY G 88 42.73 -27.02 -36.66
CA GLY G 88 42.86 -27.93 -35.56
C GLY G 88 41.57 -28.03 -34.77
N VAL G 89 40.86 -26.91 -34.60
CA VAL G 89 39.61 -26.85 -33.83
C VAL G 89 38.39 -26.57 -34.71
N VAL G 90 37.45 -27.50 -34.77
CA VAL G 90 36.27 -27.30 -35.61
C VAL G 90 35.05 -26.94 -34.79
N ILE G 91 34.25 -26.03 -35.30
CA ILE G 91 33.06 -25.66 -34.58
C ILE G 91 31.91 -26.27 -35.31
N GLU G 92 31.22 -27.15 -34.62
CA GLU G 92 30.15 -27.83 -35.27
C GLU G 92 28.85 -27.17 -34.97
N SER G 93 28.49 -26.26 -35.86
CA SER G 93 27.26 -25.51 -35.72
C SER G 93 26.24 -25.71 -36.84
N THR G 94 26.10 -26.94 -37.35
CA THR G 94 25.16 -27.21 -38.42
C THR G 94 23.88 -27.60 -37.76
N GLY G 95 24.00 -28.27 -36.63
CA GLY G 95 22.78 -28.71 -35.98
C GLY G 95 22.38 -30.09 -36.48
N VAL G 96 23.20 -30.73 -37.29
CA VAL G 96 22.83 -32.05 -37.76
C VAL G 96 23.82 -33.08 -37.36
N PHE G 97 24.95 -32.71 -36.79
CA PHE G 97 25.91 -33.71 -36.35
C PHE G 97 26.09 -33.65 -34.84
N THR G 98 24.98 -33.72 -34.11
CA THR G 98 25.03 -33.67 -32.65
C THR G 98 25.38 -35.01 -32.03
N ASP G 99 25.02 -36.14 -32.69
CA ASP G 99 25.40 -37.47 -32.17
C ASP G 99 26.89 -37.46 -32.45
N ALA G 100 27.70 -37.48 -31.41
CA ALA G 100 29.17 -37.45 -31.57
C ALA G 100 29.70 -38.37 -32.65
N ASP G 101 29.09 -39.53 -32.82
CA ASP G 101 29.57 -40.44 -33.85
C ASP G 101 29.63 -39.84 -35.23
N LYS G 102 28.72 -38.94 -35.56
CA LYS G 102 28.74 -38.35 -36.86
C LYS G 102 29.73 -37.21 -36.86
N ALA G 103 29.81 -36.49 -35.75
CA ALA G 103 30.71 -35.37 -35.62
C ALA G 103 32.12 -35.90 -35.52
N LYS G 104 32.28 -37.20 -35.39
CA LYS G 104 33.64 -37.74 -35.30
C LYS G 104 34.29 -37.52 -36.65
N ALA G 105 33.48 -37.61 -37.70
CA ALA G 105 33.97 -37.41 -39.05
C ALA G 105 34.96 -36.26 -39.17
N HIS G 106 34.80 -35.23 -38.36
CA HIS G 106 35.71 -34.11 -38.42
C HIS G 106 37.14 -34.49 -38.17
N LEU G 107 37.35 -35.35 -37.19
CA LEU G 107 38.71 -35.79 -36.84
C LEU G 107 39.38 -36.58 -37.99
N GLU G 108 38.56 -37.29 -38.76
CA GLU G 108 39.08 -38.04 -39.89
C GLU G 108 39.29 -37.08 -41.06
N GLY G 109 39.17 -35.78 -40.83
CA GLY G 109 39.37 -34.81 -41.88
C GLY G 109 40.68 -34.10 -41.57
N GLY G 110 41.20 -34.43 -40.40
CA GLY G 110 42.43 -33.86 -39.90
C GLY G 110 42.28 -33.07 -38.62
N ALA G 111 41.03 -32.78 -38.25
CA ALA G 111 40.72 -31.98 -37.07
C ALA G 111 41.14 -32.67 -35.81
N LYS G 112 41.56 -31.88 -34.82
CA LYS G 112 41.96 -32.44 -33.53
C LYS G 112 40.91 -32.36 -32.41
N LYS G 113 39.98 -31.39 -32.50
CA LYS G 113 38.89 -31.21 -31.52
C LYS G 113 37.66 -30.72 -32.27
N VAL G 114 36.51 -30.93 -31.66
CA VAL G 114 35.25 -30.47 -32.21
C VAL G 114 34.49 -29.87 -31.05
N ILE G 115 33.73 -28.85 -31.30
CA ILE G 115 33.00 -28.23 -30.21
C ILE G 115 31.58 -28.18 -30.71
N ILE G 116 30.74 -29.07 -30.23
CA ILE G 116 29.39 -29.05 -30.70
C ILE G 116 28.67 -27.87 -30.04
N THR G 117 28.09 -26.99 -30.83
CA THR G 117 27.45 -25.85 -30.25
C THR G 117 26.01 -26.21 -29.99
N ALA G 118 25.79 -27.33 -29.30
CA ALA G 118 24.46 -27.79 -28.94
C ALA G 118 24.56 -28.98 -28.01
N PRO G 119 23.45 -29.35 -27.37
CA PRO G 119 23.51 -30.50 -26.48
C PRO G 119 23.95 -31.65 -27.36
N ALA G 120 24.94 -32.42 -26.93
CA ALA G 120 25.39 -33.54 -27.73
C ALA G 120 24.86 -34.83 -27.19
N LYS G 121 25.37 -35.91 -27.76
CA LYS G 121 25.04 -37.27 -27.38
C LYS G 121 26.28 -38.09 -27.67
N GLY G 122 26.88 -38.69 -26.65
CA GLY G 122 28.08 -39.45 -26.88
C GLY G 122 29.36 -38.62 -26.84
N GLU G 123 29.29 -37.40 -26.31
CA GLU G 123 30.46 -36.51 -26.26
C GLU G 123 31.49 -36.86 -25.20
N ASP G 124 32.72 -36.41 -25.38
CA ASP G 124 33.72 -36.71 -24.37
C ASP G 124 33.28 -36.00 -23.11
N ILE G 125 33.02 -34.70 -23.23
CA ILE G 125 32.61 -33.86 -22.10
C ILE G 125 31.67 -32.72 -22.53
N THR G 126 30.71 -32.39 -21.68
CA THR G 126 29.84 -31.26 -21.94
C THR G 126 30.33 -30.22 -20.94
N ILE G 127 30.71 -29.04 -21.43
CA ILE G 127 31.25 -27.99 -20.60
C ILE G 127 30.40 -26.77 -20.61
N VAL G 128 30.20 -26.15 -19.47
CA VAL G 128 29.43 -24.93 -19.40
C VAL G 128 30.38 -23.90 -18.85
N MET G 129 30.92 -23.03 -19.68
CA MET G 129 31.85 -22.03 -19.17
C MET G 129 31.34 -21.40 -17.89
N GLY G 130 32.28 -21.28 -16.96
CA GLY G 130 32.06 -20.70 -15.64
C GLY G 130 31.65 -21.70 -14.57
N VAL G 131 30.95 -22.75 -14.94
CA VAL G 131 30.50 -23.75 -14.00
C VAL G 131 31.52 -24.83 -13.93
N ASN G 132 31.70 -25.66 -14.96
CA ASN G 132 32.70 -26.71 -14.85
C ASN G 132 33.77 -26.70 -15.90
N HIS G 133 34.25 -25.52 -16.30
CA HIS G 133 35.28 -25.49 -17.34
C HIS G 133 36.59 -26.08 -16.90
N GLU G 134 36.84 -26.11 -15.61
CA GLU G 134 38.10 -26.68 -15.18
C GLU G 134 38.27 -28.19 -15.45
N ALA G 135 37.20 -28.89 -15.84
CA ALA G 135 37.31 -30.32 -16.09
C ALA G 135 37.79 -30.71 -17.47
N TYR G 136 37.85 -29.77 -18.40
CA TYR G 136 38.36 -30.09 -19.72
C TYR G 136 39.82 -30.53 -19.57
N ASP G 137 40.05 -31.78 -19.98
CA ASP G 137 41.35 -32.48 -19.98
C ASP G 137 41.77 -32.67 -21.45
N PRO G 138 42.61 -31.78 -21.94
CA PRO G 138 43.12 -31.79 -23.31
C PRO G 138 43.62 -33.14 -23.74
N SER G 139 44.10 -33.87 -22.75
CA SER G 139 44.63 -35.20 -23.01
C SER G 139 43.48 -36.17 -23.31
N ARG G 140 42.31 -35.94 -22.74
CA ARG G 140 41.23 -36.89 -22.94
C ARG G 140 39.94 -36.38 -23.56
N HIS G 141 39.81 -35.07 -23.73
CA HIS G 141 38.55 -34.54 -24.28
C HIS G 141 38.72 -33.98 -25.67
N HIS G 142 37.97 -34.54 -26.59
CA HIS G 142 38.07 -34.19 -28.00
C HIS G 142 36.78 -33.69 -28.70
N ILE G 143 35.63 -34.27 -28.37
CA ILE G 143 34.33 -33.82 -28.86
C ILE G 143 33.64 -33.25 -27.62
N ILE G 144 33.70 -31.95 -27.53
CA ILE G 144 33.17 -31.21 -26.40
C ILE G 144 31.84 -30.57 -26.77
N SER G 145 30.82 -30.65 -25.92
CA SER G 145 29.54 -29.98 -26.17
C SER G 145 29.54 -28.73 -25.34
N ASN G 146 28.90 -27.67 -25.79
CA ASN G 146 28.88 -26.45 -25.01
C ASN G 146 27.45 -26.33 -24.49
N ALA G 147 26.69 -27.42 -24.53
CA ALA G 147 25.30 -27.44 -24.10
C ALA G 147 24.36 -26.37 -24.73
N SER G 148 23.05 -26.41 -24.49
CA SER G 148 22.09 -25.43 -25.07
C SER G 148 22.22 -24.02 -24.60
N CYS G 149 21.57 -23.10 -25.31
CA CYS G 149 21.61 -21.69 -24.90
C CYS G 149 20.96 -21.57 -23.46
N THR G 150 19.90 -22.34 -23.23
CA THR G 150 19.18 -22.37 -21.97
C THR G 150 20.00 -22.93 -20.83
N THR G 151 20.61 -24.08 -21.02
CA THR G 151 21.43 -24.61 -19.97
C THR G 151 22.44 -23.59 -19.50
N ASN G 152 23.05 -22.86 -20.44
CA ASN G 152 24.04 -21.88 -20.04
C ASN G 152 23.44 -20.78 -19.23
N SER G 153 22.14 -20.57 -19.31
CA SER G 153 21.60 -19.51 -18.46
C SER G 153 21.17 -20.07 -17.09
N LEU G 154 20.79 -21.33 -17.07
CA LEU G 154 20.37 -21.88 -15.83
C LEU G 154 21.56 -22.19 -14.95
N ALA G 155 22.64 -22.74 -15.52
CA ALA G 155 23.73 -23.17 -14.63
C ALA G 155 24.45 -22.16 -13.81
N PRO G 156 24.75 -20.99 -14.34
CA PRO G 156 25.44 -20.04 -13.49
C PRO G 156 24.52 -19.65 -12.29
N VAL G 157 23.22 -19.55 -12.50
CA VAL G 157 22.32 -19.21 -11.42
C VAL G 157 22.15 -20.35 -10.45
N MET G 158 21.80 -21.53 -10.93
CA MET G 158 21.60 -22.65 -10.05
C MET G 158 22.81 -22.91 -9.26
N LYS G 159 24.00 -22.70 -9.82
CA LYS G 159 25.23 -22.94 -9.05
C LYS G 159 25.21 -22.03 -7.84
N VAL G 160 24.88 -20.76 -8.01
CA VAL G 160 24.83 -19.86 -6.88
C VAL G 160 23.74 -20.26 -5.93
N LEU G 161 22.55 -20.60 -6.39
CA LEU G 161 21.54 -20.96 -5.43
C LEU G 161 21.95 -22.16 -4.62
N GLU G 162 22.66 -23.13 -5.21
CA GLU G 162 23.08 -24.35 -4.47
C GLU G 162 24.17 -24.14 -3.40
N GLU G 163 25.11 -23.25 -3.67
CA GLU G 163 26.20 -23.01 -2.73
C GLU G 163 25.85 -22.07 -1.60
N ALA G 164 25.03 -21.06 -1.86
CA ALA G 164 24.67 -20.16 -0.80
C ALA G 164 23.47 -20.64 0.01
N PHE G 165 22.48 -21.18 -0.66
CA PHE G 165 21.31 -21.63 0.05
C PHE G 165 21.06 -23.13 0.04
N GLY G 166 21.49 -23.84 -1.00
CA GLY G 166 21.24 -25.27 -1.07
C GLY G 166 19.91 -25.49 -1.76
N VAL G 167 19.90 -26.19 -2.89
CA VAL G 167 18.66 -26.38 -3.62
C VAL G 167 18.19 -27.77 -3.37
N GLU G 168 16.89 -27.94 -3.25
CA GLU G 168 16.37 -29.25 -3.06
C GLU G 168 15.56 -29.78 -4.26
N LYS G 169 14.83 -28.91 -4.95
CA LYS G 169 14.01 -29.28 -6.08
C LYS G 169 13.87 -27.98 -6.84
N ALA G 170 13.74 -28.05 -8.18
CA ALA G 170 13.54 -26.90 -9.01
C ALA G 170 12.82 -27.30 -10.27
N LEU G 171 12.06 -26.36 -10.81
CA LEU G 171 11.34 -26.50 -12.08
C LEU G 171 11.54 -25.18 -12.75
N MET G 172 11.82 -25.13 -14.04
CA MET G 172 11.99 -23.84 -14.72
C MET G 172 11.16 -23.80 -16.00
N THR G 173 11.02 -22.62 -16.58
CA THR G 173 10.30 -22.45 -17.82
C THR G 173 11.12 -21.38 -18.52
N THR G 174 11.29 -21.48 -19.82
CA THR G 174 12.07 -20.46 -20.50
C THR G 174 11.21 -19.91 -21.57
N VAL G 175 11.06 -18.59 -21.56
CA VAL G 175 10.24 -17.93 -22.56
C VAL G 175 11.31 -17.51 -23.57
N HIS G 176 11.27 -18.18 -24.72
CA HIS G 176 12.29 -18.06 -25.76
C HIS G 176 11.92 -17.43 -27.12
N SER G 177 12.77 -16.55 -27.67
CA SER G 177 12.54 -16.01 -29.02
C SER G 177 12.55 -17.26 -29.95
N TYR G 178 11.95 -17.20 -31.13
CA TYR G 178 11.96 -18.38 -32.02
C TYR G 178 13.31 -18.64 -32.70
N THR G 179 13.52 -19.87 -33.17
CA THR G 179 14.76 -20.23 -33.85
C THR G 179 14.46 -20.88 -35.17
N ASN G 180 15.51 -21.11 -35.95
CA ASN G 180 15.33 -21.71 -37.27
C ASN G 180 14.82 -23.14 -37.29
N ASP G 181 14.50 -23.69 -36.15
CA ASP G 181 13.99 -25.01 -36.23
C ASP G 181 12.51 -24.91 -36.22
N GLN G 182 11.99 -23.74 -36.43
CA GLN G 182 10.55 -23.59 -36.45
C GLN G 182 10.02 -23.29 -37.87
N ARG G 183 8.73 -22.96 -37.98
CA ARG G 183 8.09 -22.71 -39.24
C ARG G 183 7.57 -21.32 -39.29
N LEU G 184 7.51 -20.74 -40.48
CA LEU G 184 7.01 -19.39 -40.63
C LEU G 184 5.52 -19.43 -40.60
N LEU G 185 4.94 -20.45 -41.21
CA LEU G 185 3.49 -20.60 -41.26
C LEU G 185 3.28 -22.10 -41.11
N ASP G 186 2.07 -22.57 -40.76
CA ASP G 186 1.84 -24.00 -40.50
C ASP G 186 2.42 -24.95 -41.55
N LEU G 187 3.34 -25.79 -41.10
CA LEU G 187 3.99 -26.71 -41.97
C LEU G 187 4.33 -27.97 -41.20
N PRO G 188 4.53 -29.10 -41.88
CA PRO G 188 4.85 -30.29 -41.10
C PRO G 188 6.16 -30.22 -40.37
N HIS G 189 6.15 -30.77 -39.16
CA HIS G 189 7.33 -30.79 -38.35
C HIS G 189 7.22 -32.05 -37.54
N LYS G 190 8.35 -32.56 -37.07
CA LYS G 190 8.38 -33.75 -36.22
C LYS G 190 7.55 -33.45 -34.97
N ASP G 191 7.64 -32.19 -34.50
CA ASP G 191 6.94 -31.63 -33.34
C ASP G 191 5.62 -30.97 -33.79
N LEU G 192 4.49 -31.49 -33.35
CA LEU G 192 3.23 -30.91 -33.74
C LEU G 192 3.00 -29.48 -33.27
N ARG G 193 3.79 -29.04 -32.28
CA ARG G 193 3.65 -27.68 -31.78
C ARG G 193 4.54 -26.85 -32.66
N ARG G 194 5.80 -27.24 -32.86
CA ARG G 194 6.69 -26.45 -33.71
C ARG G 194 6.32 -26.30 -35.15
N ALA G 195 5.36 -27.10 -35.53
CA ALA G 195 4.81 -27.09 -36.83
C ALA G 195 3.99 -25.84 -37.11
N ARG G 196 3.71 -25.05 -36.09
CA ARG G 196 2.88 -23.88 -36.23
C ARG G 196 3.59 -22.56 -36.35
N ALA G 197 2.86 -21.64 -36.95
CA ALA G 197 3.30 -20.30 -37.26
C ALA G 197 4.03 -19.61 -36.15
N ALA G 198 5.34 -19.60 -36.24
CA ALA G 198 6.14 -19.02 -35.22
C ALA G 198 5.90 -17.59 -34.79
N ALA G 199 5.53 -16.70 -35.70
CA ALA G 199 5.42 -15.30 -35.30
C ALA G 199 4.08 -14.86 -34.84
N ILE G 200 3.13 -15.77 -34.72
CA ILE G 200 1.80 -15.35 -34.31
C ILE G 200 1.25 -16.29 -33.26
N ASN G 201 2.12 -16.98 -32.55
CA ASN G 201 1.69 -17.94 -31.53
C ASN G 201 2.70 -17.94 -30.41
N ILE G 202 2.28 -18.59 -29.32
CA ILE G 202 3.09 -18.83 -28.15
C ILE G 202 3.08 -20.32 -28.31
N ILE G 203 4.26 -20.91 -28.38
CA ILE G 203 4.29 -22.33 -28.63
C ILE G 203 4.97 -23.11 -27.53
N PRO G 204 4.21 -23.95 -26.84
CA PRO G 204 4.83 -24.70 -25.79
C PRO G 204 5.61 -25.79 -26.49
N THR G 205 6.84 -25.99 -26.07
CA THR G 205 7.69 -27.01 -26.64
C THR G 205 8.52 -27.60 -25.48
N THR G 206 8.93 -28.85 -25.57
CA THR G 206 9.74 -29.48 -24.52
C THR G 206 11.23 -29.12 -24.61
N THR G 207 11.91 -29.28 -23.49
CA THR G 207 13.32 -28.94 -23.40
C THR G 207 14.03 -29.77 -22.33
N GLY G 208 15.27 -30.16 -22.62
CA GLY G 208 16.06 -30.94 -21.70
C GLY G 208 17.12 -30.09 -21.00
N ALA G 209 16.99 -28.76 -21.15
CA ALA G 209 17.92 -27.80 -20.56
C ALA G 209 18.08 -27.98 -19.08
N ALA G 210 16.99 -28.30 -18.37
CA ALA G 210 17.03 -28.51 -16.91
C ALA G 210 17.83 -29.74 -16.58
N LYS G 211 17.37 -30.91 -17.03
CA LYS G 211 18.14 -32.15 -16.78
C LYS G 211 19.62 -32.03 -17.19
N ALA G 212 19.90 -31.30 -18.26
CA ALA G 212 21.26 -31.07 -18.71
C ALA G 212 22.09 -30.30 -17.70
N THR G 213 21.48 -29.45 -16.87
CA THR G 213 22.26 -28.71 -15.88
C THR G 213 22.86 -29.71 -14.92
N ALA G 214 22.24 -30.88 -14.87
CA ALA G 214 22.71 -31.95 -14.01
C ALA G 214 24.04 -32.51 -14.48
N LEU G 215 24.45 -32.24 -15.70
CA LEU G 215 25.74 -32.78 -16.12
C LEU G 215 26.83 -31.88 -15.61
N VAL G 216 26.53 -30.60 -15.47
CA VAL G 216 27.56 -29.72 -14.98
C VAL G 216 27.42 -29.58 -13.47
N LEU G 217 26.22 -29.79 -12.94
CA LEU G 217 25.95 -29.71 -11.50
C LEU G 217 25.23 -31.00 -11.12
N PRO G 218 26.00 -32.04 -10.86
CA PRO G 218 25.53 -33.37 -10.50
C PRO G 218 24.52 -33.40 -9.38
N SER G 219 24.57 -32.41 -8.51
CA SER G 219 23.60 -32.35 -7.41
C SER G 219 22.16 -32.09 -7.89
N LEU G 220 21.94 -31.72 -9.16
CA LEU G 220 20.56 -31.49 -9.59
C LEU G 220 19.96 -32.70 -10.30
N LYS G 221 20.73 -33.77 -10.35
CA LYS G 221 20.30 -35.00 -10.98
C LYS G 221 19.01 -35.49 -10.37
N GLY G 222 17.95 -35.49 -11.15
CA GLY G 222 16.70 -36.01 -10.67
C GLY G 222 15.95 -34.99 -9.88
N ARG G 223 16.50 -33.78 -9.81
CA ARG G 223 15.88 -32.72 -9.05
C ARG G 223 15.55 -31.43 -9.76
N PHE G 224 15.63 -31.38 -11.09
CA PHE G 224 15.38 -30.13 -11.83
C PHE G 224 14.79 -30.54 -13.18
N ASP G 225 13.78 -29.82 -13.66
CA ASP G 225 13.13 -30.10 -14.94
C ASP G 225 12.44 -28.84 -15.46
N GLY G 226 11.86 -28.83 -16.65
CA GLY G 226 11.28 -27.61 -17.15
C GLY G 226 10.54 -27.74 -18.45
N MET G 227 10.27 -26.58 -19.05
CA MET G 227 9.47 -26.46 -20.26
C MET G 227 9.92 -25.21 -20.98
N ALA G 228 9.39 -24.96 -22.18
CA ALA G 228 9.76 -23.74 -22.89
C ALA G 228 8.56 -23.20 -23.55
N LEU G 229 8.53 -21.91 -23.72
CA LEU G 229 7.44 -21.34 -24.45
C LEU G 229 8.15 -20.52 -25.51
N ARG G 230 7.89 -20.78 -26.79
CA ARG G 230 8.54 -20.02 -27.84
C ARG G 230 7.57 -18.94 -28.11
N VAL G 231 8.05 -17.72 -28.28
CA VAL G 231 7.16 -16.58 -28.54
C VAL G 231 7.67 -15.73 -29.72
N PRO G 232 6.81 -14.83 -30.27
CA PRO G 232 7.12 -13.94 -31.39
C PRO G 232 8.25 -12.94 -31.33
N THR G 233 9.47 -13.35 -30.99
CA THR G 233 10.57 -12.38 -30.97
C THR G 233 11.74 -13.11 -31.61
N ALA G 234 12.54 -12.34 -32.33
CA ALA G 234 13.70 -12.80 -33.08
C ALA G 234 14.87 -13.32 -32.30
N THR G 235 15.25 -12.60 -31.26
CA THR G 235 16.31 -13.17 -30.44
C THR G 235 16.16 -12.59 -29.07
N GLY G 236 16.59 -13.35 -28.07
CA GLY G 236 16.48 -12.89 -26.71
C GLY G 236 15.49 -13.75 -25.94
N SER G 237 15.91 -14.21 -24.78
CA SER G 237 15.04 -15.03 -23.98
C SER G 237 15.13 -14.67 -22.52
N ILE G 238 14.40 -15.42 -21.70
CA ILE G 238 14.39 -15.23 -20.26
C ILE G 238 14.00 -16.55 -19.61
N SER G 239 14.73 -16.88 -18.54
CA SER G 239 14.49 -18.08 -17.73
C SER G 239 13.77 -17.68 -16.44
N ASP G 240 12.69 -18.40 -16.13
CA ASP G 240 11.83 -18.20 -14.96
C ASP G 240 12.07 -19.48 -14.09
N ILE G 241 13.02 -19.43 -13.16
CA ILE G 241 13.33 -20.57 -12.30
C ILE G 241 12.55 -20.52 -10.97
N THR G 242 11.83 -21.58 -10.61
CA THR G 242 11.14 -21.58 -9.35
C THR G 242 11.82 -22.68 -8.53
N ALA G 243 12.56 -22.31 -7.50
CA ALA G 243 13.28 -23.27 -6.69
C ALA G 243 12.76 -23.43 -5.26
N LEU G 244 12.95 -24.63 -4.72
CA LEU G 244 12.53 -24.95 -3.39
C LEU G 244 13.84 -25.10 -2.73
N LEU G 245 14.25 -24.15 -1.88
CA LEU G 245 15.57 -24.24 -1.20
C LEU G 245 15.57 -24.94 0.16
N LYS G 246 16.76 -25.04 0.73
CA LYS G 246 16.95 -25.67 2.03
C LYS G 246 16.79 -24.79 3.30
N ARG G 247 16.87 -23.46 3.16
CA ARG G 247 16.65 -22.53 4.29
C ARG G 247 15.63 -21.48 3.87
N GLU G 248 14.98 -20.82 4.83
CA GLU G 248 14.02 -19.78 4.50
C GLU G 248 14.87 -18.59 4.07
N VAL G 249 14.47 -17.85 3.04
CA VAL G 249 15.22 -16.67 2.63
C VAL G 249 14.27 -15.56 2.25
N THR G 250 14.84 -14.38 2.05
CA THR G 250 14.10 -13.24 1.59
C THR G 250 14.66 -12.89 0.21
N ALA G 251 13.82 -12.37 -0.65
CA ALA G 251 14.28 -11.97 -1.95
C ALA G 251 15.62 -11.24 -1.89
N GLU G 252 15.72 -10.19 -1.08
CA GLU G 252 16.94 -9.40 -0.96
C GLU G 252 18.11 -10.28 -0.66
N GLU G 253 17.82 -11.32 0.09
CA GLU G 253 18.86 -12.22 0.42
C GLU G 253 19.31 -12.99 -0.82
N VAL G 254 18.35 -13.55 -1.56
CA VAL G 254 18.73 -14.24 -2.75
C VAL G 254 19.43 -13.28 -3.72
N ASN G 255 18.93 -12.06 -3.92
CA ASN G 255 19.63 -11.16 -4.86
C ASN G 255 21.03 -10.89 -4.48
N ALA G 256 21.23 -10.65 -3.21
CA ALA G 256 22.58 -10.37 -2.73
C ALA G 256 23.57 -11.49 -3.07
N ALA G 257 23.12 -12.74 -3.01
CA ALA G 257 23.96 -13.90 -3.36
C ALA G 257 24.42 -13.76 -4.83
N LEU G 258 23.40 -13.62 -5.70
CA LEU G 258 23.53 -13.49 -7.14
C LEU G 258 24.41 -12.34 -7.48
N LYS G 259 24.12 -11.18 -6.92
CA LYS G 259 24.95 -10.02 -7.20
C LYS G 259 26.41 -10.17 -6.87
N ALA G 260 26.71 -10.95 -5.85
CA ALA G 260 28.06 -11.13 -5.40
C ALA G 260 28.76 -12.06 -6.32
N ALA G 261 28.06 -13.11 -6.69
CA ALA G 261 28.62 -14.06 -7.62
C ALA G 261 28.91 -13.23 -8.87
N ALA G 262 27.92 -12.51 -9.30
CA ALA G 262 28.05 -11.64 -10.46
C ALA G 262 29.24 -10.71 -10.43
N GLU G 263 29.72 -10.26 -9.28
CA GLU G 263 30.86 -9.33 -9.31
C GLU G 263 32.15 -9.98 -8.93
N GLY G 264 32.12 -11.29 -8.71
CA GLY G 264 33.31 -11.96 -8.30
C GLY G 264 33.66 -13.15 -9.12
N PRO G 265 33.45 -14.36 -8.60
CA PRO G 265 33.79 -15.57 -9.35
C PRO G 265 33.05 -15.82 -10.63
N LEU G 266 31.92 -15.15 -10.84
CA LEU G 266 31.14 -15.38 -12.06
C LEU G 266 31.19 -14.19 -12.98
N LYS G 267 32.15 -13.30 -12.76
CA LYS G 267 32.25 -12.12 -13.59
C LYS G 267 32.47 -12.53 -15.02
N GLY G 268 31.70 -11.87 -15.88
CA GLY G 268 31.77 -12.14 -17.30
C GLY G 268 30.78 -13.18 -17.78
N ILE G 269 30.34 -14.09 -16.88
CA ILE G 269 29.36 -15.13 -17.19
C ILE G 269 27.99 -14.70 -16.72
N LEU G 270 27.91 -14.31 -15.46
CA LEU G 270 26.65 -13.90 -14.86
C LEU G 270 26.56 -12.40 -14.69
N ALA G 271 25.38 -11.88 -14.78
CA ALA G 271 25.31 -10.47 -14.63
C ALA G 271 24.12 -10.26 -13.76
N TYR G 272 24.07 -9.09 -13.14
CA TYR G 272 23.01 -8.76 -12.19
C TYR G 272 22.65 -7.31 -12.43
N THR G 273 21.37 -7.06 -12.53
CA THR G 273 20.95 -5.70 -12.74
C THR G 273 19.73 -5.42 -11.91
N GLU G 274 19.59 -4.12 -11.65
CA GLU G 274 18.50 -3.56 -10.90
C GLU G 274 17.68 -2.56 -11.71
N ASP G 275 18.06 -2.25 -12.97
CA ASP G 275 17.26 -1.30 -13.81
C ASP G 275 15.99 -2.00 -14.36
N GLU G 276 14.95 -1.25 -14.76
CA GLU G 276 13.71 -1.87 -15.24
C GLU G 276 13.71 -2.00 -16.76
N ILE G 277 14.45 -3.03 -17.17
CA ILE G 277 14.73 -3.36 -18.56
C ILE G 277 13.76 -4.32 -19.22
N VAL G 278 13.68 -4.23 -20.54
CA VAL G 278 12.85 -5.15 -21.29
C VAL G 278 13.79 -5.80 -22.26
N LEU G 279 13.26 -6.76 -23.01
CA LEU G 279 14.02 -7.57 -23.98
C LEU G 279 15.03 -6.86 -24.78
N GLN G 280 14.61 -5.88 -25.57
CA GLN G 280 15.53 -5.12 -26.39
C GLN G 280 16.78 -4.63 -25.71
N ASP G 281 16.79 -4.53 -24.39
CA ASP G 281 17.95 -4.02 -23.63
C ASP G 281 19.02 -5.05 -23.37
N ILE G 282 18.65 -6.31 -23.54
CA ILE G 282 19.58 -7.38 -23.36
C ILE G 282 20.04 -8.00 -24.68
N VAL G 283 19.62 -7.47 -25.83
CA VAL G 283 20.07 -8.00 -27.11
C VAL G 283 21.48 -7.56 -27.27
N MET G 284 22.32 -8.49 -27.68
CA MET G 284 23.75 -8.31 -27.90
C MET G 284 24.54 -8.13 -26.65
N ASP G 285 23.94 -8.52 -25.53
CA ASP G 285 24.65 -8.46 -24.27
C ASP G 285 25.44 -9.80 -24.24
N PRO G 286 26.75 -9.81 -23.87
CA PRO G 286 27.56 -11.03 -23.84
C PRO G 286 27.50 -12.04 -22.70
N HIS G 287 26.67 -11.80 -21.72
CA HIS G 287 26.62 -12.71 -20.60
C HIS G 287 25.76 -13.86 -20.87
N SER G 288 26.00 -14.90 -20.11
CA SER G 288 25.20 -16.08 -20.21
C SER G 288 23.89 -15.87 -19.48
N SER G 289 23.90 -15.08 -18.40
CA SER G 289 22.70 -14.83 -17.56
C SER G 289 22.72 -13.44 -17.00
N ILE G 290 21.56 -12.81 -17.01
CA ILE G 290 21.47 -11.47 -16.51
C ILE G 290 20.36 -11.50 -15.49
N VAL G 291 20.70 -11.50 -14.21
CA VAL G 291 19.68 -11.56 -13.17
C VAL G 291 18.91 -10.23 -13.08
N ASP G 292 17.59 -10.32 -13.26
CA ASP G 292 16.75 -9.13 -13.21
C ASP G 292 16.28 -9.06 -11.78
N ALA G 293 17.07 -8.37 -10.98
CA ALA G 293 16.84 -8.31 -9.54
C ALA G 293 15.45 -7.99 -9.05
N LYS G 294 14.81 -6.99 -9.64
CA LYS G 294 13.45 -6.60 -9.24
C LYS G 294 12.37 -7.63 -9.48
N LEU G 295 12.71 -8.81 -9.97
CA LEU G 295 11.66 -9.77 -10.24
C LEU G 295 11.62 -10.87 -9.26
N THR G 296 12.65 -10.99 -8.44
CA THR G 296 12.68 -12.04 -7.41
C THR G 296 11.50 -12.01 -6.41
N LYS G 297 10.95 -13.18 -6.12
CA LYS G 297 9.83 -13.33 -5.21
C LYS G 297 10.30 -14.39 -4.28
N ALA G 298 9.77 -14.49 -3.05
CA ALA G 298 10.24 -15.52 -2.11
C ALA G 298 9.14 -15.81 -1.14
N LEU G 299 8.65 -17.04 -1.10
CA LEU G 299 7.64 -17.39 -0.14
C LEU G 299 8.33 -18.33 0.80
N GLY G 300 9.22 -17.78 1.62
CA GLY G 300 9.94 -18.61 2.54
C GLY G 300 11.08 -19.35 1.88
N ASN G 301 10.90 -20.64 1.60
CA ASN G 301 11.95 -21.38 0.95
C ASN G 301 11.75 -21.50 -0.54
N MET G 302 10.52 -21.35 -1.00
CA MET G 302 10.21 -21.40 -2.40
C MET G 302 10.57 -20.02 -2.95
N VAL G 303 11.59 -19.97 -3.78
CA VAL G 303 12.11 -18.74 -4.36
C VAL G 303 11.78 -18.65 -5.88
N LYS G 304 11.92 -17.52 -6.52
CA LYS G 304 11.67 -17.43 -7.96
C LYS G 304 12.59 -16.39 -8.57
N VAL G 305 13.52 -16.84 -9.38
CA VAL G 305 14.51 -15.94 -10.00
C VAL G 305 14.29 -15.81 -11.51
N PHE G 306 14.62 -14.69 -12.12
CA PHE G 306 14.43 -14.55 -13.58
C PHE G 306 15.76 -14.11 -14.17
N ALA G 307 16.28 -14.83 -15.17
CA ALA G 307 17.55 -14.45 -15.81
C ALA G 307 17.37 -14.39 -17.32
N TRP G 308 17.76 -13.25 -17.86
CA TRP G 308 17.63 -13.00 -19.30
C TRP G 308 18.90 -13.51 -19.93
N TYR G 309 18.82 -13.82 -21.21
CA TYR G 309 19.99 -14.17 -22.00
C TYR G 309 19.66 -13.92 -23.50
N ASP G 310 20.65 -13.49 -24.29
CA ASP G 310 20.47 -13.37 -25.75
C ASP G 310 21.00 -14.72 -26.29
N ASN G 311 20.10 -15.63 -26.68
CA ASN G 311 20.44 -16.95 -27.17
C ASN G 311 21.44 -16.98 -28.33
N GLU G 312 21.51 -15.91 -29.11
CA GLU G 312 22.47 -15.83 -30.19
C GLU G 312 23.74 -15.28 -29.61
N TRP G 313 23.85 -13.97 -29.44
CA TRP G 313 25.08 -13.34 -28.94
C TRP G 313 25.75 -13.88 -27.69
N GLY G 314 24.96 -14.16 -26.68
CA GLY G 314 25.49 -14.64 -25.43
C GLY G 314 26.09 -15.96 -25.68
N TYR G 315 25.31 -16.89 -26.18
CA TYR G 315 25.79 -18.20 -26.48
C TYR G 315 27.01 -18.14 -27.36
N ALA G 316 26.96 -17.30 -28.40
CA ALA G 316 28.12 -17.21 -29.26
C ALA G 316 29.34 -16.85 -28.47
N ASN G 317 29.26 -15.87 -27.61
CA ASN G 317 30.46 -15.53 -26.83
C ASN G 317 31.03 -16.69 -26.05
N ARG G 318 30.15 -17.54 -25.54
CA ARG G 318 30.60 -18.68 -24.78
C ARG G 318 31.34 -19.66 -25.68
N VAL G 319 30.86 -19.80 -26.90
CA VAL G 319 31.54 -20.72 -27.78
C VAL G 319 32.92 -20.16 -28.07
N ALA G 320 32.99 -18.85 -28.19
CA ALA G 320 34.27 -18.29 -28.47
C ALA G 320 35.19 -18.43 -27.28
N ASP G 321 34.63 -18.39 -26.06
CA ASP G 321 35.44 -18.53 -24.84
C ASP G 321 35.94 -19.96 -24.78
N LEU G 322 35.10 -20.93 -25.06
CA LEU G 322 35.55 -22.32 -25.01
C LEU G 322 36.68 -22.56 -26.02
N VAL G 323 36.51 -22.06 -27.25
CA VAL G 323 37.53 -22.22 -28.29
C VAL G 323 38.85 -21.64 -27.79
N GLU G 324 38.79 -20.45 -27.23
CA GLU G 324 40.02 -19.83 -26.73
C GLU G 324 40.62 -20.66 -25.60
N LEU G 325 39.78 -21.37 -24.89
CA LEU G 325 40.28 -22.16 -23.79
C LEU G 325 40.96 -23.31 -24.41
N VAL G 326 40.22 -24.05 -25.24
CA VAL G 326 40.79 -25.20 -25.91
C VAL G 326 42.14 -24.86 -26.53
N LEU G 327 42.24 -23.70 -27.19
CA LEU G 327 43.50 -23.29 -27.79
C LEU G 327 44.59 -22.97 -26.75
N ARG G 328 44.28 -22.18 -25.72
CA ARG G 328 45.28 -21.83 -24.70
C ARG G 328 45.92 -23.08 -24.06
N LYS G 329 45.16 -24.17 -24.01
CA LYS G 329 45.63 -25.40 -23.40
C LYS G 329 46.34 -26.44 -24.27
N GLY G 330 46.73 -26.09 -25.48
CA GLY G 330 47.42 -27.04 -26.34
C GLY G 330 46.57 -28.07 -27.10
N VAL G 331 46.56 -27.94 -28.43
CA VAL G 331 45.82 -28.86 -29.31
C VAL G 331 46.82 -29.95 -29.76
N MET H 1 -34.60 -5.56 -15.25
CA MET H 1 -34.23 -4.30 -15.94
C MET H 1 -33.28 -4.54 -17.17
N LYS H 2 -32.78 -3.43 -17.74
CA LYS H 2 -31.90 -3.51 -18.91
C LYS H 2 -30.43 -3.13 -18.61
N VAL H 3 -29.52 -3.74 -19.38
CA VAL H 3 -28.08 -3.56 -19.22
C VAL H 3 -27.51 -2.37 -19.98
N GLY H 4 -26.67 -1.58 -19.34
CA GLY H 4 -26.08 -0.46 -20.03
C GLY H 4 -24.60 -0.76 -20.02
N ILE H 5 -23.79 -0.07 -20.81
CA ILE H 5 -22.35 -0.35 -20.82
C ILE H 5 -21.64 0.95 -20.84
N ASN H 6 -20.78 1.17 -19.87
CA ASN H 6 -20.03 2.41 -19.85
C ASN H 6 -18.61 1.95 -20.13
N GLY H 7 -18.07 2.41 -21.27
CA GLY H 7 -16.74 2.03 -21.71
C GLY H 7 -16.86 0.98 -22.82
N PHE H 8 -17.05 1.46 -24.04
CA PHE H 8 -17.22 0.59 -25.18
C PHE H 8 -15.94 -0.05 -25.77
N GLY H 9 -14.88 -0.25 -24.99
CA GLY H 9 -13.66 -0.82 -25.55
C GLY H 9 -13.60 -2.30 -25.94
N ARG H 10 -12.40 -2.85 -25.80
CA ARG H 10 -12.16 -4.24 -26.10
C ARG H 10 -13.10 -5.14 -25.30
N ILE H 11 -13.04 -5.13 -23.97
CA ILE H 11 -13.96 -5.98 -23.24
C ILE H 11 -15.38 -5.53 -23.42
N GLY H 12 -15.61 -4.23 -23.35
CA GLY H 12 -16.96 -3.71 -23.55
C GLY H 12 -17.60 -4.25 -24.81
N ARG H 13 -16.93 -4.17 -25.95
CA ARG H 13 -17.55 -4.69 -27.14
C ARG H 13 -17.73 -6.20 -27.21
N GLN H 14 -16.86 -6.99 -26.59
CA GLN H 14 -17.11 -8.45 -26.67
C GLN H 14 -18.25 -8.84 -25.75
N VAL H 15 -18.32 -8.19 -24.62
CA VAL H 15 -19.41 -8.53 -23.74
C VAL H 15 -20.67 -8.25 -24.53
N PHE H 16 -20.76 -7.05 -25.11
CA PHE H 16 -21.94 -6.68 -25.91
C PHE H 16 -22.30 -7.76 -26.94
N ARG H 17 -21.30 -8.22 -27.67
CA ARG H 17 -21.53 -9.23 -28.67
C ARG H 17 -22.07 -10.48 -28.03
N ILE H 18 -21.51 -10.83 -26.88
CA ILE H 18 -21.97 -12.02 -26.24
C ILE H 18 -23.36 -11.87 -25.66
N LEU H 19 -23.63 -10.75 -24.98
CA LEU H 19 -24.95 -10.47 -24.42
C LEU H 19 -25.93 -10.41 -25.56
N HIS H 20 -25.58 -9.69 -26.63
CA HIS H 20 -26.47 -9.64 -27.78
C HIS H 20 -26.82 -11.07 -28.28
N SER H 21 -25.89 -12.01 -28.37
CA SER H 21 -26.24 -13.35 -28.86
C SER H 21 -27.00 -14.22 -27.86
N ARG H 22 -26.99 -13.84 -26.58
CA ARG H 22 -27.68 -14.58 -25.54
C ARG H 22 -29.14 -14.20 -25.33
N GLY H 23 -29.53 -13.00 -25.76
CA GLY H 23 -30.91 -12.58 -25.61
C GLY H 23 -31.10 -11.45 -24.61
N VAL H 24 -30.02 -11.10 -23.93
CA VAL H 24 -30.09 -10.03 -22.96
C VAL H 24 -30.24 -8.77 -23.77
N GLU H 25 -30.88 -7.74 -23.20
CA GLU H 25 -31.08 -6.48 -23.93
C GLU H 25 -30.23 -5.31 -23.39
N VAL H 26 -29.23 -4.86 -24.15
CA VAL H 26 -28.43 -3.70 -23.74
C VAL H 26 -29.22 -2.53 -24.19
N ALA H 27 -29.20 -1.46 -23.41
CA ALA H 27 -30.02 -0.32 -23.72
C ALA H 27 -29.29 1.00 -23.88
N LEU H 28 -28.07 1.06 -23.40
CA LEU H 28 -27.29 2.29 -23.52
C LEU H 28 -25.82 1.91 -23.44
N ILE H 29 -24.99 2.62 -24.19
CA ILE H 29 -23.58 2.37 -24.16
C ILE H 29 -23.04 3.75 -24.06
N ASN H 30 -22.03 3.95 -23.27
CA ASN H 30 -21.49 5.28 -23.17
C ASN H 30 -19.99 5.09 -23.39
N ASP H 31 -19.37 6.08 -24.02
CA ASP H 31 -17.94 6.07 -24.29
C ASP H 31 -17.56 7.53 -24.49
N LEU H 32 -16.43 7.81 -25.11
CA LEU H 32 -16.05 9.18 -25.30
C LEU H 32 -16.07 9.59 -26.78
N THR H 33 -16.60 8.74 -27.65
CA THR H 33 -16.55 9.06 -29.06
C THR H 33 -17.93 9.22 -29.67
N ASP H 34 -17.97 9.43 -31.00
CA ASP H 34 -19.23 9.56 -31.72
C ASP H 34 -19.81 8.22 -32.13
N ASN H 35 -21.06 8.23 -32.56
CA ASN H 35 -21.74 6.99 -32.92
C ASN H 35 -21.18 6.27 -34.14
N LYS H 36 -20.64 7.05 -35.08
CA LYS H 36 -20.01 6.53 -36.30
C LYS H 36 -18.92 5.55 -35.83
N THR H 37 -17.90 6.09 -35.15
CA THR H 37 -16.80 5.30 -34.62
C THR H 37 -17.31 4.09 -33.86
N LEU H 38 -18.27 4.30 -32.97
CA LEU H 38 -18.76 3.17 -32.19
C LEU H 38 -19.30 2.06 -33.10
N ALA H 39 -20.19 2.45 -34.01
CA ALA H 39 -20.80 1.52 -34.94
C ALA H 39 -19.70 0.80 -35.72
N HIS H 40 -18.69 1.56 -36.14
CA HIS H 40 -17.59 1.02 -36.92
C HIS H 40 -16.81 -0.07 -36.20
N LEU H 41 -16.34 0.23 -34.99
CA LEU H 41 -15.53 -0.69 -34.21
C LEU H 41 -16.30 -1.92 -33.83
N LEU H 42 -17.61 -1.78 -33.71
CA LEU H 42 -18.40 -2.93 -33.38
C LEU H 42 -18.46 -3.80 -34.59
N LYS H 43 -18.62 -3.19 -35.75
CA LYS H 43 -18.75 -3.98 -36.96
C LYS H 43 -17.49 -4.71 -37.36
N TYR H 44 -16.34 -4.07 -37.20
CA TYR H 44 -15.10 -4.69 -37.60
C TYR H 44 -14.13 -4.81 -36.47
N ASP H 45 -13.72 -6.04 -36.22
CA ASP H 45 -12.78 -6.36 -35.17
C ASP H 45 -11.57 -7.12 -35.69
N SER H 46 -10.36 -6.60 -35.47
CA SER H 46 -9.16 -7.24 -35.97
C SER H 46 -8.95 -8.61 -35.50
N ILE H 47 -9.61 -8.98 -34.42
CA ILE H 47 -9.39 -10.32 -33.90
C ILE H 47 -10.58 -11.23 -34.05
N TYR H 48 -11.75 -10.75 -33.61
CA TYR H 48 -12.94 -11.59 -33.67
C TYR H 48 -13.70 -11.43 -34.93
N HIS H 49 -13.14 -10.57 -35.75
CA HIS H 49 -13.57 -10.22 -37.08
C HIS H 49 -14.90 -9.59 -37.23
N ARG H 50 -15.67 -9.92 -38.25
CA ARG H 50 -16.91 -9.21 -38.42
C ARG H 50 -18.09 -9.56 -37.57
N PHE H 51 -18.74 -8.48 -37.10
CA PHE H 51 -19.92 -8.56 -36.31
C PHE H 51 -20.92 -9.15 -37.26
N PRO H 52 -21.52 -10.28 -36.87
CA PRO H 52 -22.52 -11.05 -37.62
C PRO H 52 -23.93 -10.48 -37.47
N GLY H 53 -24.23 -9.42 -38.22
CA GLY H 53 -25.54 -8.79 -38.14
C GLY H 53 -25.39 -7.36 -38.62
N GLU H 54 -26.50 -6.68 -38.89
CA GLU H 54 -26.41 -5.32 -39.41
C GLU H 54 -26.28 -4.24 -38.32
N VAL H 55 -25.31 -3.36 -38.51
CA VAL H 55 -25.06 -2.30 -37.59
C VAL H 55 -25.19 -1.00 -38.36
N ALA H 56 -25.83 0.00 -37.76
CA ALA H 56 -26.06 1.31 -38.35
C ALA H 56 -26.15 2.30 -37.23
N TYR H 57 -26.52 3.54 -37.52
CA TYR H 57 -26.57 4.49 -36.44
C TYR H 57 -26.97 5.85 -36.92
N ASP H 58 -27.55 6.64 -36.03
CA ASP H 58 -27.91 8.03 -36.34
C ASP H 58 -27.11 8.82 -35.34
N ASP H 59 -27.33 10.12 -35.27
CA ASP H 59 -26.59 10.96 -34.32
C ASP H 59 -27.15 10.75 -32.88
N GLN H 60 -27.77 9.59 -32.65
CA GLN H 60 -28.41 9.27 -31.38
C GLN H 60 -28.30 7.84 -30.84
N TYR H 61 -28.66 6.87 -31.68
CA TYR H 61 -28.65 5.47 -31.30
C TYR H 61 -27.78 4.65 -32.25
N LEU H 62 -27.58 3.38 -31.92
CA LEU H 62 -26.87 2.44 -32.77
C LEU H 62 -27.97 1.44 -33.04
N TYR H 63 -28.03 0.95 -34.26
CA TYR H 63 -29.05 -0.01 -34.62
C TYR H 63 -28.40 -1.34 -34.91
N VAL H 64 -28.39 -2.21 -33.92
CA VAL H 64 -27.81 -3.51 -34.16
C VAL H 64 -29.03 -4.37 -34.42
N ASP H 65 -29.07 -5.02 -35.58
CA ASP H 65 -30.23 -5.86 -35.92
C ASP H 65 -31.59 -5.13 -35.83
N GLY H 66 -31.55 -3.82 -36.11
CA GLY H 66 -32.74 -2.98 -36.09
C GLY H 66 -33.11 -2.41 -34.73
N LYS H 67 -32.64 -3.08 -33.68
CA LYS H 67 -32.92 -2.69 -32.32
C LYS H 67 -32.07 -1.49 -31.95
N ALA H 68 -32.70 -0.34 -31.79
CA ALA H 68 -31.96 0.85 -31.43
C ALA H 68 -31.35 0.67 -30.05
N ILE H 69 -30.19 1.26 -29.83
CA ILE H 69 -29.51 1.21 -28.53
C ILE H 69 -29.00 2.64 -28.28
N ARG H 70 -29.48 3.26 -27.22
CA ARG H 70 -29.03 4.61 -26.95
C ARG H 70 -27.50 4.58 -26.91
N ALA H 71 -26.84 5.68 -27.22
CA ALA H 71 -25.39 5.70 -27.14
C ALA H 71 -24.95 7.13 -26.79
N THR H 72 -24.12 7.30 -25.75
CA THR H 72 -23.73 8.65 -25.34
C THR H 72 -22.24 8.94 -25.21
N ALA H 73 -21.92 10.21 -24.99
CA ALA H 73 -20.53 10.61 -24.84
C ALA H 73 -20.36 11.47 -23.62
N VAL H 74 -20.72 10.89 -22.46
CA VAL H 74 -20.64 11.59 -21.18
C VAL H 74 -19.40 11.17 -20.39
N LYS H 75 -18.50 12.13 -20.11
CA LYS H 75 -17.25 11.86 -19.36
C LYS H 75 -17.40 11.59 -17.82
N ASP H 76 -18.52 12.07 -17.23
CA ASP H 76 -18.78 11.93 -15.79
C ASP H 76 -19.89 10.87 -15.55
N PRO H 77 -19.58 9.69 -14.93
CA PRO H 77 -20.62 8.68 -14.71
C PRO H 77 -21.92 9.20 -14.06
N LYS H 78 -21.79 10.28 -13.29
CA LYS H 78 -22.94 10.91 -12.60
C LYS H 78 -24.00 11.44 -13.59
N GLU H 79 -23.53 12.04 -14.69
CA GLU H 79 -24.37 12.60 -15.72
C GLU H 79 -24.92 11.60 -16.75
N ILE H 80 -24.82 10.30 -16.46
CA ILE H 80 -25.32 9.25 -17.38
C ILE H 80 -26.76 8.78 -17.06
N PRO H 81 -27.66 8.88 -18.05
CA PRO H 81 -29.09 8.53 -18.06
C PRO H 81 -29.41 7.06 -17.88
N TRP H 82 -28.87 6.40 -16.86
CA TRP H 82 -29.17 4.97 -16.75
C TRP H 82 -30.63 4.78 -16.50
N ALA H 83 -31.14 5.51 -15.49
CA ALA H 83 -32.55 5.46 -15.06
C ALA H 83 -33.50 5.82 -16.19
N GLU H 84 -33.21 6.96 -16.80
CA GLU H 84 -33.97 7.52 -17.91
C GLU H 84 -34.13 6.46 -19.02
N ALA H 85 -33.16 5.55 -19.12
CA ALA H 85 -33.17 4.52 -20.14
C ALA H 85 -33.69 3.15 -19.69
N GLY H 86 -33.91 3.01 -18.38
CA GLY H 86 -34.42 1.74 -17.84
C GLY H 86 -33.30 0.77 -17.50
N VAL H 87 -32.12 1.34 -17.25
CA VAL H 87 -30.88 0.60 -16.96
C VAL H 87 -30.72 0.28 -15.47
N GLY H 88 -30.83 -1.01 -15.18
CA GLY H 88 -30.65 -1.50 -13.82
C GLY H 88 -29.18 -1.84 -13.59
N VAL H 89 -28.61 -2.73 -14.45
CA VAL H 89 -27.20 -3.23 -14.43
C VAL H 89 -26.20 -2.49 -15.37
N VAL H 90 -25.31 -1.70 -14.78
CA VAL H 90 -24.30 -1.01 -15.54
C VAL H 90 -23.05 -1.88 -15.59
N ILE H 91 -22.44 -2.06 -16.78
CA ILE H 91 -21.18 -2.83 -16.91
C ILE H 91 -20.04 -1.83 -17.07
N GLU H 92 -19.23 -1.70 -16.04
CA GLU H 92 -18.17 -0.74 -16.04
C GLU H 92 -16.82 -1.25 -16.55
N SER H 93 -16.60 -1.02 -17.83
CA SER H 93 -15.39 -1.48 -18.46
C SER H 93 -14.57 -0.38 -19.08
N THR H 94 -14.52 0.78 -18.43
CA THR H 94 -13.74 1.90 -18.93
C THR H 94 -12.35 1.78 -18.35
N GLY H 95 -12.32 1.07 -17.21
CA GLY H 95 -11.11 0.79 -16.46
C GLY H 95 -10.53 1.99 -15.75
N VAL H 96 -11.39 2.98 -15.49
CA VAL H 96 -11.00 4.20 -14.79
C VAL H 96 -11.83 4.36 -13.51
N PHE H 97 -12.95 3.66 -13.43
CA PHE H 97 -13.81 3.73 -12.26
C PHE H 97 -13.73 2.38 -11.56
N THR H 98 -12.52 2.03 -11.12
CA THR H 98 -12.28 0.78 -10.41
C THR H 98 -12.36 0.91 -8.85
N ASP H 99 -12.01 2.08 -8.31
CA ASP H 99 -12.16 2.33 -6.88
C ASP H 99 -13.70 2.37 -6.83
N ALA H 100 -14.35 1.51 -6.04
CA ALA H 100 -15.83 1.49 -5.97
C ALA H 100 -16.45 2.81 -5.52
N ASP H 101 -15.56 3.73 -5.15
CA ASP H 101 -15.92 5.07 -4.72
C ASP H 101 -16.51 5.79 -5.93
N LYS H 102 -15.69 6.00 -6.98
CA LYS H 102 -16.12 6.64 -8.21
C LYS H 102 -17.18 5.79 -8.87
N ALA H 103 -16.97 4.49 -8.84
CA ALA H 103 -17.92 3.57 -9.43
C ALA H 103 -19.33 3.79 -8.95
N LYS H 104 -19.46 4.13 -7.67
CA LYS H 104 -20.77 4.36 -7.05
C LYS H 104 -21.70 5.34 -7.85
N ALA H 105 -21.07 6.27 -8.60
CA ALA H 105 -21.81 7.25 -9.42
C ALA H 105 -22.96 6.69 -10.26
N HIS H 106 -22.76 5.54 -10.89
CA HIS H 106 -23.81 4.95 -11.74
C HIS H 106 -25.09 4.65 -10.95
N LEU H 107 -24.97 4.70 -9.63
CA LEU H 107 -26.11 4.42 -8.75
C LEU H 107 -27.01 5.64 -8.66
N GLU H 108 -26.36 6.80 -8.57
CA GLU H 108 -27.09 8.06 -8.53
C GLU H 108 -27.85 8.19 -9.84
N GLY H 109 -27.16 7.91 -10.95
CA GLY H 109 -27.78 7.97 -12.26
C GLY H 109 -29.03 7.10 -12.43
N GLY H 110 -29.27 6.19 -11.47
CA GLY H 110 -30.42 5.31 -11.49
C GLY H 110 -30.17 3.80 -11.55
N ALA H 111 -28.92 3.40 -11.49
CA ALA H 111 -28.62 2.00 -11.57
C ALA H 111 -28.62 1.38 -10.20
N LYS H 112 -29.03 0.11 -10.17
CA LYS H 112 -29.08 -0.69 -8.97
C LYS H 112 -27.82 -1.57 -8.70
N LYS H 113 -27.19 -2.10 -9.76
CA LYS H 113 -25.99 -2.94 -9.64
C LYS H 113 -24.93 -2.51 -10.68
N VAL H 114 -23.67 -2.36 -10.26
CA VAL H 114 -22.55 -2.00 -11.13
C VAL H 114 -21.64 -3.22 -11.14
N ILE H 115 -21.11 -3.61 -12.30
CA ILE H 115 -20.17 -4.75 -12.40
C ILE H 115 -18.85 -4.28 -12.99
N ILE H 116 -17.83 -4.16 -12.14
CA ILE H 116 -16.52 -3.71 -12.55
C ILE H 116 -15.82 -4.95 -13.14
N THR H 117 -15.37 -4.83 -14.37
CA THR H 117 -14.71 -5.91 -15.09
C THR H 117 -13.22 -5.73 -14.95
N ALA H 118 -12.79 -5.69 -13.72
CA ALA H 118 -11.42 -5.51 -13.47
C ALA H 118 -11.30 -5.68 -11.97
N PRO H 119 -10.07 -5.71 -11.45
CA PRO H 119 -9.94 -5.86 -10.01
C PRO H 119 -10.35 -4.51 -9.44
N ALA H 120 -11.35 -4.53 -8.58
CA ALA H 120 -11.85 -3.30 -7.94
C ALA H 120 -11.31 -3.05 -6.52
N LYS H 121 -11.40 -1.80 -6.08
CA LYS H 121 -10.97 -1.37 -4.75
C LYS H 121 -12.21 -0.94 -3.96
N GLY H 122 -12.54 -1.60 -2.86
CA GLY H 122 -13.71 -1.19 -2.09
C GLY H 122 -15.07 -1.70 -2.54
N GLU H 123 -15.03 -2.76 -3.34
CA GLU H 123 -16.26 -3.38 -3.85
C GLU H 123 -17.05 -4.13 -2.78
N ASP H 124 -18.32 -4.36 -3.07
CA ASP H 124 -19.14 -5.12 -2.13
C ASP H 124 -18.62 -6.55 -2.22
N ILE H 125 -18.59 -7.17 -3.40
CA ILE H 125 -18.04 -8.51 -3.47
C ILE H 125 -17.22 -8.70 -4.73
N THR H 126 -16.34 -9.70 -4.70
CA THR H 126 -15.49 -10.09 -5.83
C THR H 126 -15.84 -11.54 -6.19
N ILE H 127 -16.45 -11.69 -7.35
CA ILE H 127 -16.84 -12.99 -7.78
C ILE H 127 -16.05 -13.51 -8.95
N VAL H 128 -15.79 -14.81 -8.91
CA VAL H 128 -15.12 -15.49 -9.97
C VAL H 128 -16.09 -16.66 -10.12
N MET H 129 -16.84 -16.68 -11.23
CA MET H 129 -17.82 -17.74 -11.51
C MET H 129 -17.23 -19.12 -11.39
N GLY H 130 -18.05 -20.10 -11.06
CA GLY H 130 -17.57 -21.46 -10.90
C GLY H 130 -16.84 -21.68 -9.58
N VAL H 131 -16.33 -20.60 -8.98
CA VAL H 131 -15.60 -20.69 -7.69
C VAL H 131 -16.31 -20.16 -6.41
N ASN H 132 -16.77 -18.91 -6.40
CA ASN H 132 -17.46 -18.38 -5.25
C ASN H 132 -18.62 -17.51 -5.66
N HIS H 133 -19.39 -17.95 -6.62
CA HIS H 133 -20.52 -17.10 -7.04
C HIS H 133 -21.76 -17.42 -6.22
N GLU H 134 -21.79 -18.62 -5.63
CA GLU H 134 -22.91 -19.06 -4.83
C GLU H 134 -23.03 -18.11 -3.63
N ALA H 135 -21.97 -17.30 -3.40
CA ALA H 135 -21.87 -16.31 -2.31
C ALA H 135 -22.37 -14.90 -2.61
N TYR H 136 -22.87 -14.70 -3.83
CA TYR H 136 -23.39 -13.40 -4.16
C TYR H 136 -24.73 -13.33 -3.42
N ASP H 137 -24.98 -12.15 -2.86
CA ASP H 137 -26.19 -11.85 -2.11
C ASP H 137 -26.86 -10.61 -2.69
N PRO H 138 -28.02 -10.79 -3.35
CA PRO H 138 -28.73 -9.66 -3.97
C PRO H 138 -28.97 -8.44 -3.10
N SER H 139 -29.38 -8.66 -1.86
CA SER H 139 -29.67 -7.56 -0.93
C SER H 139 -28.47 -6.74 -0.45
N ARG H 140 -27.32 -7.38 -0.35
CA ARG H 140 -26.13 -6.68 0.14
C ARG H 140 -25.04 -6.36 -0.92
N HIS H 141 -25.00 -7.12 -2.02
CA HIS H 141 -23.97 -6.92 -3.03
C HIS H 141 -24.44 -6.06 -4.21
N HIS H 142 -23.92 -4.86 -4.30
CA HIS H 142 -24.34 -3.93 -5.35
C HIS H 142 -23.25 -3.53 -6.30
N ILE H 143 -22.05 -3.46 -5.79
CA ILE H 143 -20.94 -3.08 -6.61
C ILE H 143 -20.06 -4.34 -6.68
N ILE H 144 -20.38 -5.25 -7.59
CA ILE H 144 -19.64 -6.50 -7.77
C ILE H 144 -18.33 -6.22 -8.53
N SER H 145 -17.49 -7.24 -8.67
CA SER H 145 -16.24 -7.16 -9.41
C SER H 145 -15.97 -8.59 -9.84
N ASN H 146 -15.69 -8.80 -11.15
CA ASN H 146 -15.45 -10.14 -11.71
C ASN H 146 -13.99 -10.45 -11.86
N ALA H 147 -13.20 -9.65 -11.15
CA ALA H 147 -11.78 -9.84 -11.11
C ALA H 147 -11.12 -9.62 -12.44
N SER H 148 -9.82 -9.89 -12.47
CA SER H 148 -9.02 -9.80 -13.66
C SER H 148 -9.11 -11.11 -14.43
N CYS H 149 -8.63 -11.06 -15.69
CA CYS H 149 -8.61 -12.23 -16.59
C CYS H 149 -7.74 -13.37 -16.00
N THR H 150 -6.52 -13.02 -15.58
CA THR H 150 -5.57 -13.95 -14.99
C THR H 150 -6.12 -14.58 -13.71
N THR H 151 -6.77 -13.76 -12.87
CA THR H 151 -7.34 -14.29 -11.64
C THR H 151 -8.33 -15.37 -12.03
N ASN H 152 -9.22 -15.05 -12.98
CA ASN H 152 -10.18 -16.05 -13.41
C ASN H 152 -9.55 -17.33 -13.93
N SER H 153 -8.32 -17.29 -14.40
CA SER H 153 -7.77 -18.51 -14.91
C SER H 153 -7.13 -19.38 -13.86
N LEU H 154 -6.62 -18.78 -12.77
CA LEU H 154 -5.95 -19.51 -11.70
C LEU H 154 -6.88 -20.17 -10.73
N ALA H 155 -7.91 -19.42 -10.34
CA ALA H 155 -8.90 -19.87 -9.38
C ALA H 155 -9.43 -21.23 -9.65
N PRO H 156 -10.01 -21.47 -10.82
CA PRO H 156 -10.54 -22.80 -11.13
C PRO H 156 -9.53 -23.87 -10.92
N VAL H 157 -8.28 -23.59 -11.27
CA VAL H 157 -7.27 -24.64 -11.11
C VAL H 157 -6.83 -24.86 -9.67
N MET H 158 -6.64 -23.75 -8.99
CA MET H 158 -6.19 -23.77 -7.62
C MET H 158 -7.24 -24.44 -6.75
N LYS H 159 -8.51 -24.21 -7.08
CA LYS H 159 -9.57 -24.82 -6.33
C LYS H 159 -9.37 -26.29 -6.48
N VAL H 160 -9.30 -26.76 -7.71
CA VAL H 160 -9.11 -28.17 -7.95
C VAL H 160 -7.87 -28.70 -7.24
N LEU H 161 -6.76 -27.99 -7.31
CA LEU H 161 -5.54 -28.49 -6.63
C LEU H 161 -5.74 -28.64 -5.11
N GLU H 162 -6.27 -27.58 -4.51
CA GLU H 162 -6.47 -27.53 -3.09
C GLU H 162 -7.37 -28.62 -2.56
N GLU H 163 -8.45 -28.89 -3.28
CA GLU H 163 -9.40 -29.89 -2.82
C GLU H 163 -8.95 -31.30 -3.03
N ALA H 164 -8.08 -31.49 -3.98
CA ALA H 164 -7.72 -32.83 -4.22
C ALA H 164 -6.44 -33.20 -3.54
N PHE H 165 -5.58 -32.21 -3.35
CA PHE H 165 -4.30 -32.49 -2.76
C PHE H 165 -3.91 -31.57 -1.67
N GLY H 166 -4.36 -30.32 -1.74
CA GLY H 166 -4.01 -29.32 -0.73
C GLY H 166 -2.74 -28.56 -1.11
N VAL H 167 -2.78 -27.24 -1.05
CA VAL H 167 -1.66 -26.44 -1.47
C VAL H 167 -0.87 -25.85 -0.32
N GLU H 168 0.44 -25.95 -0.34
CA GLU H 168 1.20 -25.35 0.73
C GLU H 168 1.62 -23.95 0.41
N LYS H 169 2.19 -23.73 -0.78
CA LYS H 169 2.66 -22.42 -1.31
C LYS H 169 2.57 -22.58 -2.82
N ALA H 170 2.63 -21.51 -3.58
CA ALA H 170 2.55 -21.68 -5.01
C ALA H 170 2.90 -20.36 -5.64
N LEU H 171 3.77 -20.36 -6.62
CA LEU H 171 4.10 -19.09 -7.28
C LEU H 171 3.68 -19.29 -8.72
N MET H 172 3.44 -18.23 -9.49
CA MET H 172 3.03 -18.42 -10.87
C MET H 172 3.45 -17.29 -11.77
N THR H 173 3.52 -17.57 -13.06
CA THR H 173 3.85 -16.56 -14.05
C THR H 173 2.85 -16.69 -15.16
N THR H 174 2.36 -15.55 -15.64
CA THR H 174 1.39 -15.54 -16.72
C THR H 174 2.05 -14.87 -17.94
N VAL H 175 2.04 -15.61 -19.07
CA VAL H 175 2.60 -15.11 -20.35
C VAL H 175 1.35 -14.65 -21.04
N HIS H 176 1.38 -13.39 -21.34
CA HIS H 176 0.16 -12.77 -21.73
C HIS H 176 0.30 -11.86 -22.88
N SER H 177 -0.74 -11.82 -23.72
CA SER H 177 -0.74 -10.92 -24.89
C SER H 177 -0.82 -9.51 -24.35
N TYR H 178 -0.36 -8.57 -25.15
CA TYR H 178 -0.38 -7.20 -24.73
C TYR H 178 -1.80 -6.66 -24.67
N THR H 179 -1.94 -5.50 -24.01
CA THR H 179 -3.25 -4.88 -23.88
C THR H 179 -3.09 -3.43 -23.97
N ASN H 180 -4.22 -2.78 -24.11
CA ASN H 180 -4.28 -1.35 -24.30
C ASN H 180 -3.68 -0.46 -23.25
N ASP H 181 -3.04 -1.04 -22.27
CA ASP H 181 -2.40 -0.20 -21.29
C ASP H 181 -0.92 -0.14 -21.54
N GLN H 182 -0.50 -0.71 -22.67
CA GLN H 182 0.88 -0.71 -23.03
C GLN H 182 1.08 0.28 -24.11
N ARG H 183 2.33 0.42 -24.56
CA ARG H 183 2.67 1.37 -25.60
C ARG H 183 3.15 0.71 -26.90
N LEU H 184 2.85 1.35 -28.02
CA LEU H 184 3.24 0.89 -29.35
C LEU H 184 4.78 0.96 -29.47
N LEU H 185 5.28 2.18 -29.20
CA LEU H 185 6.69 2.53 -29.24
C LEU H 185 7.08 3.25 -27.93
N ASP H 186 8.31 3.10 -27.47
CA ASP H 186 8.79 3.75 -26.26
C ASP H 186 8.21 5.16 -26.03
N LEU H 187 7.40 5.24 -24.99
CA LEU H 187 6.70 6.44 -24.61
C LEU H 187 6.53 6.43 -23.10
N PRO H 188 6.48 7.60 -22.48
CA PRO H 188 6.32 7.68 -21.03
C PRO H 188 5.14 6.91 -20.50
N HIS H 189 5.30 6.36 -19.31
CA HIS H 189 4.23 5.64 -18.65
C HIS H 189 4.61 5.64 -17.16
N LYS H 190 3.71 5.18 -16.29
CA LYS H 190 4.05 5.14 -14.88
C LYS H 190 4.98 3.96 -14.63
N ASP H 191 4.64 2.81 -15.22
CA ASP H 191 5.45 1.58 -15.12
C ASP H 191 6.50 1.73 -16.21
N LEU H 192 7.79 1.78 -15.88
CA LEU H 192 8.83 1.89 -16.89
C LEU H 192 9.05 0.67 -17.77
N ARG H 193 8.52 -0.47 -17.34
CA ARG H 193 8.67 -1.67 -18.12
C ARG H 193 7.65 -1.48 -19.19
N ARG H 194 6.44 -1.03 -18.84
CA ARG H 194 5.39 -0.83 -19.84
C ARG H 194 5.47 0.44 -20.71
N ALA H 195 6.49 1.25 -20.51
CA ALA H 195 6.65 2.44 -21.33
C ALA H 195 7.20 2.03 -22.66
N ARG H 196 7.72 0.82 -22.72
CA ARG H 196 8.40 0.30 -23.90
C ARG H 196 7.53 -0.29 -24.99
N ALA H 197 8.12 -0.37 -26.19
CA ALA H 197 7.46 -0.89 -27.37
C ALA H 197 6.93 -2.31 -27.13
N ALA H 198 5.63 -2.41 -27.14
CA ALA H 198 4.94 -3.65 -26.83
C ALA H 198 5.08 -4.82 -27.70
N ALA H 199 5.08 -4.55 -29.00
CA ALA H 199 5.14 -5.58 -30.02
C ALA H 199 6.51 -6.13 -30.42
N ILE H 200 7.59 -5.53 -29.94
CA ILE H 200 8.89 -6.06 -30.28
C ILE H 200 9.62 -6.31 -28.99
N ASN H 201 8.92 -6.70 -27.94
CA ASN H 201 9.56 -6.92 -26.64
C ASN H 201 8.78 -7.88 -25.78
N ILE H 202 9.51 -8.59 -24.91
CA ILE H 202 8.94 -9.48 -23.84
C ILE H 202 9.02 -8.48 -22.65
N ILE H 203 7.89 -8.12 -22.04
CA ILE H 203 7.96 -7.11 -20.98
C ILE H 203 7.55 -7.62 -19.59
N PRO H 204 8.47 -7.74 -18.60
CA PRO H 204 8.02 -8.21 -17.30
C PRO H 204 7.13 -7.11 -16.63
N THR H 205 6.05 -7.53 -16.00
CA THR H 205 5.19 -6.56 -15.34
C THR H 205 4.66 -7.19 -14.05
N THR H 206 4.24 -6.39 -13.07
CA THR H 206 3.75 -6.95 -11.79
C THR H 206 2.28 -7.29 -11.93
N THR H 207 1.81 -8.25 -11.14
CA THR H 207 0.42 -8.59 -11.23
C THR H 207 -0.16 -8.96 -9.86
N GLY H 208 -1.39 -8.52 -9.61
CA GLY H 208 -2.01 -8.85 -8.35
C GLY H 208 -2.86 -10.10 -8.49
N ALA H 209 -2.99 -10.59 -9.71
CA ALA H 209 -3.83 -11.72 -10.01
C ALA H 209 -3.67 -12.91 -9.10
N ALA H 210 -2.48 -13.16 -8.58
CA ALA H 210 -2.26 -14.34 -7.71
C ALA H 210 -2.82 -14.08 -6.35
N LYS H 211 -2.46 -12.91 -5.82
CA LYS H 211 -2.88 -12.45 -4.52
C LYS H 211 -4.38 -12.39 -4.53
N ALA H 212 -4.96 -11.72 -5.51
CA ALA H 212 -6.40 -11.62 -5.59
C ALA H 212 -7.16 -12.94 -5.61
N THR H 213 -6.47 -14.03 -5.86
CA THR H 213 -7.08 -15.37 -5.91
C THR H 213 -7.42 -15.72 -4.47
N ALA H 214 -6.57 -15.27 -3.56
CA ALA H 214 -6.77 -15.50 -2.14
C ALA H 214 -8.13 -14.95 -1.69
N LEU H 215 -8.72 -13.99 -2.43
CA LEU H 215 -10.03 -13.45 -2.07
C LEU H 215 -11.19 -14.36 -2.38
N VAL H 216 -10.96 -15.41 -3.15
CA VAL H 216 -12.04 -16.31 -3.50
C VAL H 216 -11.69 -17.67 -2.93
N LEU H 217 -10.41 -17.88 -2.70
CA LEU H 217 -9.95 -19.14 -2.12
C LEU H 217 -9.08 -18.61 -1.02
N PRO H 218 -9.69 -18.36 0.14
CA PRO H 218 -9.01 -17.82 1.33
C PRO H 218 -7.83 -18.61 1.87
N SER H 219 -7.79 -19.92 1.60
CA SER H 219 -6.70 -20.75 2.08
C SER H 219 -5.35 -20.35 1.56
N LEU H 220 -5.35 -19.67 0.42
CA LEU H 220 -4.09 -19.30 -0.21
C LEU H 220 -3.60 -17.97 0.25
N LYS H 221 -4.35 -17.35 1.14
CA LYS H 221 -3.98 -16.03 1.66
C LYS H 221 -2.53 -16.06 2.08
N GLY H 222 -1.75 -15.11 1.57
CA GLY H 222 -0.33 -15.03 1.90
C GLY H 222 0.48 -16.24 1.46
N ARG H 223 -0.14 -17.14 0.70
CA ARG H 223 0.52 -18.36 0.25
C ARG H 223 0.66 -18.50 -1.28
N PHE H 224 0.42 -17.44 -2.04
CA PHE H 224 0.43 -17.52 -3.49
C PHE H 224 0.78 -16.16 -3.99
N ASP H 225 1.63 -16.12 -5.00
CA ASP H 225 2.03 -14.84 -5.64
C ASP H 225 2.53 -15.14 -7.08
N GLY H 226 2.79 -14.10 -7.88
CA GLY H 226 3.23 -14.32 -9.25
C GLY H 226 3.77 -13.13 -10.01
N MET H 227 4.01 -13.31 -11.30
CA MET H 227 4.57 -12.27 -12.14
C MET H 227 3.83 -12.40 -13.46
N ALA H 228 4.06 -11.45 -14.37
CA ALA H 228 3.44 -11.48 -15.70
C ALA H 228 4.47 -11.07 -16.69
N LEU H 229 4.48 -11.71 -17.85
CA LEU H 229 5.40 -11.36 -18.94
C LEU H 229 4.46 -11.06 -20.09
N ARG H 230 4.49 -9.84 -20.58
CA ARG H 230 3.65 -9.44 -21.69
C ARG H 230 4.49 -9.79 -22.88
N VAL H 231 3.91 -10.44 -23.88
CA VAL H 231 4.64 -10.82 -25.10
C VAL H 231 3.92 -10.24 -26.33
N PRO H 232 4.55 -10.29 -27.54
CA PRO H 232 3.93 -9.73 -28.72
C PRO H 232 2.82 -10.46 -29.46
N THR H 233 1.75 -10.84 -28.78
CA THR H 233 0.59 -11.48 -29.38
C THR H 233 -0.57 -10.57 -28.96
N ALA H 234 -1.63 -10.51 -29.75
CA ALA H 234 -2.71 -9.61 -29.41
C ALA H 234 -3.88 -10.11 -28.59
N THR H 235 -3.92 -11.40 -28.32
CA THR H 235 -4.95 -11.96 -27.45
C THR H 235 -4.62 -13.45 -27.25
N GLY H 236 -4.73 -13.91 -26.01
CA GLY H 236 -4.45 -15.28 -25.73
C GLY H 236 -3.35 -15.14 -24.70
N SER H 237 -3.41 -15.98 -23.66
CA SER H 237 -2.43 -15.94 -22.63
C SER H 237 -2.35 -17.28 -22.01
N ILE H 238 -1.25 -17.55 -21.37
CA ILE H 238 -1.10 -18.82 -20.72
C ILE H 238 -0.55 -18.62 -19.27
N SER H 239 -1.07 -19.44 -18.35
CA SER H 239 -0.63 -19.42 -16.94
C SER H 239 0.23 -20.63 -16.59
N ASP H 240 1.43 -20.34 -16.11
CA ASP H 240 2.41 -21.33 -15.71
C ASP H 240 2.41 -21.31 -14.17
N ILE H 241 1.79 -22.35 -13.59
CA ILE H 241 1.65 -22.50 -12.15
C ILE H 241 2.53 -23.58 -11.48
N THR H 242 3.32 -23.18 -10.49
CA THR H 242 4.22 -24.09 -9.77
C THR H 242 3.70 -24.14 -8.33
N ALA H 243 3.06 -25.24 -8.03
CA ALA H 243 2.47 -25.38 -6.75
C ALA H 243 3.24 -26.38 -5.89
N LEU H 244 3.39 -26.11 -4.60
CA LEU H 244 4.03 -27.05 -3.69
C LEU H 244 2.85 -27.68 -2.96
N LEU H 245 2.50 -28.92 -3.27
CA LEU H 245 1.34 -29.58 -2.65
C LEU H 245 1.57 -30.30 -1.32
N LYS H 246 0.48 -30.80 -0.74
CA LYS H 246 0.58 -31.49 0.56
C LYS H 246 0.92 -32.96 0.54
N ARG H 247 1.05 -33.58 -0.64
CA ARG H 247 1.43 -34.99 -0.73
C ARG H 247 2.16 -35.19 -2.02
N GLU H 248 2.92 -36.28 -2.13
CA GLU H 248 3.58 -36.55 -3.40
C GLU H 248 2.54 -37.05 -4.41
N VAL H 249 2.58 -36.52 -5.62
CA VAL H 249 1.64 -36.90 -6.66
C VAL H 249 2.37 -37.22 -7.98
N THR H 250 1.64 -37.72 -8.95
CA THR H 250 2.25 -37.96 -10.24
C THR H 250 1.48 -37.04 -11.15
N ALA H 251 2.10 -36.60 -12.24
CA ALA H 251 1.43 -35.70 -13.19
C ALA H 251 0.11 -36.28 -13.58
N GLU H 252 0.08 -37.61 -13.70
CA GLU H 252 -1.11 -38.35 -14.07
C GLU H 252 -2.26 -38.16 -13.10
N GLU H 253 -1.94 -38.01 -11.82
CA GLU H 253 -2.96 -37.83 -10.80
C GLU H 253 -3.45 -36.42 -10.85
N VAL H 254 -2.51 -35.51 -11.04
CA VAL H 254 -2.88 -34.13 -11.13
C VAL H 254 -3.74 -33.96 -12.38
N ASN H 255 -3.36 -34.60 -13.48
CA ASN H 255 -4.14 -34.44 -14.69
C ASN H 255 -5.55 -34.99 -14.49
N ALA H 256 -5.61 -36.16 -13.88
CA ALA H 256 -6.88 -36.83 -13.61
C ALA H 256 -7.82 -36.00 -12.78
N ALA H 257 -7.32 -35.27 -11.78
CA ALA H 257 -8.16 -34.43 -10.93
C ALA H 257 -8.73 -33.31 -11.77
N LEU H 258 -7.84 -32.64 -12.52
CA LEU H 258 -8.21 -31.53 -13.39
C LEU H 258 -9.19 -31.95 -14.46
N LYS H 259 -9.06 -33.16 -14.97
CA LYS H 259 -9.97 -33.63 -16.01
C LYS H 259 -11.32 -33.85 -15.41
N ALA H 260 -11.35 -34.59 -14.29
CA ALA H 260 -12.61 -34.84 -13.56
C ALA H 260 -13.37 -33.54 -13.29
N ALA H 261 -12.67 -32.50 -12.83
CA ALA H 261 -13.34 -31.24 -12.58
C ALA H 261 -13.96 -30.61 -13.82
N ALA H 262 -13.21 -30.66 -14.92
CA ALA H 262 -13.66 -30.11 -16.18
C ALA H 262 -14.90 -30.79 -16.71
N GLU H 263 -15.06 -32.07 -16.40
CA GLU H 263 -16.22 -32.86 -16.81
C GLU H 263 -17.37 -32.76 -15.83
N GLY H 264 -17.09 -32.31 -14.62
CA GLY H 264 -18.16 -32.23 -13.67
C GLY H 264 -18.57 -30.85 -13.31
N PRO H 265 -18.28 -30.47 -12.08
CA PRO H 265 -18.59 -29.19 -11.46
C PRO H 265 -18.10 -27.98 -12.19
N LEU H 266 -16.85 -28.02 -12.65
CA LEU H 266 -16.33 -26.85 -13.35
C LEU H 266 -16.67 -26.81 -14.86
N LYS H 267 -17.52 -27.75 -15.35
CA LYS H 267 -17.89 -27.80 -16.77
C LYS H 267 -18.32 -26.44 -17.20
N GLY H 268 -17.63 -25.93 -18.19
CA GLY H 268 -18.00 -24.62 -18.71
C GLY H 268 -17.08 -23.52 -18.31
N ILE H 269 -16.18 -23.83 -17.36
CA ILE H 269 -15.22 -22.87 -16.86
C ILE H 269 -13.84 -23.46 -17.00
N LEU H 270 -13.66 -24.68 -16.54
CA LEU H 270 -12.37 -25.26 -16.67
C LEU H 270 -12.45 -26.25 -17.85
N ALA H 271 -11.50 -26.17 -18.79
CA ALA H 271 -11.46 -27.11 -19.91
C ALA H 271 -10.19 -27.89 -19.73
N TYR H 272 -10.12 -29.03 -20.39
CA TYR H 272 -8.95 -29.91 -20.27
C TYR H 272 -8.66 -30.50 -21.63
N THR H 273 -7.41 -30.57 -22.05
CA THR H 273 -7.14 -31.13 -23.37
C THR H 273 -5.84 -31.85 -23.39
N GLU H 274 -5.75 -32.81 -24.31
CA GLU H 274 -4.56 -33.61 -24.52
C GLU H 274 -3.95 -33.37 -25.92
N ASP H 275 -4.55 -32.48 -26.72
CA ASP H 275 -4.09 -32.14 -28.06
C ASP H 275 -2.94 -31.17 -27.99
N GLU H 276 -2.01 -31.28 -28.92
CA GLU H 276 -0.89 -30.38 -28.94
C GLU H 276 -1.25 -29.12 -29.68
N ILE H 277 -1.87 -28.22 -28.93
CA ILE H 277 -2.36 -26.93 -29.42
C ILE H 277 -1.42 -25.75 -29.14
N VAL H 278 -1.73 -24.60 -29.72
CA VAL H 278 -0.92 -23.42 -29.51
C VAL H 278 -1.83 -22.21 -29.45
N LEU H 279 -1.26 -21.05 -29.11
CA LEU H 279 -2.05 -19.87 -28.92
C LEU H 279 -3.30 -19.71 -29.71
N GLN H 280 -3.19 -19.63 -31.04
CA GLN H 280 -4.35 -19.39 -31.92
C GLN H 280 -5.42 -20.42 -31.73
N ASP H 281 -5.09 -21.55 -31.18
CA ASP H 281 -6.11 -22.52 -31.01
C ASP H 281 -7.07 -22.22 -29.89
N ILE H 282 -6.70 -21.33 -28.97
CA ILE H 282 -7.62 -21.01 -27.90
C ILE H 282 -8.29 -19.63 -28.09
N VAL H 283 -7.90 -18.95 -29.16
CA VAL H 283 -8.51 -17.68 -29.45
C VAL H 283 -9.99 -17.91 -29.72
N MET H 284 -10.77 -17.22 -28.92
CA MET H 284 -12.20 -17.24 -28.98
C MET H 284 -12.78 -18.45 -28.27
N ASP H 285 -12.05 -18.94 -27.28
CA ASP H 285 -12.56 -20.03 -26.48
C ASP H 285 -13.22 -19.33 -25.27
N PRO H 286 -14.50 -19.64 -24.98
CA PRO H 286 -15.25 -19.05 -23.89
C PRO H 286 -14.87 -19.50 -22.48
N HIS H 287 -14.14 -20.62 -22.38
CA HIS H 287 -13.71 -21.15 -21.08
C HIS H 287 -12.83 -20.20 -20.31
N SER H 288 -12.80 -20.37 -18.99
CA SER H 288 -11.98 -19.52 -18.13
C SER H 288 -10.53 -19.95 -18.08
N SER H 289 -10.30 -21.26 -18.18
CA SER H 289 -8.94 -21.71 -18.18
C SER H 289 -8.98 -23.09 -18.77
N ILE H 290 -8.04 -23.32 -19.69
CA ILE H 290 -7.92 -24.58 -20.40
C ILE H 290 -6.65 -25.25 -20.03
N VAL H 291 -6.81 -26.45 -19.53
CA VAL H 291 -5.67 -27.20 -19.07
C VAL H 291 -4.98 -27.97 -20.20
N ASP H 292 -3.71 -27.64 -20.44
CA ASP H 292 -2.89 -28.31 -21.42
C ASP H 292 -2.26 -29.49 -20.71
N ALA H 293 -3.00 -30.58 -20.66
CA ALA H 293 -2.58 -31.75 -19.97
C ALA H 293 -1.24 -32.25 -20.30
N LYS H 294 -0.77 -32.10 -21.53
CA LYS H 294 0.56 -32.64 -21.85
C LYS H 294 1.73 -31.87 -21.28
N LEU H 295 1.45 -30.72 -20.68
CA LEU H 295 2.53 -29.96 -20.14
C LEU H 295 2.73 -30.11 -18.62
N THR H 296 1.85 -30.86 -17.95
CA THR H 296 1.95 -31.05 -16.50
C THR H 296 3.20 -31.78 -16.08
N LYS H 297 3.98 -31.22 -15.15
CA LYS H 297 5.19 -31.90 -14.66
C LYS H 297 5.07 -32.03 -13.14
N ALA H 298 5.75 -32.98 -12.55
CA ALA H 298 5.61 -33.13 -11.15
C ALA H 298 6.84 -33.73 -10.56
N LEU H 299 7.50 -33.01 -9.67
CA LEU H 299 8.67 -33.53 -9.00
C LEU H 299 8.27 -33.86 -7.57
N GLY H 300 7.67 -35.01 -7.33
CA GLY H 300 7.30 -35.35 -5.97
C GLY H 300 6.05 -34.63 -5.58
N ASN H 301 6.15 -33.62 -4.74
CA ASN H 301 4.98 -32.84 -4.32
C ASN H 301 5.09 -31.47 -4.92
N MET H 302 6.00 -31.30 -5.86
CA MET H 302 6.14 -30.04 -6.52
C MET H 302 5.63 -30.26 -7.92
N VAL H 303 4.56 -29.58 -8.26
CA VAL H 303 3.93 -29.77 -9.51
C VAL H 303 3.92 -28.49 -10.34
N LYS H 304 3.83 -28.61 -11.66
CA LYS H 304 3.79 -27.45 -12.59
C LYS H 304 2.65 -27.71 -13.55
N VAL H 305 1.70 -26.80 -13.66
CA VAL H 305 0.50 -26.99 -14.48
C VAL H 305 0.31 -25.75 -15.38
N PHE H 306 -0.24 -25.87 -16.61
CA PHE H 306 -0.42 -24.68 -17.51
C PHE H 306 -1.84 -24.51 -17.94
N ALA H 307 -2.30 -23.31 -18.19
CA ALA H 307 -3.69 -23.26 -18.57
C ALA H 307 -3.80 -22.05 -19.43
N TRP H 308 -4.26 -22.28 -20.65
CA TRP H 308 -4.39 -21.18 -21.61
C TRP H 308 -5.64 -20.50 -21.24
N TYR H 309 -5.82 -19.29 -21.75
CA TYR H 309 -7.05 -18.59 -21.55
C TYR H 309 -7.12 -17.45 -22.54
N ASP H 310 -8.29 -17.22 -23.10
CA ASP H 310 -8.35 -16.11 -24.02
C ASP H 310 -8.69 -14.94 -23.16
N ASN H 311 -7.73 -14.12 -22.82
CA ASN H 311 -8.03 -12.97 -22.02
C ASN H 311 -9.12 -11.97 -22.43
N GLU H 312 -9.70 -12.08 -23.63
CA GLU H 312 -10.77 -11.13 -24.03
C GLU H 312 -12.08 -11.82 -24.13
N TRP H 313 -12.09 -12.94 -24.81
CA TRP H 313 -13.32 -13.69 -25.02
C TRP H 313 -13.67 -14.50 -23.79
N GLY H 314 -12.75 -15.32 -23.31
CA GLY H 314 -13.05 -16.12 -22.12
C GLY H 314 -13.54 -15.23 -21.00
N TYR H 315 -12.76 -14.21 -20.70
CA TYR H 315 -13.14 -13.31 -19.65
C TYR H 315 -14.46 -12.69 -19.97
N ALA H 316 -14.65 -12.08 -21.13
CA ALA H 316 -15.97 -11.50 -21.45
C ALA H 316 -17.14 -12.50 -21.27
N ASN H 317 -16.95 -13.80 -21.47
CA ASN H 317 -18.06 -14.71 -21.22
C ASN H 317 -18.34 -14.74 -19.72
N ARG H 318 -17.31 -14.64 -18.89
CA ARG H 318 -17.55 -14.63 -17.46
C ARG H 318 -18.38 -13.44 -17.06
N VAL H 319 -18.09 -12.26 -17.62
CA VAL H 319 -18.83 -11.05 -17.33
C VAL H 319 -20.27 -11.24 -17.72
N ALA H 320 -20.50 -11.80 -18.89
CA ALA H 320 -21.88 -12.03 -19.31
C ALA H 320 -22.59 -13.00 -18.36
N ASP H 321 -21.93 -14.10 -18.00
CA ASP H 321 -22.51 -15.08 -17.08
C ASP H 321 -22.94 -14.43 -15.76
N LEU H 322 -22.13 -13.52 -15.27
CA LEU H 322 -22.44 -12.82 -14.04
C LEU H 322 -23.58 -11.85 -14.25
N VAL H 323 -23.55 -11.07 -15.34
CA VAL H 323 -24.63 -10.11 -15.63
C VAL H 323 -25.91 -10.90 -15.66
N GLU H 324 -25.90 -11.98 -16.41
CA GLU H 324 -27.03 -12.86 -16.50
C GLU H 324 -27.37 -13.51 -15.12
N LEU H 325 -26.42 -13.60 -14.18
CA LEU H 325 -26.73 -14.14 -12.84
C LEU H 325 -27.42 -13.02 -12.04
N VAL H 326 -26.73 -11.89 -11.90
CA VAL H 326 -27.26 -10.74 -11.23
C VAL H 326 -28.71 -10.48 -11.67
N LEU H 327 -29.03 -10.69 -12.95
CA LEU H 327 -30.41 -10.52 -13.45
C LEU H 327 -31.32 -11.69 -13.02
N ARG H 328 -30.83 -12.94 -13.13
CA ARG H 328 -31.66 -14.11 -12.74
C ARG H 328 -32.09 -14.07 -11.25
N LYS H 329 -31.68 -13.04 -10.51
CA LYS H 329 -32.03 -12.92 -9.09
C LYS H 329 -32.67 -11.57 -8.70
N GLY H 330 -33.34 -10.95 -9.67
CA GLY H 330 -34.02 -9.68 -9.42
C GLY H 330 -33.08 -8.54 -9.05
N VAL H 331 -32.99 -7.56 -9.95
CA VAL H 331 -32.18 -6.36 -9.74
C VAL H 331 -33.07 -5.38 -8.93
PA NAD I . -17.67 16.87 20.38
O1A NAD I . -16.41 17.60 20.03
O2A NAD I . -17.71 15.44 20.81
O5B NAD I . -18.84 16.88 19.23
C5B NAD I . -18.78 17.80 18.12
C4B NAD I . -19.13 17.04 16.86
O4B NAD I . -19.32 17.99 15.80
C3B NAD I . -18.09 16.07 16.32
O3B NAD I . -18.65 14.74 16.12
C2B NAD I . -17.53 16.78 15.07
O2B NAD I . -17.36 15.80 14.03
C1B NAD I . -18.72 17.54 14.60
N9A NAD I . -18.50 18.63 13.64
C8A NAD I . -17.60 19.66 13.65
N7A NAD I . -17.96 20.61 12.77
C5A NAD I . -19.08 20.06 12.23
C6A NAD I . -19.88 20.62 11.25
N6A NAD I . -19.45 21.78 10.75
N1A NAD I . -21.00 19.96 10.83
C2A NAD I . -21.29 18.76 11.29
N3A NAD I . -20.51 18.21 12.21
C4A NAD I . -19.43 18.84 12.72
O3 NAD I . -18.33 17.79 21.50
PN NAD I . -19.55 17.62 22.46
O1N NAD I . -18.79 17.37 23.70
O2N NAD I . -20.54 16.66 21.85
O5D NAD I . -20.00 19.12 22.43
C5D NAD I . -21.03 19.42 21.57
C4D NAD I . -21.68 20.71 22.03
O4D NAD I . -22.53 20.52 23.19
C3D NAD I . -20.78 21.90 22.31
O3D NAD I . -21.42 23.16 22.02
C2D NAD I . -20.66 21.76 23.81
O2D NAD I . -20.12 22.95 24.37
C1D NAD I . -22.06 21.43 24.23
N1N NAD I . -22.18 20.62 25.44
C2N NAD I . -21.14 19.73 25.83
C3N NAD I . -21.21 19.08 27.07
C7N NAD I . -20.15 18.09 27.49
O7N NAD I . -19.90 17.84 28.65
N7N NAD I . -19.60 17.34 26.58
C4N NAD I . -22.35 19.27 27.87
C5N NAD I . -23.41 20.09 27.46
C6N NAD I . -23.33 20.79 26.25
PA NAD J . 3.12 8.05 54.12
O1A NAD J . 2.10 6.97 54.36
O2A NAD J . 3.90 8.08 52.82
O5B NAD J . 4.38 7.97 55.14
C5B NAD J . 4.35 6.86 56.08
C4B NAD J . 5.72 6.44 56.43
O4B NAD J . 5.56 6.25 57.80
C3B NAD J . 5.92 5.11 55.78
O3B NAD J . 7.30 4.94 55.63
C2B NAD J . 5.55 4.16 56.88
O2B NAD J . 6.29 2.99 56.73
C1B NAD J . 6.09 4.94 58.01
N9A NAD J . 5.57 4.48 59.28
C8A NAD J . 4.30 4.17 59.55
N7A NAD J . 4.19 3.68 60.80
C5A NAD J . 5.44 3.71 61.24
C6A NAD J . 5.83 3.43 62.56
N6A NAD J . 4.99 2.77 63.36
N1A NAD J . 7.10 3.67 62.91
C2A NAD J . 7.97 4.14 62.00
N3A NAD J . 7.59 4.42 60.75
C4A NAD J . 6.33 4.23 60.35
O3 NAD J . 2.49 9.45 54.53
PN NAD J . 2.97 10.89 54.26
O1N NAD J . 2.02 11.34 53.23
O2N NAD J . 4.46 11.15 54.52
O5D NAD J . 2.19 11.49 55.48
C5D NAD J . 2.71 11.39 56.81
C4D NAD J . 2.01 12.27 57.84
O4D NAD J . 2.16 13.60 57.38
C3D NAD J . 0.56 12.11 58.16
O3D NAD J . 0.19 12.58 59.52
C2D NAD J . 0.06 13.07 57.12
O2D NAD J . -1.29 13.47 57.29
C1D NAD J . 0.93 14.25 57.23
N1N NAD J . 1.08 15.08 56.02
C2N NAD J . 1.09 14.56 54.72
C3N NAD J . 1.04 15.45 53.66
C7N NAD J . 1.00 14.98 52.21
O7N NAD J . 0.30 15.50 51.33
N7N NAD J . 1.50 13.79 52.01
C4N NAD J . 0.99 16.82 53.94
C5N NAD J . 1.12 17.34 55.20
C6N NAD J . 1.14 16.44 56.23
PA NAD K . -8.56 -7.04 47.65
O1A NAD K . -7.42 -6.31 48.18
O2A NAD K . -9.39 -6.23 46.80
O5B NAD K . -9.54 -7.67 48.77
C5B NAD K . -9.13 -8.55 49.82
C4B NAD K . -10.15 -8.54 50.94
O4B NAD K . -9.74 -9.47 51.94
C3B NAD K . -10.17 -7.23 51.68
O3B NAD K . -11.50 -6.73 51.71
C2B NAD K . -9.55 -7.53 53.04
O2B NAD K . -10.01 -6.68 54.11
C1B NAD K . -10.02 -8.93 53.24
N9A NAD K . -9.20 -9.64 54.21
C8A NAD K . -7.89 -9.47 54.41
N7A NAD K . -7.39 -10.36 55.28
C5A NAD K . -8.47 -11.05 55.63
C6A NAD K . -8.44 -12.08 56.57
N6A NAD K . -7.30 -12.54 57.06
N1A NAD K . -9.60 -12.72 56.77
C2A NAD K . -10.71 -12.30 56.10
N3A NAD K . -10.75 -11.31 55.20
C4A NAD K . -9.60 -10.66 54.95
O3 NAD K . -8.09 -8.24 46.72
PN NAD K . -8.42 -8.72 45.25
O1N NAD K . -7.86 -7.81 44.18
O2N NAD K . -9.87 -9.12 45.42
O5D NAD K . -7.54 -9.96 45.28
C5D NAD K . -8.19 -10.97 45.94
C4D NAD K . -7.45 -12.25 45.61
O4D NAD K . -7.64 -12.89 44.35
C3D NAD K . -5.97 -12.15 45.64
O3D NAD K . -5.49 -13.44 45.99
C2D NAD K . -5.62 -11.86 44.20
O2D NAD K . -4.24 -12.14 44.05
C1D NAD K . -6.51 -12.82 43.46
N1N NAD K . -6.90 -12.33 42.11
C2N NAD K . -7.17 -10.98 41.91
C3N NAD K . -7.62 -10.48 40.68
C7N NAD K . -7.60 -8.98 40.45
O7N NAD K . -7.33 -8.67 39.32
N7N NAD K . -7.60 -8.11 41.47
C4N NAD K . -7.77 -11.35 39.57
C5N NAD K . -7.49 -12.71 39.76
C6N NAD K . -7.08 -13.19 41.00
PA NAD L . 2.57 18.57 18.12
O1A NAD L . 1.14 18.37 17.70
O2A NAD L . 2.87 18.88 19.58
O5B NAD L . 3.47 19.70 17.33
C5B NAD L . 2.87 20.36 16.20
C4B NAD L . 3.09 21.85 16.29
O4B NAD L . 3.32 22.38 14.98
C3B NAD L . 1.90 22.66 16.75
O3B NAD L . 2.45 23.89 17.18
C2B NAD L . 1.08 22.96 15.50
O2B NAD L . 0.17 24.06 15.71
C1B NAD L . 2.27 23.27 14.62
N9A NAD L . 2.03 23.14 13.20
C8A NAD L . 1.05 22.45 12.61
N7A NAD L . 0.82 22.84 11.33
C5A NAD L . 1.76 23.80 11.22
C6A NAD L . 2.08 24.33 9.99
N6A NAD L . 1.17 24.08 9.08
N1A NAD L . 3.22 25.02 9.84
C2A NAD L . 3.93 25.23 10.97
N3A NAD L . 3.64 24.75 12.21
C4A NAD L . 2.54 24.00 12.33
O3 NAD L . 3.39 17.23 17.96
PN NAD L . 4.79 16.76 18.31
O1N NAD L . 4.40 15.63 19.15
O2N NAD L . 5.93 17.77 18.49
O5D NAD L . 4.94 16.10 16.94
C5D NAD L . 5.94 16.55 16.02
C4D NAD L . 6.41 15.45 15.06
O4D NAD L . 7.45 14.58 15.53
C3D NAD L . 5.44 14.44 14.46
O3D NAD L . 5.89 14.25 13.09
C2D NAD L . 5.66 13.16 15.24
O2D NAD L . 5.04 11.97 14.70
C1D NAD L . 7.14 13.21 15.34
N1N NAD L . 7.66 12.84 16.65
C2N NAD L . 6.95 13.13 17.85
C3N NAD L . 7.45 12.84 19.12
C7N NAD L . 6.57 12.73 20.37
O7N NAD L . 6.69 11.73 21.10
N7N NAD L . 5.53 13.56 20.49
C4N NAD L . 8.69 12.24 19.14
C5N NAD L . 9.40 11.95 17.94
C6N NAD L . 8.92 12.28 16.68
PA NAD M . 6.10 10.99 -29.56
O1A NAD M . 4.63 10.76 -29.31
O2A NAD M . 7.16 10.01 -29.23
O5B NAD M . 6.72 12.35 -28.88
C5B NAD M . 5.84 13.40 -28.38
C4B NAD M . 6.37 13.86 -27.03
O4B NAD M . 5.67 15.04 -26.66
C3B NAD M . 6.18 12.90 -25.86
O3B NAD M . 7.45 12.63 -25.19
C2B NAD M . 5.07 13.57 -25.03
O2B NAD M . 5.40 13.44 -23.63
C1B NAD M . 5.32 15.01 -25.28
N9A NAD M . 4.24 15.96 -24.96
C8A NAD M . 2.92 15.93 -25.26
N7A NAD M . 2.37 17.15 -25.05
C5A NAD M . 3.43 17.85 -24.62
C6A NAD M . 3.44 19.20 -24.26
N6A NAD M . 2.26 19.81 -24.29
N1A NAD M . 4.61 19.78 -23.85
C2A NAD M . 5.72 19.06 -23.72
N3A NAD M . 5.70 17.78 -24.03
C4A NAD M . 4.60 17.16 -24.51
O3 NAD M . 6.15 11.37 -31.11
PN NAD M . 7.32 11.59 -32.12
O1N NAD M . 7.18 10.31 -32.85
O2N NAD M . 8.56 12.01 -31.37
O5D NAD M . 6.62 12.73 -32.93
C5D NAD M . 7.00 14.02 -32.61
C4D NAD M . 6.68 14.92 -33.77
O4D NAD M . 7.62 14.79 -34.86
C3D NAD M . 5.29 14.86 -34.37
O3D NAD M . 4.84 16.11 -34.90
C2D NAD M . 5.58 13.92 -35.54
O2D NAD M . 4.49 13.94 -36.45
C1D NAD M . 6.89 14.45 -36.07
N1N NAD M . 7.74 13.46 -36.72
C2N NAD M . 7.67 12.09 -36.36
C3N NAD M . 8.38 11.13 -37.10
C7N NAD M . 8.37 9.66 -36.72
O7N NAD M . 8.58 8.80 -37.51
N7N NAD M . 8.31 9.36 -35.46
C4N NAD M . 9.22 11.57 -38.14
C5N NAD M . 9.35 12.95 -38.45
C6N NAD M . 8.59 13.89 -37.76
PA NAD N . 3.47 -24.78 -48.59
O1A NAD N . 4.98 -24.82 -48.50
O2A NAD N . 2.66 -24.60 -47.33
O5B NAD N . 2.82 -26.16 -49.09
C5B NAD N . 3.76 -27.24 -49.35
C4B NAD N . 3.12 -28.55 -49.11
O4B NAD N . 3.63 -29.26 -50.21
C3B NAD N . 3.76 -29.09 -47.88
O3B NAD N . 2.87 -30.02 -47.33
C2B NAD N . 4.87 -29.92 -48.42
O2B NAD N . 5.10 -30.99 -47.54
C1B NAD N . 4.18 -30.44 -49.63
N9A NAD N . 5.10 -31.00 -50.59
C8A NAD N . 6.26 -30.47 -50.98
N7A NAD N . 6.91 -31.31 -51.81
C5A NAD N . 6.06 -32.35 -51.90
C6A NAD N . 6.23 -33.42 -52.77
N6A NAD N . 7.42 -33.64 -53.32
N1A NAD N . 5.21 -34.30 -52.87
C2A NAD N . 4.12 -34.15 -52.12
N3A NAD N . 3.96 -33.10 -51.30
C4A NAD N . 4.92 -32.18 -51.18
O3 NAD N . 3.06 -23.80 -49.75
PN NAD N . 1.70 -23.17 -50.13
O1N NAD N . 1.88 -21.76 -49.71
O2N NAD N . 0.51 -24.14 -50.11
O5D NAD N . 2.08 -22.95 -51.63
C5D NAD N . 2.01 -24.02 -52.58
C4D NAD N . 2.11 -23.60 -54.02
O4D NAD N . 1.02 -22.73 -54.25
C3D NAD N . 3.32 -22.90 -54.57
O3D NAD N . 3.53 -23.09 -56.02
C2D NAD N . 2.84 -21.51 -54.28
O2D NAD N . 3.57 -20.48 -54.94
C1D NAD N . 1.44 -21.47 -54.74
N1N NAD N . 0.55 -20.51 -54.09
C2N NAD N . 0.65 -20.13 -52.75
C3N NAD N . -0.11 -19.06 -52.31
C7N NAD N . -0.04 -18.56 -50.87
O7N NAD N . -0.04 -17.36 -50.55
N7N NAD N . 0.37 -19.44 -50.01
C4N NAD N . -0.95 -18.41 -53.21
C5N NAD N . -1.15 -18.84 -54.50
C6N NAD N . -0.37 -19.89 -54.92
PA NAD O . 20.78 -22.18 -38.60
O1A NAD O . 19.58 -22.79 -39.13
O2A NAD O . 20.68 -20.74 -38.49
O5B NAD O . 22.12 -22.46 -39.47
C5B NAD O . 22.63 -23.74 -39.82
C4B NAD O . 23.54 -23.65 -41.02
O4B NAD O . 24.06 -24.95 -41.31
C3B NAD O . 22.81 -23.28 -42.27
O3B NAD O . 23.44 -22.15 -42.87
C2B NAD O . 22.83 -24.55 -43.13
O2B NAD O . 22.78 -24.33 -44.55
C1B NAD O . 24.14 -25.11 -42.72
N9A NAD O . 24.22 -26.55 -43.00
C8A NAD O . 23.20 -27.41 -42.94
N7A NAD O . 23.60 -28.69 -43.10
C5A NAD O . 24.91 -28.54 -43.32
C6A NAD O . 25.75 -29.61 -43.61
N6A NAD O . 25.35 -30.86 -43.52
N1A NAD O . 27.06 -29.31 -43.75
C2A NAD O . 27.45 -28.01 -43.65
N3A NAD O . 26.63 -26.96 -43.39
C4A NAD O . 25.34 -27.23 -43.22
O3 NAD O . 21.09 -22.68 -37.13
PN NAD O . 21.37 -21.98 -35.74
O1N NAD O . 20.16 -21.29 -35.16
O2N NAD O . 22.70 -21.33 -36.04
O5D NAD O . 21.57 -23.26 -34.95
C5D NAD O . 22.86 -23.73 -35.16
C4D NAD O . 23.13 -24.77 -34.08
O4D NAD O . 23.45 -24.34 -32.77
C3D NAD O . 22.01 -25.69 -33.80
O3D NAD O . 22.60 -26.90 -33.35
C2D NAD O . 21.29 -25.03 -32.66
O2D NAD O . 20.47 -26.01 -32.06
C1D NAD O . 22.43 -24.59 -31.78
N1N NAD O . 22.13 -23.38 -30.98
C2N NAD O . 21.38 -22.35 -31.54
C3N NAD O . 21.13 -21.16 -30.85
C7N NAD O . 20.06 -20.21 -31.39
O7N NAD O . 19.45 -19.63 -30.52
N7N NAD O . 19.67 -20.25 -32.66
C4N NAD O . 21.62 -20.97 -29.54
C5N NAD O . 22.37 -22.00 -28.96
C6N NAD O . 22.64 -23.18 -29.67
PA NAD P . -9.94 -0.20 -23.63
O1A NAD P . -8.86 0.85 -23.53
O2A NAD P . -10.10 -0.97 -24.93
O5B NAD P . -11.49 0.25 -23.30
C5B NAD P . -11.72 1.57 -22.82
C4B NAD P . -12.87 2.21 -23.56
O4B NAD P . -13.62 3.03 -22.66
C3B NAD P . -12.47 3.22 -24.63
O3B NAD P . -13.61 3.31 -25.46
C2B NAD P . -12.32 4.55 -23.93
O2B NAD P . -12.37 5.67 -24.85
C1B NAD P . -13.56 4.40 -23.06
N9A NAD P . -13.57 5.21 -21.86
C8A NAD P . -12.50 5.77 -21.26
N7A NAD P . -12.83 6.80 -20.42
C5A NAD P . -14.17 6.77 -20.58
C6A NAD P . -14.99 7.46 -19.72
N6A NAD P . -14.34 8.40 -19.06
N1A NAD P . -16.30 7.18 -19.66
C2A NAD P . -16.73 6.25 -20.54
N3A NAD P . -15.98 5.55 -21.41
C4A NAD P . -14.65 5.79 -21.41
O3 NAD P . -9.65 -1.41 -22.64
PN NAD P . -10.28 -2.76 -22.38
O1N NAD P . -9.07 -3.55 -22.62
O2N NAD P . -11.73 -3.04 -22.73
O5D NAD P . -10.19 -2.53 -20.85
C5D NAD P . -11.38 -2.46 -20.07
C4D NAD P . -11.16 -2.89 -18.61
O4D NAD P . -11.23 -4.29 -18.34
C3D NAD P . -9.90 -2.51 -17.84
O3D NAD P . -10.34 -2.21 -16.50
C2D NAD P . -9.04 -3.75 -17.83
O2D NAD P . -7.89 -3.74 -16.95
C1D NAD P . -10.11 -4.76 -17.58
N1N NAD P . -9.99 -5.97 -18.37
C2N NAD P . -9.45 -5.96 -19.69
C3N NAD P . -9.38 -7.10 -20.50
C7N NAD P . -8.44 -7.21 -21.70
O7N NAD P . -7.72 -8.21 -21.79
N7N NAD P . -8.24 -6.14 -22.46
C4N NAD P . -9.87 -8.26 -19.93
C5N NAD P . -10.40 -8.26 -18.61
C6N NAD P . -10.50 -7.12 -17.83
#